data_7U5N
#
_entry.id   7U5N
#
_cell.length_a   1.00
_cell.length_b   1.00
_cell.length_c   1.00
_cell.angle_alpha   90.00
_cell.angle_beta   90.00
_cell.angle_gamma   90.00
#
_symmetry.space_group_name_H-M   'P 1'
#
loop_
_entity.id
_entity.type
_entity.pdbx_description
1 polymer 'Glutamine synthetase'
2 non-polymer 'MANGANESE (II) ION'
#
_entity_poly.entity_id   1
_entity_poly.type   'polypeptide(L)'
_entity_poly.pdbx_seq_one_letter_code
;MATSASSHLNKGIKQVYMALPQGDKVQAMYIWIDGTGEGLRCKTRTLDSEPKCIEELPEWNFDGSSTFQSEGSNSDMYLV
PAAMFRDPFRKDPNKLVFCEVFKYNRKPAETNLRHTCKRIMDMVSNQRPWFGMEQEYTLMGTDGHPFGWPSNGFPGPQGP
YYCGVGADKAYGRDIVEAHYRACLYAGIKIGGTNAEVMPAQWEFQIGPCEGIDMGDHLWVARFILHRVCEDFGVIATFDP
KPIPGNWNGAGCHTNFSTKAMREENGLKYIEEAIEKLSKRHQYHIRAYDPKGGLDNARRLTGFHETSNINDFSAGVANRG
ASIRIPRTVGQEKKGYFEDRRPSANCDPFAVTEALIRTCLLNETGDEPFQYKN
;
_entity_poly.pdbx_strand_id   A,B,C,D,E,F,G,H,I,J
#
loop_
_chem_comp.id
_chem_comp.type
_chem_comp.name
_chem_comp.formula
MN non-polymer 'MANGANESE (II) ION' 'Mn 2'
#
# COMPACT_ATOMS: atom_id res chain seq x y z
N ALA A 2 7.03 4.83 -13.04
CA ALA A 2 6.34 3.57 -13.22
C ALA A 2 7.07 2.68 -14.20
N THR A 3 6.90 1.37 -14.05
CA THR A 3 7.48 0.38 -14.95
C THR A 3 6.37 -0.53 -15.45
N SER A 4 6.64 -1.19 -16.57
CA SER A 4 5.63 -2.04 -17.20
C SER A 4 5.31 -3.24 -16.33
N ALA A 5 4.11 -3.79 -16.53
CA ALA A 5 3.68 -4.95 -15.75
C ALA A 5 4.50 -6.18 -16.07
N SER A 6 5.00 -6.29 -17.30
CA SER A 6 5.80 -7.45 -17.67
C SER A 6 7.13 -7.46 -16.93
N SER A 7 7.64 -6.29 -16.55
CA SER A 7 8.89 -6.24 -15.80
C SER A 7 8.74 -6.77 -14.39
N HIS A 8 7.52 -6.85 -13.87
CA HIS A 8 7.29 -7.38 -12.53
C HIS A 8 7.04 -8.87 -12.52
N LEU A 9 7.13 -9.54 -13.66
CA LEU A 9 7.11 -10.99 -13.68
C LEU A 9 8.41 -11.52 -13.11
N ASN A 10 8.35 -12.71 -12.53
CA ASN A 10 9.53 -13.33 -11.94
C ASN A 10 10.50 -13.69 -13.06
N LYS A 11 11.60 -12.96 -13.15
CA LYS A 11 12.59 -13.19 -14.19
C LYS A 11 13.47 -14.40 -13.92
N GLY A 12 13.53 -14.87 -12.68
CA GLY A 12 14.24 -16.10 -12.40
C GLY A 12 13.61 -17.30 -13.10
N ILE A 13 12.28 -17.29 -13.21
CA ILE A 13 11.58 -18.33 -13.96
C ILE A 13 12.02 -18.29 -15.43
N LYS A 14 12.08 -17.09 -16.00
CA LYS A 14 12.54 -16.91 -17.36
C LYS A 14 13.96 -17.44 -17.53
N GLN A 15 14.83 -17.18 -16.56
CA GLN A 15 16.21 -17.63 -16.70
C GLN A 15 16.35 -19.13 -16.50
N VAL A 16 15.46 -19.72 -15.72
CA VAL A 16 15.42 -21.18 -15.62
C VAL A 16 15.06 -21.78 -16.97
N TYR A 17 14.09 -21.19 -17.66
CA TYR A 17 13.69 -21.72 -18.97
C TYR A 17 14.74 -21.46 -20.03
N MET A 18 15.40 -20.31 -19.96
CA MET A 18 16.46 -19.99 -20.91
C MET A 18 17.66 -20.91 -20.79
N ALA A 19 17.91 -21.44 -19.62
CA ALA A 19 19.11 -22.24 -19.42
C ALA A 19 18.95 -23.66 -19.92
N LEU A 20 17.77 -24.01 -20.42
CA LEU A 20 17.60 -25.33 -21.03
C LEU A 20 18.51 -25.45 -22.25
N PRO A 21 19.17 -26.60 -22.43
CA PRO A 21 19.94 -26.83 -23.66
C PRO A 21 19.06 -26.70 -24.88
N GLN A 22 19.45 -25.81 -25.78
CA GLN A 22 18.57 -25.43 -26.88
C GLN A 22 18.37 -26.57 -27.88
N GLY A 23 19.46 -27.20 -28.29
CA GLY A 23 19.40 -28.28 -29.26
C GLY A 23 19.97 -27.86 -30.60
N ASP A 24 19.61 -28.64 -31.63
CA ASP A 24 20.15 -28.41 -32.96
C ASP A 24 19.49 -27.22 -33.65
N LYS A 25 18.25 -26.90 -33.30
CA LYS A 25 17.55 -25.80 -33.94
C LYS A 25 18.10 -24.46 -33.48
N VAL A 26 17.94 -23.44 -34.33
CA VAL A 26 18.47 -22.11 -34.03
C VAL A 26 17.40 -21.07 -34.33
N GLN A 27 17.19 -20.12 -33.43
CA GLN A 27 16.14 -19.12 -33.62
C GLN A 27 16.69 -17.84 -34.21
N ALA A 28 16.09 -17.36 -35.30
CA ALA A 28 16.52 -16.11 -35.89
C ALA A 28 15.44 -15.03 -35.79
N MET A 29 15.77 -13.89 -35.19
CA MET A 29 14.77 -12.84 -35.03
C MET A 29 14.89 -11.80 -36.13
N TYR A 30 14.00 -11.87 -37.11
CA TYR A 30 14.01 -10.89 -38.18
C TYR A 30 13.58 -9.51 -37.69
N ILE A 31 14.33 -8.47 -38.02
CA ILE A 31 14.04 -7.11 -37.59
C ILE A 31 13.95 -6.23 -38.82
N TRP A 32 12.93 -5.37 -38.87
CA TRP A 32 12.77 -4.45 -39.98
C TRP A 32 12.23 -3.12 -39.47
N ILE A 33 12.35 -2.10 -40.29
CA ILE A 33 11.90 -0.76 -39.94
C ILE A 33 10.41 -0.63 -40.23
N ASP A 34 9.69 -0.06 -39.28
CA ASP A 34 8.26 0.17 -39.39
C ASP A 34 7.95 1.11 -40.55
N GLY A 35 6.68 1.16 -40.94
CA GLY A 35 6.26 2.09 -41.96
C GLY A 35 6.36 3.54 -41.54
N THR A 36 6.39 3.80 -40.23
CA THR A 36 6.51 5.18 -39.75
C THR A 36 7.89 5.77 -39.99
N GLY A 37 8.87 4.93 -40.30
CA GLY A 37 10.22 5.40 -40.56
C GLY A 37 11.13 5.43 -39.36
N GLU A 38 10.60 5.26 -38.16
CA GLU A 38 11.40 5.32 -36.95
C GLU A 38 11.12 4.19 -35.97
N GLY A 39 10.08 3.39 -36.20
CA GLY A 39 9.81 2.25 -35.36
C GLY A 39 10.44 0.98 -35.88
N LEU A 40 10.55 -0.01 -35.01
CA LEU A 40 11.17 -1.28 -35.35
C LEU A 40 10.22 -2.41 -35.04
N ARG A 41 10.14 -3.37 -35.95
CA ARG A 41 9.30 -4.55 -35.78
C ARG A 41 10.18 -5.79 -35.89
N CYS A 42 9.80 -6.84 -35.17
CA CYS A 42 10.61 -8.04 -35.12
C CYS A 42 9.71 -9.26 -34.98
N LYS A 43 10.19 -10.40 -35.48
CA LYS A 43 9.49 -11.67 -35.26
C LYS A 43 10.48 -12.80 -35.49
N THR A 44 10.45 -13.81 -34.63
CA THR A 44 11.44 -14.89 -34.70
C THR A 44 11.04 -16.17 -35.38
N ARG A 45 11.89 -16.70 -36.27
CA ARG A 45 11.62 -18.00 -36.88
C ARG A 45 12.61 -19.06 -36.40
N THR A 46 12.47 -20.30 -36.87
CA THR A 46 13.36 -21.38 -36.51
C THR A 46 14.12 -21.86 -37.73
N LEU A 47 15.43 -22.02 -37.59
CA LEU A 47 16.30 -22.54 -38.62
C LEU A 47 16.80 -23.92 -38.21
N ASP A 48 16.96 -24.81 -39.19
CA ASP A 48 17.41 -26.17 -38.90
C ASP A 48 18.86 -26.19 -38.46
N SER A 49 19.65 -25.21 -38.91
CA SER A 49 21.06 -25.15 -38.57
C SER A 49 21.47 -23.69 -38.43
N GLU A 50 22.62 -23.49 -37.79
CA GLU A 50 23.13 -22.14 -37.62
C GLU A 50 23.68 -21.63 -38.95
N PRO A 51 23.21 -20.48 -39.44
CA PRO A 51 23.71 -19.94 -40.71
C PRO A 51 25.10 -19.34 -40.53
N LYS A 52 26.03 -19.74 -41.40
CA LYS A 52 27.38 -19.19 -41.31
C LYS A 52 27.45 -17.78 -41.88
N CYS A 53 26.65 -17.49 -42.90
CA CYS A 53 26.65 -16.18 -43.54
C CYS A 53 25.21 -15.69 -43.70
N ILE A 54 25.09 -14.42 -44.08
CA ILE A 54 23.76 -13.82 -44.22
C ILE A 54 23.00 -14.45 -45.38
N GLU A 55 23.71 -14.97 -46.39
CA GLU A 55 23.05 -15.51 -47.57
C GLU A 55 22.27 -16.77 -47.27
N GLU A 56 22.60 -17.50 -46.21
CA GLU A 56 21.85 -18.69 -45.86
C GLU A 56 20.49 -18.36 -45.24
N LEU A 57 20.30 -17.12 -44.80
CA LEU A 57 19.00 -16.73 -44.25
C LEU A 57 17.97 -16.65 -45.35
N PRO A 58 16.86 -17.36 -45.25
CA PRO A 58 15.80 -17.24 -46.26
C PRO A 58 15.04 -15.93 -46.12
N GLU A 59 14.36 -15.57 -47.20
CA GLU A 59 13.47 -14.42 -47.16
C GLU A 59 12.19 -14.77 -46.41
N TRP A 60 11.53 -13.76 -45.89
CA TRP A 60 10.31 -13.95 -45.12
C TRP A 60 9.27 -12.95 -45.58
N ASN A 61 8.14 -12.90 -44.89
CA ASN A 61 7.08 -11.97 -45.24
C ASN A 61 6.29 -11.63 -43.98
N PHE A 62 5.59 -10.50 -44.05
CA PHE A 62 4.77 -10.06 -42.93
C PHE A 62 3.57 -9.29 -43.45
N ASP A 63 2.61 -9.04 -42.57
CA ASP A 63 1.39 -8.33 -42.90
C ASP A 63 1.66 -6.83 -42.81
N GLY A 64 1.77 -6.18 -43.97
CA GLY A 64 2.06 -4.76 -43.99
C GLY A 64 0.92 -3.86 -43.60
N SER A 65 -0.31 -4.39 -43.59
CA SER A 65 -1.44 -3.59 -43.14
C SER A 65 -1.35 -3.30 -41.66
N SER A 66 -0.73 -4.20 -40.90
CA SER A 66 -0.54 -3.99 -39.47
C SER A 66 0.68 -3.13 -39.18
N THR A 67 1.49 -2.83 -40.19
CA THR A 67 2.73 -2.08 -40.01
C THR A 67 2.71 -0.73 -40.70
N PHE A 68 1.53 -0.19 -41.01
CA PHE A 68 1.37 1.16 -41.56
C PHE A 68 2.08 1.34 -42.91
N GLN A 69 2.31 0.26 -43.66
CA GLN A 69 3.07 0.42 -44.89
C GLN A 69 2.55 -0.45 -46.03
N SER A 70 1.26 -0.76 -46.04
CA SER A 70 0.68 -1.46 -47.18
C SER A 70 -0.83 -1.22 -47.22
N GLU A 71 -1.40 -1.41 -48.40
CA GLU A 71 -2.82 -1.25 -48.62
C GLU A 71 -3.54 -2.59 -48.41
N GLY A 72 -4.87 -2.52 -48.37
CA GLY A 72 -5.66 -3.68 -48.00
C GLY A 72 -5.61 -4.82 -48.99
N SER A 73 -5.60 -4.50 -50.30
CA SER A 73 -5.70 -5.54 -51.32
C SER A 73 -4.50 -6.47 -51.30
N ASN A 74 -3.29 -5.92 -51.28
CA ASN A 74 -2.06 -6.71 -51.22
C ASN A 74 -1.27 -6.22 -50.02
N SER A 75 -1.57 -6.79 -48.85
CA SER A 75 -0.96 -6.32 -47.62
C SER A 75 0.43 -6.91 -47.40
N ASP A 76 0.68 -8.10 -47.93
CA ASP A 76 1.93 -8.78 -47.68
C ASP A 76 3.15 -8.03 -48.15
N MET A 77 4.18 -7.97 -47.31
CA MET A 77 5.41 -7.34 -47.72
C MET A 77 6.45 -8.43 -47.57
N TYR A 78 7.64 -8.15 -48.07
CA TYR A 78 8.73 -9.08 -47.95
C TYR A 78 9.88 -8.64 -47.08
N LEU A 79 10.57 -9.58 -46.47
CA LEU A 79 11.76 -9.31 -45.68
C LEU A 79 12.94 -10.00 -46.34
N VAL A 80 13.88 -9.21 -46.84
CA VAL A 80 15.12 -9.70 -47.42
C VAL A 80 16.22 -9.44 -46.41
N PRO A 81 16.89 -10.47 -45.88
CA PRO A 81 17.94 -10.25 -44.88
C PRO A 81 19.06 -9.37 -45.42
N ALA A 82 19.51 -8.45 -44.59
CA ALA A 82 20.57 -7.51 -44.95
C ALA A 82 21.80 -7.67 -44.09
N ALA A 83 21.64 -7.75 -42.76
CA ALA A 83 22.76 -7.87 -41.84
C ALA A 83 22.45 -8.91 -40.78
N MET A 84 23.48 -9.62 -40.33
CA MET A 84 23.35 -10.66 -39.33
C MET A 84 24.23 -10.35 -38.13
N PHE A 85 23.69 -10.55 -36.94
CA PHE A 85 24.40 -10.29 -35.70
C PHE A 85 24.10 -11.42 -34.73
N ARG A 86 24.91 -11.57 -33.69
CA ARG A 86 24.66 -12.59 -32.69
C ARG A 86 23.50 -12.11 -31.85
N ASP A 87 22.73 -13.02 -31.27
CA ASP A 87 21.58 -12.62 -30.47
C ASP A 87 22.04 -12.54 -29.03
N PRO A 88 22.12 -11.32 -28.49
CA PRO A 88 22.52 -11.16 -27.09
C PRO A 88 21.49 -11.75 -26.16
N PHE A 89 20.22 -11.53 -26.47
CA PHE A 89 19.14 -12.01 -25.62
C PHE A 89 19.08 -13.54 -25.55
N ARG A 90 19.30 -14.21 -26.67
CA ARG A 90 19.31 -15.68 -26.67
C ARG A 90 20.68 -16.31 -26.50
N LYS A 91 21.74 -15.51 -26.46
CA LYS A 91 23.10 -16.01 -26.19
C LYS A 91 23.70 -17.06 -27.12
N ASP A 92 23.34 -17.06 -28.41
CA ASP A 92 23.94 -17.96 -29.41
C ASP A 92 23.34 -19.36 -29.37
N PRO A 93 23.30 -20.06 -30.51
CA PRO A 93 23.76 -19.78 -31.89
C PRO A 93 22.72 -18.93 -32.56
N ASN A 94 21.69 -18.52 -31.81
CA ASN A 94 20.61 -17.72 -32.35
C ASN A 94 21.06 -16.40 -32.93
N LYS A 95 20.44 -15.99 -34.04
CA LYS A 95 20.87 -14.77 -34.72
C LYS A 95 19.88 -13.64 -34.93
N LEU A 96 20.29 -12.40 -34.72
CA LEU A 96 19.45 -11.26 -35.07
C LEU A 96 19.66 -10.95 -36.54
N VAL A 97 18.58 -10.82 -37.29
CA VAL A 97 18.65 -10.62 -38.73
C VAL A 97 17.93 -9.31 -39.05
N PHE A 98 18.70 -8.28 -39.38
CA PHE A 98 18.13 -7.02 -39.83
C PHE A 98 17.88 -7.09 -41.33
N CYS A 99 16.65 -6.81 -41.72
CA CYS A 99 16.25 -6.97 -43.11
C CYS A 99 15.59 -5.79 -43.78
N GLU A 100 15.71 -5.69 -45.09
CA GLU A 100 15.02 -4.66 -45.86
C GLU A 100 13.58 -5.06 -46.16
N VAL A 101 12.75 -4.08 -46.46
CA VAL A 101 11.35 -4.36 -46.76
C VAL A 101 11.02 -4.07 -48.21
N PHE A 102 10.22 -4.95 -48.82
CA PHE A 102 9.88 -4.78 -50.22
C PHE A 102 8.36 -4.71 -50.34
N LYS A 103 7.85 -4.28 -51.48
CA LYS A 103 6.41 -4.30 -51.64
C LYS A 103 6.11 -5.57 -52.41
N TYR A 104 4.85 -5.74 -52.80
CA TYR A 104 4.44 -6.94 -53.53
C TYR A 104 5.05 -6.89 -54.90
N ASN A 105 5.56 -5.74 -55.28
CA ASN A 105 6.15 -5.57 -56.59
C ASN A 105 7.63 -5.85 -56.50
N ARG A 106 8.12 -6.25 -55.34
CA ARG A 106 9.56 -6.44 -55.13
C ARG A 106 10.32 -5.17 -55.37
N LYS A 107 9.74 -4.04 -54.97
CA LYS A 107 10.38 -2.75 -55.13
C LYS A 107 10.49 -2.13 -53.75
N PRO A 108 11.60 -1.43 -53.47
CA PRO A 108 11.82 -0.86 -52.14
C PRO A 108 10.63 -0.13 -51.54
N ALA A 109 10.37 -0.35 -50.26
CA ALA A 109 9.24 0.28 -49.60
C ALA A 109 9.53 1.73 -49.31
N GLU A 110 8.48 2.51 -49.09
CA GLU A 110 8.65 3.91 -48.81
C GLU A 110 9.66 4.14 -47.70
N THR A 111 9.73 3.22 -46.76
CA THR A 111 10.64 3.40 -45.63
C THR A 111 11.95 2.65 -45.80
N ASN A 112 12.10 1.87 -46.86
CA ASN A 112 13.36 1.18 -47.09
C ASN A 112 14.30 2.14 -47.78
N LEU A 113 15.03 2.91 -46.98
CA LEU A 113 15.98 3.85 -47.53
C LEU A 113 17.33 3.19 -47.66
N ARG A 114 17.46 1.98 -47.13
CA ARG A 114 18.71 1.24 -47.23
C ARG A 114 19.06 0.87 -48.65
N HIS A 115 18.07 0.53 -49.46
CA HIS A 115 18.36 0.05 -50.81
C HIS A 115 19.11 1.07 -51.65
N THR A 116 18.72 2.33 -51.60
CA THR A 116 19.40 3.37 -52.34
C THR A 116 20.72 3.71 -51.67
N CYS A 117 20.70 3.88 -50.35
CA CYS A 117 21.90 4.19 -49.60
C CYS A 117 23.00 3.18 -49.89
N LYS A 118 22.65 1.90 -49.99
CA LYS A 118 23.64 0.88 -50.33
C LYS A 118 24.20 1.11 -51.72
N ARG A 119 23.34 1.48 -52.67
CA ARG A 119 23.83 1.79 -54.01
C ARG A 119 24.81 2.96 -53.98
N ILE A 120 24.48 4.00 -53.23
CA ILE A 120 25.33 5.19 -53.14
C ILE A 120 26.67 4.82 -52.53
N MET A 121 26.65 4.02 -51.46
CA MET A 121 27.90 3.62 -50.81
C MET A 121 28.74 2.74 -51.73
N ASP A 122 28.09 1.88 -52.52
CA ASP A 122 28.83 1.07 -53.48
C ASP A 122 29.45 1.92 -54.57
N MET A 123 28.81 3.04 -54.94
CA MET A 123 29.42 3.93 -55.92
C MET A 123 30.70 4.56 -55.41
N VAL A 124 30.72 4.97 -54.14
CA VAL A 124 31.85 5.69 -53.58
C VAL A 124 32.72 4.76 -52.73
N SER A 125 32.65 3.46 -53.01
CA SER A 125 33.37 2.48 -52.20
C SER A 125 34.88 2.68 -52.28
N ASN A 126 35.38 3.31 -53.34
CA ASN A 126 36.81 3.55 -53.44
C ASN A 126 37.29 4.55 -52.40
N GLN A 127 36.49 5.56 -52.10
CA GLN A 127 36.88 6.58 -51.13
C GLN A 127 36.83 6.06 -49.70
N ARG A 128 36.14 4.93 -49.46
CA ARG A 128 36.04 4.29 -48.15
C ARG A 128 35.54 5.27 -47.08
N PRO A 129 34.28 5.69 -47.12
CA PRO A 129 33.80 6.65 -46.12
C PRO A 129 33.60 5.98 -44.76
N TRP A 130 33.97 6.70 -43.72
CA TRP A 130 33.79 6.26 -42.34
C TRP A 130 32.84 7.21 -41.63
N PHE A 131 31.85 6.65 -40.96
CA PHE A 131 30.88 7.47 -40.23
C PHE A 131 30.90 7.13 -38.77
N GLY A 132 30.61 8.09 -37.91
CA GLY A 132 30.49 7.79 -36.49
C GLY A 132 29.23 8.50 -36.01
N MET A 133 28.29 7.78 -35.41
CA MET A 133 27.05 8.44 -35.00
C MET A 133 26.80 8.30 -33.52
N GLU A 134 26.46 9.42 -32.88
CA GLU A 134 26.23 9.40 -31.46
C GLU A 134 24.73 9.50 -31.24
N GLN A 135 24.15 8.53 -30.55
CA GLN A 135 22.70 8.51 -30.40
C GLN A 135 22.30 8.86 -28.98
N GLU A 136 21.45 9.86 -28.82
CA GLU A 136 21.04 10.29 -27.50
C GLU A 136 19.60 9.87 -27.25
N TYR A 137 19.37 9.23 -26.11
CA TYR A 137 18.03 8.79 -25.78
C TYR A 137 17.62 9.14 -24.37
N THR A 138 16.33 9.03 -24.07
CA THR A 138 15.85 9.28 -22.72
C THR A 138 15.12 8.04 -22.23
N LEU A 139 15.39 7.64 -21.00
CA LEU A 139 14.68 6.53 -20.37
C LEU A 139 13.42 7.07 -19.71
N MET A 140 12.28 6.53 -20.10
CA MET A 140 10.98 6.99 -19.65
C MET A 140 10.25 5.85 -18.98
N GLY A 141 9.41 6.18 -18.00
CA GLY A 141 8.51 5.22 -17.43
C GLY A 141 7.35 4.97 -18.36
N THR A 142 6.54 3.98 -18.01
CA THR A 142 5.35 3.73 -18.79
C THR A 142 4.28 4.79 -18.59
N ASP A 143 4.48 5.70 -17.64
CA ASP A 143 3.57 6.81 -17.41
C ASP A 143 3.92 8.06 -18.22
N GLY A 144 4.87 7.96 -19.14
CA GLY A 144 5.18 9.07 -20.01
C GLY A 144 6.12 10.11 -19.44
N HIS A 145 6.70 9.87 -18.28
CA HIS A 145 7.64 10.76 -17.66
C HIS A 145 9.02 10.12 -17.63
N PRO A 146 10.10 10.91 -17.55
CA PRO A 146 11.43 10.31 -17.52
C PRO A 146 11.61 9.40 -16.31
N PHE A 147 12.38 8.33 -16.52
CA PHE A 147 12.53 7.32 -15.48
C PHE A 147 13.32 7.88 -14.31
N GLY A 148 12.83 7.60 -13.10
CA GLY A 148 13.45 8.09 -11.89
C GLY A 148 13.10 9.50 -11.52
N TRP A 149 12.44 10.25 -12.40
CA TRP A 149 11.97 11.56 -12.05
C TRP A 149 10.83 11.47 -11.04
N PRO A 150 10.69 12.55 -10.20
CA PRO A 150 9.60 12.54 -9.24
C PRO A 150 8.28 12.69 -9.93
N SER A 151 7.25 12.14 -9.32
CA SER A 151 5.95 12.27 -9.90
C SER A 151 5.61 13.74 -9.86
N ASN A 152 5.10 14.27 -10.97
CA ASN A 152 4.68 15.66 -10.99
C ASN A 152 5.82 16.53 -10.51
N GLY A 153 7.03 16.23 -10.95
CA GLY A 153 8.14 16.97 -10.43
C GLY A 153 9.41 16.98 -11.23
N PHE A 154 10.28 17.90 -10.91
CA PHE A 154 11.53 18.00 -11.59
C PHE A 154 12.70 17.54 -10.69
N PRO A 155 13.70 16.82 -11.24
CA PRO A 155 14.76 16.30 -10.37
C PRO A 155 15.60 17.38 -9.72
N GLY A 156 15.87 18.47 -10.43
CA GLY A 156 16.71 19.52 -9.91
C GLY A 156 17.30 20.34 -11.04
N PRO A 157 18.10 21.36 -10.69
CA PRO A 157 18.73 22.17 -11.72
C PRO A 157 19.77 21.38 -12.49
N GLN A 158 19.98 21.77 -13.74
CA GLN A 158 20.94 21.12 -14.60
C GLN A 158 22.36 21.37 -14.12
N GLY A 159 23.25 20.43 -14.38
CA GLY A 159 24.65 20.59 -14.03
C GLY A 159 25.33 19.46 -13.28
N PRO A 160 24.65 18.78 -12.35
CA PRO A 160 25.30 17.66 -11.68
C PRO A 160 25.23 16.36 -12.44
N TYR A 161 24.43 16.28 -13.51
CA TYR A 161 24.04 15.00 -14.08
C TYR A 161 24.89 14.57 -15.27
N TYR A 162 25.48 15.51 -15.99
CA TYR A 162 26.30 15.16 -17.15
C TYR A 162 27.49 14.32 -16.71
N CYS A 163 27.53 13.08 -17.20
CA CYS A 163 28.54 12.11 -16.83
C CYS A 163 28.59 11.88 -15.33
N GLY A 164 27.45 12.05 -14.66
CA GLY A 164 27.42 11.93 -13.23
C GLY A 164 27.39 10.49 -12.75
N VAL A 165 27.89 10.30 -11.53
CA VAL A 165 27.87 9.01 -10.87
C VAL A 165 27.24 9.19 -9.50
N GLY A 166 26.31 8.31 -9.16
CA GLY A 166 25.60 8.41 -7.90
C GLY A 166 24.13 8.13 -8.07
N ALA A 167 23.46 7.73 -6.98
CA ALA A 167 22.04 7.41 -7.06
C ALA A 167 21.22 8.65 -7.42
N ASP A 168 21.70 9.83 -7.06
CA ASP A 168 21.02 11.07 -7.36
C ASP A 168 21.56 11.77 -8.59
N LYS A 169 22.52 11.15 -9.30
CA LYS A 169 23.15 11.77 -10.45
C LYS A 169 22.83 11.08 -11.77
N ALA A 170 22.75 9.75 -11.79
CA ALA A 170 22.47 9.00 -13.01
C ALA A 170 21.33 8.04 -12.75
N TYR A 171 20.35 8.03 -13.64
CA TYR A 171 19.16 7.20 -13.50
C TYR A 171 19.20 6.09 -14.55
N GLY A 172 18.94 4.86 -14.13
CA GLY A 172 18.88 3.74 -15.05
C GLY A 172 20.19 3.38 -15.72
N ARG A 173 21.28 3.35 -14.96
CA ARG A 173 22.56 2.95 -15.55
C ARG A 173 22.60 1.46 -15.84
N ASP A 174 21.75 0.67 -15.19
CA ASP A 174 21.71 -0.76 -15.48
C ASP A 174 21.29 -1.02 -16.91
N ILE A 175 20.31 -0.25 -17.40
CA ILE A 175 19.92 -0.33 -18.80
C ILE A 175 21.12 -0.04 -19.69
N VAL A 176 21.92 0.96 -19.34
CA VAL A 176 23.05 1.37 -20.17
C VAL A 176 24.11 0.28 -20.20
N GLU A 177 24.44 -0.28 -19.03
CA GLU A 177 25.44 -1.35 -18.98
C GLU A 177 24.96 -2.59 -19.74
N ALA A 178 23.69 -2.95 -19.56
CA ALA A 178 23.14 -4.10 -20.27
C ALA A 178 23.16 -3.89 -21.77
N HIS A 179 22.79 -2.69 -22.21
CA HIS A 179 22.77 -2.39 -23.64
C HIS A 179 24.17 -2.40 -24.22
N TYR A 180 25.13 -1.84 -23.49
CA TYR A 180 26.53 -1.84 -23.94
C TYR A 180 27.05 -3.26 -24.10
N ARG A 181 26.82 -4.10 -23.08
CA ARG A 181 27.31 -5.48 -23.17
C ARG A 181 26.59 -6.26 -24.25
N ALA A 182 25.30 -6.04 -24.42
CA ALA A 182 24.55 -6.72 -25.47
C ALA A 182 25.04 -6.32 -26.86
N CYS A 183 25.34 -5.04 -27.04
CA CYS A 183 25.86 -4.59 -28.34
C CYS A 183 27.27 -5.11 -28.58
N LEU A 184 28.08 -5.23 -27.54
CA LEU A 184 29.42 -5.81 -27.72
C LEU A 184 29.30 -7.25 -28.16
N TYR A 185 28.50 -8.03 -27.46
CA TYR A 185 28.34 -9.45 -27.79
C TYR A 185 27.78 -9.63 -29.18
N ALA A 186 26.82 -8.81 -29.57
CA ALA A 186 26.17 -8.96 -30.87
C ALA A 186 27.04 -8.54 -32.03
N GLY A 187 28.15 -7.87 -31.74
CA GLY A 187 29.03 -7.42 -32.79
C GLY A 187 28.83 -5.99 -33.23
N ILE A 188 27.99 -5.23 -32.54
CA ILE A 188 27.80 -3.83 -32.87
C ILE A 188 29.07 -3.06 -32.53
N LYS A 189 29.41 -2.10 -33.39
CA LYS A 189 30.61 -1.29 -33.21
C LYS A 189 30.27 -0.09 -32.32
N ILE A 190 30.04 -0.39 -31.04
CA ILE A 190 29.75 0.64 -30.06
C ILE A 190 31.05 1.10 -29.44
N GLY A 191 31.26 2.42 -29.43
CA GLY A 191 32.53 2.97 -29.00
C GLY A 191 32.52 3.58 -27.62
N GLY A 192 31.36 3.77 -27.03
CA GLY A 192 31.29 4.29 -25.68
C GLY A 192 29.93 4.90 -25.38
N THR A 193 29.73 5.20 -24.10
CA THR A 193 28.51 5.82 -23.61
C THR A 193 28.85 6.91 -22.61
N ASN A 194 27.89 7.79 -22.38
CA ASN A 194 27.99 8.77 -21.29
C ASN A 194 26.60 9.20 -20.88
N ALA A 195 26.50 9.75 -19.69
CA ALA A 195 25.25 10.27 -19.17
C ALA A 195 25.12 11.73 -19.55
N GLU A 196 23.91 12.14 -19.93
CA GLU A 196 23.69 13.46 -20.48
C GLU A 196 23.30 14.46 -19.39
N VAL A 197 23.00 15.69 -19.80
CA VAL A 197 22.86 16.80 -18.85
C VAL A 197 21.64 16.63 -17.95
N MET A 198 20.61 15.97 -18.43
CA MET A 198 19.48 15.73 -17.55
C MET A 198 19.42 14.26 -17.18
N PRO A 199 19.00 13.92 -15.96
CA PRO A 199 19.03 12.52 -15.54
C PRO A 199 18.06 11.68 -16.34
N ALA A 200 18.38 10.39 -16.46
CA ALA A 200 17.72 9.39 -17.29
C ALA A 200 17.93 9.63 -18.77
N GLN A 201 18.75 10.61 -19.16
CA GLN A 201 19.12 10.81 -20.54
C GLN A 201 20.54 10.31 -20.75
N TRP A 202 20.74 9.50 -21.78
CA TRP A 202 22.02 8.88 -22.04
C TRP A 202 22.34 9.00 -23.53
N GLU A 203 23.53 8.51 -23.89
CA GLU A 203 24.00 8.56 -25.26
C GLU A 203 24.97 7.41 -25.48
N PHE A 204 24.85 6.74 -26.61
CA PHE A 204 25.85 5.77 -27.03
C PHE A 204 26.36 6.15 -28.41
N GLN A 205 27.65 5.94 -28.63
CA GLN A 205 28.28 6.24 -29.90
C GLN A 205 28.51 4.95 -30.66
N ILE A 206 28.22 4.96 -31.96
CA ILE A 206 28.44 3.82 -32.85
C ILE A 206 29.44 4.26 -33.90
N GLY A 207 30.54 3.54 -34.04
CA GLY A 207 31.50 3.83 -35.07
C GLY A 207 32.93 3.60 -34.65
N PRO A 208 33.87 3.71 -35.61
CA PRO A 208 33.67 4.01 -37.04
C PRO A 208 33.10 2.83 -37.83
N CYS A 209 32.38 3.10 -38.92
CA CYS A 209 31.80 2.06 -39.76
C CYS A 209 32.11 2.36 -41.22
N GLU A 210 32.26 1.29 -42.00
CA GLU A 210 32.80 1.39 -43.35
C GLU A 210 31.79 1.92 -44.38
N GLY A 211 30.51 1.91 -44.07
CA GLY A 211 29.53 2.20 -45.09
C GLY A 211 28.11 2.05 -44.60
N ILE A 212 27.32 1.25 -45.31
CA ILE A 212 25.98 0.86 -44.84
C ILE A 212 26.07 0.14 -43.51
N ASP A 213 27.28 -0.29 -43.15
CA ASP A 213 27.52 -0.78 -41.80
C ASP A 213 27.08 0.23 -40.75
N MET A 214 27.22 1.53 -41.04
CA MET A 214 26.78 2.54 -40.08
C MET A 214 25.28 2.46 -39.84
N GLY A 215 24.49 2.46 -40.90
CA GLY A 215 23.05 2.37 -40.74
C GLY A 215 22.63 1.06 -40.11
N ASP A 216 23.23 -0.05 -40.54
CA ASP A 216 22.88 -1.35 -39.96
C ASP A 216 23.18 -1.39 -38.48
N HIS A 217 24.38 -0.95 -38.08
CA HIS A 217 24.77 -1.01 -36.68
C HIS A 217 23.94 -0.07 -35.83
N LEU A 218 23.63 1.13 -36.33
CA LEU A 218 22.84 2.04 -35.51
C LEU A 218 21.41 1.54 -35.35
N TRP A 219 20.82 0.98 -36.42
CA TRP A 219 19.47 0.43 -36.29
C TRP A 219 19.43 -0.76 -35.36
N VAL A 220 20.42 -1.66 -35.45
CA VAL A 220 20.42 -2.81 -34.57
C VAL A 220 20.72 -2.40 -33.13
N ALA A 221 21.54 -1.36 -32.94
CA ALA A 221 21.77 -0.84 -31.60
C ALA A 221 20.49 -0.25 -31.02
N ARG A 222 19.70 0.44 -31.84
CA ARG A 222 18.41 0.93 -31.39
C ARG A 222 17.48 -0.23 -31.01
N PHE A 223 17.48 -1.29 -31.81
CA PHE A 223 16.65 -2.45 -31.48
C PHE A 223 17.08 -3.08 -30.17
N ILE A 224 18.40 -3.21 -29.97
CA ILE A 224 18.91 -3.81 -28.74
C ILE A 224 18.55 -2.93 -27.54
N LEU A 225 18.61 -1.62 -27.72
CA LEU A 225 18.18 -0.71 -26.65
C LEU A 225 16.72 -0.93 -26.32
N HIS A 226 15.87 -1.07 -27.34
CA HIS A 226 14.44 -1.29 -27.08
C HIS A 226 14.21 -2.62 -26.38
N ARG A 227 14.90 -3.68 -26.79
CA ARG A 227 14.71 -4.98 -26.16
C ARG A 227 15.20 -4.99 -24.71
N VAL A 228 16.36 -4.39 -24.46
CA VAL A 228 16.87 -4.31 -23.10
C VAL A 228 15.94 -3.50 -22.22
N CYS A 229 15.46 -2.35 -22.73
CA CYS A 229 14.55 -1.52 -21.94
C CYS A 229 13.25 -2.24 -21.68
N GLU A 230 12.77 -3.03 -22.65
CA GLU A 230 11.58 -3.84 -22.45
C GLU A 230 11.81 -4.88 -21.36
N ASP A 231 13.00 -5.47 -21.32
CA ASP A 231 13.35 -6.37 -20.22
C ASP A 231 13.31 -5.65 -18.89
N PHE A 232 13.81 -4.42 -18.84
CA PHE A 232 13.77 -3.65 -17.60
C PHE A 232 12.43 -2.98 -17.36
N GLY A 233 11.55 -2.94 -18.35
CA GLY A 233 10.25 -2.33 -18.17
C GLY A 233 10.20 -0.84 -18.39
N VAL A 234 11.24 -0.25 -18.96
CA VAL A 234 11.26 1.17 -19.26
C VAL A 234 11.22 1.35 -20.77
N ILE A 235 11.10 2.60 -21.20
CA ILE A 235 10.96 2.94 -22.61
C ILE A 235 12.16 3.78 -23.01
N ALA A 236 12.75 3.47 -24.15
CA ALA A 236 13.81 4.29 -24.71
C ALA A 236 13.19 5.21 -25.75
N THR A 237 13.31 6.51 -25.54
CA THR A 237 12.73 7.50 -26.43
C THR A 237 13.83 8.25 -27.15
N PHE A 238 13.76 8.25 -28.49
CA PHE A 238 14.65 9.03 -29.32
C PHE A 238 13.98 10.31 -29.82
N ASP A 239 12.93 10.75 -29.15
CA ASP A 239 12.28 11.99 -29.55
C ASP A 239 13.20 13.16 -29.24
N PRO A 240 13.38 14.10 -30.18
CA PRO A 240 14.33 15.20 -29.95
C PRO A 240 13.96 16.09 -28.78
N LYS A 241 12.67 16.12 -28.41
CA LYS A 241 12.17 16.97 -27.33
C LYS A 241 11.34 16.12 -26.39
N PRO A 242 11.99 15.30 -25.56
CA PRO A 242 11.23 14.40 -24.68
C PRO A 242 10.46 15.15 -23.59
N ILE A 243 11.17 16.01 -22.87
CA ILE A 243 10.59 16.76 -21.75
C ILE A 243 10.58 18.23 -22.14
N PRO A 244 9.44 18.91 -22.07
CA PRO A 244 9.43 20.36 -22.37
C PRO A 244 10.30 21.14 -21.40
N GLY A 245 10.94 22.18 -21.91
CA GLY A 245 11.80 23.00 -21.09
C GLY A 245 12.81 23.74 -21.94
N ASN A 246 13.87 24.21 -21.28
CA ASN A 246 14.92 24.97 -21.94
C ASN A 246 15.74 24.13 -22.91
N TRP A 247 16.00 22.86 -22.57
CA TRP A 247 16.77 21.97 -23.44
C TRP A 247 16.08 21.81 -24.78
N ASN A 248 16.86 21.90 -25.86
CA ASN A 248 16.28 21.95 -27.20
C ASN A 248 16.67 20.75 -28.06
N GLY A 249 17.95 20.54 -28.33
CA GLY A 249 18.33 19.61 -29.39
C GLY A 249 18.16 18.14 -29.06
N ALA A 250 19.06 17.63 -28.20
CA ALA A 250 19.04 16.23 -27.75
C ALA A 250 19.05 15.31 -28.96
N GLY A 251 19.87 15.63 -29.95
CA GLY A 251 19.89 14.86 -31.19
C GLY A 251 21.21 14.24 -31.63
N CYS A 252 21.15 13.30 -32.57
CA CYS A 252 22.35 12.60 -33.04
C CYS A 252 23.42 13.46 -33.71
N HIS A 253 24.68 13.10 -33.49
CA HIS A 253 25.78 13.82 -34.15
C HIS A 253 26.53 12.87 -35.07
N THR A 254 26.69 13.25 -36.33
CA THR A 254 27.33 12.35 -37.29
C THR A 254 28.74 12.81 -37.63
N ASN A 255 29.71 11.92 -37.50
CA ASN A 255 31.09 12.27 -37.78
C ASN A 255 31.51 11.67 -39.10
N PHE A 256 31.88 12.50 -40.07
CA PHE A 256 32.20 11.96 -41.38
C PHE A 256 33.64 12.13 -41.85
N SER A 257 34.27 11.04 -42.27
CA SER A 257 35.63 11.09 -42.80
C SER A 257 35.71 10.24 -44.06
N THR A 258 36.74 10.48 -44.86
CA THR A 258 37.04 9.70 -46.05
C THR A 258 38.49 9.26 -45.99
N LYS A 259 38.91 8.50 -47.00
CA LYS A 259 40.30 8.05 -47.04
C LYS A 259 41.26 9.23 -47.17
N ALA A 260 40.91 10.22 -48.00
CA ALA A 260 41.77 11.38 -48.15
C ALA A 260 41.86 12.19 -46.86
N MET A 261 40.73 12.36 -46.17
CA MET A 261 40.71 13.18 -44.96
C MET A 261 41.48 12.51 -43.83
N ARG A 262 41.57 11.18 -43.84
CA ARG A 262 42.33 10.49 -42.82
C ARG A 262 43.84 10.57 -43.06
N GLU A 263 44.24 10.76 -44.31
CA GLU A 263 45.65 10.87 -44.64
C GLU A 263 46.14 12.30 -44.42
N GLU A 264 47.42 12.52 -44.68
CA GLU A 264 48.01 13.84 -44.47
C GLU A 264 47.41 14.85 -45.45
N ASN A 265 47.38 16.11 -45.00
CA ASN A 265 46.77 17.22 -45.75
C ASN A 265 45.30 16.97 -46.03
N GLY A 266 44.63 16.21 -45.16
CA GLY A 266 43.21 15.99 -45.30
C GLY A 266 42.33 17.12 -44.78
N LEU A 267 42.93 18.08 -44.06
CA LEU A 267 42.16 19.19 -43.51
C LEU A 267 41.55 20.03 -44.62
N LYS A 268 42.25 20.17 -45.75
CA LYS A 268 41.67 20.91 -46.86
C LYS A 268 40.50 20.16 -47.47
N TYR A 269 40.56 18.82 -47.51
CA TYR A 269 39.41 18.05 -47.96
C TYR A 269 38.23 18.22 -47.01
N ILE A 270 38.51 18.27 -45.71
CA ILE A 270 37.44 18.51 -44.73
C ILE A 270 36.82 19.89 -44.94
N GLU A 271 37.66 20.90 -45.19
CA GLU A 271 37.16 22.24 -45.46
C GLU A 271 36.30 22.27 -46.72
N GLU A 272 36.73 21.57 -47.76
CA GLU A 272 35.93 21.48 -48.98
C GLU A 272 34.59 20.83 -48.72
N ALA A 273 34.57 19.75 -47.94
CA ALA A 273 33.32 19.08 -47.60
C ALA A 273 32.40 20.00 -46.80
N ILE A 274 32.95 20.76 -45.86
CA ILE A 274 32.15 21.69 -45.08
C ILE A 274 31.57 22.79 -45.97
N GLU A 275 32.38 23.30 -46.89
CA GLU A 275 31.88 24.34 -47.81
C GLU A 275 30.78 23.79 -48.71
N LYS A 276 30.93 22.55 -49.17
CA LYS A 276 29.86 21.93 -49.96
C LYS A 276 28.60 21.75 -49.13
N LEU A 277 28.74 21.35 -47.86
CA LEU A 277 27.58 21.17 -47.01
C LEU A 277 26.89 22.48 -46.69
N SER A 278 27.65 23.58 -46.62
CA SER A 278 27.07 24.87 -46.27
C SER A 278 26.00 25.30 -47.25
N LYS A 279 26.12 24.89 -48.51
CA LYS A 279 25.13 25.25 -49.52
C LYS A 279 23.85 24.42 -49.38
N ARG A 280 23.96 23.16 -48.97
CA ARG A 280 22.83 22.23 -48.93
C ARG A 280 22.25 22.09 -47.54
N HIS A 281 22.20 23.17 -46.77
CA HIS A 281 21.68 23.09 -45.40
C HIS A 281 20.21 22.68 -45.38
N GLN A 282 19.40 23.28 -46.25
CA GLN A 282 17.97 22.99 -46.24
C GLN A 282 17.69 21.56 -46.66
N TYR A 283 18.44 21.06 -47.66
CA TYR A 283 18.26 19.68 -48.10
C TYR A 283 18.60 18.70 -46.98
N HIS A 284 19.67 18.95 -46.24
CA HIS A 284 20.04 18.06 -45.15
C HIS A 284 19.05 18.15 -43.99
N ILE A 285 18.53 19.35 -43.71
CA ILE A 285 17.50 19.50 -42.70
C ILE A 285 16.27 18.70 -43.07
N ARG A 286 15.87 18.76 -44.35
CA ARG A 286 14.74 17.96 -44.80
C ARG A 286 15.02 16.46 -44.71
N ALA A 287 16.23 16.04 -45.09
CA ALA A 287 16.54 14.62 -45.16
C ALA A 287 16.70 14.00 -43.77
N TYR A 288 17.17 14.77 -42.79
CA TYR A 288 17.46 14.19 -41.47
C TYR A 288 16.18 13.84 -40.73
N ASP A 289 15.13 14.63 -40.92
CA ASP A 289 13.85 14.34 -40.26
C ASP A 289 13.10 13.25 -41.00
N PRO A 290 12.69 12.16 -40.33
CA PRO A 290 11.93 11.12 -41.03
C PRO A 290 10.60 11.58 -41.59
N LYS A 291 9.96 12.55 -40.94
CA LYS A 291 8.69 13.08 -41.41
C LYS A 291 8.88 13.98 -42.62
N GLY A 320 26.42 25.61 -30.83
CA GLY A 320 27.20 26.66 -31.45
C GLY A 320 27.15 26.62 -32.97
N ALA A 321 27.83 25.61 -33.54
CA ALA A 321 27.89 25.45 -35.00
C ALA A 321 27.07 24.25 -35.47
N SER A 322 26.20 24.44 -36.46
CA SER A 322 25.44 23.32 -36.99
C SER A 322 26.39 22.27 -37.52
N ILE A 323 27.45 22.69 -38.22
CA ILE A 323 28.47 21.75 -38.67
C ILE A 323 29.74 22.16 -37.95
N ARG A 324 30.41 21.22 -37.30
CA ARG A 324 31.57 21.58 -36.49
C ARG A 324 32.81 20.75 -36.84
N ILE A 325 33.99 21.30 -36.58
CA ILE A 325 35.22 20.58 -36.83
C ILE A 325 35.94 20.34 -35.52
N PRO A 326 36.41 19.11 -35.30
CA PRO A 326 37.19 18.84 -34.08
C PRO A 326 38.47 19.63 -34.09
N ARG A 327 38.93 20.08 -32.94
CA ARG A 327 40.10 20.95 -32.89
C ARG A 327 41.34 20.10 -32.90
N THR A 328 41.26 18.90 -32.34
CA THR A 328 42.39 17.97 -32.38
C THR A 328 42.68 17.56 -33.82
N VAL A 329 41.65 17.37 -34.64
CA VAL A 329 41.83 17.09 -36.05
C VAL A 329 42.52 18.27 -36.73
N GLY A 330 42.07 19.49 -36.42
CA GLY A 330 42.70 20.67 -37.00
C GLY A 330 44.16 20.81 -36.61
N GLN A 331 44.48 20.48 -35.36
CA GLN A 331 45.87 20.50 -34.93
C GLN A 331 46.69 19.43 -35.65
N GLU A 332 46.11 18.24 -35.84
CA GLU A 332 46.79 17.20 -36.59
C GLU A 332 46.61 17.32 -38.10
N LYS A 333 45.77 18.26 -38.55
CA LYS A 333 45.52 18.56 -39.96
C LYS A 333 44.89 17.39 -40.71
N LYS A 334 44.36 16.40 -40.01
CA LYS A 334 43.72 15.26 -40.66
C LYS A 334 42.73 14.63 -39.69
N GLY A 335 41.66 14.06 -40.24
CA GLY A 335 40.68 13.38 -39.42
C GLY A 335 39.25 13.39 -39.94
N TYR A 336 38.33 13.92 -39.15
CA TYR A 336 36.91 13.92 -39.53
C TYR A 336 36.26 15.24 -39.20
N PHE A 337 34.95 15.34 -39.41
CA PHE A 337 34.25 16.56 -39.02
C PHE A 337 33.05 16.13 -38.16
N GLU A 338 32.25 17.06 -37.68
CA GLU A 338 31.04 16.68 -36.94
C GLU A 338 29.82 17.41 -37.45
N ASP A 339 28.73 16.69 -37.65
CA ASP A 339 27.49 17.37 -38.04
C ASP A 339 26.55 17.26 -36.86
N ARG A 340 26.14 18.40 -36.31
CA ARG A 340 25.27 18.42 -35.14
C ARG A 340 23.81 18.53 -35.53
N ARG A 341 23.53 18.69 -36.81
CA ARG A 341 22.16 18.90 -37.29
C ARG A 341 21.17 17.72 -37.13
N PRO A 342 21.63 16.44 -37.30
CA PRO A 342 20.59 15.39 -37.22
C PRO A 342 19.98 15.28 -35.83
N SER A 343 18.69 14.97 -35.80
CA SER A 343 17.98 14.77 -34.55
C SER A 343 18.21 13.36 -34.03
N ALA A 344 17.60 13.04 -32.89
CA ALA A 344 17.81 11.74 -32.27
C ALA A 344 17.06 10.64 -32.99
N ASN A 345 15.89 10.94 -33.55
CA ASN A 345 15.11 9.96 -34.27
C ASN A 345 15.45 9.88 -35.75
N CYS A 346 16.64 10.35 -36.14
CA CYS A 346 17.00 10.41 -37.54
C CYS A 346 17.20 9.01 -38.12
N ASP A 347 17.06 8.91 -39.44
CA ASP A 347 17.32 7.66 -40.13
C ASP A 347 18.77 7.65 -40.61
N PRO A 348 19.60 6.74 -40.10
CA PRO A 348 21.03 6.75 -40.46
C PRO A 348 21.29 6.55 -41.94
N PHE A 349 20.45 5.77 -42.62
CA PHE A 349 20.62 5.55 -44.05
C PHE A 349 20.48 6.87 -44.82
N ALA A 350 19.43 7.63 -44.51
CA ALA A 350 19.23 8.92 -45.17
C ALA A 350 20.35 9.89 -44.82
N VAL A 351 20.77 9.93 -43.57
CA VAL A 351 21.81 10.86 -43.14
C VAL A 351 23.11 10.58 -43.87
N THR A 352 23.53 9.31 -43.88
CA THR A 352 24.79 8.96 -44.51
C THR A 352 24.72 9.13 -46.03
N GLU A 353 23.57 8.79 -46.64
CA GLU A 353 23.42 8.98 -48.07
C GLU A 353 23.50 10.45 -48.44
N ALA A 354 22.85 11.32 -47.66
CA ALA A 354 22.91 12.75 -47.93
C ALA A 354 24.33 13.28 -47.75
N LEU A 355 25.03 12.82 -46.71
CA LEU A 355 26.40 13.28 -46.50
C LEU A 355 27.30 12.86 -47.65
N ILE A 356 27.12 11.64 -48.16
CA ILE A 356 27.92 11.20 -49.29
C ILE A 356 27.57 12.00 -50.55
N ARG A 357 26.27 12.18 -50.81
CA ARG A 357 25.85 12.84 -52.04
C ARG A 357 26.30 14.29 -52.09
N THR A 358 26.16 15.01 -50.97
CA THR A 358 26.54 16.42 -50.98
C THR A 358 28.04 16.61 -51.09
N CYS A 359 28.82 15.77 -50.39
CA CYS A 359 30.27 15.95 -50.35
C CYS A 359 30.97 15.20 -51.49
N LEU A 360 30.81 13.88 -51.54
CA LEU A 360 31.55 13.08 -52.51
C LEU A 360 30.98 13.23 -53.92
N LEU A 361 29.66 13.24 -54.06
CA LEU A 361 29.05 13.25 -55.38
C LEU A 361 28.83 14.65 -55.93
N ASN A 362 29.08 15.69 -55.13
CA ASN A 362 29.00 17.08 -55.57
C ASN A 362 27.61 17.47 -56.06
N GLU A 363 26.58 16.74 -55.62
CA GLU A 363 25.23 17.01 -56.07
C GLU A 363 24.71 18.33 -55.53
N THR A 364 23.88 18.99 -56.33
CA THR A 364 23.17 20.18 -55.91
C THR A 364 21.73 20.10 -56.40
N GLY A 365 20.83 20.77 -55.68
CA GLY A 365 19.44 20.79 -56.07
C GLY A 365 18.47 20.37 -54.99
N ASP A 366 17.17 20.61 -55.23
CA ASP A 366 16.16 20.26 -54.24
C ASP A 366 15.99 18.74 -54.14
N GLU A 367 16.02 18.04 -55.27
CA GLU A 367 15.83 16.60 -55.27
C GLU A 367 17.10 15.90 -55.76
N PRO A 368 17.44 14.74 -55.18
CA PRO A 368 18.67 14.05 -55.60
C PRO A 368 18.55 13.48 -57.00
N PHE A 369 19.71 13.38 -57.65
CA PHE A 369 19.77 12.77 -58.98
C PHE A 369 19.66 11.25 -58.87
N GLN A 370 19.22 10.63 -59.97
CA GLN A 370 19.02 9.19 -60.03
C GLN A 370 20.15 8.57 -60.85
N TYR A 371 21.01 7.81 -60.19
CA TYR A 371 22.14 7.15 -60.85
C TYR A 371 21.69 5.81 -61.41
N LYS A 372 20.71 5.87 -62.31
CA LYS A 372 20.15 4.68 -62.91
C LYS A 372 21.12 4.05 -63.90
N ALA B 2 -3.36 -8.23 -12.79
CA ALA B 2 -3.16 -9.08 -11.62
C ALA B 2 -2.51 -10.40 -12.01
N THR B 3 -1.78 -10.99 -11.07
CA THR B 3 -1.16 -12.29 -11.27
C THR B 3 -1.58 -13.21 -10.12
N SER B 4 -1.44 -14.51 -10.35
CA SER B 4 -1.89 -15.48 -9.37
C SER B 4 -1.04 -15.42 -8.12
N ALA B 5 -1.61 -15.88 -7.01
CA ALA B 5 -0.90 -15.88 -5.73
C ALA B 5 0.28 -16.84 -5.74
N SER B 6 0.18 -17.93 -6.50
CA SER B 6 1.28 -18.88 -6.55
C SER B 6 2.50 -18.29 -7.23
N SER B 7 2.31 -17.33 -8.14
CA SER B 7 3.44 -16.69 -8.79
C SER B 7 4.23 -15.80 -7.84
N HIS B 8 3.65 -15.40 -6.71
CA HIS B 8 4.36 -14.59 -5.74
C HIS B 8 5.09 -15.40 -4.69
N LEU B 9 5.07 -16.72 -4.81
CA LEU B 9 5.93 -17.54 -3.96
C LEU B 9 7.39 -17.37 -4.39
N ASN B 10 8.29 -17.55 -3.44
CA ASN B 10 9.71 -17.42 -3.71
C ASN B 10 10.13 -18.55 -4.63
N LYS B 11 10.41 -18.23 -5.88
CA LYS B 11 10.81 -19.23 -6.86
C LYS B 11 12.25 -19.69 -6.69
N GLY B 12 13.08 -18.91 -6.01
CA GLY B 12 14.42 -19.37 -5.70
C GLY B 12 14.42 -20.61 -4.81
N ILE B 13 13.46 -20.69 -3.88
CA ILE B 13 13.29 -21.89 -3.08
C ILE B 13 12.98 -23.09 -3.96
N LYS B 14 12.07 -22.89 -4.92
CA LYS B 14 11.72 -23.94 -5.86
C LYS B 14 12.94 -24.39 -6.65
N GLN B 15 13.79 -23.44 -7.07
CA GLN B 15 14.94 -23.82 -7.87
C GLN B 15 16.03 -24.49 -7.02
N VAL B 16 16.08 -24.15 -5.74
CA VAL B 16 16.97 -24.88 -4.83
C VAL B 16 16.53 -26.33 -4.73
N TYR B 17 15.24 -26.58 -4.63
CA TYR B 17 14.75 -27.95 -4.53
C TYR B 17 14.88 -28.70 -5.84
N MET B 18 14.68 -28.02 -6.95
CA MET B 18 14.82 -28.64 -8.27
C MET B 18 16.24 -29.06 -8.57
N ALA B 19 17.22 -28.37 -8.00
CA ALA B 19 18.61 -28.67 -8.33
C ALA B 19 19.14 -29.88 -7.59
N LEU B 20 18.33 -30.47 -6.71
CA LEU B 20 18.76 -31.70 -6.07
C LEU B 20 18.97 -32.80 -7.12
N PRO B 21 20.03 -33.58 -6.99
CA PRO B 21 20.20 -34.74 -7.88
C PRO B 21 19.01 -35.69 -7.78
N GLN B 22 18.38 -35.95 -8.91
CA GLN B 22 17.10 -36.65 -8.90
C GLN B 22 17.25 -38.10 -8.47
N GLY B 23 18.21 -38.81 -9.05
CA GLY B 23 18.41 -40.20 -8.76
C GLY B 23 18.02 -41.10 -9.92
N ASP B 24 17.81 -42.38 -9.59
CA ASP B 24 17.49 -43.37 -10.61
C ASP B 24 16.05 -43.27 -11.08
N LYS B 25 15.15 -42.79 -10.23
CA LYS B 25 13.75 -42.71 -10.60
C LYS B 25 13.50 -41.58 -11.60
N VAL B 26 12.45 -41.73 -12.39
CA VAL B 26 12.13 -40.75 -13.43
C VAL B 26 10.65 -40.41 -13.37
N GLN B 27 10.31 -39.13 -13.44
CA GLN B 27 8.91 -38.73 -13.32
C GLN B 27 8.27 -38.51 -14.68
N ALA B 28 7.12 -39.14 -14.92
CA ALA B 28 6.42 -38.94 -16.19
C ALA B 28 5.08 -38.26 -15.98
N MET B 29 4.86 -37.14 -16.65
CA MET B 29 3.62 -36.40 -16.48
C MET B 29 2.63 -36.74 -17.57
N TYR B 30 1.66 -37.60 -17.25
CA TYR B 30 0.63 -37.93 -18.23
C TYR B 30 -0.28 -36.76 -18.53
N ILE B 31 -0.53 -36.46 -19.79
CA ILE B 31 -1.37 -35.35 -20.22
C ILE B 31 -2.47 -35.89 -21.12
N TRP B 32 -3.70 -35.44 -20.90
CA TRP B 32 -4.82 -35.85 -21.73
C TRP B 32 -5.78 -34.69 -21.90
N ILE B 33 -6.64 -34.82 -22.90
CA ILE B 33 -7.60 -33.77 -23.21
C ILE B 33 -8.83 -33.93 -22.32
N ASP B 34 -9.29 -32.81 -21.76
CA ASP B 34 -10.45 -32.76 -20.89
C ASP B 34 -11.70 -33.21 -21.65
N GLY B 35 -12.76 -33.49 -20.90
CA GLY B 35 -14.03 -33.82 -21.52
C GLY B 35 -14.66 -32.67 -22.26
N THR B 36 -14.27 -31.43 -21.95
CA THR B 36 -14.81 -30.27 -22.65
C THR B 36 -14.31 -30.15 -24.08
N GLY B 37 -13.26 -30.89 -24.44
CA GLY B 37 -12.72 -30.86 -25.77
C GLY B 37 -11.63 -29.85 -26.00
N GLU B 38 -11.40 -28.92 -25.06
CA GLU B 38 -10.38 -27.91 -25.23
C GLU B 38 -9.50 -27.72 -24.00
N GLY B 39 -9.83 -28.34 -22.88
CA GLY B 39 -8.99 -28.27 -21.70
C GLY B 39 -8.01 -29.42 -21.63
N LEU B 40 -6.98 -29.24 -20.81
CA LEU B 40 -5.93 -30.23 -20.66
C LEU B 40 -5.79 -30.59 -19.18
N ARG B 41 -5.63 -31.88 -18.92
CA ARG B 41 -5.43 -32.39 -17.58
C ARG B 41 -4.13 -33.16 -17.54
N CYS B 42 -3.46 -33.14 -16.39
CA CYS B 42 -2.16 -33.79 -16.25
C CYS B 42 -2.00 -34.34 -14.85
N LYS B 43 -1.18 -35.39 -14.72
CA LYS B 43 -0.81 -35.90 -13.41
C LYS B 43 0.44 -36.73 -13.55
N THR B 44 1.39 -36.57 -12.63
CA THR B 44 2.68 -37.23 -12.76
C THR B 44 2.90 -38.51 -11.99
N ARG B 45 3.43 -39.55 -12.63
CA ARG B 45 3.78 -40.77 -11.91
C ARG B 45 5.30 -40.99 -11.83
N THR B 46 5.75 -42.05 -11.19
CA THR B 46 7.17 -42.36 -11.10
C THR B 46 7.48 -43.66 -11.82
N LEU B 47 8.54 -43.63 -12.62
CA LEU B 47 9.04 -44.79 -13.34
C LEU B 47 10.37 -45.20 -12.74
N ASP B 48 10.61 -46.52 -12.72
CA ASP B 48 11.85 -47.03 -12.15
C ASP B 48 13.05 -46.71 -13.04
N SER B 49 12.82 -46.55 -14.33
CA SER B 49 13.89 -46.24 -15.27
C SER B 49 13.36 -45.31 -16.35
N GLU B 50 14.28 -44.67 -17.06
CA GLU B 50 13.90 -43.80 -18.15
C GLU B 50 13.42 -44.63 -19.34
N PRO B 51 12.22 -44.39 -19.85
CA PRO B 51 11.72 -45.16 -20.99
C PRO B 51 12.39 -44.69 -22.28
N LYS B 52 12.92 -45.63 -23.05
CA LYS B 52 13.54 -45.27 -24.32
C LYS B 52 12.51 -44.96 -25.40
N CYS B 53 11.37 -45.64 -25.37
CA CYS B 53 10.32 -45.46 -26.36
C CYS B 53 8.98 -45.31 -25.66
N ILE B 54 7.98 -44.91 -26.45
CA ILE B 54 6.65 -44.68 -25.89
C ILE B 54 6.02 -45.98 -25.41
N GLU B 55 6.41 -47.12 -26.00
CA GLU B 55 5.81 -48.40 -25.65
C GLU B 55 6.14 -48.85 -24.24
N GLU B 56 7.25 -48.36 -23.67
CA GLU B 56 7.58 -48.73 -22.30
C GLU B 56 6.70 -48.01 -21.28
N LEU B 57 6.00 -46.96 -21.68
CA LEU B 57 5.11 -46.27 -20.77
C LEU B 57 3.89 -47.14 -20.48
N PRO B 58 3.59 -47.43 -19.22
CA PRO B 58 2.39 -48.20 -18.90
C PRO B 58 1.14 -47.36 -19.06
N GLU B 59 0.01 -48.04 -19.18
CA GLU B 59 -1.27 -47.36 -19.18
C GLU B 59 -1.63 -46.93 -17.77
N TRP B 60 -2.50 -45.92 -17.68
CA TRP B 60 -2.90 -45.38 -16.39
C TRP B 60 -4.41 -45.19 -16.39
N ASN B 61 -4.94 -44.59 -15.34
CA ASN B 61 -6.36 -44.35 -15.23
C ASN B 61 -6.60 -43.11 -14.40
N PHE B 62 -7.78 -42.52 -14.55
CA PHE B 62 -8.15 -41.33 -13.79
C PHE B 62 -9.66 -41.35 -13.57
N ASP B 63 -10.10 -40.46 -12.68
CA ASP B 63 -11.51 -40.33 -12.33
C ASP B 63 -12.18 -39.43 -13.36
N GLY B 64 -12.98 -40.04 -14.24
CA GLY B 64 -13.63 -39.27 -15.29
C GLY B 64 -14.81 -38.44 -14.83
N SER B 65 -15.33 -38.70 -13.63
CA SER B 65 -16.41 -37.88 -13.10
C SER B 65 -15.91 -36.48 -12.78
N SER B 66 -14.64 -36.36 -12.42
CA SER B 66 -14.05 -35.05 -12.14
C SER B 66 -13.59 -34.34 -13.41
N THR B 67 -13.64 -35.03 -14.56
CA THR B 67 -13.16 -34.47 -15.82
C THR B 67 -14.26 -34.29 -16.85
N PHE B 68 -15.53 -34.25 -16.42
CA PHE B 68 -16.67 -33.96 -17.29
C PHE B 68 -16.84 -34.98 -18.41
N GLN B 69 -16.34 -36.21 -18.23
CA GLN B 69 -16.41 -37.16 -19.35
C GLN B 69 -16.71 -38.57 -18.89
N SER B 70 -17.42 -38.74 -17.78
CA SER B 70 -17.87 -40.07 -17.38
C SER B 70 -19.07 -39.96 -16.44
N GLU B 71 -19.83 -41.05 -16.37
CA GLU B 71 -20.99 -41.13 -15.50
C GLU B 71 -20.60 -41.69 -14.14
N GLY B 72 -21.54 -41.60 -13.19
CA GLY B 72 -21.23 -41.93 -11.81
C GLY B 72 -20.92 -43.39 -11.57
N SER B 73 -21.64 -44.29 -12.25
CA SER B 73 -21.50 -45.72 -11.95
C SER B 73 -20.10 -46.23 -12.28
N ASN B 74 -19.60 -45.92 -13.46
CA ASN B 74 -18.26 -46.33 -13.89
C ASN B 74 -17.51 -45.05 -14.29
N SER B 75 -16.90 -44.40 -13.30
CA SER B 75 -16.25 -43.12 -13.56
C SER B 75 -14.85 -43.27 -14.14
N ASP B 76 -14.19 -44.39 -13.83
CA ASP B 76 -12.81 -44.57 -14.26
C ASP B 76 -12.61 -44.55 -15.76
N MET B 77 -11.60 -43.82 -16.22
CA MET B 77 -11.29 -43.83 -17.63
C MET B 77 -9.88 -44.32 -17.70
N TYR B 78 -9.43 -44.60 -18.91
CA TYR B 78 -8.07 -45.02 -19.11
C TYR B 78 -7.19 -44.06 -19.88
N LEU B 79 -5.90 -44.08 -19.61
CA LEU B 79 -4.92 -43.28 -20.33
C LEU B 79 -3.96 -44.23 -21.03
N VAL B 80 -3.99 -44.21 -22.36
CA VAL B 80 -3.08 -44.98 -23.19
C VAL B 80 -2.06 -44.00 -23.77
N PRO B 81 -0.78 -44.14 -23.45
CA PRO B 81 0.22 -43.20 -23.97
C PRO B 81 0.25 -43.18 -25.48
N ALA B 82 0.35 -41.97 -26.04
CA ALA B 82 0.38 -41.76 -27.47
C ALA B 82 1.67 -41.14 -27.95
N ALA B 83 2.14 -40.09 -27.30
CA ALA B 83 3.35 -39.39 -27.69
C ALA B 83 4.20 -39.09 -26.47
N MET B 84 5.51 -39.11 -26.65
CA MET B 84 6.45 -38.85 -25.56
C MET B 84 7.37 -37.70 -25.93
N PHE B 85 7.60 -36.80 -24.98
CA PHE B 85 8.45 -35.64 -25.18
C PHE B 85 9.31 -35.46 -23.93
N ARG B 86 10.38 -34.69 -24.07
CA ARG B 86 11.22 -34.42 -22.91
C ARG B 86 10.48 -33.43 -22.03
N ASP B 87 10.74 -33.45 -20.73
CA ASP B 87 10.03 -32.55 -19.83
C ASP B 87 10.89 -31.32 -19.67
N PRO B 88 10.43 -30.19 -20.22
CA PRO B 88 11.17 -28.94 -20.08
C PRO B 88 11.19 -28.49 -18.65
N PHE B 89 10.07 -28.61 -17.96
CA PHE B 89 9.96 -28.17 -16.59
C PHE B 89 10.86 -28.94 -15.63
N ARG B 90 10.97 -30.25 -15.83
CA ARG B 90 11.85 -31.06 -14.99
C ARG B 90 13.24 -31.28 -15.56
N LYS B 91 13.51 -30.82 -16.77
CA LYS B 91 14.87 -30.89 -17.36
C LYS B 91 15.52 -32.25 -17.54
N ASP B 92 14.75 -33.31 -17.77
CA ASP B 92 15.30 -34.65 -18.05
C ASP B 92 15.73 -35.39 -16.80
N PRO B 93 15.65 -36.73 -16.79
CA PRO B 93 15.25 -37.72 -17.81
C PRO B 93 13.74 -37.80 -17.80
N ASN B 94 13.10 -36.94 -17.02
CA ASN B 94 11.65 -36.94 -16.89
C ASN B 94 10.93 -36.68 -18.19
N LYS B 95 9.82 -37.38 -18.40
CA LYS B 95 9.10 -37.28 -19.66
C LYS B 95 7.66 -36.81 -19.68
N LEU B 96 7.27 -35.96 -20.62
CA LEU B 96 5.87 -35.61 -20.80
C LEU B 96 5.23 -36.67 -21.69
N VAL B 97 4.10 -37.21 -21.25
CA VAL B 97 3.43 -38.29 -21.96
C VAL B 97 2.03 -37.83 -22.31
N PHE B 98 1.80 -37.53 -23.59
CA PHE B 98 0.48 -37.20 -24.08
C PHE B 98 -0.26 -38.48 -24.41
N CYS B 99 -1.44 -38.65 -23.82
CA CYS B 99 -2.19 -39.89 -23.97
C CYS B 99 -3.62 -39.78 -24.42
N GLU B 100 -4.12 -40.83 -25.06
CA GLU B 100 -5.54 -40.89 -25.44
C GLU B 100 -6.41 -41.35 -24.28
N VAL B 101 -7.69 -41.04 -24.35
CA VAL B 101 -8.61 -41.44 -23.30
C VAL B 101 -9.61 -42.49 -23.76
N PHE B 102 -9.87 -43.47 -22.92
CA PHE B 102 -10.79 -44.54 -23.29
C PHE B 102 -11.92 -44.58 -22.28
N LYS B 103 -12.99 -45.29 -22.57
CA LYS B 103 -14.03 -45.42 -21.58
C LYS B 103 -13.80 -46.76 -20.91
N TYR B 104 -14.71 -47.17 -20.05
CA TYR B 104 -14.58 -48.43 -19.34
C TYR B 104 -14.73 -49.56 -20.32
N ASN B 105 -15.24 -49.23 -21.50
CA ASN B 105 -15.46 -50.24 -22.52
C ASN B 105 -14.25 -50.34 -23.40
N ARG B 106 -13.19 -49.58 -23.09
CA ARG B 106 -12.00 -49.54 -23.93
C ARG B 106 -12.34 -49.04 -25.32
N LYS B 107 -13.26 -48.08 -25.39
CA LYS B 107 -13.65 -47.49 -26.66
C LYS B 107 -13.39 -46.01 -26.59
N PRO B 108 -12.93 -45.39 -27.68
CA PRO B 108 -12.58 -43.97 -27.67
C PRO B 108 -13.59 -43.07 -27.00
N ALA B 109 -13.11 -42.12 -26.20
CA ALA B 109 -14.00 -41.20 -25.50
C ALA B 109 -14.56 -40.16 -26.44
N GLU B 110 -15.65 -39.54 -26.05
CA GLU B 110 -16.27 -38.52 -26.87
C GLU B 110 -15.26 -37.49 -27.33
N THR B 111 -14.27 -37.21 -26.49
CA THR B 111 -13.30 -36.19 -26.83
C THR B 111 -12.00 -36.76 -27.42
N ASN B 112 -11.88 -38.07 -27.47
CA ASN B 112 -10.68 -38.66 -28.07
C ASN B 112 -10.89 -38.71 -29.56
N LEU B 113 -10.53 -37.62 -30.23
CA LEU B 113 -10.66 -37.57 -31.68
C LEU B 113 -9.38 -38.06 -32.32
N ARG B 114 -8.36 -38.28 -31.52
CA ARG B 114 -7.09 -38.79 -32.04
C ARG B 114 -7.22 -40.18 -32.62
N HIS B 115 -8.02 -41.03 -32.01
CA HIS B 115 -8.08 -42.42 -32.45
C HIS B 115 -8.51 -42.57 -33.89
N THR B 116 -9.53 -41.82 -34.31
CA THR B 116 -9.98 -41.88 -35.69
C THR B 116 -9.01 -41.14 -36.59
N CYS B 117 -8.58 -39.96 -36.17
CA CYS B 117 -7.63 -39.15 -36.94
C CYS B 117 -6.38 -39.97 -37.28
N LYS B 118 -5.90 -40.76 -36.32
CA LYS B 118 -4.75 -41.61 -36.57
C LYS B 118 -5.07 -42.66 -37.63
N ARG B 119 -6.28 -43.24 -37.58
CA ARG B 119 -6.67 -44.18 -38.61
C ARG B 119 -6.68 -43.52 -39.99
N ILE B 120 -7.23 -42.30 -40.07
CA ILE B 120 -7.31 -41.59 -41.33
C ILE B 120 -5.92 -41.29 -41.88
N MET B 121 -5.02 -40.84 -40.99
CA MET B 121 -3.66 -40.54 -41.42
C MET B 121 -2.93 -41.81 -41.87
N ASP B 122 -3.19 -42.93 -41.21
CA ASP B 122 -2.58 -44.18 -41.63
C ASP B 122 -3.10 -44.63 -42.98
N MET B 123 -4.36 -44.31 -43.29
CA MET B 123 -4.89 -44.64 -44.62
C MET B 123 -4.17 -43.87 -45.72
N VAL B 124 -3.88 -42.59 -45.49
CA VAL B 124 -3.30 -41.73 -46.52
C VAL B 124 -1.80 -41.55 -46.29
N SER B 125 -1.19 -42.51 -45.60
CA SER B 125 0.23 -42.38 -45.26
C SER B 125 1.12 -42.35 -46.49
N ASN B 126 0.65 -42.88 -47.62
CA ASN B 126 1.44 -42.85 -48.84
C ASN B 126 1.60 -41.44 -49.36
N GLN B 127 0.56 -40.62 -49.26
CA GLN B 127 0.62 -39.25 -49.75
C GLN B 127 1.48 -38.35 -48.88
N ARG B 128 1.79 -38.77 -47.64
CA ARG B 128 2.62 -38.03 -46.71
C ARG B 128 2.14 -36.59 -46.51
N PRO B 129 1.00 -36.38 -45.87
CA PRO B 129 0.50 -35.01 -45.68
C PRO B 129 1.32 -34.26 -44.65
N TRP B 130 1.57 -32.98 -44.94
CA TRP B 130 2.26 -32.08 -44.03
C TRP B 130 1.33 -30.95 -43.63
N PHE B 131 1.26 -30.69 -42.33
CA PHE B 131 0.39 -29.64 -41.83
C PHE B 131 1.21 -28.61 -41.09
N GLY B 132 0.78 -27.35 -41.11
CA GLY B 132 1.45 -26.33 -40.32
C GLY B 132 0.37 -25.53 -39.63
N MET B 133 0.39 -25.41 -38.32
CA MET B 133 -0.69 -24.71 -37.64
C MET B 133 -0.19 -23.54 -36.82
N GLU B 134 -0.81 -22.39 -36.98
CA GLU B 134 -0.40 -21.21 -36.27
C GLU B 134 -1.39 -20.97 -35.16
N GLN B 135 -0.93 -20.93 -33.92
CA GLN B 135 -1.85 -20.79 -32.80
C GLN B 135 -1.76 -19.41 -32.18
N GLU B 136 -2.88 -18.72 -32.08
CA GLU B 136 -2.89 -17.38 -31.52
C GLU B 136 -3.52 -17.39 -30.15
N TYR B 137 -2.83 -16.79 -29.18
CA TYR B 137 -3.36 -16.75 -27.83
C TYR B 137 -3.28 -15.38 -27.21
N THR B 138 -3.97 -15.18 -26.10
CA THR B 138 -3.90 -13.91 -25.39
C THR B 138 -3.47 -14.19 -23.95
N LEU B 139 -2.52 -13.38 -23.45
CA LEU B 139 -2.10 -13.46 -22.07
C LEU B 139 -3.03 -12.61 -21.23
N MET B 140 -3.65 -13.22 -20.23
CA MET B 140 -4.63 -12.57 -19.38
C MET B 140 -4.17 -12.64 -17.94
N GLY B 141 -4.55 -11.63 -17.16
CA GLY B 141 -4.37 -11.69 -15.74
C GLY B 141 -5.39 -12.60 -15.10
N THR B 142 -5.21 -12.84 -13.81
CA THR B 142 -6.20 -13.62 -13.09
C THR B 142 -7.49 -12.85 -12.85
N ASP B 143 -7.51 -11.56 -13.17
CA ASP B 143 -8.70 -10.74 -13.06
C ASP B 143 -9.54 -10.73 -14.33
N GLY B 144 -9.21 -11.55 -15.32
CA GLY B 144 -10.01 -11.66 -16.51
C GLY B 144 -9.76 -10.62 -17.57
N HIS B 145 -8.74 -9.81 -17.42
CA HIS B 145 -8.37 -8.79 -18.39
C HIS B 145 -7.03 -9.13 -19.01
N PRO B 146 -6.72 -8.65 -20.21
CA PRO B 146 -5.44 -8.97 -20.83
C PRO B 146 -4.28 -8.48 -19.98
N PHE B 147 -3.19 -9.25 -19.99
CA PHE B 147 -2.06 -8.94 -19.13
C PHE B 147 -1.37 -7.66 -19.57
N GLY B 148 -1.05 -6.80 -18.61
CA GLY B 148 -0.42 -5.54 -18.90
C GLY B 148 -1.36 -4.44 -19.31
N TRP B 149 -2.62 -4.76 -19.58
CA TRP B 149 -3.59 -3.72 -19.89
C TRP B 149 -3.91 -2.93 -18.62
N PRO B 150 -4.32 -1.63 -18.83
CA PRO B 150 -4.67 -0.83 -17.67
C PRO B 150 -5.95 -1.30 -17.06
N SER B 151 -6.08 -1.09 -15.77
CA SER B 151 -7.29 -1.49 -15.11
C SER B 151 -8.39 -0.65 -15.69
N ASN B 152 -9.51 -1.26 -16.05
CA ASN B 152 -10.64 -0.51 -16.56
C ASN B 152 -10.18 0.35 -17.70
N GLY B 153 -9.35 -0.18 -18.58
CA GLY B 153 -8.81 0.66 -19.62
C GLY B 153 -8.28 -0.02 -20.84
N PHE B 154 -8.09 0.76 -21.89
CA PHE B 154 -7.57 0.23 -23.10
C PHE B 154 -6.12 0.71 -23.35
N PRO B 155 -5.23 -0.15 -23.86
CA PRO B 155 -3.83 0.28 -24.00
C PRO B 155 -3.63 1.40 -25.00
N GLY B 156 -4.39 1.42 -26.08
CA GLY B 156 -4.23 2.41 -27.11
C GLY B 156 -4.77 1.92 -28.43
N PRO B 157 -4.70 2.78 -29.46
CA PRO B 157 -5.17 2.37 -30.78
C PRO B 157 -4.29 1.26 -31.36
N GLN B 158 -4.90 0.45 -32.21
CA GLN B 158 -4.19 -0.64 -32.85
C GLN B 158 -3.17 -0.10 -33.85
N GLY B 159 -2.09 -0.86 -34.05
CA GLY B 159 -1.09 -0.49 -35.02
C GLY B 159 0.36 -0.50 -34.59
N PRO B 160 0.68 -0.09 -33.35
CA PRO B 160 2.08 -0.17 -32.93
C PRO B 160 2.50 -1.53 -32.41
N TYR B 161 1.56 -2.44 -32.18
CA TYR B 161 1.84 -3.63 -31.38
C TYR B 161 2.18 -4.86 -32.19
N TYR B 162 1.74 -4.95 -33.44
CA TYR B 162 2.03 -6.11 -34.26
C TYR B 162 3.53 -6.23 -34.47
N CYS B 163 4.10 -7.32 -33.97
CA CYS B 163 5.55 -7.56 -34.01
C CYS B 163 6.33 -6.44 -33.34
N GLY B 164 5.71 -5.77 -32.37
CA GLY B 164 6.34 -4.64 -31.74
C GLY B 164 7.38 -5.04 -30.71
N VAL B 165 8.33 -4.14 -30.50
CA VAL B 165 9.37 -4.31 -29.50
C VAL B 165 9.38 -3.06 -28.63
N GLY B 166 9.40 -3.25 -27.32
CA GLY B 166 9.37 -2.15 -26.39
C GLY B 166 8.46 -2.42 -25.22
N ALA B 167 8.68 -1.74 -24.10
CA ALA B 167 7.86 -1.97 -22.91
C ALA B 167 6.41 -1.58 -23.17
N ASP B 168 6.19 -0.63 -24.06
CA ASP B 168 4.84 -0.18 -24.40
C ASP B 168 4.31 -0.83 -25.66
N LYS B 169 5.03 -1.76 -26.25
CA LYS B 169 4.64 -2.39 -27.51
C LYS B 169 4.29 -3.86 -27.37
N ALA B 170 5.02 -4.61 -26.55
CA ALA B 170 4.78 -6.04 -26.39
C ALA B 170 4.68 -6.35 -24.90
N TYR B 171 3.65 -7.08 -24.51
CA TYR B 171 3.39 -7.42 -23.11
C TYR B 171 3.65 -8.91 -22.91
N GLY B 172 4.38 -9.24 -21.85
CA GLY B 172 4.64 -10.62 -21.51
C GLY B 172 5.48 -11.40 -22.50
N ARG B 173 6.56 -10.79 -22.98
CA ARG B 173 7.44 -11.51 -23.91
C ARG B 173 8.24 -12.59 -23.19
N ASP B 174 8.40 -12.47 -21.87
CA ASP B 174 9.11 -13.50 -21.13
C ASP B 174 8.39 -14.83 -21.21
N ILE B 175 7.05 -14.80 -21.14
CA ILE B 175 6.26 -16.00 -21.33
C ILE B 175 6.55 -16.61 -22.70
N VAL B 176 6.65 -15.76 -23.72
CA VAL B 176 6.84 -16.24 -25.08
C VAL B 176 8.21 -16.89 -25.24
N GLU B 177 9.25 -16.22 -24.72
CA GLU B 177 10.59 -16.78 -24.80
C GLU B 177 10.70 -18.09 -24.03
N ALA B 178 10.13 -18.13 -22.83
CA ALA B 178 10.15 -19.36 -22.04
C ALA B 178 9.42 -20.49 -22.73
N HIS B 179 8.26 -20.19 -23.32
CA HIS B 179 7.49 -21.21 -24.02
C HIS B 179 8.22 -21.71 -25.25
N TYR B 180 8.85 -20.79 -25.99
CA TYR B 180 9.62 -21.19 -27.17
C TYR B 180 10.78 -22.11 -26.79
N ARG B 181 11.54 -21.74 -25.76
CA ARG B 181 12.67 -22.56 -25.35
C ARG B 181 12.20 -23.91 -24.79
N ALA B 182 11.09 -23.91 -24.05
CA ALA B 182 10.58 -25.15 -23.50
C ALA B 182 10.10 -26.08 -24.61
N CYS B 183 9.46 -25.53 -25.64
CA CYS B 183 9.02 -26.36 -26.76
C CYS B 183 10.21 -26.86 -27.57
N LEU B 184 11.27 -26.08 -27.70
CA LEU B 184 12.45 -26.56 -28.40
C LEU B 184 13.05 -27.73 -27.66
N TYR B 185 13.27 -27.57 -26.36
CA TYR B 185 13.86 -28.63 -25.55
C TYR B 185 13.03 -29.88 -25.55
N ALA B 186 11.72 -29.74 -25.48
CA ALA B 186 10.83 -30.90 -25.42
C ALA B 186 10.69 -31.64 -26.73
N GLY B 187 11.18 -31.04 -27.81
CA GLY B 187 11.10 -31.67 -29.10
C GLY B 187 9.92 -31.25 -29.94
N ILE B 188 9.16 -30.24 -29.51
CA ILE B 188 8.06 -29.73 -30.30
C ILE B 188 8.60 -29.03 -31.55
N LYS B 189 7.92 -29.22 -32.67
CA LYS B 189 8.32 -28.63 -33.95
C LYS B 189 7.75 -27.23 -34.05
N ILE B 190 8.28 -26.33 -33.23
CA ILE B 190 7.85 -24.94 -33.25
C ILE B 190 8.73 -24.17 -34.22
N GLY B 191 8.10 -23.44 -35.13
CA GLY B 191 8.80 -22.79 -36.20
C GLY B 191 8.99 -21.30 -36.04
N GLY B 192 8.32 -20.70 -35.08
CA GLY B 192 8.51 -19.29 -34.82
C GLY B 192 7.34 -18.69 -34.08
N THR B 193 7.54 -17.45 -33.63
CA THR B 193 6.53 -16.69 -32.91
C THR B 193 6.52 -15.26 -33.41
N ASN B 194 5.42 -14.57 -33.14
CA ASN B 194 5.35 -13.12 -33.36
C ASN B 194 4.29 -12.53 -32.44
N ALA B 195 4.39 -11.23 -32.24
CA ALA B 195 3.42 -10.49 -31.45
C ALA B 195 2.29 -10.00 -32.34
N GLU B 196 1.07 -10.08 -31.83
CA GLU B 196 -0.11 -9.81 -32.65
C GLU B 196 -0.53 -8.34 -32.52
N VAL B 197 -1.64 -8.00 -33.17
CA VAL B 197 -2.01 -6.59 -33.35
C VAL B 197 -2.39 -5.92 -32.04
N MET B 198 -2.89 -6.67 -31.09
CA MET B 198 -3.17 -6.07 -29.80
C MET B 198 -2.17 -6.57 -28.76
N PRO B 199 -1.76 -5.74 -27.80
CA PRO B 199 -0.73 -6.17 -26.87
C PRO B 199 -1.23 -7.29 -25.97
N ALA B 200 -0.27 -8.11 -25.52
CA ALA B 200 -0.46 -9.34 -24.76
C ALA B 200 -1.06 -10.45 -25.61
N GLN B 201 -1.25 -10.24 -26.91
CA GLN B 201 -1.68 -11.29 -27.83
C GLN B 201 -0.48 -11.74 -28.64
N TRP B 202 -0.28 -13.05 -28.71
CA TRP B 202 0.87 -13.62 -29.39
C TRP B 202 0.42 -14.79 -30.24
N GLU B 203 1.37 -15.38 -30.95
CA GLU B 203 1.11 -16.50 -31.83
C GLU B 203 2.37 -17.32 -31.96
N PHE B 204 2.23 -18.65 -31.91
CA PHE B 204 3.33 -19.54 -32.23
C PHE B 204 2.90 -20.48 -33.34
N GLN B 205 3.81 -20.78 -34.25
CA GLN B 205 3.55 -21.69 -35.35
C GLN B 205 4.18 -23.05 -35.06
N ILE B 206 3.44 -24.11 -35.33
CA ILE B 206 3.92 -25.47 -35.18
C ILE B 206 3.90 -26.13 -36.55
N GLY B 207 5.04 -26.65 -36.98
CA GLY B 207 5.11 -27.36 -38.23
C GLY B 207 6.40 -27.15 -38.98
N PRO B 208 6.59 -27.89 -40.09
CA PRO B 208 5.69 -28.92 -40.66
C PRO B 208 5.68 -30.22 -39.87
N CYS B 209 4.59 -30.97 -39.89
CA CYS B 209 4.47 -32.25 -39.19
C CYS B 209 3.91 -33.30 -40.14
N GLU B 210 4.33 -34.55 -39.93
CA GLU B 210 4.10 -35.62 -40.88
C GLU B 210 2.67 -36.16 -40.85
N GLY B 211 1.92 -35.90 -39.79
CA GLY B 211 0.64 -36.59 -39.64
C GLY B 211 -0.04 -36.24 -38.34
N ILE B 212 -0.39 -37.27 -37.56
CA ILE B 212 -0.89 -37.09 -36.20
C ILE B 212 0.15 -36.37 -35.34
N ASP B 213 1.39 -36.32 -35.84
CA ASP B 213 2.40 -35.47 -35.22
C ASP B 213 1.91 -34.04 -35.09
N MET B 214 1.11 -33.56 -36.05
CA MET B 214 0.59 -32.20 -35.96
C MET B 214 -0.29 -32.02 -34.72
N GLY B 215 -1.27 -32.91 -34.56
CA GLY B 215 -2.14 -32.81 -33.40
C GLY B 215 -1.39 -33.00 -32.10
N ASP B 216 -0.48 -33.98 -32.05
CA ASP B 216 0.29 -34.22 -30.84
C ASP B 216 1.13 -33.00 -30.48
N HIS B 217 1.85 -32.45 -31.44
CA HIS B 217 2.73 -31.32 -31.17
C HIS B 217 1.94 -30.08 -30.79
N LEU B 218 0.80 -29.83 -31.45
CA LEU B 218 0.04 -28.64 -31.09
C LEU B 218 -0.57 -28.78 -29.70
N TRP B 219 -1.08 -29.95 -29.35
CA TRP B 219 -1.63 -30.14 -28.02
C TRP B 219 -0.56 -30.02 -26.94
N VAL B 220 0.62 -30.62 -27.17
CA VAL B 220 1.68 -30.53 -26.18
C VAL B 220 2.21 -29.10 -26.10
N ALA B 221 2.23 -28.37 -27.22
CA ALA B 221 2.62 -26.97 -27.18
C ALA B 221 1.63 -26.15 -26.38
N ARG B 222 0.33 -26.43 -26.51
CA ARG B 222 -0.67 -25.78 -25.68
C ARG B 222 -0.45 -26.09 -24.21
N PHE B 223 -0.14 -27.35 -23.89
CA PHE B 223 0.12 -27.70 -22.50
C PHE B 223 1.33 -26.97 -21.95
N ILE B 224 2.40 -26.89 -22.75
CA ILE B 224 3.61 -26.19 -22.32
C ILE B 224 3.33 -24.72 -22.11
N LEU B 225 2.50 -24.13 -22.98
CA LEU B 225 2.10 -22.75 -22.79
C LEU B 225 1.36 -22.57 -21.48
N HIS B 226 0.44 -23.49 -21.16
CA HIS B 226 -0.30 -23.39 -19.91
C HIS B 226 0.62 -23.53 -18.70
N ARG B 227 1.56 -24.48 -18.75
CA ARG B 227 2.48 -24.67 -17.62
C ARG B 227 3.40 -23.46 -17.44
N VAL B 228 3.95 -22.94 -18.53
CA VAL B 228 4.80 -21.76 -18.44
C VAL B 228 4.03 -20.57 -17.90
N CYS B 229 2.81 -20.35 -18.40
CA CYS B 229 2.01 -19.24 -17.92
C CYS B 229 1.64 -19.41 -16.46
N GLU B 230 1.40 -20.65 -16.03
CA GLU B 230 1.15 -20.92 -14.62
C GLU B 230 2.38 -20.59 -13.77
N ASP B 231 3.56 -20.89 -14.29
CA ASP B 231 4.78 -20.49 -13.59
C ASP B 231 4.88 -18.97 -13.49
N PHE B 232 4.49 -18.26 -14.54
CA PHE B 232 4.52 -16.80 -14.49
C PHE B 232 3.28 -16.21 -13.83
N GLY B 233 2.25 -17.00 -13.57
CA GLY B 233 1.05 -16.51 -12.92
C GLY B 233 0.04 -15.85 -13.82
N VAL B 234 0.17 -16.02 -15.14
CA VAL B 234 -0.79 -15.48 -16.07
C VAL B 234 -1.52 -16.64 -16.73
N ILE B 235 -2.54 -16.31 -17.52
CA ILE B 235 -3.42 -17.28 -18.15
C ILE B 235 -3.27 -17.16 -19.65
N ALA B 236 -3.12 -18.29 -20.33
CA ALA B 236 -3.12 -18.32 -21.79
C ALA B 236 -4.52 -18.66 -22.25
N THR B 237 -5.14 -17.76 -23.01
CA THR B 237 -6.50 -17.96 -23.48
C THR B 237 -6.48 -18.15 -24.99
N PHE B 238 -7.07 -19.27 -25.45
CA PHE B 238 -7.27 -19.54 -26.86
C PHE B 238 -8.70 -19.23 -27.29
N ASP B 239 -9.42 -18.42 -26.53
CA ASP B 239 -10.77 -18.05 -26.92
C ASP B 239 -10.71 -17.17 -28.15
N PRO B 240 -11.53 -17.43 -29.18
CA PRO B 240 -11.44 -16.64 -30.41
C PRO B 240 -11.76 -15.16 -30.22
N LYS B 241 -12.52 -14.82 -29.17
CA LYS B 241 -12.92 -13.45 -28.89
C LYS B 241 -12.60 -13.14 -27.44
N PRO B 242 -11.32 -12.90 -27.12
CA PRO B 242 -10.96 -12.66 -25.72
C PRO B 242 -11.48 -11.34 -25.19
N ILE B 243 -11.23 -10.26 -25.92
CA ILE B 243 -11.61 -8.91 -25.52
C ILE B 243 -12.66 -8.42 -26.51
N PRO B 244 -13.83 -7.97 -26.05
CA PRO B 244 -14.82 -7.42 -26.98
C PRO B 244 -14.29 -6.19 -27.71
N GLY B 245 -14.69 -6.04 -28.96
CA GLY B 245 -14.26 -4.91 -29.75
C GLY B 245 -14.35 -5.22 -31.24
N ASN B 246 -13.63 -4.41 -32.02
CA ASN B 246 -13.64 -4.56 -33.47
C ASN B 246 -12.96 -5.83 -33.95
N TRP B 247 -11.88 -6.26 -33.27
CA TRP B 247 -11.18 -7.47 -33.64
C TRP B 247 -12.10 -8.68 -33.56
N ASN B 248 -12.06 -9.54 -34.59
CA ASN B 248 -13.03 -10.62 -34.70
C ASN B 248 -12.40 -12.00 -34.61
N GLY B 249 -11.49 -12.36 -35.51
CA GLY B 249 -11.10 -13.75 -35.65
C GLY B 249 -10.21 -14.30 -34.56
N ALA B 250 -8.94 -13.87 -34.58
CA ALA B 250 -7.92 -14.27 -33.60
C ALA B 250 -7.85 -15.79 -33.53
N GLY B 251 -7.88 -16.45 -34.68
CA GLY B 251 -7.92 -17.91 -34.71
C GLY B 251 -6.82 -18.62 -35.48
N CYS B 252 -6.67 -19.93 -35.25
CA CYS B 252 -5.62 -20.71 -35.90
C CYS B 252 -5.68 -20.82 -37.42
N HIS B 253 -4.50 -20.84 -38.05
CA HIS B 253 -4.45 -21.00 -39.50
C HIS B 253 -3.74 -22.29 -39.84
N THR B 254 -4.36 -23.14 -40.66
CA THR B 254 -3.77 -24.44 -40.96
C THR B 254 -3.22 -24.48 -42.37
N ASN B 255 -1.97 -24.88 -42.52
CA ASN B 255 -1.34 -24.92 -43.83
C ASN B 255 -1.23 -26.36 -44.28
N PHE B 256 -1.86 -26.71 -45.39
CA PHE B 256 -1.86 -28.11 -45.81
C PHE B 256 -1.16 -28.42 -47.13
N SER B 257 -0.25 -29.38 -47.11
CA SER B 257 0.45 -29.80 -48.32
C SER B 257 0.50 -31.32 -48.36
N THR B 258 0.74 -31.86 -49.55
CA THR B 258 0.93 -33.29 -49.76
C THR B 258 2.22 -33.49 -50.54
N LYS B 259 2.55 -34.76 -50.80
CA LYS B 259 3.76 -35.07 -51.57
C LYS B 259 3.66 -34.53 -52.97
N ALA B 260 2.49 -34.66 -53.61
CA ALA B 260 2.31 -34.15 -54.97
C ALA B 260 2.42 -32.63 -55.01
N MET B 261 1.82 -31.95 -54.02
CA MET B 261 1.82 -30.49 -54.03
C MET B 261 3.20 -29.92 -53.78
N ARG B 262 4.06 -30.68 -53.08
CA ARG B 262 5.42 -30.22 -52.85
C ARG B 262 6.29 -30.39 -54.08
N GLU B 263 5.96 -31.34 -54.95
CA GLU B 263 6.73 -31.56 -56.16
C GLU B 263 6.29 -30.58 -57.25
N GLU B 264 6.94 -30.69 -58.41
CA GLU B 264 6.63 -29.79 -59.52
C GLU B 264 5.22 -30.04 -60.03
N ASN B 265 4.62 -28.97 -60.58
CA ASN B 265 3.24 -28.96 -61.05
C ASN B 265 2.25 -29.33 -59.94
N GLY B 266 2.60 -29.01 -58.69
CA GLY B 266 1.70 -29.23 -57.59
C GLY B 266 0.64 -28.17 -57.41
N LEU B 267 0.77 -27.05 -58.12
CA LEU B 267 -0.20 -25.98 -58.00
C LEU B 267 -1.59 -26.42 -58.45
N LYS B 268 -1.64 -27.28 -59.47
CA LYS B 268 -2.94 -27.80 -59.90
C LYS B 268 -3.55 -28.71 -58.85
N TYR B 269 -2.73 -29.48 -58.14
CA TYR B 269 -3.23 -30.28 -57.01
C TYR B 269 -3.76 -29.38 -55.91
N ILE B 270 -3.07 -28.27 -55.64
CA ILE B 270 -3.54 -27.31 -54.65
C ILE B 270 -4.88 -26.72 -55.07
N GLU B 271 -5.01 -26.38 -56.35
CA GLU B 271 -6.27 -25.85 -56.87
C GLU B 271 -7.40 -26.87 -56.74
N GLU B 272 -7.10 -28.15 -57.03
CA GLU B 272 -8.11 -29.20 -56.86
C GLU B 272 -8.53 -29.32 -55.41
N ALA B 273 -7.57 -29.27 -54.48
CA ALA B 273 -7.89 -29.35 -53.07
C ALA B 273 -8.76 -28.17 -52.62
N ILE B 274 -8.44 -26.97 -53.12
CA ILE B 274 -9.24 -25.79 -52.77
C ILE B 274 -10.65 -25.92 -53.32
N GLU B 275 -10.78 -26.41 -54.55
CA GLU B 275 -12.12 -26.59 -55.13
C GLU B 275 -12.93 -27.63 -54.36
N LYS B 276 -12.27 -28.71 -53.91
CA LYS B 276 -12.95 -29.70 -53.09
C LYS B 276 -13.37 -29.10 -51.75
N LEU B 277 -12.52 -28.26 -51.16
CA LEU B 277 -12.85 -27.64 -49.88
C LEU B 277 -13.99 -26.64 -50.02
N SER B 278 -14.10 -25.99 -51.18
CA SER B 278 -15.13 -24.97 -51.36
C SER B 278 -16.53 -25.54 -51.22
N LYS B 279 -16.71 -26.82 -51.53
CA LYS B 279 -18.01 -27.45 -51.39
C LYS B 279 -18.35 -27.78 -49.95
N ARG B 280 -17.34 -28.14 -49.15
CA ARG B 280 -17.55 -28.62 -47.77
C ARG B 280 -17.30 -27.53 -46.74
N HIS B 281 -17.66 -26.28 -47.05
CA HIS B 281 -17.42 -25.19 -46.11
C HIS B 281 -18.17 -25.38 -44.81
N GLN B 282 -19.44 -25.76 -44.88
CA GLN B 282 -20.25 -25.90 -43.67
C GLN B 282 -19.76 -27.05 -42.80
N TYR B 283 -19.35 -28.16 -43.43
CA TYR B 283 -18.82 -29.29 -42.67
C TYR B 283 -17.55 -28.91 -41.93
N HIS B 284 -16.65 -28.16 -42.58
CA HIS B 284 -15.42 -27.75 -41.91
C HIS B 284 -15.69 -26.72 -40.82
N ILE B 285 -16.66 -25.83 -41.04
CA ILE B 285 -17.03 -24.88 -39.99
C ILE B 285 -17.56 -25.63 -38.77
N ARG B 286 -18.38 -26.66 -39.00
CA ARG B 286 -18.87 -27.48 -37.89
C ARG B 286 -17.73 -28.22 -37.20
N ALA B 287 -16.81 -28.78 -37.97
CA ALA B 287 -15.76 -29.63 -37.39
C ALA B 287 -14.72 -28.82 -36.64
N TYR B 288 -14.46 -27.58 -37.05
CA TYR B 288 -13.38 -26.81 -36.44
C TYR B 288 -13.75 -26.38 -35.02
N ASP B 289 -15.02 -26.09 -34.78
CA ASP B 289 -15.46 -25.68 -33.45
C ASP B 289 -15.62 -26.91 -32.56
N PRO B 290 -14.99 -26.94 -31.38
CA PRO B 290 -15.16 -28.10 -30.49
C PRO B 290 -16.58 -28.29 -30.01
N LYS B 291 -17.34 -27.21 -29.86
CA LYS B 291 -18.73 -27.29 -29.41
C LYS B 291 -19.63 -27.80 -30.53
N GLY B 320 -9.72 -11.70 -45.52
CA GLY B 320 -10.07 -11.65 -46.93
C GLY B 320 -10.70 -12.94 -47.43
N ALA B 321 -9.87 -13.97 -47.57
CA ALA B 321 -10.31 -15.28 -48.05
C ALA B 321 -10.36 -16.32 -46.94
N SER B 322 -11.47 -17.04 -46.81
CA SER B 322 -11.55 -18.09 -45.81
C SER B 322 -10.47 -19.13 -46.10
N ILE B 323 -10.28 -19.48 -47.36
CA ILE B 323 -9.20 -20.40 -47.72
C ILE B 323 -8.28 -19.58 -48.60
N ARG B 324 -6.98 -19.57 -48.31
CA ARG B 324 -6.07 -18.71 -49.07
C ARG B 324 -4.87 -19.46 -49.61
N ILE B 325 -4.28 -18.95 -50.68
CA ILE B 325 -3.10 -19.58 -51.26
C ILE B 325 -1.92 -18.62 -51.14
N PRO B 326 -0.77 -19.12 -50.69
CA PRO B 326 0.42 -18.27 -50.65
C PRO B 326 0.83 -17.85 -52.04
N ARG B 327 1.34 -16.64 -52.20
CA ARG B 327 1.64 -16.14 -53.53
C ARG B 327 3.02 -16.63 -53.94
N THR B 328 3.90 -16.82 -52.99
CA THR B 328 5.21 -17.39 -53.28
C THR B 328 5.07 -18.81 -53.81
N VAL B 329 4.15 -19.59 -53.24
CA VAL B 329 3.86 -20.92 -53.75
C VAL B 329 3.35 -20.84 -55.18
N GLY B 330 2.44 -19.90 -55.45
CA GLY B 330 1.93 -19.75 -56.80
C GLY B 330 3.01 -19.35 -57.79
N GLN B 331 3.93 -18.49 -57.37
CA GLN B 331 5.06 -18.13 -58.22
C GLN B 331 5.97 -19.34 -58.48
N GLU B 332 6.20 -20.15 -57.44
CA GLU B 332 7.00 -21.36 -57.60
C GLU B 332 6.18 -22.55 -58.11
N LYS B 333 4.86 -22.39 -58.22
CA LYS B 333 3.93 -23.39 -58.73
C LYS B 333 3.90 -24.66 -57.89
N LYS B 334 4.41 -24.62 -56.67
CA LYS B 334 4.39 -25.79 -55.79
C LYS B 334 4.47 -25.32 -54.35
N GLY B 335 3.86 -26.09 -53.45
CA GLY B 335 3.93 -25.76 -52.04
C GLY B 335 2.72 -26.18 -51.21
N TYR B 336 2.09 -25.22 -50.55
CA TYR B 336 0.98 -25.52 -49.66
C TYR B 336 -0.15 -24.51 -49.82
N PHE B 337 -1.20 -24.61 -49.01
CA PHE B 337 -2.25 -23.61 -49.06
C PHE B 337 -2.46 -23.13 -47.62
N GLU B 338 -3.38 -22.20 -47.39
CA GLU B 338 -3.68 -21.79 -46.02
C GLU B 338 -5.16 -21.80 -45.74
N ASP B 339 -5.57 -22.35 -44.61
CA ASP B 339 -6.97 -22.28 -44.25
C ASP B 339 -7.10 -21.36 -43.06
N ARG B 340 -7.83 -20.26 -43.22
CA ARG B 340 -7.96 -19.26 -42.15
C ARG B 340 -9.19 -19.51 -41.30
N ARG B 341 -10.01 -20.49 -41.69
CA ARG B 341 -11.26 -20.76 -40.99
C ARG B 341 -11.17 -21.28 -39.54
N PRO B 342 -10.16 -22.13 -39.20
CA PRO B 342 -10.21 -22.64 -37.81
C PRO B 342 -10.00 -21.53 -36.77
N SER B 343 -10.69 -21.67 -35.64
CA SER B 343 -10.55 -20.73 -34.55
C SER B 343 -9.32 -21.09 -33.70
N ALA B 344 -9.10 -20.30 -32.65
CA ALA B 344 -7.91 -20.51 -31.83
C ALA B 344 -8.06 -21.71 -30.91
N ASN B 345 -9.28 -22.00 -30.44
CA ASN B 345 -9.52 -23.14 -29.57
C ASN B 345 -9.85 -24.42 -30.35
N CYS B 346 -9.47 -24.49 -31.62
CA CYS B 346 -9.83 -25.63 -32.45
C CYS B 346 -9.09 -26.89 -32.01
N ASP B 347 -9.66 -28.03 -32.34
CA ASP B 347 -9.01 -29.32 -32.07
C ASP B 347 -8.19 -29.72 -33.29
N PRO B 348 -6.87 -29.82 -33.17
CA PRO B 348 -6.05 -30.12 -34.36
C PRO B 348 -6.35 -31.47 -34.98
N PHE B 349 -6.73 -32.47 -34.18
CA PHE B 349 -7.07 -33.78 -34.72
C PHE B 349 -8.26 -33.67 -35.67
N ALA B 350 -9.32 -32.99 -35.23
CA ALA B 350 -10.50 -32.83 -36.07
C ALA B 350 -10.19 -32.01 -37.31
N VAL B 351 -9.39 -30.94 -37.16
CA VAL B 351 -9.07 -30.08 -38.30
C VAL B 351 -8.30 -30.86 -39.35
N THR B 352 -7.26 -31.58 -38.93
CA THR B 352 -6.44 -32.31 -39.88
C THR B 352 -7.20 -33.47 -40.49
N GLU B 353 -8.03 -34.16 -39.70
CA GLU B 353 -8.84 -35.25 -40.23
C GLU B 353 -9.83 -34.74 -41.27
N ALA B 354 -10.47 -33.61 -41.01
CA ALA B 354 -11.40 -33.03 -41.98
C ALA B 354 -10.67 -32.61 -43.25
N LEU B 355 -9.48 -32.00 -43.11
CA LEU B 355 -8.73 -31.58 -44.29
C LEU B 355 -8.33 -32.78 -45.13
N ILE B 356 -7.93 -33.88 -44.48
CA ILE B 356 -7.58 -35.08 -45.24
C ILE B 356 -8.80 -35.68 -45.92
N ARG B 357 -9.91 -35.78 -45.18
CA ARG B 357 -11.10 -36.44 -45.72
C ARG B 357 -11.69 -35.67 -46.90
N THR B 358 -11.76 -34.34 -46.79
CA THR B 358 -12.34 -33.57 -47.88
C THR B 358 -11.47 -33.57 -49.12
N CYS B 359 -10.15 -33.47 -48.94
CA CYS B 359 -9.23 -33.36 -50.07
C CYS B 359 -8.77 -34.71 -50.58
N LEU B 360 -8.11 -35.49 -49.71
CA LEU B 360 -7.52 -36.74 -50.17
C LEU B 360 -8.57 -37.83 -50.38
N LEU B 361 -9.54 -37.93 -49.47
CA LEU B 361 -10.51 -39.02 -49.53
C LEU B 361 -11.72 -38.69 -50.39
N ASN B 362 -11.85 -37.45 -50.85
CA ASN B 362 -12.91 -37.04 -51.78
C ASN B 362 -14.30 -37.23 -51.17
N GLU B 363 -14.40 -37.26 -49.85
CA GLU B 363 -15.68 -37.47 -49.18
C GLU B 363 -16.61 -36.28 -49.37
N THR B 364 -17.90 -36.57 -49.44
CA THR B 364 -18.94 -35.55 -49.47
C THR B 364 -20.07 -36.00 -48.55
N GLY B 365 -20.79 -35.02 -48.02
CA GLY B 365 -21.93 -35.32 -47.16
C GLY B 365 -21.90 -34.65 -45.81
N ASP B 366 -23.04 -34.69 -45.10
CA ASP B 366 -23.12 -34.06 -43.79
C ASP B 366 -22.29 -34.81 -42.76
N GLU B 367 -22.31 -36.14 -42.79
CA GLU B 367 -21.56 -36.94 -41.83
C GLU B 367 -20.48 -37.75 -42.53
N PRO B 368 -19.32 -37.91 -41.90
CA PRO B 368 -18.23 -38.65 -42.54
C PRO B 368 -18.53 -40.13 -42.65
N PHE B 369 -17.93 -40.75 -43.68
CA PHE B 369 -18.07 -42.18 -43.87
C PHE B 369 -17.19 -42.94 -42.87
N GLN B 370 -17.57 -44.18 -42.61
CA GLN B 370 -16.87 -45.04 -41.66
C GLN B 370 -16.06 -46.07 -42.43
N TYR B 371 -14.73 -45.96 -42.36
CA TYR B 371 -13.82 -46.88 -43.06
C TYR B 371 -13.56 -48.09 -42.16
N LYS B 372 -14.64 -48.79 -41.83
CA LYS B 372 -14.57 -49.96 -40.97
C LYS B 372 -13.91 -51.13 -41.67
N ALA C 2 -2.57 -15.17 2.38
CA ALA C 2 -1.44 -14.66 3.16
C ALA C 2 -0.36 -15.73 3.30
N THR C 3 0.87 -15.29 3.48
CA THR C 3 2.00 -16.17 3.71
C THR C 3 2.72 -15.73 4.96
N SER C 4 3.51 -16.63 5.53
CA SER C 4 4.19 -16.36 6.79
C SER C 4 5.25 -15.28 6.61
N ALA C 5 5.58 -14.61 7.70
CA ALA C 5 6.58 -13.56 7.66
C ALA C 5 7.97 -14.10 7.36
N SER C 6 8.25 -15.34 7.77
CA SER C 6 9.56 -15.92 7.50
C SER C 6 9.77 -16.16 6.02
N SER C 7 8.69 -16.38 5.27
CA SER C 7 8.81 -16.58 3.83
C SER C 7 9.21 -15.31 3.10
N HIS C 8 9.03 -14.15 3.72
CA HIS C 8 9.42 -12.89 3.10
C HIS C 8 10.84 -12.48 3.43
N LEU C 9 11.58 -13.31 4.16
CA LEU C 9 13.00 -13.07 4.33
C LEU C 9 13.72 -13.34 3.02
N ASN C 10 14.85 -12.66 2.83
CA ASN C 10 15.63 -12.82 1.60
C ASN C 10 16.23 -14.21 1.60
N LYS C 11 15.72 -15.09 0.75
CA LYS C 11 16.20 -16.46 0.68
C LYS C 11 17.54 -16.59 -0.04
N GLY C 12 17.92 -15.59 -0.84
CA GLY C 12 19.24 -15.60 -1.43
C GLY C 12 20.34 -15.56 -0.38
N ILE C 13 20.11 -14.82 0.70
CA ILE C 13 21.05 -14.80 1.83
C ILE C 13 21.18 -16.20 2.41
N LYS C 14 20.06 -16.87 2.60
CA LYS C 14 20.06 -18.24 3.10
C LYS C 14 20.84 -19.16 2.18
N GLN C 15 20.69 -18.99 0.86
CA GLN C 15 21.39 -19.88 -0.06
C GLN C 15 22.87 -19.55 -0.14
N VAL C 16 23.24 -18.30 0.10
CA VAL C 16 24.66 -17.96 0.22
C VAL C 16 25.27 -18.68 1.42
N TYR C 17 24.57 -18.71 2.54
CA TYR C 17 25.09 -19.39 3.72
C TYR C 17 25.10 -20.90 3.56
N MET C 18 24.10 -21.43 2.90
CA MET C 18 24.03 -22.88 2.66
C MET C 18 25.14 -23.38 1.76
N ALA C 19 25.64 -22.53 0.86
CA ALA C 19 26.63 -22.99 -0.09
C ALA C 19 28.02 -23.04 0.50
N LEU C 20 28.18 -22.64 1.76
CA LEU C 20 29.48 -22.77 2.40
C LEU C 20 29.85 -24.26 2.48
N PRO C 21 31.11 -24.60 2.21
CA PRO C 21 31.56 -25.99 2.42
C PRO C 21 31.35 -26.40 3.87
N GLN C 22 30.61 -27.50 4.05
CA GLN C 22 30.15 -27.86 5.39
C GLN C 22 31.30 -28.31 6.27
N GLY C 23 32.15 -29.20 5.78
CA GLY C 23 33.25 -29.73 6.54
C GLY C 23 33.05 -31.18 6.91
N ASP C 24 33.80 -31.61 7.92
CA ASP C 24 33.76 -33.02 8.33
C ASP C 24 32.52 -33.34 9.15
N LYS C 25 31.96 -32.35 9.84
CA LYS C 25 30.80 -32.61 10.68
C LYS C 25 29.55 -32.81 9.83
N VAL C 26 28.58 -33.54 10.38
CA VAL C 26 27.35 -33.86 9.65
C VAL C 26 26.15 -33.60 10.56
N GLN C 27 25.12 -32.95 10.05
CA GLN C 27 23.97 -32.62 10.87
C GLN C 27 22.83 -33.63 10.70
N ALA C 28 22.33 -34.17 11.80
CA ALA C 28 21.22 -35.10 11.71
C ALA C 28 19.97 -34.54 12.38
N MET C 29 18.87 -34.48 11.63
CA MET C 29 17.63 -33.92 12.19
C MET C 29 16.71 -35.00 12.68
N TYR C 30 16.69 -35.20 14.00
CA TYR C 30 15.80 -36.19 14.57
C TYR C 30 14.34 -35.78 14.46
N ILE C 31 13.48 -36.66 13.97
CA ILE C 31 12.05 -36.40 13.79
C ILE C 31 11.26 -37.44 14.55
N TRP C 32 10.23 -36.99 15.26
CA TRP C 32 9.38 -37.89 16.01
C TRP C 32 7.94 -37.39 15.97
N ILE C 33 7.01 -38.28 16.30
CA ILE C 33 5.60 -37.95 16.28
C ILE C 33 5.21 -37.29 17.60
N ASP C 34 4.46 -36.20 17.49
CA ASP C 34 3.98 -35.44 18.62
C ASP C 34 3.07 -36.30 19.50
N GLY C 35 2.82 -35.82 20.72
CA GLY C 35 1.90 -36.51 21.60
C GLY C 35 0.45 -36.49 21.11
N THR C 36 0.11 -35.55 20.23
CA THR C 36 -1.24 -35.47 19.70
C THR C 36 -1.55 -36.61 18.73
N GLY C 37 -0.52 -37.32 18.25
CA GLY C 37 -0.72 -38.43 17.34
C GLY C 37 -0.67 -38.07 15.88
N GLU C 38 -0.68 -36.79 15.53
CA GLU C 38 -0.66 -36.36 14.15
C GLU C 38 0.33 -35.24 13.86
N GLY C 39 0.95 -34.65 14.87
CA GLY C 39 1.96 -33.63 14.68
C GLY C 39 3.34 -34.23 14.65
N LEU C 40 4.28 -33.45 14.10
CA LEU C 40 5.66 -33.88 13.98
C LEU C 40 6.58 -32.86 14.63
N ARG C 41 7.57 -33.36 15.37
CA ARG C 41 8.56 -32.51 16.01
C ARG C 41 9.94 -32.93 15.53
N CYS C 42 10.85 -31.97 15.47
CA CYS C 42 12.18 -32.22 14.96
C CYS C 42 13.20 -31.36 15.67
N LYS C 43 14.45 -31.84 15.73
CA LYS C 43 15.54 -31.03 16.26
C LYS C 43 16.84 -31.62 15.78
N THR C 44 17.77 -30.78 15.35
CA THR C 44 19.01 -31.26 14.73
C THR C 44 20.24 -31.34 15.61
N ARG C 45 20.98 -32.45 15.57
CA ARG C 45 22.25 -32.53 16.30
C ARG C 45 23.44 -32.59 15.35
N THR C 46 24.65 -32.66 15.88
CA THR C 46 25.85 -32.75 15.07
C THR C 46 26.55 -34.08 15.31
N LEU C 47 26.94 -34.75 14.23
CA LEU C 47 27.68 -35.99 14.27
C LEU C 47 29.10 -35.74 13.77
N ASP C 48 30.06 -36.45 14.35
CA ASP C 48 31.45 -36.27 13.97
C ASP C 48 31.72 -36.84 12.59
N SER C 49 30.94 -37.83 12.17
CA SER C 49 31.10 -38.45 10.85
C SER C 49 29.75 -38.82 10.30
N GLU C 50 29.71 -39.07 9.00
CA GLU C 50 28.48 -39.50 8.36
C GLU C 50 28.17 -40.93 8.74
N PRO C 51 26.98 -41.22 9.29
CA PRO C 51 26.63 -42.59 9.65
C PRO C 51 26.28 -43.41 8.42
N LYS C 52 26.90 -44.58 8.29
CA LYS C 52 26.61 -45.45 7.15
C LYS C 52 25.27 -46.15 7.31
N CYS C 53 24.90 -46.50 8.55
CA CYS C 53 23.66 -47.21 8.82
C CYS C 53 22.93 -46.54 9.97
N ILE C 54 21.69 -46.97 10.18
CA ILE C 54 20.86 -46.36 11.22
C ILE C 54 21.42 -46.68 12.61
N GLU C 55 22.13 -47.80 12.75
CA GLU C 55 22.61 -48.22 14.06
C GLU C 55 23.69 -47.29 14.61
N GLU C 56 24.39 -46.55 13.74
CA GLU C 56 25.40 -45.61 14.23
C GLU C 56 24.78 -44.36 14.83
N LEU C 57 23.50 -44.11 14.59
CA LEU C 57 22.85 -42.96 15.17
C LEU C 57 22.65 -43.19 16.67
N PRO C 58 23.13 -42.30 17.53
CA PRO C 58 22.89 -42.45 18.97
C PRO C 58 21.46 -42.11 19.33
N GLU C 59 21.05 -42.57 20.50
CA GLU C 59 19.76 -42.19 21.04
C GLU C 59 19.82 -40.77 21.58
N TRP C 60 18.66 -40.13 21.65
CA TRP C 60 18.58 -38.75 22.12
C TRP C 60 17.44 -38.64 23.11
N ASN C 61 17.13 -37.41 23.54
CA ASN C 61 16.05 -37.18 24.47
C ASN C 61 15.49 -35.79 24.24
N PHE C 62 14.25 -35.59 24.70
CA PHE C 62 13.60 -34.30 24.57
C PHE C 62 12.66 -34.10 25.76
N ASP C 63 12.18 -32.87 25.90
CA ASP C 63 11.27 -32.49 26.98
C ASP C 63 9.86 -32.84 26.56
N GLY C 64 9.30 -33.91 27.15
CA GLY C 64 7.97 -34.35 26.79
C GLY C 64 6.85 -33.50 27.34
N SER C 65 7.15 -32.64 28.33
CA SER C 65 6.12 -31.73 28.83
C SER C 65 5.75 -30.69 27.78
N SER C 66 6.71 -30.34 26.91
CA SER C 66 6.44 -29.40 25.84
C SER C 66 5.81 -30.06 24.63
N THR C 67 5.72 -31.39 24.63
CA THR C 67 5.21 -32.14 23.49
C THR C 67 3.92 -32.88 23.80
N PHE C 68 3.19 -32.48 24.85
CA PHE C 68 1.88 -33.05 25.19
C PHE C 68 1.92 -34.54 25.48
N GLN C 69 3.08 -35.08 25.89
CA GLN C 69 3.14 -36.53 26.07
C GLN C 69 3.97 -36.93 27.27
N SER C 70 4.03 -36.10 28.31
CA SER C 70 4.69 -36.50 29.54
C SER C 70 4.18 -35.64 30.70
N GLU C 71 4.33 -36.17 31.90
CA GLU C 71 3.94 -35.48 33.12
C GLU C 71 5.11 -34.66 33.68
N GLY C 72 4.79 -33.83 34.66
CA GLY C 72 5.75 -32.85 35.14
C GLY C 72 6.95 -33.47 35.86
N SER C 73 6.72 -34.53 36.64
CA SER C 73 7.79 -35.08 37.48
C SER C 73 8.92 -35.64 36.64
N ASN C 74 8.60 -36.46 35.64
CA ASN C 74 9.60 -37.05 34.74
C ASN C 74 9.19 -36.69 33.32
N SER C 75 9.62 -35.51 32.87
CA SER C 75 9.19 -35.01 31.57
C SER C 75 10.00 -35.60 30.43
N ASP C 76 11.26 -35.96 30.70
CA ASP C 76 12.14 -36.43 29.64
C ASP C 76 11.66 -37.67 28.93
N MET C 77 11.73 -37.66 27.61
CA MET C 77 11.37 -38.84 26.85
C MET C 77 12.61 -39.19 26.07
N TYR C 78 12.59 -40.36 25.46
CA TYR C 78 13.70 -40.77 24.64
C TYR C 78 13.42 -40.87 23.16
N LEU C 79 14.42 -40.68 22.34
CA LEU C 79 14.33 -40.85 20.89
C LEU C 79 15.27 -41.97 20.48
N VAL C 80 14.70 -43.07 20.00
CA VAL C 80 15.45 -44.20 19.46
C VAL C 80 15.33 -44.14 17.95
N PRO C 81 16.43 -43.97 17.21
CA PRO C 81 16.33 -43.88 15.75
C PRO C 81 15.72 -45.14 15.15
N ALA C 82 14.85 -44.92 14.17
CA ALA C 82 14.15 -46.01 13.49
C ALA C 82 14.47 -46.07 12.02
N ALA C 83 14.43 -44.94 11.32
CA ALA C 83 14.70 -44.90 9.89
C ALA C 83 15.58 -43.73 9.56
N MET C 84 16.44 -43.89 8.55
CA MET C 84 17.37 -42.86 8.13
C MET C 84 17.15 -42.53 6.65
N PHE C 85 17.16 -41.25 6.34
CA PHE C 85 16.96 -40.77 4.97
C PHE C 85 17.95 -39.65 4.71
N ARG C 86 18.18 -39.33 3.44
CA ARG C 86 19.07 -38.23 3.10
C ARG C 86 18.32 -36.95 3.40
N ASP C 87 19.03 -35.88 3.72
CA ASP C 87 18.39 -34.63 4.05
C ASP C 87 18.29 -33.82 2.78
N PRO C 88 17.08 -33.65 2.25
CA PRO C 88 16.88 -32.85 1.05
C PRO C 88 17.22 -31.40 1.31
N PHE C 89 16.80 -30.89 2.45
CA PHE C 89 17.02 -29.49 2.79
C PHE C 89 18.49 -29.14 2.93
N ARG C 90 19.27 -30.03 3.55
CA ARG C 90 20.70 -29.78 3.69
C ARG C 90 21.57 -30.39 2.59
N LYS C 91 20.98 -31.15 1.67
CA LYS C 91 21.70 -31.69 0.51
C LYS C 91 22.90 -32.61 0.76
N ASP C 92 22.91 -33.37 1.85
CA ASP C 92 23.98 -34.36 2.11
C ASP C 92 25.24 -33.73 2.69
N PRO C 93 25.98 -34.47 3.52
CA PRO C 93 25.89 -35.85 4.01
C PRO C 93 24.90 -35.88 5.15
N ASN C 94 24.28 -34.75 5.41
CA ASN C 94 23.32 -34.62 6.51
C ASN C 94 22.15 -35.56 6.40
N LYS C 95 21.71 -36.11 7.53
CA LYS C 95 20.64 -37.10 7.51
C LYS C 95 19.36 -36.84 8.29
N LEU C 96 18.20 -37.15 7.73
CA LEU C 96 16.95 -37.09 8.46
C LEU C 96 16.79 -38.41 9.21
N VAL C 97 16.52 -38.33 10.50
CA VAL C 97 16.42 -39.52 11.35
C VAL C 97 15.03 -39.54 11.96
N PHE C 98 14.18 -40.44 11.48
CA PHE C 98 12.87 -40.64 12.07
C PHE C 98 12.99 -41.64 13.21
N CYS C 99 12.52 -41.23 14.39
CA CYS C 99 12.69 -42.03 15.59
C CYS C 99 11.45 -42.33 16.39
N GLU C 100 11.48 -43.44 17.13
CA GLU C 100 10.38 -43.77 18.04
C GLU C 100 10.53 -43.06 19.37
N VAL C 101 9.44 -42.93 20.11
CA VAL C 101 9.47 -42.26 21.39
C VAL C 101 9.23 -43.23 22.54
N PHE C 102 9.98 -43.06 23.62
CA PHE C 102 9.84 -43.95 24.77
C PHE C 102 9.50 -43.12 25.99
N LYS C 103 9.06 -43.75 27.06
CA LYS C 103 8.83 -42.99 28.27
C LYS C 103 10.06 -43.18 29.13
N TYR C 104 10.03 -42.67 30.34
CA TYR C 104 11.17 -42.79 31.25
C TYR C 104 11.34 -44.23 31.64
N ASN C 105 10.32 -45.02 31.37
CA ASN C 105 10.36 -46.42 31.74
C ASN C 105 10.89 -47.23 30.57
N ARG C 106 11.29 -46.56 29.50
CA ARG C 106 11.75 -47.25 28.29
C ARG C 106 10.64 -48.13 27.72
N LYS C 107 9.41 -47.64 27.81
CA LYS C 107 8.28 -48.37 27.29
C LYS C 107 7.59 -47.48 26.26
N PRO C 108 7.09 -48.07 25.17
CA PRO C 108 6.48 -47.27 24.09
C PRO C 108 5.51 -46.20 24.56
N ALA C 109 5.59 -45.02 23.96
CA ALA C 109 4.72 -43.92 24.34
C ALA C 109 3.33 -44.12 23.79
N GLU C 110 2.37 -43.44 24.37
CA GLU C 110 0.99 -43.56 23.92
C GLU C 110 0.88 -43.38 22.43
N THR C 111 1.73 -42.53 21.86
CA THR C 111 1.66 -42.25 20.44
C THR C 111 2.65 -43.06 19.60
N ASN C 112 3.50 -43.84 20.25
CA ASN C 112 4.43 -44.68 19.51
C ASN C 112 3.71 -45.94 19.12
N LEU C 113 3.03 -45.90 17.98
CA LEU C 113 2.32 -47.08 17.50
C LEU C 113 3.23 -47.90 16.62
N ARG C 114 4.40 -47.36 16.31
CA ARG C 114 5.36 -48.10 15.48
C ARG C 114 5.88 -49.34 16.16
N HIS C 115 6.09 -49.29 17.46
CA HIS C 115 6.70 -50.43 18.14
C HIS C 115 5.90 -51.71 17.99
N THR C 116 4.58 -51.64 18.14
CA THR C 116 3.75 -52.81 17.98
C THR C 116 3.61 -53.16 16.52
N CYS C 117 3.36 -52.16 15.68
CA CYS C 117 3.22 -52.37 14.24
C CYS C 117 4.43 -53.11 13.68
N LYS C 118 5.63 -52.75 14.15
CA LYS C 118 6.83 -53.45 13.71
C LYS C 118 6.80 -54.90 14.14
N ARG C 119 6.35 -55.16 15.37
CA ARG C 119 6.22 -56.55 15.82
C ARG C 119 5.26 -57.33 14.92
N ILE C 120 4.11 -56.72 14.60
CA ILE C 120 3.11 -57.38 13.76
C ILE C 120 3.67 -57.67 12.38
N MET C 121 4.38 -56.70 11.79
CA MET C 121 4.96 -56.90 10.47
C MET C 121 6.03 -57.99 10.50
N ASP C 122 6.82 -58.05 11.59
CA ASP C 122 7.80 -59.10 11.72
C ASP C 122 7.16 -60.47 11.84
N MET C 123 5.98 -60.55 12.45
CA MET C 123 5.28 -61.83 12.52
C MET C 123 4.86 -62.32 11.15
N VAL C 124 4.38 -61.42 10.29
CA VAL C 124 3.85 -61.81 8.98
C VAL C 124 4.86 -61.53 7.88
N SER C 125 6.15 -61.50 8.25
CA SER C 125 7.18 -61.15 7.28
C SER C 125 7.27 -62.17 6.15
N ASN C 126 6.81 -63.39 6.37
CA ASN C 126 6.85 -64.41 5.32
C ASN C 126 5.89 -64.06 4.19
N GLN C 127 4.72 -63.51 4.52
CA GLN C 127 3.74 -63.17 3.50
C GLN C 127 4.14 -61.95 2.68
N ARG C 128 5.11 -61.15 3.16
CA ARG C 128 5.62 -59.97 2.48
C ARG C 128 4.51 -59.01 2.08
N PRO C 129 3.86 -58.34 3.03
CA PRO C 129 2.77 -57.43 2.67
C PRO C 129 3.30 -56.15 2.02
N TRP C 130 2.58 -55.69 1.01
CA TRP C 130 2.90 -54.45 0.32
C TRP C 130 1.75 -53.48 0.50
N PHE C 131 2.06 -52.25 0.89
CA PHE C 131 1.04 -51.24 1.09
C PHE C 131 1.28 -50.06 0.19
N GLY C 132 0.23 -49.38 -0.24
CA GLY C 132 0.40 -48.16 -1.02
C GLY C 132 -0.56 -47.14 -0.43
N MET C 133 -0.07 -45.98 -0.02
CA MET C 133 -0.96 -45.01 0.61
C MET C 133 -0.97 -43.69 -0.12
N GLU C 134 -2.18 -43.18 -0.39
CA GLU C 134 -2.29 -41.93 -1.11
C GLU C 134 -2.68 -40.86 -0.10
N GLN C 135 -1.88 -39.82 0.00
CA GLN C 135 -2.15 -38.80 1.01
C GLN C 135 -2.65 -37.52 0.39
N GLU C 136 -3.81 -37.05 0.84
CA GLU C 136 -4.38 -35.84 0.28
C GLU C 136 -4.26 -34.70 1.25
N TYR C 137 -3.74 -33.56 0.77
CA TYR C 137 -3.58 -32.42 1.64
C TYR C 137 -4.10 -31.14 1.02
N THR C 138 -4.24 -30.10 1.83
CA THR C 138 -4.65 -28.80 1.31
C THR C 138 -3.61 -27.76 1.69
N LEU C 139 -3.25 -26.92 0.74
CA LEU C 139 -2.34 -25.81 1.00
C LEU C 139 -3.15 -24.62 1.49
N MET C 140 -2.80 -24.13 2.67
CA MET C 140 -3.53 -23.06 3.33
C MET C 140 -2.58 -21.89 3.57
N GLY C 141 -3.13 -20.69 3.57
CA GLY C 141 -2.38 -19.53 4.00
C GLY C 141 -2.29 -19.49 5.50
N THR C 142 -1.50 -18.55 5.99
CA THR C 142 -1.41 -18.39 7.43
C THR C 142 -2.66 -17.74 8.01
N ASP C 143 -3.59 -17.30 7.18
CA ASP C 143 -4.86 -16.73 7.60
C ASP C 143 -5.96 -17.78 7.73
N GLY C 144 -5.64 -19.07 7.59
CA GLY C 144 -6.61 -20.11 7.79
C GLY C 144 -7.49 -20.43 6.61
N HIS C 145 -7.22 -19.84 5.46
CA HIS C 145 -7.97 -20.10 4.24
C HIS C 145 -7.08 -20.81 3.23
N PRO C 146 -7.66 -21.55 2.27
CA PRO C 146 -6.83 -22.25 1.29
C PRO C 146 -5.98 -21.28 0.49
N PHE C 147 -4.78 -21.72 0.15
CA PHE C 147 -3.83 -20.86 -0.54
C PHE C 147 -4.31 -20.52 -1.94
N GLY C 148 -4.21 -19.25 -2.30
CA GLY C 148 -4.65 -18.79 -3.60
C GLY C 148 -6.13 -18.52 -3.71
N TRP C 149 -6.92 -18.91 -2.71
CA TRP C 149 -8.34 -18.58 -2.71
C TRP C 149 -8.51 -17.09 -2.47
N PRO C 150 -9.65 -16.53 -3.01
CA PRO C 150 -9.90 -15.12 -2.77
C PRO C 150 -10.26 -14.86 -1.34
N SER C 151 -9.95 -13.66 -0.88
CA SER C 151 -10.27 -13.33 0.48
C SER C 151 -11.77 -13.34 0.56
N ASN C 152 -12.32 -13.97 1.59
CA ASN C 152 -13.75 -13.96 1.79
C ASN C 152 -14.43 -14.44 0.53
N GLY C 153 -13.88 -15.47 -0.10
CA GLY C 153 -14.44 -15.88 -1.36
C GLY C 153 -14.17 -17.27 -1.81
N PHE C 154 -14.94 -17.72 -2.79
CA PHE C 154 -14.75 -19.03 -3.33
C PHE C 154 -14.14 -18.98 -4.74
N PRO C 155 -13.21 -19.89 -5.08
CA PRO C 155 -12.57 -19.79 -6.40
C PRO C 155 -13.51 -20.00 -7.56
N GLY C 156 -14.49 -20.89 -7.43
CA GLY C 156 -15.40 -21.18 -8.51
C GLY C 156 -16.01 -22.55 -8.34
N PRO C 157 -16.89 -22.94 -9.26
CA PRO C 157 -17.51 -24.26 -9.18
C PRO C 157 -16.48 -25.36 -9.40
N GLN C 158 -16.75 -26.51 -8.80
CA GLN C 158 -15.87 -27.66 -8.94
C GLN C 158 -15.90 -28.21 -10.36
N GLY C 159 -14.78 -28.80 -10.78
CA GLY C 159 -14.71 -29.41 -12.08
C GLY C 159 -13.53 -29.07 -12.97
N PRO C 160 -13.05 -27.82 -12.97
CA PRO C 160 -11.86 -27.52 -13.78
C PRO C 160 -10.56 -27.84 -13.10
N TYR C 161 -10.56 -28.15 -11.81
CA TYR C 161 -9.33 -28.14 -11.03
C TYR C 161 -8.68 -29.51 -10.87
N TYR C 162 -9.45 -30.59 -10.97
CA TYR C 162 -8.88 -31.92 -10.83
C TYR C 162 -7.87 -32.18 -11.92
N CYS C 163 -6.61 -32.37 -11.52
CA CYS C 163 -5.49 -32.55 -12.44
C CYS C 163 -5.36 -31.38 -13.40
N GLY C 164 -5.78 -30.20 -12.97
CA GLY C 164 -5.77 -29.05 -13.84
C GLY C 164 -4.39 -28.42 -13.98
N VAL C 165 -4.19 -27.76 -15.11
CA VAL C 165 -2.97 -27.03 -15.39
C VAL C 165 -3.36 -25.61 -15.79
N GLY C 166 -2.69 -24.62 -15.20
CA GLY C 166 -3.00 -23.24 -15.47
C GLY C 166 -2.99 -22.41 -14.21
N ALA C 167 -2.78 -21.09 -14.35
CA ALA C 167 -2.73 -20.23 -13.17
C ALA C 167 -4.07 -20.22 -12.44
N ASP C 168 -5.16 -20.43 -13.16
CA ASP C 168 -6.49 -20.45 -12.58
C ASP C 168 -6.98 -21.85 -12.28
N LYS C 169 -6.16 -22.87 -12.50
CA LYS C 169 -6.57 -24.26 -12.31
C LYS C 169 -5.87 -24.97 -11.17
N ALA C 170 -4.58 -24.71 -10.95
CA ALA C 170 -3.82 -25.35 -9.90
C ALA C 170 -3.10 -24.28 -9.09
N TYR C 171 -3.21 -24.36 -7.76
CA TYR C 171 -2.62 -23.39 -6.87
C TYR C 171 -1.46 -24.04 -6.11
N GLY C 172 -0.33 -23.35 -6.06
CA GLY C 172 0.81 -23.82 -5.31
C GLY C 172 1.45 -25.08 -5.86
N ARG C 173 1.64 -25.17 -7.17
CA ARG C 173 2.30 -26.34 -7.73
C ARG C 173 3.79 -26.35 -7.43
N ASP C 174 4.37 -25.19 -7.12
CA ASP C 174 5.78 -25.15 -6.76
C ASP C 174 6.05 -25.95 -5.50
N ILE C 175 5.14 -25.85 -4.52
CA ILE C 175 5.24 -26.68 -3.32
C ILE C 175 5.25 -28.15 -3.71
N VAL C 176 4.39 -28.54 -4.65
CA VAL C 176 4.25 -29.94 -5.02
C VAL C 176 5.51 -30.44 -5.70
N GLU C 177 6.05 -29.65 -6.64
CA GLU C 177 7.28 -30.03 -7.33
C GLU C 177 8.45 -30.11 -6.36
N ALA C 178 8.57 -29.14 -5.46
CA ALA C 178 9.65 -29.15 -4.49
C ALA C 178 9.53 -30.36 -3.56
N HIS C 179 8.32 -30.67 -3.11
CA HIS C 179 8.11 -31.80 -2.23
C HIS C 179 8.42 -33.12 -2.94
N TYR C 180 8.00 -33.24 -4.19
CA TYR C 180 8.29 -34.44 -4.96
C TYR C 180 9.78 -34.64 -5.13
N ARG C 181 10.51 -33.59 -5.51
CA ARG C 181 11.95 -33.72 -5.69
C ARG C 181 12.66 -33.99 -4.38
N ALA C 182 12.20 -33.36 -3.29
CA ALA C 182 12.81 -33.59 -1.99
C ALA C 182 12.59 -35.03 -1.53
N CYS C 183 11.40 -35.57 -1.77
CA CYS C 183 11.15 -36.96 -1.39
C CYS C 183 11.94 -37.92 -2.27
N LEU C 184 12.13 -37.61 -3.53
CA LEU C 184 12.96 -38.47 -4.38
C LEU C 184 14.38 -38.50 -3.87
N TYR C 185 14.95 -37.33 -3.62
CA TYR C 185 16.33 -37.25 -3.15
C TYR C 185 16.51 -37.95 -1.82
N ALA C 186 15.55 -37.79 -0.92
CA ALA C 186 15.66 -38.37 0.42
C ALA C 186 15.48 -39.87 0.44
N GLY C 187 15.02 -40.45 -0.65
CA GLY C 187 14.81 -41.87 -0.71
C GLY C 187 13.41 -42.32 -0.42
N ILE C 188 12.45 -41.39 -0.29
CA ILE C 188 11.06 -41.77 -0.08
C ILE C 188 10.52 -42.42 -1.35
N LYS C 189 9.70 -43.46 -1.16
CA LYS C 189 9.11 -44.20 -2.27
C LYS C 189 7.82 -43.49 -2.70
N ILE C 190 7.98 -42.32 -3.29
CA ILE C 190 6.85 -41.55 -3.80
C ILE C 190 6.60 -41.95 -5.25
N GLY C 191 5.35 -42.30 -5.55
CA GLY C 191 5.01 -42.84 -6.85
C GLY C 191 4.31 -41.88 -7.78
N GLY C 192 3.87 -40.74 -7.27
CA GLY C 192 3.26 -39.74 -8.13
C GLY C 192 2.40 -38.79 -7.35
N THR C 193 1.98 -37.73 -8.03
CA THR C 193 1.13 -36.70 -7.48
C THR C 193 0.05 -36.33 -8.48
N ASN C 194 -1.02 -35.69 -7.98
CA ASN C 194 -2.02 -35.09 -8.85
C ASN C 194 -2.73 -33.99 -8.08
N ALA C 195 -3.36 -33.09 -8.83
CA ALA C 195 -4.15 -32.02 -8.23
C ALA C 195 -5.58 -32.47 -8.04
N GLU C 196 -6.18 -32.08 -6.92
CA GLU C 196 -7.47 -32.60 -6.54
C GLU C 196 -8.59 -31.68 -7.03
N VAL C 197 -9.83 -32.02 -6.66
CA VAL C 197 -11.00 -31.40 -7.27
C VAL C 197 -11.13 -29.93 -6.90
N MET C 198 -10.63 -29.54 -5.73
CA MET C 198 -10.67 -28.14 -5.40
C MET C 198 -9.26 -27.56 -5.44
N PRO C 199 -9.08 -26.31 -5.86
CA PRO C 199 -7.72 -25.77 -6.01
C PRO C 199 -7.03 -25.65 -4.66
N ALA C 200 -5.71 -25.72 -4.71
CA ALA C 200 -4.79 -25.78 -3.58
C ALA C 200 -4.88 -27.10 -2.82
N GLN C 201 -5.66 -28.06 -3.30
CA GLN C 201 -5.71 -29.40 -2.72
C GLN C 201 -4.94 -30.35 -3.63
N TRP C 202 -4.04 -31.12 -3.05
CA TRP C 202 -3.18 -32.02 -3.81
C TRP C 202 -3.14 -33.37 -3.13
N GLU C 203 -2.42 -34.29 -3.75
CA GLU C 203 -2.29 -35.65 -3.24
C GLU C 203 -0.97 -36.22 -3.73
N PHE C 204 -0.26 -36.91 -2.85
CA PHE C 204 0.91 -37.68 -3.25
C PHE C 204 0.71 -39.13 -2.81
N GLN C 205 1.17 -40.06 -3.64
CA GLN C 205 1.08 -41.48 -3.35
C GLN C 205 2.45 -41.99 -2.92
N ILE C 206 2.46 -42.80 -1.87
CA ILE C 206 3.68 -43.44 -1.36
C ILE C 206 3.49 -44.93 -1.50
N GLY C 207 4.42 -45.59 -2.19
CA GLY C 207 4.38 -47.02 -2.29
C GLY C 207 4.84 -47.55 -3.64
N PRO C 208 4.97 -48.88 -3.75
CA PRO C 208 4.73 -49.91 -2.73
C PRO C 208 5.84 -49.97 -1.67
N CYS C 209 5.50 -50.41 -0.45
CA CYS C 209 6.48 -50.53 0.63
C CYS C 209 6.34 -51.90 1.28
N GLU C 210 7.47 -52.41 1.78
CA GLU C 210 7.57 -53.80 2.21
C GLU C 210 6.92 -54.06 3.57
N GLY C 211 6.67 -53.03 4.37
CA GLY C 211 6.27 -53.27 5.74
C GLY C 211 6.13 -51.98 6.53
N ILE C 212 6.82 -51.90 7.67
CA ILE C 212 6.92 -50.66 8.44
C ILE C 212 7.56 -49.57 7.59
N ASP C 213 8.17 -49.96 6.48
CA ASP C 213 8.61 -48.98 5.49
C ASP C 213 7.47 -48.08 5.06
N MET C 214 6.24 -48.60 5.01
CA MET C 214 5.10 -47.77 4.64
C MET C 214 4.89 -46.65 5.63
N GLY C 215 4.81 -46.98 6.92
CA GLY C 215 4.63 -45.96 7.93
C GLY C 215 5.79 -44.97 7.98
N ASP C 216 7.02 -45.50 7.91
CA ASP C 216 8.19 -44.63 7.93
C ASP C 216 8.18 -43.66 6.77
N HIS C 217 7.95 -44.16 5.56
CA HIS C 217 7.99 -43.33 4.38
C HIS C 217 6.86 -42.32 4.37
N LEU C 218 5.66 -42.71 4.81
CA LEU C 218 4.57 -41.73 4.81
C LEU C 218 4.80 -40.65 5.85
N TRP C 219 5.30 -41.02 7.03
CA TRP C 219 5.57 -40.00 8.04
C TRP C 219 6.69 -39.05 7.60
N VAL C 220 7.75 -39.58 7.00
CA VAL C 220 8.82 -38.71 6.55
C VAL C 220 8.37 -37.86 5.37
N ALA C 221 7.49 -38.39 4.51
CA ALA C 221 6.93 -37.59 3.44
C ALA C 221 6.09 -36.45 3.99
N ARG C 222 5.32 -36.71 5.05
CA ARG C 222 4.57 -35.65 5.70
C ARG C 222 5.51 -34.60 6.28
N PHE C 223 6.60 -35.03 6.90
CA PHE C 223 7.57 -34.07 7.45
C PHE C 223 8.18 -33.22 6.34
N ILE C 224 8.54 -33.85 5.22
CA ILE C 224 9.13 -33.12 4.11
C ILE C 224 8.13 -32.13 3.54
N LEU C 225 6.85 -32.52 3.47
CA LEU C 225 5.83 -31.58 3.03
C LEU C 225 5.75 -30.39 3.97
N HIS C 226 5.79 -30.64 5.28
CA HIS C 226 5.73 -29.52 6.23
C HIS C 226 6.94 -28.60 6.10
N ARG C 227 8.15 -29.18 5.94
CA ARG C 227 9.35 -28.35 5.81
C ARG C 227 9.34 -27.54 4.53
N VAL C 228 8.95 -28.16 3.41
CA VAL C 228 8.87 -27.44 2.14
C VAL C 228 7.85 -26.33 2.22
N CYS C 229 6.67 -26.61 2.79
CA CYS C 229 5.64 -25.59 2.90
C CYS C 229 6.09 -24.47 3.82
N GLU C 230 6.83 -24.79 4.87
CA GLU C 230 7.40 -23.76 5.73
C GLU C 230 8.39 -22.89 4.98
N ASP C 231 9.19 -23.49 4.10
CA ASP C 231 10.06 -22.71 3.23
C ASP C 231 9.26 -21.77 2.33
N PHE C 232 8.14 -22.25 1.81
CA PHE C 232 7.30 -21.41 0.97
C PHE C 232 6.37 -20.51 1.77
N GLY C 233 6.24 -20.73 3.07
CA GLY C 233 5.38 -19.91 3.90
C GLY C 233 3.93 -20.28 3.92
N VAL C 234 3.58 -21.47 3.43
CA VAL C 234 2.21 -21.95 3.46
C VAL C 234 2.13 -23.12 4.43
N ILE C 235 0.91 -23.59 4.67
CA ILE C 235 0.64 -24.65 5.63
C ILE C 235 0.06 -25.83 4.88
N ALA C 236 0.55 -27.02 5.17
CA ALA C 236 -0.02 -28.25 4.64
C ALA C 236 -0.96 -28.82 5.68
N THR C 237 -2.23 -28.94 5.33
CA THR C 237 -3.25 -29.44 6.24
C THR C 237 -3.73 -30.80 5.78
N PHE C 238 -3.65 -31.78 6.68
CA PHE C 238 -4.21 -33.11 6.45
C PHE C 238 -5.55 -33.29 7.14
N ASP C 239 -6.22 -32.20 7.49
CA ASP C 239 -7.53 -32.30 8.12
C ASP C 239 -8.53 -32.84 7.09
N PRO C 240 -9.35 -33.83 7.46
CA PRO C 240 -10.27 -34.42 6.46
C PRO C 240 -11.29 -33.44 5.93
N LYS C 241 -11.59 -32.37 6.67
CA LYS C 241 -12.58 -31.38 6.28
C LYS C 241 -11.96 -30.00 6.41
N PRO C 242 -11.08 -29.61 5.47
CA PRO C 242 -10.40 -28.32 5.59
C PRO C 242 -11.35 -27.14 5.41
N ILE C 243 -12.12 -27.16 4.32
CA ILE C 243 -13.04 -26.07 3.97
C ILE C 243 -14.45 -26.61 4.08
N PRO C 244 -15.34 -25.98 4.84
CA PRO C 244 -16.73 -26.43 4.90
C PRO C 244 -17.40 -26.35 3.53
N GLY C 245 -18.27 -27.31 3.27
CA GLY C 245 -18.98 -27.34 2.00
C GLY C 245 -19.46 -28.75 1.69
N ASN C 246 -19.77 -28.97 0.40
CA ASN C 246 -20.28 -30.26 -0.05
C ASN C 246 -19.23 -31.36 0.01
N TRP C 247 -17.97 -31.05 -0.27
CA TRP C 247 -16.90 -32.04 -0.23
C TRP C 247 -16.77 -32.63 1.17
N ASN C 248 -16.65 -33.95 1.25
CA ASN C 248 -16.72 -34.64 2.54
C ASN C 248 -15.41 -35.35 2.92
N GLY C 249 -14.95 -36.30 2.12
CA GLY C 249 -13.90 -37.19 2.60
C GLY C 249 -12.51 -36.59 2.66
N ALA C 250 -11.90 -36.39 1.49
CA ALA C 250 -10.56 -35.80 1.35
C ALA C 250 -9.58 -36.58 2.21
N GLY C 251 -9.67 -37.91 2.18
CA GLY C 251 -8.83 -38.74 3.02
C GLY C 251 -7.95 -39.79 2.36
N CYS C 252 -6.98 -40.32 3.09
CA CYS C 252 -6.04 -41.30 2.54
C CYS C 252 -6.64 -42.62 2.06
N HIS C 253 -6.08 -43.18 0.99
CA HIS C 253 -6.53 -44.47 0.49
C HIS C 253 -5.41 -45.48 0.60
N THR C 254 -5.66 -46.62 1.24
CA THR C 254 -4.59 -47.60 1.44
C THR C 254 -4.77 -48.80 0.54
N ASN C 255 -3.72 -49.15 -0.20
CA ASN C 255 -3.81 -50.27 -1.12
C ASN C 255 -3.04 -51.45 -0.54
N PHE C 256 -3.72 -52.56 -0.30
CA PHE C 256 -3.05 -53.69 0.34
C PHE C 256 -2.92 -54.96 -0.47
N SER C 257 -1.70 -55.49 -0.58
CA SER C 257 -1.47 -56.74 -1.30
C SER C 257 -0.54 -57.61 -0.46
N THR C 258 -0.53 -58.91 -0.77
CA THR C 258 0.36 -59.87 -0.17
C THR C 258 1.06 -60.65 -1.28
N LYS C 259 1.95 -61.57 -0.88
CA LYS C 259 2.66 -62.38 -1.87
C LYS C 259 1.68 -63.26 -2.65
N ALA C 260 0.70 -63.85 -1.96
CA ALA C 260 -0.27 -64.69 -2.63
C ALA C 260 -1.13 -63.89 -3.60
N MET C 261 -1.56 -62.70 -3.19
CA MET C 261 -2.44 -61.89 -4.03
C MET C 261 -1.72 -61.37 -5.26
N ARG C 262 -0.40 -61.22 -5.19
CA ARG C 262 0.36 -60.78 -6.36
C ARG C 262 0.57 -61.91 -7.36
N GLU C 263 0.55 -63.15 -6.89
CA GLU C 263 0.72 -64.28 -7.78
C GLU C 263 -0.61 -64.66 -8.43
N GLU C 264 -0.57 -65.68 -9.28
CA GLU C 264 -1.77 -66.11 -9.99
C GLU C 264 -2.82 -66.66 -9.02
N ASN C 265 -4.08 -66.51 -9.40
CA ASN C 265 -5.24 -66.89 -8.58
C ASN C 265 -5.23 -66.16 -7.24
N GLY C 266 -4.68 -64.96 -7.20
CA GLY C 266 -4.72 -64.15 -6.01
C GLY C 266 -6.02 -63.40 -5.78
N LEU C 267 -6.89 -63.37 -6.79
CA LEU C 267 -8.15 -62.66 -6.66
C LEU C 267 -9.02 -63.28 -5.57
N LYS C 268 -8.96 -64.60 -5.41
CA LYS C 268 -9.72 -65.24 -4.34
C LYS C 268 -9.15 -64.85 -2.97
N TYR C 269 -7.83 -64.70 -2.86
CA TYR C 269 -7.25 -64.20 -1.62
C TYR C 269 -7.71 -62.78 -1.33
N ILE C 270 -7.79 -61.94 -2.37
CA ILE C 270 -8.29 -60.58 -2.21
C ILE C 270 -9.73 -60.59 -1.74
N GLU C 271 -10.55 -61.48 -2.32
CA GLU C 271 -11.94 -61.60 -1.90
C GLU C 271 -12.06 -62.04 -0.44
N GLU C 272 -11.21 -63.00 -0.04
CA GLU C 272 -11.19 -63.43 1.35
C GLU C 272 -10.82 -62.29 2.29
N ALA C 273 -9.82 -61.49 1.90
CA ALA C 273 -9.42 -60.36 2.72
C ALA C 273 -10.53 -59.32 2.83
N ILE C 274 -11.24 -59.07 1.73
CA ILE C 274 -12.36 -58.13 1.76
C ILE C 274 -13.47 -58.64 2.65
N GLU C 275 -13.77 -59.94 2.57
CA GLU C 275 -14.82 -60.51 3.41
C GLU C 275 -14.43 -60.44 4.88
N LYS C 276 -13.15 -60.67 5.19
CA LYS C 276 -12.69 -60.52 6.58
C LYS C 276 -12.81 -59.08 7.04
N LEU C 277 -12.47 -58.12 6.16
CA LEU C 277 -12.55 -56.71 6.53
C LEU C 277 -14.00 -56.27 6.73
N SER C 278 -14.93 -56.87 5.98
CA SER C 278 -16.32 -56.45 6.08
C SER C 278 -16.89 -56.63 7.48
N LYS C 279 -16.37 -57.60 8.23
CA LYS C 279 -16.84 -57.82 9.59
C LYS C 279 -16.28 -56.79 10.56
N ARG C 280 -15.05 -56.34 10.35
CA ARG C 280 -14.34 -55.46 11.28
C ARG C 280 -14.41 -54.00 10.86
N HIS C 281 -15.53 -53.55 10.29
CA HIS C 281 -15.64 -52.17 9.84
C HIS C 281 -15.51 -51.18 10.98
N GLN C 282 -16.19 -51.45 12.10
CA GLN C 282 -16.16 -50.51 13.23
C GLN C 282 -14.78 -50.43 13.85
N TYR C 283 -14.09 -51.57 13.95
CA TYR C 283 -12.74 -51.57 14.51
C TYR C 283 -11.79 -50.75 13.65
N HIS C 284 -11.89 -50.89 12.32
CA HIS C 284 -11.02 -50.12 11.45
C HIS C 284 -11.37 -48.64 11.46
N ILE C 285 -12.65 -48.31 11.56
CA ILE C 285 -13.06 -46.91 11.68
C ILE C 285 -12.48 -46.31 12.96
N ARG C 286 -12.52 -47.05 14.06
CA ARG C 286 -11.92 -46.58 15.30
C ARG C 286 -10.41 -46.43 15.17
N ALA C 287 -9.75 -47.39 14.52
CA ALA C 287 -8.29 -47.39 14.48
C ALA C 287 -7.74 -46.32 13.54
N TYR C 288 -8.48 -45.99 12.48
CA TYR C 288 -7.95 -45.06 11.48
C TYR C 288 -7.88 -43.63 12.03
N ASP C 289 -8.83 -43.26 12.88
CA ASP C 289 -8.84 -41.93 13.46
C ASP C 289 -7.85 -41.87 14.62
N PRO C 290 -6.91 -40.91 14.62
CA PRO C 290 -5.98 -40.80 15.75
C PRO C 290 -6.64 -40.49 17.07
N LYS C 291 -7.75 -39.76 17.05
CA LYS C 291 -8.47 -39.41 18.28
C LYS C 291 -9.24 -40.63 18.80
N GLY C 320 -18.20 -44.28 -3.29
CA GLY C 320 -19.04 -45.43 -3.60
C GLY C 320 -18.90 -46.56 -2.60
N ALA C 321 -17.76 -47.24 -2.65
CA ALA C 321 -17.49 -48.37 -1.76
C ALA C 321 -16.44 -48.03 -0.71
N SER C 322 -16.72 -48.30 0.56
CA SER C 322 -15.73 -48.04 1.60
C SER C 322 -14.48 -48.87 1.32
N ILE C 323 -14.65 -50.12 0.89
CA ILE C 323 -13.51 -50.93 0.50
C ILE C 323 -13.72 -51.23 -0.97
N ARG C 324 -12.73 -50.99 -1.80
CA ARG C 324 -12.92 -51.14 -3.24
C ARG C 324 -11.86 -52.03 -3.88
N ILE C 325 -12.20 -52.66 -5.01
CA ILE C 325 -11.24 -53.49 -5.72
C ILE C 325 -10.96 -52.87 -7.08
N PRO C 326 -9.69 -52.78 -7.46
CA PRO C 326 -9.36 -52.28 -8.79
C PRO C 326 -9.91 -53.22 -9.85
N ARG C 327 -10.34 -52.67 -10.98
CA ARG C 327 -10.96 -53.51 -11.99
C ARG C 327 -9.90 -54.14 -12.85
N THR C 328 -8.79 -53.45 -13.03
CA THR C 328 -7.66 -54.03 -13.77
C THR C 328 -7.12 -55.25 -13.05
N VAL C 329 -7.06 -55.20 -11.72
CA VAL C 329 -6.66 -56.37 -10.93
C VAL C 329 -7.64 -57.50 -11.14
N GLY C 330 -8.94 -57.20 -11.12
CA GLY C 330 -9.94 -58.24 -11.35
C GLY C 330 -9.83 -58.85 -12.73
N GLN C 331 -9.54 -58.04 -13.74
CA GLN C 331 -9.33 -58.56 -15.09
C GLN C 331 -8.09 -59.44 -15.14
N GLU C 332 -7.02 -59.04 -14.45
CA GLU C 332 -5.81 -59.85 -14.39
C GLU C 332 -5.86 -60.92 -13.32
N LYS C 333 -6.92 -60.92 -12.49
CA LYS C 333 -7.15 -61.88 -11.42
C LYS C 333 -6.08 -61.89 -10.35
N LYS C 334 -5.25 -60.85 -10.29
CA LYS C 334 -4.20 -60.77 -9.27
C LYS C 334 -3.85 -59.31 -9.06
N GLY C 335 -3.44 -58.97 -7.83
CA GLY C 335 -3.01 -57.62 -7.54
C GLY C 335 -3.25 -57.16 -6.12
N TYR C 336 -3.99 -56.06 -5.97
CA TYR C 336 -4.22 -55.48 -4.64
C TYR C 336 -5.66 -55.05 -4.48
N PHE C 337 -5.99 -54.42 -3.35
CA PHE C 337 -7.34 -53.89 -3.19
C PHE C 337 -7.19 -52.43 -2.76
N GLU C 338 -8.28 -51.72 -2.54
CA GLU C 338 -8.18 -50.34 -2.06
C GLU C 338 -9.09 -50.10 -0.87
N ASP C 339 -8.57 -49.46 0.17
CA ASP C 339 -9.44 -49.11 1.28
C ASP C 339 -9.59 -47.62 1.28
N ARG C 340 -10.82 -47.13 1.12
CA ARG C 340 -11.07 -45.69 1.04
C ARG C 340 -11.42 -45.11 2.40
N ARG C 341 -11.55 -45.97 3.41
CA ARG C 341 -11.97 -45.52 4.74
C ARG C 341 -11.01 -44.59 5.52
N PRO C 342 -9.66 -44.79 5.41
CA PRO C 342 -8.83 -43.91 6.26
C PRO C 342 -8.93 -42.45 5.86
N SER C 343 -8.86 -41.57 6.86
CA SER C 343 -8.87 -40.14 6.63
C SER C 343 -7.48 -39.65 6.27
N ALA C 344 -7.36 -38.33 6.04
CA ALA C 344 -6.09 -37.78 5.61
C ALA C 344 -5.09 -37.68 6.77
N ASN C 345 -5.56 -37.44 7.98
CA ASN C 345 -4.70 -37.35 9.14
C ASN C 345 -4.47 -38.69 9.83
N CYS C 346 -4.68 -39.79 9.11
CA CYS C 346 -4.58 -41.12 9.72
C CYS C 346 -3.13 -41.45 10.07
N ASP C 347 -2.98 -42.35 11.03
CA ASP C 347 -1.66 -42.85 11.40
C ASP C 347 -1.34 -44.09 10.59
N PRO C 348 -0.33 -44.06 9.72
CA PRO C 348 -0.05 -45.23 8.86
C PRO C 348 0.28 -46.49 9.62
N PHE C 349 0.94 -46.37 10.77
CA PHE C 349 1.28 -47.55 11.56
C PHE C 349 0.02 -48.26 12.02
N ALA C 350 -0.95 -47.51 12.56
CA ALA C 350 -2.20 -48.10 13.01
C ALA C 350 -2.98 -48.70 11.83
N VAL C 351 -3.01 -47.98 10.70
CA VAL C 351 -3.77 -48.45 9.54
C VAL C 351 -3.20 -49.78 9.04
N THR C 352 -1.89 -49.83 8.84
CA THR C 352 -1.26 -51.03 8.32
C THR C 352 -1.34 -52.18 9.32
N GLU C 353 -1.18 -51.89 10.62
CA GLU C 353 -1.30 -52.93 11.62
C GLU C 353 -2.70 -53.52 11.65
N ALA C 354 -3.72 -52.66 11.57
CA ALA C 354 -5.10 -53.13 11.55
C ALA C 354 -5.37 -53.96 10.29
N LEU C 355 -4.87 -53.52 9.14
CA LEU C 355 -5.07 -54.27 7.91
C LEU C 355 -4.41 -55.65 7.99
N ILE C 356 -3.22 -55.72 8.58
CA ILE C 356 -2.57 -57.02 8.73
C ILE C 356 -3.33 -57.90 9.71
N ARG C 357 -3.73 -57.33 10.85
CA ARG C 357 -4.37 -58.13 11.89
C ARG C 357 -5.72 -58.68 11.43
N THR C 358 -6.52 -57.86 10.75
CA THR C 358 -7.84 -58.34 10.32
C THR C 358 -7.72 -59.38 9.22
N CYS C 359 -6.81 -59.18 8.28
CA CYS C 359 -6.71 -60.07 7.12
C CYS C 359 -5.78 -61.25 7.38
N LEU C 360 -4.51 -60.97 7.67
CA LEU C 360 -3.54 -62.04 7.79
C LEU C 360 -3.69 -62.80 9.10
N LEU C 361 -3.93 -62.10 10.21
CA LEU C 361 -3.97 -62.75 11.51
C LEU C 361 -5.34 -63.27 11.88
N ASN C 362 -6.37 -62.98 11.09
CA ASN C 362 -7.73 -63.50 11.28
C ASN C 362 -8.33 -63.09 12.62
N GLU C 363 -7.83 -61.99 13.20
CA GLU C 363 -8.30 -61.55 14.50
C GLU C 363 -9.74 -61.03 14.42
N THR C 364 -10.49 -61.25 15.50
CA THR C 364 -11.82 -60.69 15.66
C THR C 364 -11.97 -60.17 17.08
N GLY C 365 -12.82 -59.17 17.25
CA GLY C 365 -13.08 -58.62 18.56
C GLY C 365 -12.92 -57.12 18.66
N ASP C 366 -13.38 -56.55 19.77
CA ASP C 366 -13.29 -55.11 19.97
C ASP C 366 -11.84 -54.66 20.18
N GLU C 367 -11.07 -55.43 20.95
CA GLU C 367 -9.69 -55.09 21.24
C GLU C 367 -8.74 -56.12 20.65
N PRO C 368 -7.59 -55.70 20.14
CA PRO C 368 -6.65 -56.65 19.53
C PRO C 368 -6.03 -57.57 20.56
N PHE C 369 -5.66 -58.77 20.11
CA PHE C 369 -4.97 -59.72 20.96
C PHE C 369 -3.51 -59.31 21.13
N GLN C 370 -2.91 -59.78 22.23
CA GLN C 370 -1.53 -59.46 22.56
C GLN C 370 -0.66 -60.69 22.28
N TYR C 371 0.21 -60.58 21.27
CA TYR C 371 1.10 -61.68 20.89
C TYR C 371 2.37 -61.61 21.74
N LYS C 372 2.19 -61.71 23.05
CA LYS C 372 3.30 -61.63 23.99
C LYS C 372 4.17 -62.88 23.93
N ALA D 2 8.31 -6.40 11.52
CA ALA D 2 9.10 -5.49 10.71
C ALA D 2 10.53 -5.96 10.59
N THR D 3 11.19 -5.58 9.50
CA THR D 3 12.59 -5.90 9.27
C THR D 3 13.34 -4.61 8.96
N SER D 4 14.65 -4.65 9.14
CA SER D 4 15.47 -3.45 8.96
C SER D 4 15.48 -3.02 7.49
N ALA D 5 15.75 -1.74 7.28
CA ALA D 5 15.78 -1.19 5.93
C ALA D 5 16.95 -1.76 5.13
N SER D 6 18.05 -2.11 5.79
CA SER D 6 19.19 -2.67 5.07
C SER D 6 18.88 -4.04 4.50
N SER D 7 17.96 -4.77 5.13
CA SER D 7 17.58 -6.08 4.62
C SER D 7 16.80 -5.99 3.32
N HIS D 8 16.23 -4.83 3.01
CA HIS D 8 15.48 -4.66 1.77
C HIS D 8 16.35 -4.16 0.63
N LEU D 9 17.66 -4.02 0.84
CA LEU D 9 18.56 -3.76 -0.26
C LEU D 9 18.69 -5.00 -1.12
N ASN D 10 18.96 -4.79 -2.41
CA ASN D 10 19.11 -5.91 -3.33
C ASN D 10 20.36 -6.69 -2.97
N LYS D 11 20.18 -7.89 -2.42
CA LYS D 11 21.31 -8.70 -2.00
C LYS D 11 22.01 -9.39 -3.16
N GLY D 12 21.35 -9.50 -4.32
CA GLY D 12 22.03 -10.01 -5.49
C GLY D 12 23.18 -9.12 -5.92
N ILE D 13 23.02 -7.81 -5.78
CA ILE D 13 24.11 -6.87 -6.03
C ILE D 13 25.29 -7.17 -5.11
N LYS D 14 24.99 -7.37 -3.83
CA LYS D 14 26.03 -7.71 -2.86
C LYS D 14 26.74 -8.99 -3.24
N GLN D 15 26.00 -10.00 -3.72
CA GLN D 15 26.63 -11.27 -4.07
C GLN D 15 27.43 -11.15 -5.36
N VAL D 16 27.03 -10.26 -6.27
CA VAL D 16 27.84 -10.00 -7.44
C VAL D 16 29.18 -9.40 -7.03
N TYR D 17 29.17 -8.48 -6.07
CA TYR D 17 30.42 -7.87 -5.62
C TYR D 17 31.28 -8.84 -4.82
N MET D 18 30.63 -9.69 -4.02
CA MET D 18 31.36 -10.68 -3.24
C MET D 18 32.06 -11.72 -4.10
N ALA D 19 31.52 -11.99 -5.28
CA ALA D 19 32.09 -13.06 -6.09
C ALA D 19 33.32 -12.61 -6.86
N LEU D 20 33.70 -11.34 -6.72
CA LEU D 20 34.94 -10.89 -7.34
C LEU D 20 36.11 -11.64 -6.73
N PRO D 21 37.08 -12.07 -7.54
CA PRO D 21 38.31 -12.67 -6.99
C PRO D 21 39.00 -11.69 -6.06
N GLN D 22 39.23 -12.14 -4.82
CA GLN D 22 39.67 -11.23 -3.78
C GLN D 22 41.10 -10.75 -4.02
N GLY D 23 42.00 -11.67 -4.32
CA GLY D 23 43.39 -11.34 -4.52
C GLY D 23 44.28 -11.83 -3.39
N ASP D 24 45.46 -11.24 -3.31
CA ASP D 24 46.45 -11.67 -2.33
C ASP D 24 46.12 -11.16 -0.92
N LYS D 25 45.43 -10.02 -0.82
CA LYS D 25 45.12 -9.46 0.48
C LYS D 25 44.04 -10.27 1.19
N VAL D 26 44.03 -10.20 2.51
CA VAL D 26 43.08 -10.98 3.32
C VAL D 26 42.48 -10.06 4.38
N GLN D 27 41.17 -10.13 4.56
CA GLN D 27 40.51 -9.24 5.52
C GLN D 27 40.27 -9.93 6.86
N ALA D 28 40.69 -9.31 7.95
CA ALA D 28 40.45 -9.89 9.26
C ALA D 28 39.53 -9.03 10.09
N MET D 29 38.42 -9.59 10.57
CA MET D 29 37.47 -8.81 11.35
C MET D 29 37.69 -8.99 12.83
N TYR D 30 38.32 -8.01 13.46
CA TYR D 30 38.53 -8.07 14.89
C TYR D 30 37.23 -7.92 15.66
N ILE D 31 36.98 -8.81 16.62
CA ILE D 31 35.77 -8.80 17.42
C ILE D 31 36.16 -8.73 18.89
N TRP D 32 35.47 -7.89 19.65
CA TRP D 32 35.72 -7.76 21.08
C TRP D 32 34.42 -7.50 21.81
N ILE D 33 34.45 -7.71 23.12
CA ILE D 33 33.27 -7.53 23.94
C ILE D 33 33.14 -6.07 24.34
N ASP D 34 31.92 -5.54 24.21
CA ASP D 34 31.60 -4.17 24.56
C ASP D 34 31.86 -3.92 26.04
N GLY D 35 31.89 -2.63 26.41
CA GLY D 35 32.02 -2.27 27.81
C GLY D 35 30.83 -2.65 28.65
N THR D 36 29.67 -2.86 28.02
CA THR D 36 28.47 -3.26 28.77
C THR D 36 28.56 -4.69 29.28
N GLY D 37 29.48 -5.48 28.77
CA GLY D 37 29.64 -6.86 29.20
C GLY D 37 28.86 -7.88 28.41
N GLU D 38 27.95 -7.44 27.55
CA GLU D 38 27.14 -8.36 26.77
C GLU D 38 27.03 -8.00 25.30
N GLY D 39 27.51 -6.83 24.89
CA GLY D 39 27.52 -6.44 23.50
C GLY D 39 28.82 -6.81 22.82
N LEU D 40 28.78 -6.84 21.50
CA LEU D 40 29.93 -7.20 20.68
C LEU D 40 30.21 -6.09 19.68
N ARG D 41 31.49 -5.76 19.52
CA ARG D 41 31.94 -4.77 18.56
C ARG D 41 32.93 -5.41 17.62
N CYS D 42 32.96 -4.94 16.38
CA CYS D 42 33.82 -5.53 15.37
C CYS D 42 34.30 -4.45 14.41
N LYS D 43 35.47 -4.68 13.81
CA LYS D 43 35.94 -3.80 12.74
C LYS D 43 37.01 -4.55 11.95
N THR D 44 36.96 -4.44 10.63
CA THR D 44 37.86 -5.23 9.78
C THR D 44 39.10 -4.55 9.26
N ARG D 45 40.26 -5.21 9.36
CA ARG D 45 41.47 -4.66 8.75
C ARG D 45 41.95 -5.50 7.57
N THR D 46 43.05 -5.11 6.92
CA THR D 46 43.59 -5.84 5.80
C THR D 46 44.97 -6.38 6.15
N LEU D 47 45.19 -7.66 5.85
CA LEU D 47 46.47 -8.32 6.04
C LEU D 47 47.09 -8.61 4.68
N ASP D 48 48.42 -8.52 4.61
CA ASP D 48 49.10 -8.76 3.36
C ASP D 48 49.07 -10.23 2.96
N SER D 49 48.95 -11.12 3.95
CA SER D 49 48.91 -12.55 3.69
C SER D 49 47.98 -13.21 4.69
N GLU D 50 47.57 -14.44 4.36
CA GLU D 50 46.72 -15.19 5.26
C GLU D 50 47.53 -15.67 6.46
N PRO D 51 47.10 -15.36 7.69
CA PRO D 51 47.83 -15.81 8.87
C PRO D 51 47.58 -17.29 9.13
N LYS D 52 48.66 -18.05 9.30
CA LYS D 52 48.51 -19.47 9.59
C LYS D 52 48.08 -19.72 11.04
N CYS D 53 48.54 -18.88 11.96
CA CYS D 53 48.23 -19.04 13.37
C CYS D 53 47.79 -17.70 13.94
N ILE D 54 47.27 -17.75 15.17
CA ILE D 54 46.77 -16.54 15.82
C ILE D 54 47.90 -15.56 16.12
N GLU D 55 49.12 -16.07 16.30
CA GLU D 55 50.24 -15.22 16.68
C GLU D 55 50.65 -14.26 15.58
N GLU D 56 50.34 -14.58 14.32
CA GLU D 56 50.67 -13.67 13.23
C GLU D 56 49.74 -12.46 13.18
N LEU D 57 48.60 -12.52 13.87
CA LEU D 57 47.70 -11.38 13.90
C LEU D 57 48.31 -10.27 14.75
N PRO D 58 48.46 -9.07 14.20
CA PRO D 58 48.97 -7.95 15.01
C PRO D 58 47.92 -7.44 15.98
N GLU D 59 48.39 -6.72 16.99
CA GLU D 59 47.50 -6.05 17.90
C GLU D 59 46.91 -4.81 17.25
N TRP D 60 45.76 -4.38 17.75
CA TRP D 60 45.06 -3.24 17.18
C TRP D 60 44.60 -2.34 18.32
N ASN D 61 43.85 -1.30 18.00
CA ASN D 61 43.34 -0.39 19.00
C ASN D 61 42.02 0.20 18.52
N PHE D 62 41.24 0.70 19.47
CA PHE D 62 39.96 1.33 19.15
C PHE D 62 39.68 2.42 20.17
N ASP D 63 38.66 3.23 19.86
CA ASP D 63 38.25 4.35 20.70
C ASP D 63 37.32 3.82 21.78
N GLY D 64 37.82 3.74 23.01
CA GLY D 64 37.03 3.20 24.10
C GLY D 64 35.96 4.13 24.63
N SER D 65 36.05 5.42 24.29
CA SER D 65 35.00 6.35 24.70
C SER D 65 33.70 6.07 23.98
N SER D 66 33.80 5.53 22.75
CA SER D 66 32.61 5.17 22.00
C SER D 66 32.07 3.79 22.39
N THR D 67 32.81 3.06 23.22
CA THR D 67 32.44 1.69 23.59
C THR D 67 32.13 1.54 25.07
N PHE D 68 31.83 2.65 25.77
CA PHE D 68 31.39 2.64 27.17
C PHE D 68 32.44 2.05 28.10
N GLN D 69 33.72 2.08 27.74
CA GLN D 69 34.71 1.43 28.59
C GLN D 69 36.02 2.20 28.68
N SER D 70 35.99 3.52 28.54
CA SER D 70 37.18 4.32 28.76
C SER D 70 36.78 5.76 29.06
N GLU D 71 37.70 6.47 29.71
CA GLU D 71 37.51 7.86 30.06
C GLU D 71 38.04 8.77 28.95
N GLY D 72 37.73 10.06 29.07
CA GLY D 72 38.00 10.99 27.98
C GLY D 72 39.49 11.23 27.74
N SER D 73 40.28 11.30 28.82
CA SER D 73 41.68 11.68 28.67
C SER D 73 42.46 10.66 27.85
N ASN D 74 42.33 9.38 28.18
CA ASN D 74 43.00 8.30 27.47
C ASN D 74 41.93 7.32 27.02
N SER D 75 41.33 7.60 25.87
CA SER D 75 40.20 6.78 25.39
C SER D 75 40.66 5.50 24.71
N ASP D 76 41.84 5.52 24.12
CA ASP D 76 42.31 4.37 23.35
C ASP D 76 42.42 3.09 24.15
N MET D 77 41.93 2.00 23.59
CA MET D 77 42.09 0.72 24.25
C MET D 77 42.84 -0.13 23.25
N TYR D 78 43.26 -1.30 23.71
CA TYR D 78 43.94 -2.21 22.83
C TYR D 78 43.22 -3.50 22.55
N LEU D 79 43.45 -4.08 21.39
CA LEU D 79 42.90 -5.38 21.01
C LEU D 79 44.05 -6.35 20.82
N VAL D 80 44.12 -7.35 21.68
CA VAL D 80 45.09 -8.43 21.60
C VAL D 80 44.36 -9.66 21.08
N PRO D 81 44.71 -10.19 19.91
CA PRO D 81 44.01 -11.35 19.37
C PRO D 81 44.09 -12.55 20.31
N ALA D 82 42.96 -13.23 20.47
CA ALA D 82 42.86 -14.39 21.34
C ALA D 82 42.51 -15.67 20.59
N ALA D 83 41.52 -15.62 19.71
CA ALA D 83 41.10 -16.79 18.95
C ALA D 83 40.87 -16.42 17.50
N MET D 84 41.15 -17.36 16.60
CA MET D 84 40.99 -17.15 15.17
C MET D 84 40.05 -18.20 14.59
N PHE D 85 39.16 -17.74 13.72
CA PHE D 85 38.19 -18.61 13.08
C PHE D 85 38.08 -18.21 11.62
N ARG D 86 37.53 -19.10 10.80
CA ARG D 86 37.34 -18.78 9.39
C ARG D 86 36.17 -17.81 9.30
N ASP D 87 36.16 -16.96 8.29
CA ASP D 87 35.09 -15.99 8.15
C ASP D 87 34.02 -16.59 7.28
N PRO D 88 32.88 -16.93 7.87
CA PRO D 88 31.77 -17.48 7.09
C PRO D 88 31.24 -16.47 6.11
N PHE D 89 31.11 -15.23 6.55
CA PHE D 89 30.55 -14.18 5.71
C PHE D 89 31.42 -13.87 4.49
N ARG D 90 32.74 -13.86 4.67
CA ARG D 90 33.63 -13.62 3.55
C ARG D 90 34.15 -14.88 2.86
N LYS D 91 33.82 -16.06 3.38
CA LYS D 91 34.18 -17.33 2.72
C LYS D 91 35.65 -17.65 2.47
N ASP D 92 36.56 -17.17 3.32
CA ASP D 92 38.00 -17.50 3.21
C ASP D 92 38.72 -16.68 2.15
N PRO D 93 40.01 -16.41 2.35
CA PRO D 93 40.97 -16.77 3.40
C PRO D 93 40.77 -15.82 4.55
N ASN D 94 39.77 -14.97 4.46
CA ASN D 94 39.49 -13.98 5.50
C ASN D 94 39.19 -14.58 6.85
N LYS D 95 39.69 -13.95 7.90
CA LYS D 95 39.54 -14.49 9.24
C LYS D 95 38.82 -13.69 10.32
N LEU D 96 37.97 -14.32 11.12
CA LEU D 96 37.38 -13.66 12.28
C LEU D 96 38.37 -13.77 13.43
N VAL D 97 38.67 -12.65 14.08
CA VAL D 97 39.64 -12.61 15.14
C VAL D 97 38.95 -12.10 16.40
N PHE D 98 38.72 -12.99 17.36
CA PHE D 98 38.17 -12.60 18.65
C PHE D 98 39.32 -12.19 19.56
N CYS D 99 39.23 -10.98 20.10
CA CYS D 99 40.31 -10.43 20.89
C CYS D 99 39.98 -9.92 22.27
N GLU D 100 40.95 -9.92 23.17
CA GLU D 100 40.77 -9.34 24.49
C GLU D 100 40.99 -7.83 24.48
N VAL D 101 40.46 -7.14 25.47
CA VAL D 101 40.60 -5.70 25.55
C VAL D 101 41.48 -5.28 26.70
N PHE D 102 42.34 -4.29 26.47
CA PHE D 102 43.25 -3.84 27.52
C PHE D 102 43.01 -2.36 27.75
N LYS D 103 43.54 -1.81 28.84
CA LYS D 103 43.41 -0.37 29.02
C LYS D 103 44.71 0.22 28.55
N TYR D 104 44.89 1.52 28.74
CA TYR D 104 46.11 2.19 28.31
C TYR D 104 47.24 1.72 29.18
N ASN D 105 46.91 1.06 30.27
CA ASN D 105 47.93 0.59 31.19
C ASN D 105 48.30 -0.82 30.83
N ARG D 106 47.75 -1.36 29.75
CA ARG D 106 47.97 -2.75 29.36
C ARG D 106 47.51 -3.69 30.45
N LYS D 107 46.41 -3.34 31.10
CA LYS D 107 45.85 -4.18 32.15
C LYS D 107 44.43 -4.53 31.75
N PRO D 108 44.00 -5.76 32.03
CA PRO D 108 42.66 -6.21 31.62
C PRO D 108 41.54 -5.22 31.88
N ALA D 109 40.64 -5.06 30.91
CA ALA D 109 39.54 -4.12 31.06
C ALA D 109 38.47 -4.68 31.96
N GLU D 110 37.64 -3.81 32.50
CA GLU D 110 36.59 -4.23 33.39
C GLU D 110 35.79 -5.38 32.80
N THR D 111 35.63 -5.39 31.48
CA THR D 111 34.83 -6.42 30.84
C THR D 111 35.67 -7.58 30.28
N ASN D 112 36.99 -7.47 30.35
CA ASN D 112 37.82 -8.57 29.88
C ASN D 112 37.92 -9.58 30.99
N LEU D 113 36.97 -10.51 31.03
CA LEU D 113 37.00 -11.55 32.04
C LEU D 113 37.75 -12.74 31.52
N ARG D 114 38.11 -12.72 30.25
CA ARG D 114 38.88 -13.81 29.66
C ARG D 114 40.26 -13.95 30.26
N HIS D 115 40.90 -12.84 30.58
CA HIS D 115 42.28 -12.91 31.03
C HIS D 115 42.44 -13.74 32.30
N THR D 116 41.54 -13.56 33.27
CA THR D 116 41.62 -14.33 34.49
C THR D 116 41.13 -15.75 34.24
N CYS D 117 40.02 -15.89 33.54
CA CYS D 117 39.47 -17.20 33.22
C CYS D 117 40.50 -18.08 32.55
N LYS D 118 41.31 -17.52 31.65
CA LYS D 118 42.38 -18.27 31.02
C LYS D 118 43.41 -18.72 32.04
N ARG D 119 43.76 -17.84 32.99
CA ARG D 119 44.67 -18.24 34.05
C ARG D 119 44.12 -19.40 34.85
N ILE D 120 42.83 -19.32 35.21
CA ILE D 120 42.21 -20.37 36.01
C ILE D 120 42.20 -21.69 35.24
N MET D 121 41.86 -21.64 33.96
CA MET D 121 41.85 -22.86 33.15
C MET D 121 43.25 -23.45 33.00
N ASP D 122 44.26 -22.58 32.89
CA ASP D 122 45.63 -23.08 32.81
C ASP D 122 46.06 -23.73 34.13
N MET D 123 45.54 -23.24 35.26
CA MET D 123 45.86 -23.88 36.54
C MET D 123 45.30 -25.30 36.59
N VAL D 124 44.09 -25.52 36.11
CA VAL D 124 43.43 -26.81 36.23
C VAL D 124 43.51 -27.59 34.91
N SER D 125 44.51 -27.27 34.10
CA SER D 125 44.63 -27.90 32.79
C SER D 125 44.84 -29.40 32.88
N ASN D 126 45.34 -29.89 34.01
CA ASN D 126 45.55 -31.32 34.17
C ASN D 126 44.22 -32.07 34.24
N GLN D 127 43.22 -31.47 34.89
CA GLN D 127 41.92 -32.13 35.02
C GLN D 127 41.14 -32.14 33.73
N ARG D 128 41.52 -31.31 32.75
CA ARG D 128 40.89 -31.22 31.44
C ARG D 128 39.38 -31.01 31.54
N PRO D 129 38.92 -29.84 31.98
CA PRO D 129 37.47 -29.63 32.11
C PRO D 129 36.81 -29.46 30.75
N TRP D 130 35.63 -30.05 30.61
CA TRP D 130 34.82 -29.93 29.41
C TRP D 130 33.51 -29.24 29.76
N PHE D 131 33.16 -28.24 28.96
CA PHE D 131 31.92 -27.50 29.20
C PHE D 131 31.01 -27.60 28.00
N GLY D 132 29.71 -27.57 28.22
CA GLY D 132 28.78 -27.54 27.10
C GLY D 132 27.74 -26.48 27.42
N MET D 133 27.54 -25.50 26.56
CA MET D 133 26.62 -24.44 26.88
C MET D 133 25.51 -24.31 25.87
N GLU D 134 24.27 -24.23 26.33
CA GLU D 134 23.15 -24.13 25.43
C GLU D 134 22.65 -22.72 25.47
N GLN D 135 22.61 -22.05 24.33
CA GLN D 135 22.23 -20.64 24.31
C GLN D 135 20.86 -20.45 23.71
N GLU D 136 19.97 -19.80 24.44
CA GLU D 136 18.62 -19.59 23.95
C GLU D 136 18.41 -18.15 23.56
N TYR D 137 17.89 -17.92 22.37
CA TYR D 137 17.67 -16.57 21.91
C TYR D 137 16.29 -16.37 21.32
N THR D 138 15.89 -15.13 21.13
CA THR D 138 14.62 -14.82 20.49
C THR D 138 14.87 -13.95 19.27
N LEU D 139 14.22 -14.28 18.16
CA LEU D 139 14.29 -13.45 16.97
C LEU D 139 13.22 -12.37 17.06
N MET D 140 13.65 -11.12 16.95
CA MET D 140 12.77 -9.97 17.11
C MET D 140 12.83 -9.13 15.85
N GLY D 141 11.72 -8.47 15.54
CA GLY D 141 11.71 -7.48 14.50
C GLY D 141 12.37 -6.20 14.98
N THR D 142 12.55 -5.28 14.05
CA THR D 142 13.10 -3.99 14.44
C THR D 142 12.09 -3.14 15.19
N ASP D 143 10.84 -3.58 15.29
CA ASP D 143 9.80 -2.91 16.04
C ASP D 143 9.73 -3.37 17.50
N GLY D 144 10.66 -4.20 17.94
CA GLY D 144 10.70 -4.60 19.33
C GLY D 144 9.80 -5.75 19.70
N HIS D 145 9.17 -6.39 18.74
CA HIS D 145 8.31 -7.54 18.97
C HIS D 145 8.93 -8.78 18.36
N PRO D 146 8.59 -9.98 18.85
CA PRO D 146 9.19 -11.20 18.28
C PRO D 146 8.86 -11.34 16.80
N PHE D 147 9.81 -11.88 16.06
CA PHE D 147 9.67 -11.96 14.62
C PHE D 147 8.56 -12.94 14.25
N GLY D 148 7.73 -12.54 13.30
CA GLY D 148 6.61 -13.37 12.86
C GLY D 148 5.39 -13.30 13.74
N TRP D 149 5.48 -12.67 14.92
CA TRP D 149 4.31 -12.48 15.74
C TRP D 149 3.39 -11.45 15.11
N PRO D 150 2.06 -11.57 15.42
CA PRO D 150 1.14 -10.60 14.87
C PRO D 150 1.32 -9.26 15.52
N SER D 151 1.00 -8.22 14.78
CA SER D 151 1.13 -6.90 15.32
C SER D 151 0.14 -6.82 16.45
N ASN D 152 0.57 -6.30 17.60
CA ASN D 152 -0.34 -6.12 18.71
C ASN D 152 -1.05 -7.43 19.01
N GLY D 153 -0.31 -8.52 18.96
CA GLY D 153 -0.96 -9.80 19.13
C GLY D 153 -0.12 -10.96 19.57
N PHE D 154 -0.78 -12.00 20.01
CA PHE D 154 -0.07 -13.18 20.43
C PHE D 154 -0.27 -14.33 19.43
N PRO D 155 0.79 -15.13 19.16
CA PRO D 155 0.63 -16.18 18.13
C PRO D 155 -0.38 -17.25 18.50
N GLY D 156 -0.46 -17.62 19.77
CA GLY D 156 -1.34 -18.67 20.20
C GLY D 156 -0.88 -19.29 21.50
N PRO D 157 -1.62 -20.26 22.01
CA PRO D 157 -1.22 -20.93 23.25
C PRO D 157 0.06 -21.73 23.06
N GLN D 158 0.80 -21.87 24.14
CA GLN D 158 2.05 -22.62 24.11
C GLN D 158 1.77 -24.11 23.91
N GLY D 159 2.72 -24.79 23.29
CA GLY D 159 2.61 -26.23 23.10
C GLY D 159 2.87 -26.78 21.71
N PRO D 160 2.43 -26.09 20.65
CA PRO D 160 2.74 -26.61 19.30
C PRO D 160 4.12 -26.24 18.80
N TYR D 161 4.83 -25.33 19.46
CA TYR D 161 5.98 -24.69 18.86
C TYR D 161 7.32 -25.33 19.24
N TYR D 162 7.40 -25.99 20.38
CA TYR D 162 8.65 -26.61 20.78
C TYR D 162 9.06 -27.68 19.78
N CYS D 163 10.20 -27.46 19.14
CA CYS D 163 10.70 -28.34 18.08
C CYS D 163 9.70 -28.49 16.95
N GLY D 164 8.87 -27.48 16.73
CA GLY D 164 7.84 -27.57 15.73
C GLY D 164 8.35 -27.35 14.33
N VAL D 165 7.63 -27.93 13.37
CA VAL D 165 7.91 -27.76 11.96
C VAL D 165 6.64 -27.31 11.27
N GLY D 166 6.74 -26.27 10.45
CA GLY D 166 5.59 -25.73 9.77
C GLY D 166 5.61 -24.21 9.76
N ALA D 167 4.91 -23.61 8.80
CA ALA D 167 4.91 -22.16 8.71
C ALA D 167 4.27 -21.52 9.94
N ASP D 168 3.35 -22.23 10.58
CA ASP D 168 2.69 -21.74 11.77
C ASP D 168 3.31 -22.27 13.06
N LYS D 169 4.41 -23.02 12.97
CA LYS D 169 5.02 -23.64 14.14
C LYS D 169 6.40 -23.08 14.46
N ALA D 170 7.21 -22.76 13.45
CA ALA D 170 8.56 -22.24 13.68
C ALA D 170 8.75 -21.00 12.84
N TYR D 171 9.25 -19.94 13.47
CA TYR D 171 9.45 -18.65 12.81
C TYR D 171 10.94 -18.39 12.63
N GLY D 172 11.32 -17.98 11.43
CA GLY D 172 12.70 -17.63 11.16
C GLY D 172 13.68 -18.78 11.22
N ARG D 173 13.32 -19.93 10.63
CA ARG D 173 14.25 -21.06 10.62
C ARG D 173 15.40 -20.82 9.66
N ASP D 174 15.24 -19.92 8.68
CA ASP D 174 16.32 -19.62 7.77
C ASP D 174 17.51 -19.01 8.51
N ILE D 175 17.22 -18.14 9.48
CA ILE D 175 18.28 -17.59 10.34
C ILE D 175 19.00 -18.73 11.04
N VAL D 176 18.26 -19.72 11.53
CA VAL D 176 18.86 -20.81 12.30
C VAL D 176 19.75 -21.66 11.41
N GLU D 177 19.26 -22.01 10.22
CA GLU D 177 20.05 -22.81 9.29
C GLU D 177 21.31 -22.06 8.85
N ALA D 178 21.17 -20.77 8.54
CA ALA D 178 22.31 -19.97 8.14
C ALA D 178 23.34 -19.87 9.26
N HIS D 179 22.87 -19.66 10.49
CA HIS D 179 23.77 -19.55 11.63
C HIS D 179 24.49 -20.87 11.89
N TYR D 180 23.76 -21.98 11.80
CA TYR D 180 24.36 -23.30 11.99
C TYR D 180 25.45 -23.55 10.95
N ARG D 181 25.16 -23.30 9.68
CA ARG D 181 26.15 -23.53 8.64
C ARG D 181 27.34 -22.60 8.78
N ALA D 182 27.09 -21.34 9.14
CA ALA D 182 28.18 -20.38 9.33
C ALA D 182 29.08 -20.79 10.48
N CYS D 183 28.49 -21.29 11.58
CA CYS D 183 29.29 -21.75 12.71
C CYS D 183 30.06 -23.01 12.36
N LEU D 184 29.49 -23.89 11.56
CA LEU D 184 30.23 -25.09 11.14
C LEU D 184 31.44 -24.69 10.32
N TYR D 185 31.23 -23.83 9.32
CA TYR D 185 32.32 -23.42 8.45
C TYR D 185 33.41 -22.69 9.23
N ALA D 186 33.02 -21.85 10.17
CA ALA D 186 33.98 -21.06 10.92
C ALA D 186 34.77 -21.87 11.93
N GLY D 187 34.36 -23.09 12.18
CA GLY D 187 35.04 -23.93 13.13
C GLY D 187 34.46 -23.93 14.53
N ILE D 188 33.31 -23.30 14.73
CA ILE D 188 32.65 -23.32 16.03
C ILE D 188 32.16 -24.72 16.32
N LYS D 189 32.30 -25.13 17.59
CA LYS D 189 31.88 -26.46 18.02
C LYS D 189 30.40 -26.42 18.40
N ILE D 190 29.56 -26.27 17.38
CA ILE D 190 28.12 -26.25 17.57
C ILE D 190 27.59 -27.67 17.43
N GLY D 191 26.82 -28.11 18.43
CA GLY D 191 26.38 -29.49 18.50
C GLY D 191 24.95 -29.72 18.10
N GLY D 192 24.17 -28.67 17.95
CA GLY D 192 22.80 -28.82 17.50
C GLY D 192 21.95 -27.63 17.86
N THR D 193 20.74 -27.62 17.30
CA THR D 193 19.76 -26.57 17.54
C THR D 193 18.39 -27.19 17.72
N ASN D 194 17.48 -26.41 18.32
CA ASN D 194 16.08 -26.79 18.37
C ASN D 194 15.24 -25.53 18.55
N ALA D 195 13.96 -25.65 18.21
CA ALA D 195 13.01 -24.56 18.38
C ALA D 195 12.38 -24.64 19.75
N GLU D 196 12.20 -23.48 20.39
CA GLU D 196 11.77 -23.43 21.77
C GLU D 196 10.25 -23.32 21.86
N VAL D 197 9.75 -23.20 23.10
CA VAL D 197 8.31 -23.35 23.36
C VAL D 197 7.51 -22.22 22.75
N MET D 198 8.09 -21.05 22.60
CA MET D 198 7.36 -19.99 21.94
C MET D 198 7.96 -19.71 20.57
N PRO D 199 7.15 -19.37 19.56
CA PRO D 199 7.71 -19.21 18.22
C PRO D 199 8.66 -18.03 18.15
N ALA D 200 9.60 -18.12 17.21
CA ALA D 200 10.73 -17.22 17.00
C ALA D 200 11.77 -17.32 18.11
N GLN D 201 11.61 -18.25 19.05
CA GLN D 201 12.61 -18.51 20.07
C GLN D 201 13.34 -19.80 19.72
N TRP D 202 14.66 -19.74 19.74
CA TRP D 202 15.48 -20.88 19.35
C TRP D 202 16.61 -21.07 20.35
N GLU D 203 17.40 -22.10 20.12
CA GLU D 203 18.51 -22.44 21.00
C GLU D 203 19.56 -23.17 20.19
N PHE D 204 20.82 -22.82 20.41
CA PHE D 204 21.92 -23.60 19.85
C PHE D 204 22.84 -24.03 20.99
N GLN D 205 23.37 -25.25 20.88
CA GLN D 205 24.28 -25.78 21.87
C GLN D 205 25.71 -25.72 21.35
N ILE D 206 26.64 -25.29 22.19
CA ILE D 206 28.05 -25.24 21.86
C ILE D 206 28.77 -26.18 22.81
N GLY D 207 29.52 -27.12 22.26
CA GLY D 207 30.32 -28.00 23.08
C GLY D 207 30.40 -29.42 22.54
N PRO D 208 31.23 -30.26 23.17
CA PRO D 208 32.11 -29.97 24.33
C PRO D 208 33.34 -29.14 23.96
N CYS D 209 33.87 -28.36 24.90
CA CYS D 209 35.06 -27.54 24.67
C CYS D 209 36.05 -27.74 25.81
N GLU D 210 37.33 -27.63 25.47
CA GLU D 210 38.41 -28.04 26.37
C GLU D 210 38.68 -27.05 27.49
N GLY D 211 38.22 -25.82 27.38
CA GLY D 211 38.64 -24.79 28.32
C GLY D 211 38.09 -23.43 27.99
N ILE D 212 38.98 -22.45 27.86
CA ILE D 212 38.62 -21.12 27.37
C ILE D 212 38.06 -21.22 25.95
N ASP D 213 38.26 -22.37 25.32
CA ASP D 213 37.57 -22.66 24.07
C ASP D 213 36.07 -22.50 24.22
N MET D 214 35.52 -22.83 25.38
CA MET D 214 34.08 -22.66 25.58
C MET D 214 33.67 -21.20 25.47
N GLY D 215 34.34 -20.32 26.20
CA GLY D 215 34.01 -18.91 26.12
C GLY D 215 34.24 -18.33 24.74
N ASP D 216 35.36 -18.69 24.12
CA ASP D 216 35.67 -18.20 22.78
C ASP D 216 34.61 -18.64 21.79
N HIS D 217 34.25 -19.92 21.79
CA HIS D 217 33.29 -20.44 20.83
C HIS D 217 31.91 -19.87 21.07
N LEU D 218 31.50 -19.72 22.33
CA LEU D 218 30.17 -19.17 22.56
C LEU D 218 30.09 -17.70 22.16
N TRP D 219 31.13 -16.93 22.46
CA TRP D 219 31.12 -15.52 22.05
C TRP D 219 31.14 -15.38 20.53
N VAL D 220 31.96 -16.18 19.84
CA VAL D 220 31.98 -16.08 18.39
C VAL D 220 30.69 -16.59 17.78
N ALA D 221 30.05 -17.59 18.41
CA ALA D 221 28.74 -18.03 17.94
C ALA D 221 27.69 -16.94 18.11
N ARG D 222 27.76 -16.19 19.22
CA ARG D 222 26.87 -15.05 19.39
C ARG D 222 27.12 -14.00 18.32
N PHE D 223 28.39 -13.73 18.01
CA PHE D 223 28.70 -12.75 16.96
C PHE D 223 28.16 -13.21 15.61
N ILE D 224 28.33 -14.49 15.29
CA ILE D 224 27.85 -15.02 14.02
C ILE D 224 26.32 -14.93 13.96
N LEU D 225 25.65 -15.19 15.09
CA LEU D 225 24.21 -15.03 15.13
C LEU D 225 23.82 -13.59 14.85
N HIS D 226 24.53 -12.64 15.45
CA HIS D 226 24.21 -11.23 15.22
C HIS D 226 24.44 -10.84 13.76
N ARG D 227 25.54 -11.30 13.16
CA ARG D 227 25.82 -10.96 11.76
C ARG D 227 24.79 -11.58 10.82
N VAL D 228 24.45 -12.85 11.03
CA VAL D 228 23.45 -13.51 10.20
C VAL D 228 22.11 -12.82 10.33
N CYS D 229 21.70 -12.49 11.56
CA CYS D 229 20.43 -11.81 11.76
C CYS D 229 20.43 -10.43 11.13
N GLU D 230 21.57 -9.74 11.17
CA GLU D 230 21.70 -8.46 10.49
C GLU D 230 21.55 -8.62 8.99
N ASP D 231 22.10 -9.69 8.43
CA ASP D 231 21.88 -9.98 7.01
C ASP D 231 20.40 -10.21 6.72
N PHE D 232 19.70 -10.91 7.61
CA PHE D 232 18.27 -11.12 7.42
C PHE D 232 17.42 -9.95 7.88
N GLY D 233 17.99 -8.99 8.59
CA GLY D 233 17.25 -7.83 9.04
C GLY D 233 16.48 -8.01 10.33
N VAL D 234 16.75 -9.08 11.08
CA VAL D 234 16.11 -9.30 12.36
C VAL D 234 17.15 -9.15 13.46
N ILE D 235 16.69 -9.20 14.71
CA ILE D 235 17.53 -8.98 15.87
C ILE D 235 17.54 -10.26 16.69
N ALA D 236 18.71 -10.67 17.13
CA ALA D 236 18.84 -11.79 18.06
C ALA D 236 18.96 -11.23 19.46
N THR D 237 18.01 -11.58 20.32
CA THR D 237 17.98 -11.09 21.68
C THR D 237 18.28 -12.23 22.65
N PHE D 238 19.28 -12.02 23.50
CA PHE D 238 19.61 -12.94 24.57
C PHE D 238 19.08 -12.45 25.92
N ASP D 239 18.10 -11.56 25.90
CA ASP D 239 17.52 -11.09 27.15
C ASP D 239 16.74 -12.22 27.80
N PRO D 240 16.91 -12.46 29.10
CA PRO D 240 16.23 -13.60 29.73
C PRO D 240 14.73 -13.50 29.71
N LYS D 241 14.18 -12.28 29.59
CA LYS D 241 12.74 -12.05 29.59
C LYS D 241 12.39 -11.18 28.39
N PRO D 242 12.38 -11.76 27.18
CA PRO D 242 12.12 -10.95 25.98
C PRO D 242 10.69 -10.44 25.93
N ILE D 243 9.72 -11.34 26.08
CA ILE D 243 8.31 -11.02 25.98
C ILE D 243 7.69 -11.22 27.37
N PRO D 244 7.01 -10.22 27.93
CA PRO D 244 6.35 -10.42 29.23
C PRO D 244 5.29 -11.51 29.15
N GLY D 245 5.15 -12.26 30.24
CA GLY D 245 4.17 -13.32 30.29
C GLY D 245 4.56 -14.35 31.34
N ASN D 246 3.96 -15.54 31.21
CA ASN D 246 4.19 -16.63 32.14
C ASN D 246 5.60 -17.21 32.05
N TRP D 247 6.17 -17.27 30.85
CA TRP D 247 7.52 -17.79 30.66
C TRP D 247 8.53 -16.96 31.43
N ASN D 248 9.44 -17.62 32.14
CA ASN D 248 10.34 -16.94 33.06
C ASN D 248 11.80 -17.02 32.66
N GLY D 249 12.38 -18.22 32.59
CA GLY D 249 13.82 -18.32 32.51
C GLY D 249 14.45 -17.94 31.18
N ALA D 250 14.27 -18.82 30.18
CA ALA D 250 14.79 -18.62 28.82
C ALA D 250 16.28 -18.35 28.87
N GLY D 251 17.00 -19.10 29.70
CA GLY D 251 18.42 -18.87 29.88
C GLY D 251 19.38 -20.01 29.60
N CYS D 252 20.67 -19.71 29.48
CA CYS D 252 21.68 -20.72 29.16
C CYS D 252 21.88 -21.84 30.17
N HIS D 253 22.15 -23.05 29.68
CA HIS D 253 22.41 -24.18 30.57
C HIS D 253 23.83 -24.66 30.38
N THR D 254 24.60 -24.75 31.46
CA THR D 254 26.00 -25.14 31.33
C THR D 254 26.24 -26.55 31.80
N ASN D 255 26.88 -27.37 30.97
CA ASN D 255 27.12 -28.76 31.33
C ASN D 255 28.58 -28.93 31.67
N PHE D 256 28.88 -29.34 32.89
CA PHE D 256 30.28 -29.43 33.30
C PHE D 256 30.80 -30.83 33.63
N SER D 257 31.91 -31.22 33.02
CA SER D 257 32.53 -32.50 33.30
C SER D 257 34.03 -32.31 33.44
N THR D 258 34.68 -33.29 34.06
CA THR D 258 36.14 -33.32 34.20
C THR D 258 36.62 -34.69 33.72
N LYS D 259 37.95 -34.87 33.75
CA LYS D 259 38.52 -36.16 33.34
C LYS D 259 38.06 -37.27 34.26
N ALA D 260 38.02 -37.02 35.57
CA ALA D 260 37.58 -38.04 36.51
C ALA D 260 36.12 -38.40 36.31
N MET D 261 35.27 -37.38 36.08
CA MET D 261 33.84 -37.63 35.93
C MET D 261 33.52 -38.38 34.66
N ARG D 262 34.37 -38.23 33.63
CA ARG D 262 34.16 -38.98 32.40
C ARG D 262 34.57 -40.44 32.53
N GLU D 263 35.49 -40.74 33.43
CA GLU D 263 35.93 -42.12 33.62
C GLU D 263 34.97 -42.84 34.56
N GLU D 264 35.27 -44.13 34.80
CA GLU D 264 34.41 -44.94 35.66
C GLU D 264 34.42 -44.43 37.09
N ASN D 265 33.30 -44.65 37.78
CA ASN D 265 33.07 -44.17 39.14
C ASN D 265 33.17 -42.65 39.24
N GLY D 266 32.84 -41.95 38.14
CA GLY D 266 32.83 -40.50 38.16
C GLY D 266 31.58 -39.89 38.75
N LEU D 267 30.55 -40.72 38.99
CA LEU D 267 29.30 -40.20 39.54
C LEU D 267 29.52 -39.62 40.94
N LYS D 268 30.42 -40.23 41.72
CA LYS D 268 30.72 -39.68 43.03
C LYS D 268 31.43 -38.33 42.92
N TYR D 269 32.28 -38.17 41.91
CA TYR D 269 32.90 -36.86 41.68
C TYR D 269 31.85 -35.83 41.29
N ILE D 270 30.87 -36.24 40.48
CA ILE D 270 29.78 -35.34 40.11
C ILE D 270 28.98 -34.94 41.35
N GLU D 271 28.71 -35.91 42.23
CA GLU D 271 27.99 -35.61 43.47
C GLU D 271 28.78 -34.65 44.35
N GLU D 272 30.10 -34.85 44.44
CA GLU D 272 30.93 -33.93 45.21
C GLU D 272 30.89 -32.52 44.63
N ALA D 273 30.95 -32.41 43.30
CA ALA D 273 30.87 -31.11 42.66
C ALA D 273 29.53 -30.43 42.92
N ILE D 274 28.44 -31.20 42.87
CA ILE D 274 27.11 -30.65 43.14
C ILE D 274 27.02 -30.18 44.59
N GLU D 275 27.56 -30.96 45.52
CA GLU D 275 27.53 -30.56 46.92
C GLU D 275 28.35 -29.30 47.16
N LYS D 276 29.49 -29.18 46.48
CA LYS D 276 30.29 -27.95 46.58
C LYS D 276 29.53 -26.76 46.00
N LEU D 277 28.83 -26.97 44.89
CA LEU D 277 28.08 -25.88 44.26
C LEU D 277 26.89 -25.46 45.13
N SER D 278 26.31 -26.40 45.88
CA SER D 278 25.13 -26.08 46.69
C SER D 278 25.43 -25.01 47.72
N LYS D 279 26.67 -24.92 48.19
CA LYS D 279 27.04 -23.91 49.17
C LYS D 279 27.20 -22.54 48.53
N ARG D 280 27.69 -22.47 47.29
CA ARG D 280 28.02 -21.21 46.63
C ARG D 280 26.93 -20.76 45.67
N HIS D 281 25.66 -20.97 46.02
CA HIS D 281 24.57 -20.59 45.12
C HIS D 281 24.54 -19.08 44.90
N GLN D 282 24.69 -18.29 45.97
CA GLN D 282 24.60 -16.84 45.83
C GLN D 282 25.75 -16.29 45.01
N TYR D 283 26.96 -16.84 45.20
CA TYR D 283 28.11 -16.39 44.44
C TYR D 283 27.92 -16.66 42.95
N HIS D 284 27.40 -17.83 42.60
CA HIS D 284 27.18 -18.15 41.19
C HIS D 284 26.05 -17.31 40.60
N ILE D 285 25.00 -17.04 41.39
CA ILE D 285 23.94 -16.16 40.92
C ILE D 285 24.50 -14.77 40.63
N ARG D 286 25.37 -14.27 41.51
CA ARG D 286 26.00 -12.98 41.27
C ARG D 286 26.90 -13.01 40.03
N ALA D 287 27.66 -14.09 39.87
CA ALA D 287 28.65 -14.15 38.79
C ALA D 287 28.01 -14.34 37.42
N TYR D 288 26.86 -15.02 37.37
CA TYR D 288 26.27 -15.34 36.06
C TYR D 288 25.68 -14.10 35.41
N ASP D 289 25.14 -13.18 36.20
CA ASP D 289 24.58 -11.95 35.65
C ASP D 289 25.69 -10.96 35.34
N PRO D 290 25.77 -10.44 34.11
CA PRO D 290 26.81 -9.45 33.79
C PRO D 290 26.70 -8.18 34.60
N LYS D 291 25.49 -7.76 34.97
CA LYS D 291 25.29 -6.55 35.75
C LYS D 291 25.69 -6.78 37.21
N GLY D 320 12.73 -27.12 37.50
CA GLY D 320 12.71 -28.00 38.66
C GLY D 320 13.89 -27.79 39.58
N ALA D 321 15.07 -28.23 39.13
CA ALA D 321 16.29 -28.11 39.93
C ALA D 321 17.23 -27.05 39.35
N SER D 322 17.72 -26.14 40.19
CA SER D 322 18.68 -25.15 39.72
C SER D 322 19.90 -25.86 39.18
N ILE D 323 20.37 -26.90 39.87
CA ILE D 323 21.49 -27.69 39.36
C ILE D 323 20.92 -29.07 39.14
N ARG D 324 21.12 -29.64 37.95
CA ARG D 324 20.50 -30.93 37.64
C ARG D 324 21.49 -31.96 37.15
N ILE D 325 21.18 -33.23 37.33
CA ILE D 325 22.05 -34.30 36.85
C ILE D 325 21.31 -35.10 35.79
N PRO D 326 21.99 -35.38 34.66
CA PRO D 326 21.38 -36.21 33.63
C PRO D 326 21.13 -37.60 34.17
N ARG D 327 20.05 -38.24 33.74
CA ARG D 327 19.70 -39.54 34.31
C ARG D 327 20.45 -40.62 33.57
N THR D 328 20.75 -40.39 32.30
CA THR D 328 21.56 -41.33 31.53
C THR D 328 22.97 -41.42 32.12
N VAL D 329 23.51 -40.28 32.55
CA VAL D 329 24.81 -40.28 33.23
C VAL D 329 24.74 -41.07 34.52
N GLY D 330 23.67 -40.88 35.29
CA GLY D 330 23.50 -41.62 36.52
C GLY D 330 23.38 -43.12 36.28
N GLN D 331 22.68 -43.52 35.22
CA GLN D 331 22.59 -44.93 34.87
C GLN D 331 23.96 -45.47 34.45
N GLU D 332 24.73 -44.69 33.70
CA GLU D 332 26.07 -45.10 33.31
C GLU D 332 27.12 -44.79 34.38
N LYS D 333 26.73 -44.08 35.45
CA LYS D 333 27.58 -43.74 36.59
C LYS D 333 28.76 -42.85 36.21
N LYS D 334 28.74 -42.24 35.03
CA LYS D 334 29.82 -41.35 34.61
C LYS D 334 29.28 -40.37 33.58
N GLY D 335 29.85 -39.16 33.56
CA GLY D 335 29.45 -38.18 32.58
C GLY D 335 29.59 -36.73 33.01
N TYR D 336 28.48 -36.00 32.98
CA TYR D 336 28.52 -34.58 33.31
C TYR D 336 27.33 -34.18 34.17
N PHE D 337 27.19 -32.89 34.47
CA PHE D 337 26.00 -32.45 35.20
C PHE D 337 25.42 -31.29 34.41
N GLU D 338 24.31 -30.70 34.88
CA GLU D 338 23.75 -29.54 34.20
C GLU D 338 23.48 -28.41 35.16
N ASP D 339 23.87 -27.19 34.81
CA ASP D 339 23.52 -26.07 35.66
C ASP D 339 22.51 -25.23 34.89
N ARG D 340 21.31 -25.08 35.45
CA ARG D 340 20.24 -24.35 34.78
C ARG D 340 20.20 -22.89 35.20
N ARG D 341 21.04 -22.52 36.17
CA ARG D 341 21.02 -21.17 36.71
C ARG D 341 21.45 -20.02 35.77
N PRO D 342 22.45 -20.23 34.87
CA PRO D 342 22.85 -19.05 34.08
C PRO D 342 21.74 -18.57 33.16
N SER D 343 21.67 -17.25 32.98
CA SER D 343 20.70 -16.65 32.09
C SER D 343 21.21 -16.69 30.65
N ALA D 344 20.42 -16.15 29.72
CA ALA D 344 20.78 -16.20 28.31
C ALA D 344 21.87 -15.20 27.96
N ASN D 345 21.90 -14.06 28.64
CA ASN D 345 22.91 -13.04 28.39
C ASN D 345 24.16 -13.23 29.24
N CYS D 346 24.39 -14.43 29.77
CA CYS D 346 25.50 -14.65 30.69
C CYS D 346 26.83 -14.56 29.97
N ASP D 347 27.88 -14.26 30.73
CA ASP D 347 29.22 -14.24 30.20
C ASP D 347 29.87 -15.62 30.38
N PRO D 348 30.19 -16.33 29.30
CA PRO D 348 30.72 -17.70 29.46
C PRO D 348 32.04 -17.76 30.23
N PHE D 349 32.88 -16.74 30.10
CA PHE D 349 34.13 -16.73 30.84
C PHE D 349 33.88 -16.74 32.34
N ALA D 350 33.00 -15.87 32.81
CA ALA D 350 32.66 -15.81 34.23
C ALA D 350 32.01 -17.11 34.69
N VAL D 351 31.09 -17.66 33.89
CA VAL D 351 30.39 -18.88 34.27
C VAL D 351 31.37 -20.03 34.42
N THR D 352 32.22 -20.24 33.42
CA THR D 352 33.16 -21.34 33.47
C THR D 352 34.20 -21.15 34.57
N GLU D 353 34.67 -19.91 34.76
CA GLU D 353 35.63 -19.65 35.83
C GLU D 353 35.02 -19.93 37.21
N ALA D 354 33.76 -19.52 37.41
CA ALA D 354 33.10 -19.79 38.69
C ALA D 354 32.90 -21.29 38.88
N LEU D 355 32.51 -22.01 37.83
CA LEU D 355 32.32 -23.45 37.95
C LEU D 355 33.63 -24.15 38.30
N ILE D 356 34.73 -23.71 37.70
CA ILE D 356 36.03 -24.31 38.03
C ILE D 356 36.43 -23.98 39.45
N ARG D 357 36.28 -22.71 39.85
CA ARG D 357 36.74 -22.28 41.16
C ARG D 357 35.96 -22.95 42.29
N THR D 358 34.64 -23.06 42.14
CA THR D 358 33.84 -23.67 43.21
C THR D 358 34.09 -25.16 43.32
N CYS D 359 34.22 -25.85 42.17
CA CYS D 359 34.34 -27.30 42.19
C CYS D 359 35.81 -27.75 42.29
N LEU D 360 36.63 -27.36 41.32
CA LEU D 360 38.00 -27.87 41.27
C LEU D 360 38.88 -27.20 42.31
N LEU D 361 38.74 -25.89 42.49
CA LEU D 361 39.63 -25.15 43.38
C LEU D 361 39.15 -25.12 44.83
N ASN D 362 37.94 -25.62 45.10
CA ASN D 362 37.40 -25.74 46.46
C ASN D 362 37.30 -24.38 47.17
N GLU D 363 37.22 -23.30 46.39
CA GLU D 363 37.15 -21.96 46.97
C GLU D 363 35.82 -21.73 47.68
N THR D 364 35.87 -20.95 48.76
CA THR D 364 34.69 -20.50 49.46
C THR D 364 34.85 -19.02 49.79
N GLY D 365 33.73 -18.32 49.91
CA GLY D 365 33.75 -16.92 50.28
C GLY D 365 33.01 -16.01 49.33
N ASP D 366 32.79 -14.76 49.75
CA ASP D 366 32.08 -13.80 48.92
C ASP D 366 32.89 -13.39 47.71
N GLU D 367 34.20 -13.19 47.88
CA GLU D 367 35.06 -12.76 46.78
C GLU D 367 36.10 -13.83 46.46
N PRO D 368 36.42 -14.04 45.19
CA PRO D 368 37.39 -15.08 44.83
C PRO D 368 38.80 -14.73 45.30
N PHE D 369 39.59 -15.78 45.56
CA PHE D 369 40.97 -15.61 45.91
C PHE D 369 41.81 -15.25 44.69
N GLN D 370 42.95 -14.61 44.94
CA GLN D 370 43.85 -14.16 43.88
C GLN D 370 45.06 -15.09 43.85
N TYR D 371 45.18 -15.87 42.78
CA TYR D 371 46.31 -16.80 42.62
C TYR D 371 47.48 -16.08 41.97
N LYS D 372 47.95 -15.04 42.66
CA LYS D 372 49.05 -14.22 42.17
C LYS D 372 50.37 -14.97 42.23
N ALA E 2 14.25 5.96 1.99
CA ALA E 2 13.91 5.78 0.58
C ALA E 2 15.14 5.41 -0.22
N THR E 3 14.92 4.70 -1.33
CA THR E 3 15.98 4.33 -2.24
C THR E 3 15.59 4.77 -3.64
N SER E 4 16.59 4.89 -4.51
CA SER E 4 16.36 5.39 -5.86
C SER E 4 15.52 4.42 -6.67
N ALA E 5 14.84 4.95 -7.68
CA ALA E 5 13.99 4.12 -8.54
C ALA E 5 14.80 3.13 -9.35
N SER E 6 16.04 3.47 -9.70
CA SER E 6 16.87 2.56 -10.47
C SER E 6 17.24 1.33 -9.67
N SER E 7 17.31 1.46 -8.34
CA SER E 7 17.62 0.31 -7.51
C SER E 7 16.50 -0.72 -7.48
N HIS E 8 15.29 -0.32 -7.84
CA HIS E 8 14.16 -1.25 -7.88
C HIS E 8 14.00 -1.93 -9.22
N LEU E 9 14.90 -1.69 -10.18
CA LEU E 9 14.92 -2.48 -11.39
C LEU E 9 15.40 -3.88 -11.09
N ASN E 10 14.95 -4.83 -11.89
CA ASN E 10 15.34 -6.23 -11.70
C ASN E 10 16.82 -6.37 -12.03
N LYS E 11 17.64 -6.57 -11.00
CA LYS E 11 19.08 -6.68 -11.19
C LYS E 11 19.49 -8.04 -11.74
N GLY E 12 18.64 -9.06 -11.63
CA GLY E 12 18.93 -10.33 -12.27
C GLY E 12 19.02 -10.20 -13.78
N ILE E 13 18.18 -9.35 -14.37
CA ILE E 13 18.26 -9.06 -15.79
C ILE E 13 19.62 -8.46 -16.13
N LYS E 14 20.07 -7.51 -15.32
CA LYS E 14 21.37 -6.90 -15.51
C LYS E 14 22.47 -7.93 -15.43
N GLN E 15 22.38 -8.88 -14.49
CA GLN E 15 23.43 -9.87 -14.35
C GLN E 15 23.39 -10.90 -15.47
N VAL E 16 22.21 -11.15 -16.04
CA VAL E 16 22.12 -12.00 -17.23
C VAL E 16 22.86 -11.33 -18.39
N TYR E 17 22.70 -10.02 -18.55
CA TYR E 17 23.37 -9.32 -19.64
C TYR E 17 24.87 -9.20 -19.39
N MET E 18 25.26 -9.00 -18.15
CA MET E 18 26.68 -8.90 -17.80
C MET E 18 27.43 -10.20 -18.03
N ALA E 19 26.74 -11.33 -17.94
CA ALA E 19 27.44 -12.60 -18.04
C ALA E 19 27.70 -13.00 -19.48
N LEU E 20 27.26 -12.20 -20.44
CA LEU E 20 27.59 -12.47 -21.82
C LEU E 20 29.11 -12.38 -22.01
N PRO E 21 29.69 -13.31 -22.78
CA PRO E 21 31.13 -13.19 -23.11
C PRO E 21 31.39 -11.88 -23.83
N GLN E 22 32.32 -11.11 -23.27
CA GLN E 22 32.51 -9.73 -23.72
C GLN E 22 33.10 -9.69 -25.12
N GLY E 23 34.16 -10.44 -25.37
CA GLY E 23 34.83 -10.44 -26.64
C GLY E 23 36.19 -9.79 -26.57
N ASP E 24 36.68 -9.40 -27.75
CA ASP E 24 38.02 -8.83 -27.84
C ASP E 24 38.06 -7.38 -27.37
N LYS E 25 36.94 -6.66 -27.49
CA LYS E 25 36.92 -5.26 -27.10
C LYS E 25 36.95 -5.11 -25.58
N VAL E 26 37.45 -3.96 -25.12
CA VAL E 26 37.59 -3.72 -23.68
C VAL E 26 37.06 -2.32 -23.37
N GLN E 27 36.26 -2.19 -22.31
CA GLN E 27 35.67 -0.91 -21.99
C GLN E 27 36.45 -0.17 -20.91
N ALA E 28 36.83 1.08 -21.17
CA ALA E 28 37.54 1.85 -20.16
C ALA E 28 36.71 3.04 -19.68
N MET E 29 36.50 3.13 -18.37
CA MET E 29 35.69 4.22 -17.84
C MET E 29 36.55 5.35 -17.33
N TYR E 30 36.65 6.42 -18.13
CA TYR E 30 37.42 7.57 -17.71
C TYR E 30 36.76 8.31 -16.56
N ILE E 31 37.50 8.62 -15.50
CA ILE E 31 36.99 9.30 -14.32
C ILE E 31 37.81 10.56 -14.10
N TRP E 32 37.14 11.67 -13.80
CA TRP E 32 37.82 12.92 -13.52
C TRP E 32 37.06 13.68 -12.46
N ILE E 33 37.74 14.66 -11.86
CA ILE E 33 37.16 15.46 -10.80
C ILE E 33 36.35 16.60 -11.40
N ASP E 34 35.15 16.79 -10.86
CA ASP E 34 34.24 17.84 -11.30
C ASP E 34 34.87 19.22 -11.07
N GLY E 35 34.27 20.23 -11.70
CA GLY E 35 34.71 21.59 -11.48
C GLY E 35 34.47 22.09 -10.07
N THR E 36 33.54 21.47 -9.34
CA THR E 36 33.26 21.88 -7.97
C THR E 36 34.38 21.51 -7.01
N GLY E 37 35.29 20.64 -7.42
CA GLY E 37 36.39 20.24 -6.58
C GLY E 37 36.16 19.02 -5.73
N GLU E 38 34.91 18.55 -5.63
CA GLU E 38 34.59 17.40 -4.81
C GLU E 38 33.70 16.38 -5.50
N GLY E 39 33.17 16.69 -6.67
CA GLY E 39 32.37 15.74 -7.42
C GLY E 39 33.21 14.96 -8.41
N LEU E 40 32.65 13.83 -8.86
CA LEU E 40 33.33 12.96 -9.80
C LEU E 40 32.46 12.73 -11.01
N ARG E 41 33.08 12.77 -12.19
CA ARG E 41 32.39 12.52 -13.45
C ARG E 41 33.08 11.37 -14.16
N CYS E 42 32.31 10.60 -14.91
CA CYS E 42 32.84 9.42 -15.57
C CYS E 42 32.14 9.21 -16.90
N LYS E 43 32.83 8.57 -17.84
CA LYS E 43 32.20 8.17 -19.10
C LYS E 43 33.05 7.09 -19.74
N THR E 44 32.42 6.04 -20.26
CA THR E 44 33.17 4.89 -20.78
C THR E 44 33.40 4.81 -22.26
N ARG E 45 34.64 4.53 -22.69
CA ARG E 45 34.90 4.31 -24.11
C ARG E 45 35.25 2.87 -24.42
N THR E 46 35.50 2.54 -25.68
CA THR E 46 35.86 1.19 -26.08
C THR E 46 37.28 1.18 -26.64
N LEU E 47 38.08 0.22 -26.18
CA LEU E 47 39.42 -0.01 -26.65
C LEU E 47 39.48 -1.31 -27.44
N ASP E 48 40.31 -1.33 -28.48
CA ASP E 48 40.42 -2.51 -29.32
C ASP E 48 41.11 -3.65 -28.58
N SER E 49 41.97 -3.33 -27.62
CA SER E 49 42.70 -4.33 -26.86
C SER E 49 42.85 -3.86 -25.43
N GLU E 50 43.18 -4.80 -24.55
CA GLU E 50 43.41 -4.46 -23.16
C GLU E 50 44.74 -3.74 -23.01
N PRO E 51 44.75 -2.54 -22.43
CA PRO E 51 46.02 -1.81 -22.25
C PRO E 51 46.84 -2.41 -21.12
N LYS E 52 48.11 -2.69 -21.40
CA LYS E 52 48.98 -3.25 -20.36
C LYS E 52 49.42 -2.18 -19.37
N CYS E 53 49.61 -0.94 -19.84
CA CYS E 53 50.07 0.14 -18.99
C CYS E 53 49.18 1.36 -19.22
N ILE E 54 49.37 2.37 -18.37
CA ILE E 54 48.55 3.58 -18.45
C ILE E 54 48.87 4.36 -19.72
N GLU E 55 50.09 4.22 -20.25
CA GLU E 55 50.50 5.00 -21.41
C GLU E 55 49.76 4.60 -22.67
N GLU E 56 49.22 3.38 -22.73
CA GLU E 56 48.45 2.98 -23.91
C GLU E 56 47.07 3.62 -23.94
N LEU E 57 46.61 4.17 -22.83
CA LEU E 57 45.32 4.84 -22.82
C LEU E 57 45.40 6.15 -23.59
N PRO E 58 44.56 6.36 -24.59
CA PRO E 58 44.57 7.64 -25.30
C PRO E 58 43.94 8.74 -24.48
N GLU E 59 44.25 9.97 -24.85
CA GLU E 59 43.60 11.12 -24.24
C GLU E 59 42.18 11.26 -24.78
N TRP E 60 41.34 11.93 -24.00
CA TRP E 60 39.94 12.10 -24.37
C TRP E 60 39.56 13.55 -24.13
N ASN E 61 38.27 13.85 -24.30
CA ASN E 61 37.78 15.21 -24.08
C ASN E 61 36.33 15.14 -23.64
N PHE E 62 35.88 16.22 -23.02
CA PHE E 62 34.50 16.31 -22.56
C PHE E 62 34.04 17.77 -22.61
N ASP E 63 32.74 17.96 -22.45
CA ASP E 63 32.13 19.29 -22.48
C ASP E 63 32.25 19.90 -21.09
N GLY E 64 33.15 20.88 -20.95
CA GLY E 64 33.37 21.49 -19.65
C GLY E 64 32.28 22.46 -19.22
N SER E 65 31.43 22.89 -20.15
CA SER E 65 30.32 23.76 -19.78
C SER E 65 29.30 23.01 -18.94
N SER E 66 29.20 21.69 -19.16
CA SER E 66 28.29 20.87 -18.37
C SER E 66 28.90 20.44 -17.05
N THR E 67 30.19 20.71 -16.84
CA THR E 67 30.91 20.27 -15.65
C THR E 67 31.38 21.43 -14.79
N PHE E 68 30.80 22.62 -14.94
CA PHE E 68 31.08 23.78 -14.09
C PHE E 68 32.53 24.23 -14.16
N GLN E 69 33.24 23.93 -15.25
CA GLN E 69 34.66 24.27 -15.26
C GLN E 69 35.14 24.76 -16.62
N SER E 70 34.25 25.38 -17.42
CA SER E 70 34.69 25.99 -18.66
C SER E 70 33.68 27.05 -19.08
N GLU E 71 34.14 27.97 -19.91
CA GLU E 71 33.31 29.04 -20.46
C GLU E 71 32.68 28.61 -21.78
N GLY E 72 31.74 29.43 -22.25
CA GLY E 72 30.93 29.04 -23.40
C GLY E 72 31.71 28.95 -24.70
N SER E 73 32.65 29.87 -24.91
CA SER E 73 33.33 29.95 -26.21
C SER E 73 34.15 28.70 -26.49
N ASN E 74 34.96 28.26 -25.53
CA ASN E 74 35.78 27.07 -25.67
C ASN E 74 35.45 26.16 -24.48
N SER E 75 34.40 25.35 -24.64
CA SER E 75 33.92 24.53 -23.55
C SER E 75 34.73 23.25 -23.39
N ASP E 76 35.29 22.75 -24.47
CA ASP E 76 35.98 21.47 -24.44
C ASP E 76 37.16 21.42 -23.49
N MET E 77 37.25 20.36 -22.71
CA MET E 77 38.39 20.19 -21.84
C MET E 77 39.01 18.90 -22.27
N TYR E 78 40.19 18.63 -21.73
CA TYR E 78 40.86 17.37 -22.02
C TYR E 78 41.00 16.43 -20.86
N LEU E 79 41.05 15.15 -21.13
CA LEU E 79 41.30 14.12 -20.13
C LEU E 79 42.60 13.41 -20.47
N VAL E 80 43.60 13.58 -19.62
CA VAL E 80 44.88 12.89 -19.75
C VAL E 80 44.91 11.79 -18.69
N PRO E 81 44.99 10.52 -19.08
CA PRO E 81 44.99 9.43 -18.11
C PRO E 81 46.14 9.56 -17.12
N ALA E 82 45.84 9.31 -15.85
CA ALA E 82 46.82 9.40 -14.78
C ALA E 82 47.04 8.07 -14.08
N ALA E 83 45.97 7.38 -13.71
CA ALA E 83 46.08 6.10 -13.01
C ALA E 83 45.10 5.10 -13.61
N MET E 84 45.49 3.83 -13.61
CA MET E 84 44.68 2.76 -14.15
C MET E 84 44.42 1.71 -13.09
N PHE E 85 43.18 1.24 -13.02
CA PHE E 85 42.78 0.22 -12.06
C PHE E 85 41.87 -0.76 -12.76
N ARG E 86 41.69 -1.94 -12.16
CA ARG E 86 40.80 -2.93 -12.74
C ARG E 86 39.37 -2.45 -12.48
N ASP E 87 38.44 -2.84 -13.34
CA ASP E 87 37.07 -2.39 -13.17
C ASP E 87 36.34 -3.45 -12.38
N PRO E 88 35.99 -3.13 -11.13
CA PRO E 88 35.24 -4.08 -10.31
C PRO E 88 33.87 -4.33 -10.87
N PHE E 89 33.22 -3.27 -11.32
CA PHE E 89 31.86 -3.38 -11.84
C PHE E 89 31.78 -4.23 -13.10
N ARG E 90 32.75 -4.09 -14.00
CA ARG E 90 32.76 -4.90 -15.21
C ARG E 90 33.60 -6.18 -15.12
N LYS E 91 34.30 -6.39 -14.01
CA LYS E 91 35.03 -7.65 -13.77
C LYS E 91 36.13 -8.05 -14.76
N ASP E 92 36.81 -7.08 -15.38
CA ASP E 92 37.97 -7.37 -16.26
C ASP E 92 37.53 -7.81 -17.66
N PRO E 93 38.34 -7.50 -18.69
CA PRO E 93 39.64 -6.83 -18.79
C PRO E 93 39.41 -5.35 -18.75
N ASN E 94 38.18 -4.94 -18.55
CA ASN E 94 37.81 -3.53 -18.52
C ASN E 94 38.52 -2.74 -17.45
N LYS E 95 38.89 -1.51 -17.79
CA LYS E 95 39.68 -0.70 -16.86
C LYS E 95 39.13 0.64 -16.39
N LEU E 96 39.26 0.98 -15.11
CA LEU E 96 38.92 2.30 -14.63
C LEU E 96 40.13 3.20 -14.84
N VAL E 97 39.93 4.35 -15.47
CA VAL E 97 41.01 5.26 -15.81
C VAL E 97 40.75 6.60 -15.13
N PHE E 98 41.50 6.89 -14.08
CA PHE E 98 41.42 8.19 -13.42
C PHE E 98 42.34 9.16 -14.15
N CYS E 99 41.77 10.29 -14.58
CA CYS E 99 42.51 11.24 -15.38
C CYS E 99 42.53 12.67 -14.92
N GLU E 100 43.57 13.42 -15.29
CA GLU E 100 43.63 14.84 -15.00
C GLU E 100 42.87 15.65 -16.03
N VAL E 101 42.50 16.87 -15.67
CA VAL E 101 41.76 17.73 -16.58
C VAL E 101 42.58 18.92 -17.03
N PHE E 102 42.49 19.27 -18.30
CA PHE E 102 43.26 20.39 -18.83
C PHE E 102 42.30 21.41 -19.43
N LYS E 103 42.77 22.60 -19.71
CA LYS E 103 41.90 23.55 -20.37
C LYS E 103 42.25 23.47 -21.84
N TYR E 104 41.67 24.35 -22.64
CA TYR E 104 41.92 24.36 -24.08
C TYR E 104 43.35 24.81 -24.31
N ASN E 105 43.96 25.37 -23.28
CA ASN E 105 45.31 25.85 -23.40
C ASN E 105 46.27 24.77 -22.99
N ARG E 106 45.77 23.58 -22.69
CA ARG E 106 46.61 22.48 -22.19
C ARG E 106 47.30 22.87 -20.90
N LYS E 107 46.60 23.61 -20.06
CA LYS E 107 47.14 24.04 -18.78
C LYS E 107 46.21 23.52 -17.70
N PRO E 108 46.76 23.08 -16.56
CA PRO E 108 45.94 22.49 -15.50
C PRO E 108 44.68 23.27 -15.16
N ALA E 109 43.58 22.56 -14.95
CA ALA E 109 42.32 23.20 -14.64
C ALA E 109 42.30 23.67 -13.20
N GLU E 110 41.41 24.60 -12.90
CA GLU E 110 41.31 25.11 -11.56
C GLU E 110 41.20 24.00 -10.54
N THR E 111 40.57 22.90 -10.92
CA THR E 111 40.37 21.80 -9.99
C THR E 111 41.41 20.69 -10.14
N ASN E 112 42.29 20.79 -11.12
CA ASN E 112 43.33 19.79 -11.27
C ASN E 112 44.46 20.15 -10.35
N LEU E 113 44.38 19.67 -9.11
CA LEU E 113 45.43 19.94 -8.14
C LEU E 113 46.46 18.84 -8.20
N ARG E 114 46.18 17.79 -8.95
CA ARG E 114 47.12 16.68 -9.10
C ARG E 114 48.39 17.09 -9.79
N HIS E 115 48.30 17.97 -10.79
CA HIS E 115 49.48 18.30 -11.57
C HIS E 115 50.60 18.90 -10.74
N THR E 116 50.27 19.80 -9.83
CA THR E 116 51.28 20.39 -8.96
C THR E 116 51.69 19.42 -7.90
N CYS E 117 50.73 18.76 -7.27
CA CYS E 117 51.00 17.77 -6.24
C CYS E 117 51.98 16.71 -6.73
N LYS E 118 51.82 16.28 -7.97
CA LYS E 118 52.76 15.31 -8.56
C LYS E 118 54.16 15.91 -8.67
N ARG E 119 54.25 17.18 -9.07
CA ARG E 119 55.55 17.83 -9.11
C ARG E 119 56.19 17.87 -7.73
N ILE E 120 55.41 18.21 -6.71
CA ILE E 120 55.93 18.30 -5.34
C ILE E 120 56.41 16.94 -4.87
N MET E 121 55.63 15.90 -5.13
CA MET E 121 56.02 14.55 -4.72
C MET E 121 57.27 14.10 -5.46
N ASP E 122 57.41 14.46 -6.74
CA ASP E 122 58.62 14.13 -7.48
C ASP E 122 59.83 14.85 -6.91
N MET E 123 59.64 16.06 -6.40
CA MET E 123 60.77 16.77 -5.77
C MET E 123 61.28 16.04 -4.53
N VAL E 124 60.37 15.52 -3.70
CA VAL E 124 60.74 14.91 -2.43
C VAL E 124 60.71 13.40 -2.54
N SER E 125 60.89 12.88 -3.76
CA SER E 125 60.81 11.44 -3.98
C SER E 125 61.89 10.69 -3.23
N ASN E 126 63.00 11.35 -2.89
CA ASN E 126 64.06 10.68 -2.15
C ASN E 126 63.63 10.34 -0.74
N GLN E 127 62.85 11.22 -0.10
CA GLN E 127 62.40 10.98 1.26
C GLN E 127 61.33 9.90 1.35
N ARG E 128 60.70 9.55 0.23
CA ARG E 128 59.68 8.51 0.14
C ARG E 128 58.56 8.72 1.16
N PRO E 129 57.72 9.74 0.97
CA PRO E 129 56.66 9.98 1.95
C PRO E 129 55.54 8.95 1.84
N TRP E 130 55.03 8.52 2.98
CA TRP E 130 53.91 7.59 3.04
C TRP E 130 52.74 8.28 3.73
N PHE E 131 51.55 8.17 3.11
CA PHE E 131 50.37 8.79 3.67
C PHE E 131 49.31 7.74 3.94
N GLY E 132 48.49 7.95 4.94
CA GLY E 132 47.38 7.05 5.18
C GLY E 132 46.16 7.91 5.44
N MET E 133 45.08 7.74 4.70
CA MET E 133 43.93 8.61 4.88
C MET E 133 42.68 7.83 5.22
N GLU E 134 41.98 8.28 6.25
CA GLU E 134 40.77 7.59 6.67
C GLU E 134 39.60 8.41 6.24
N GLN E 135 38.70 7.83 5.45
CA GLN E 135 37.59 8.60 4.90
C GLN E 135 36.29 8.22 5.56
N GLU E 136 35.58 9.20 6.11
CA GLU E 136 34.33 8.92 6.80
C GLU E 136 33.16 9.39 5.96
N TYR E 137 32.18 8.53 5.76
CA TYR E 137 31.03 8.90 4.98
C TYR E 137 29.72 8.53 5.63
N THR E 138 28.62 9.07 5.13
CA THR E 138 27.30 8.70 5.64
C THR E 138 26.45 8.18 4.49
N LEU E 139 25.75 7.08 4.73
CA LEU E 139 24.81 6.53 3.77
C LEU E 139 23.46 7.21 3.95
N MET E 140 22.97 7.83 2.88
CA MET E 140 21.74 8.60 2.91
C MET E 140 20.76 8.02 1.92
N GLY E 141 19.48 8.14 2.23
CA GLY E 141 18.45 7.82 1.27
C GLY E 141 18.33 8.92 0.24
N THR E 142 17.52 8.65 -0.78
CA THR E 142 17.28 9.68 -1.77
C THR E 142 16.38 10.79 -1.25
N ASP E 143 15.83 10.64 -0.05
CA ASP E 143 15.01 11.65 0.59
C ASP E 143 15.83 12.60 1.45
N GLY E 144 17.16 12.51 1.43
CA GLY E 144 17.99 13.44 2.15
C GLY E 144 18.21 13.12 3.61
N HIS E 145 17.77 11.97 4.08
CA HIS E 145 17.97 11.54 5.44
C HIS E 145 18.90 10.33 5.48
N PRO E 146 19.58 10.08 6.60
CA PRO E 146 20.48 8.92 6.66
C PRO E 146 19.75 7.63 6.42
N PHE E 147 20.42 6.70 5.77
CA PHE E 147 19.79 5.44 5.38
C PHE E 147 19.47 4.60 6.61
N GLY E 148 18.26 4.04 6.63
CA GLY E 148 17.81 3.24 7.74
C GLY E 148 17.29 4.02 8.92
N TRP E 149 17.45 5.34 8.93
CA TRP E 149 16.87 6.15 9.98
C TRP E 149 15.36 6.19 9.82
N PRO E 150 14.65 6.40 10.97
CA PRO E 150 13.20 6.49 10.87
C PRO E 150 12.78 7.77 10.22
N SER E 151 11.64 7.74 9.57
CA SER E 151 11.16 8.92 8.92
C SER E 151 10.89 9.91 10.01
N ASN E 152 11.34 11.15 9.84
CA ASN E 152 11.05 12.18 10.81
C ASN E 152 11.48 11.70 12.18
N GLY E 153 12.62 11.06 12.27
CA GLY E 153 13.01 10.50 13.53
C GLY E 153 14.46 10.22 13.75
N PHE E 154 14.82 10.01 15.01
CA PHE E 154 16.18 9.70 15.34
C PHE E 154 16.34 8.23 15.77
N PRO E 155 17.43 7.55 15.36
CA PRO E 155 17.53 6.13 15.69
C PRO E 155 17.63 5.85 17.18
N GLY E 156 18.32 6.70 17.93
CA GLY E 156 18.51 6.47 19.33
C GLY E 156 19.74 7.21 19.84
N PRO E 157 20.01 7.11 21.14
CA PRO E 157 21.19 7.77 21.69
C PRO E 157 22.47 7.16 21.15
N GLN E 158 23.52 7.97 21.10
CA GLN E 158 24.81 7.52 20.62
C GLN E 158 25.44 6.54 21.59
N GLY E 159 26.25 5.62 21.06
CA GLY E 159 26.95 4.68 21.90
C GLY E 159 26.89 3.21 21.52
N PRO E 160 25.76 2.71 21.04
CA PRO E 160 25.73 1.30 20.61
C PRO E 160 26.25 1.07 19.21
N TYR E 161 26.46 2.12 18.43
CA TYR E 161 26.62 1.97 16.98
C TYR E 161 28.08 1.92 16.53
N TYR E 162 29.00 2.50 17.28
CA TYR E 162 30.40 2.48 16.89
C TYR E 162 30.91 1.06 16.82
N CYS E 163 31.30 0.62 15.63
CA CYS E 163 31.74 -0.75 15.37
C CYS E 163 30.68 -1.77 15.76
N GLY E 164 29.42 -1.37 15.70
CA GLY E 164 28.35 -2.25 16.12
C GLY E 164 28.01 -3.30 15.10
N VAL E 165 27.47 -4.41 15.60
CA VAL E 165 26.99 -5.50 14.76
C VAL E 165 25.55 -5.80 15.17
N GLY E 166 24.67 -5.93 14.18
CA GLY E 166 23.28 -6.18 14.46
C GLY E 166 22.38 -5.35 13.56
N ALA E 167 21.14 -5.80 13.36
CA ALA E 167 20.23 -5.07 12.49
C ALA E 167 19.91 -3.69 13.05
N ASP E 168 19.96 -3.54 14.36
CA ASP E 168 19.70 -2.27 15.01
C ASP E 168 20.97 -1.51 15.35
N LYS E 169 22.13 -2.00 14.95
CA LYS E 169 23.41 -1.38 15.30
C LYS E 169 24.15 -0.81 14.10
N ALA E 170 24.12 -1.48 12.95
CA ALA E 170 24.81 -1.02 11.76
C ALA E 170 23.85 -1.02 10.58
N TYR E 171 23.82 0.08 9.84
CA TYR E 171 22.92 0.25 8.71
C TYR E 171 23.72 0.22 7.42
N GLY E 172 23.24 -0.55 6.45
CA GLY E 172 23.87 -0.60 5.15
C GLY E 172 25.26 -1.20 5.13
N ARG E 173 25.47 -2.31 5.83
CA ARG E 173 26.77 -2.96 5.80
C ARG E 173 27.04 -3.64 4.47
N ASP E 174 25.99 -3.95 3.71
CA ASP E 174 26.18 -4.55 2.39
C ASP E 174 26.92 -3.61 1.47
N ILE E 175 26.60 -2.32 1.53
CA ILE E 175 27.35 -1.31 0.78
C ILE E 175 28.82 -1.36 1.16
N VAL E 176 29.09 -1.49 2.45
CA VAL E 176 30.48 -1.47 2.94
C VAL E 176 31.24 -2.68 2.45
N GLU E 177 30.63 -3.87 2.55
CA GLU E 177 31.28 -5.08 2.09
C GLU E 177 31.52 -5.05 0.59
N ALA E 178 30.51 -4.59 -0.17
CA ALA E 178 30.66 -4.50 -1.62
C ALA E 178 31.76 -3.51 -1.99
N HIS E 179 31.81 -2.38 -1.32
CA HIS E 179 32.83 -1.37 -1.61
C HIS E 179 34.23 -1.89 -1.26
N TYR E 180 34.35 -2.58 -0.13
CA TYR E 180 35.63 -3.15 0.26
C TYR E 180 36.12 -4.16 -0.77
N ARG E 181 35.24 -5.08 -1.18
CA ARG E 181 35.64 -6.09 -2.15
C ARG E 181 35.96 -5.46 -3.51
N ALA E 182 35.18 -4.46 -3.91
CA ALA E 182 35.43 -3.78 -5.18
C ALA E 182 36.76 -3.06 -5.16
N CYS E 183 37.10 -2.42 -4.04
CA CYS E 183 38.39 -1.74 -3.94
C CYS E 183 39.54 -2.73 -3.90
N LEU E 184 39.36 -3.89 -3.27
CA LEU E 184 40.40 -4.90 -3.28
C LEU E 184 40.66 -5.37 -4.70
N TYR E 185 39.60 -5.73 -5.41
CA TYR E 185 39.75 -6.23 -6.77
C TYR E 185 40.37 -5.20 -7.68
N ALA E 186 39.99 -3.94 -7.53
CA ALA E 186 40.48 -2.88 -8.41
C ALA E 186 41.91 -2.50 -8.14
N GLY E 187 42.47 -2.96 -7.03
CA GLY E 187 43.83 -2.64 -6.69
C GLY E 187 44.00 -1.48 -5.75
N ILE E 188 42.90 -0.94 -5.19
CA ILE E 188 43.00 0.13 -4.22
C ILE E 188 43.63 -0.39 -2.94
N LYS E 189 44.48 0.43 -2.32
CA LYS E 189 45.17 0.05 -1.09
C LYS E 189 44.27 0.40 0.10
N ILE E 190 43.19 -0.36 0.23
CA ILE E 190 42.27 -0.18 1.34
C ILE E 190 42.71 -1.07 2.49
N GLY E 191 42.84 -0.48 3.67
CA GLY E 191 43.40 -1.17 4.81
C GLY E 191 42.38 -1.62 5.84
N GLY E 192 41.16 -1.16 5.75
CA GLY E 192 40.12 -1.60 6.65
C GLY E 192 38.97 -0.63 6.73
N THR E 193 37.90 -1.08 7.38
CA THR E 193 36.70 -0.29 7.57
C THR E 193 36.20 -0.48 9.00
N ASN E 194 35.35 0.46 9.43
CA ASN E 194 34.63 0.31 10.68
C ASN E 194 33.37 1.15 10.64
N ALA E 195 32.43 0.82 11.50
CA ALA E 195 31.18 1.57 11.63
C ALA E 195 31.36 2.69 12.65
N GLU E 196 30.79 3.85 12.35
CA GLU E 196 31.04 5.02 13.15
C GLU E 196 29.96 5.19 14.24
N VAL E 197 30.04 6.29 14.98
CA VAL E 197 29.26 6.42 16.20
C VAL E 197 27.77 6.56 15.91
N MET E 198 27.41 7.08 14.76
CA MET E 198 25.99 7.12 14.43
C MET E 198 25.69 6.13 13.32
N PRO E 199 24.53 5.49 13.32
CA PRO E 199 24.26 4.45 12.33
C PRO E 199 24.18 5.04 10.94
N ALA E 200 24.50 4.20 9.95
CA ALA E 200 24.65 4.51 8.54
C ALA E 200 25.87 5.37 8.26
N GLN E 201 26.70 5.65 9.26
CA GLN E 201 27.96 6.34 9.06
C GLN E 201 29.09 5.32 9.14
N TRP E 202 29.99 5.36 8.16
CA TRP E 202 31.07 4.39 8.08
C TRP E 202 32.36 5.12 7.75
N GLU E 203 33.43 4.35 7.68
CA GLU E 203 34.75 4.88 7.40
C GLU E 203 35.60 3.79 6.77
N PHE E 204 36.34 4.15 5.72
CA PHE E 204 37.34 3.25 5.16
C PHE E 204 38.69 3.95 5.17
N GLN E 205 39.75 3.19 5.45
CA GLN E 205 41.10 3.71 5.47
C GLN E 205 41.82 3.29 4.20
N ILE E 206 42.56 4.22 3.60
CA ILE E 206 43.36 3.97 2.41
C ILE E 206 44.81 4.23 2.80
N GLY E 207 45.67 3.24 2.58
CA GLY E 207 47.08 3.42 2.83
C GLY E 207 47.77 2.20 3.37
N PRO E 208 49.10 2.25 3.49
CA PRO E 208 50.00 3.36 3.12
C PRO E 208 50.19 3.50 1.61
N CYS E 209 50.48 4.71 1.13
CA CYS E 209 50.70 4.97 -0.28
C CYS E 209 51.97 5.79 -0.46
N GLU E 210 52.66 5.56 -1.59
CA GLU E 210 54.01 6.07 -1.80
C GLU E 210 54.05 7.56 -2.14
N GLY E 211 52.94 8.15 -2.56
CA GLY E 211 53.01 9.49 -3.10
C GLY E 211 51.67 9.98 -3.61
N ILE E 212 51.64 10.41 -4.87
CA ILE E 212 50.40 10.74 -5.56
C ILE E 212 49.50 9.50 -5.63
N ASP E 213 50.07 8.34 -5.35
CA ASP E 213 49.26 7.14 -5.15
C ASP E 213 48.19 7.37 -4.10
N MET E 214 48.48 8.16 -3.07
CA MET E 214 47.48 8.43 -2.04
C MET E 214 46.27 9.15 -2.63
N GLY E 215 46.50 10.24 -3.35
CA GLY E 215 45.39 10.96 -3.96
C GLY E 215 44.64 10.12 -4.97
N ASP E 216 45.38 9.40 -5.82
CA ASP E 216 44.75 8.56 -6.83
C ASP E 216 43.87 7.49 -6.18
N HIS E 217 44.40 6.79 -5.18
CA HIS E 217 43.67 5.71 -4.55
C HIS E 217 42.47 6.24 -3.78
N LEU E 218 42.60 7.38 -3.10
CA LEU E 218 41.45 7.89 -2.35
C LEU E 218 40.36 8.38 -3.30
N TRP E 219 40.73 9.04 -4.40
CA TRP E 219 39.71 9.47 -5.35
C TRP E 219 39.02 8.29 -6.01
N VAL E 220 39.77 7.26 -6.40
CA VAL E 220 39.15 6.10 -7.02
C VAL E 220 38.31 5.33 -6.01
N ALA E 221 38.73 5.30 -4.75
CA ALA E 221 37.91 4.68 -3.72
C ALA E 221 36.60 5.44 -3.53
N ARG E 222 36.65 6.77 -3.57
CA ARG E 222 35.42 7.56 -3.53
C ARG E 222 34.53 7.25 -4.71
N PHE E 223 35.10 7.13 -5.91
CA PHE E 223 34.31 6.79 -7.09
C PHE E 223 33.66 5.42 -6.95
N ILE E 224 34.42 4.45 -6.45
CA ILE E 224 33.89 3.09 -6.27
C ILE E 224 32.77 3.12 -5.24
N LEU E 225 32.92 3.91 -4.19
CA LEU E 225 31.84 4.05 -3.22
C LEU E 225 30.60 4.62 -3.87
N HIS E 226 30.76 5.64 -4.70
CA HIS E 226 29.59 6.22 -5.37
C HIS E 226 28.92 5.22 -6.31
N ARG E 227 29.72 4.46 -7.07
CA ARG E 227 29.14 3.48 -8.00
C ARG E 227 28.42 2.36 -7.25
N VAL E 228 29.04 1.84 -6.18
CA VAL E 228 28.40 0.79 -5.40
C VAL E 228 27.11 1.29 -4.77
N CYS E 229 27.14 2.50 -4.20
CA CYS E 229 25.94 3.05 -3.59
C CYS E 229 24.86 3.30 -4.63
N GLU E 230 25.24 3.70 -5.84
CA GLU E 230 24.28 3.84 -6.92
C GLU E 230 23.66 2.50 -7.28
N ASP E 231 24.45 1.44 -7.27
CA ASP E 231 23.91 0.11 -7.48
C ASP E 231 22.90 -0.25 -6.39
N PHE E 232 23.20 0.11 -5.14
CA PHE E 232 22.27 -0.15 -4.05
C PHE E 232 21.17 0.89 -3.94
N GLY E 233 21.27 2.00 -4.64
CA GLY E 233 20.25 3.03 -4.60
C GLY E 233 20.36 4.00 -3.45
N VAL E 234 21.49 4.04 -2.75
CA VAL E 234 21.70 4.98 -1.67
C VAL E 234 22.77 5.97 -2.11
N ILE E 235 22.99 6.99 -1.28
CA ILE E 235 23.91 8.08 -1.58
C ILE E 235 25.02 8.06 -0.54
N ALA E 236 26.26 8.18 -0.98
CA ALA E 236 27.39 8.32 -0.09
C ALA E 236 27.71 9.80 0.04
N THR E 237 27.62 10.33 1.25
CA THR E 237 27.86 11.74 1.50
C THR E 237 29.14 11.91 2.30
N PHE E 238 30.05 12.72 1.77
CA PHE E 238 31.27 13.11 2.47
C PHE E 238 31.16 14.50 3.08
N ASP E 239 29.94 15.00 3.26
CA ASP E 239 29.76 16.29 3.88
C ASP E 239 30.17 16.22 5.35
N PRO E 240 30.96 17.16 5.85
CA PRO E 240 31.44 17.07 7.23
C PRO E 240 30.33 17.11 8.26
N LYS E 241 29.18 17.70 7.92
CA LYS E 241 28.04 17.84 8.83
C LYS E 241 26.79 17.32 8.13
N PRO E 242 26.64 16.00 8.01
CA PRO E 242 25.49 15.45 7.28
C PRO E 242 24.17 15.70 8.01
N ILE E 243 24.12 15.34 9.28
CA ILE E 243 22.91 15.45 10.09
C ILE E 243 23.17 16.49 11.18
N PRO E 244 22.33 17.52 11.31
CA PRO E 244 22.52 18.50 12.38
C PRO E 244 22.42 17.84 13.75
N GLY E 245 23.21 18.34 14.70
CA GLY E 245 23.20 17.80 16.03
C GLY E 245 24.51 18.10 16.74
N ASN E 246 24.75 17.33 17.81
CA ASN E 246 25.95 17.51 18.62
C ASN E 246 27.23 17.10 17.89
N TRP E 247 27.17 16.05 17.08
CA TRP E 247 28.34 15.60 16.32
C TRP E 247 28.85 16.70 15.40
N ASN E 248 30.16 16.91 15.39
CA ASN E 248 30.74 18.04 14.69
C ASN E 248 31.64 17.65 13.53
N GLY E 249 32.73 16.92 13.76
CA GLY E 249 33.74 16.78 12.74
C GLY E 249 33.40 15.88 11.58
N ALA E 250 33.41 14.57 11.84
CA ALA E 250 33.09 13.54 10.84
C ALA E 250 33.98 13.72 9.62
N GLY E 251 35.26 13.99 9.84
CA GLY E 251 36.17 14.26 8.74
C GLY E 251 37.41 13.38 8.61
N CYS E 252 38.06 13.43 7.45
CA CYS E 252 39.23 12.60 7.19
C CYS E 252 40.45 12.81 8.06
N HIS E 253 41.16 11.74 8.37
CA HIS E 253 42.38 11.85 9.17
C HIS E 253 43.57 11.41 8.34
N THR E 254 44.60 12.26 8.24
CA THR E 254 45.74 11.92 7.40
C THR E 254 46.95 11.53 8.22
N ASN E 255 47.53 10.38 7.92
CA ASN E 255 48.68 9.90 8.68
C ASN E 255 49.93 10.07 7.85
N PHE E 256 50.88 10.88 8.32
CA PHE E 256 52.07 11.15 7.52
C PHE E 256 53.40 10.65 8.07
N SER E 257 54.15 9.91 7.25
CA SER E 257 55.46 9.42 7.65
C SER E 257 56.43 9.63 6.50
N THR E 258 57.72 9.61 6.82
CA THR E 258 58.80 9.68 5.84
C THR E 258 59.76 8.53 6.09
N LYS E 259 60.80 8.44 5.25
CA LYS E 259 61.79 7.38 5.42
C LYS E 259 62.52 7.53 6.74
N ALA E 260 62.88 8.76 7.12
CA ALA E 260 63.57 8.99 8.38
C ALA E 260 62.69 8.64 9.58
N MET E 261 61.41 9.01 9.52
CA MET E 261 60.52 8.77 10.65
C MET E 261 60.22 7.29 10.83
N ARG E 262 60.31 6.51 9.75
CA ARG E 262 60.09 5.07 9.86
C ARG E 262 61.31 4.36 10.46
N GLU E 263 62.50 4.95 10.30
CA GLU E 263 63.71 4.34 10.84
C GLU E 263 63.86 4.72 12.32
N GLU E 264 64.93 4.22 12.93
CA GLU E 264 65.18 4.48 14.34
C GLU E 264 65.47 5.96 14.58
N ASN E 265 65.10 6.42 15.78
CA ASN E 265 65.22 7.82 16.18
C ASN E 265 64.41 8.74 15.25
N GLY E 266 63.33 8.22 14.69
CA GLY E 266 62.45 9.03 13.88
C GLY E 266 61.46 9.87 14.65
N LEU E 267 61.34 9.63 15.95
CA LEU E 267 60.41 10.39 16.78
C LEU E 267 60.77 11.87 16.81
N LYS E 268 62.08 12.18 16.80
CA LYS E 268 62.49 13.58 16.76
C LYS E 268 62.12 14.22 15.42
N TYR E 269 62.20 13.46 14.33
CA TYR E 269 61.74 13.98 13.04
C TYR E 269 60.24 14.24 13.06
N ILE E 270 59.49 13.35 13.70
CA ILE E 270 58.05 13.55 13.84
C ILE E 270 57.76 14.81 14.66
N GLU E 271 58.51 15.01 15.74
CA GLU E 271 58.34 16.21 16.56
C GLU E 271 58.67 17.47 15.76
N GLU E 272 59.73 17.43 14.95
CA GLU E 272 60.07 18.56 14.10
C GLU E 272 58.95 18.86 13.11
N ALA E 273 58.39 17.81 12.50
CA ALA E 273 57.28 18.00 11.56
C ALA E 273 56.06 18.60 12.24
N ILE E 274 55.76 18.14 13.46
CA ILE E 274 54.62 18.69 14.20
C ILE E 274 54.86 20.16 14.55
N GLU E 275 56.08 20.50 14.96
CA GLU E 275 56.39 21.89 15.28
C GLU E 275 56.30 22.77 14.04
N LYS E 276 56.74 22.26 12.89
CA LYS E 276 56.59 23.02 11.64
C LYS E 276 55.12 23.20 11.29
N LEU E 277 54.30 22.17 11.49
CA LEU E 277 52.87 22.26 11.19
C LEU E 277 52.17 23.22 12.12
N SER E 278 52.63 23.33 13.37
CA SER E 278 51.96 24.19 14.34
C SER E 278 51.94 25.65 13.90
N LYS E 279 52.94 26.07 13.13
CA LYS E 279 52.98 27.44 12.64
C LYS E 279 52.00 27.68 11.49
N ARG E 280 51.80 26.68 10.63
CA ARG E 280 51.00 26.81 9.41
C ARG E 280 49.59 26.28 9.58
N HIS E 281 48.98 26.47 10.76
CA HIS E 281 47.63 25.95 11.00
C HIS E 281 46.61 26.59 10.07
N GLN E 282 46.68 27.91 9.91
CA GLN E 282 45.69 28.61 9.08
C GLN E 282 45.83 28.22 7.62
N TYR E 283 47.06 28.07 7.14
CA TYR E 283 47.27 27.66 5.75
C TYR E 283 46.69 26.28 5.49
N HIS E 284 46.91 25.33 6.42
CA HIS E 284 46.37 23.99 6.23
C HIS E 284 44.85 23.98 6.34
N ILE E 285 44.29 24.79 7.23
CA ILE E 285 42.83 24.90 7.33
C ILE E 285 42.26 25.42 6.01
N ARG E 286 42.92 26.42 5.42
CA ARG E 286 42.47 26.93 4.12
C ARG E 286 42.61 25.87 3.02
N ALA E 287 43.73 25.13 3.03
CA ALA E 287 43.99 24.20 1.94
C ALA E 287 43.11 22.96 2.01
N TYR E 288 42.72 22.53 3.21
CA TYR E 288 41.97 21.30 3.35
C TYR E 288 40.54 21.43 2.81
N ASP E 289 39.94 22.61 2.96
CA ASP E 289 38.60 22.84 2.46
C ASP E 289 38.64 23.11 0.96
N PRO E 290 37.87 22.38 0.14
CA PRO E 290 37.88 22.65 -1.30
C PRO E 290 37.35 24.03 -1.66
N LYS E 291 36.43 24.57 -0.87
CA LYS E 291 35.89 25.90 -1.13
C LYS E 291 36.89 26.98 -0.75
N GLY E 320 40.32 16.08 20.49
CA GLY E 320 41.30 16.55 21.45
C GLY E 320 42.37 17.43 20.82
N ALA E 321 43.25 16.80 20.04
CA ALA E 321 44.34 17.51 19.39
C ALA E 321 44.13 17.62 17.88
N SER E 322 44.26 18.81 17.32
CA SER E 322 44.12 18.97 15.87
C SER E 322 45.18 18.11 15.19
N ILE E 323 46.40 18.11 15.70
CA ILE E 323 47.44 17.24 15.15
C ILE E 323 47.79 16.29 16.28
N ARG E 324 47.79 14.98 16.03
CA ARG E 324 48.00 14.03 17.10
C ARG E 324 49.11 13.03 16.79
N ILE E 325 49.73 12.48 17.83
CA ILE E 325 50.78 11.48 17.62
C ILE E 325 50.31 10.16 18.21
N PRO E 326 50.49 9.06 17.46
CA PRO E 326 50.15 7.74 18.00
C PRO E 326 51.03 7.42 19.19
N ARG E 327 50.49 6.73 20.19
CA ARG E 327 51.27 6.48 21.40
C ARG E 327 52.14 5.26 21.19
N THR E 328 51.69 4.33 20.37
CA THR E 328 52.50 3.17 20.03
C THR E 328 53.76 3.59 19.29
N VAL E 329 53.62 4.57 18.39
CA VAL E 329 54.79 5.13 17.70
C VAL E 329 55.74 5.76 18.70
N GLY E 330 55.20 6.52 19.66
CA GLY E 330 56.05 7.14 20.68
C GLY E 330 56.77 6.11 21.53
N GLN E 331 56.08 5.01 21.86
CA GLN E 331 56.72 3.93 22.61
C GLN E 331 57.82 3.28 21.78
N GLU E 332 57.57 3.08 20.48
CA GLU E 332 58.59 2.52 19.60
C GLU E 332 59.56 3.56 19.07
N LYS E 333 59.30 4.84 19.35
CA LYS E 333 60.14 5.98 18.96
C LYS E 333 60.27 6.15 17.45
N LYS E 334 59.40 5.50 16.66
CA LYS E 334 59.44 5.64 15.21
C LYS E 334 58.06 5.32 14.65
N GLY E 335 57.73 5.98 13.53
CA GLY E 335 56.46 5.71 12.89
C GLY E 335 55.87 6.87 12.12
N TYR E 336 54.64 7.26 12.48
CA TYR E 336 53.95 8.33 11.76
C TYR E 336 53.25 9.26 12.72
N PHE E 337 52.50 10.23 12.19
CA PHE E 337 51.71 11.10 13.07
C PHE E 337 50.28 11.09 12.54
N GLU E 338 49.37 11.81 13.17
CA GLU E 338 48.01 11.89 12.65
C GLU E 338 47.53 13.32 12.55
N ASP E 339 46.93 13.70 11.43
CA ASP E 339 46.35 15.03 11.37
C ASP E 339 44.85 14.87 11.32
N ARG E 340 44.16 15.42 12.31
CA ARG E 340 42.71 15.28 12.42
C ARG E 340 41.98 16.44 11.77
N ARG E 341 42.73 17.44 11.31
CA ARG E 341 42.12 18.65 10.74
C ARG E 341 41.34 18.50 9.42
N PRO E 342 41.79 17.62 8.47
CA PRO E 342 41.03 17.62 7.22
C PRO E 342 39.60 17.12 7.39
N SER E 343 38.70 17.70 6.62
CA SER E 343 37.30 17.29 6.63
C SER E 343 37.09 16.08 5.74
N ALA E 344 35.85 15.61 5.67
CA ALA E 344 35.56 14.40 4.91
C ALA E 344 35.56 14.66 3.40
N ASN E 345 35.17 15.85 2.97
CA ASN E 345 35.15 16.20 1.57
C ASN E 345 36.47 16.81 1.09
N CYS E 346 37.56 16.57 1.81
CA CYS E 346 38.83 17.19 1.48
C CYS E 346 39.41 16.63 0.19
N ASP E 347 40.26 17.42 -0.46
CA ASP E 347 40.95 16.98 -1.65
C ASP E 347 42.29 16.38 -1.25
N PRO E 348 42.51 15.07 -1.48
CA PRO E 348 43.76 14.43 -1.02
C PRO E 348 45.01 15.03 -1.64
N PHE E 349 44.93 15.49 -2.89
CA PHE E 349 46.09 16.10 -3.53
C PHE E 349 46.53 17.34 -2.78
N ALA E 350 45.58 18.22 -2.46
CA ALA E 350 45.91 19.44 -1.72
C ALA E 350 46.42 19.11 -0.32
N VAL E 351 45.79 18.14 0.35
CA VAL E 351 46.19 17.79 1.70
C VAL E 351 47.62 17.27 1.73
N THR E 352 47.93 16.33 0.85
CA THR E 352 49.26 15.74 0.82
C THR E 352 50.30 16.75 0.36
N GLU E 353 49.97 17.60 -0.61
CA GLU E 353 50.90 18.62 -1.06
C GLU E 353 51.21 19.62 0.06
N ALA E 354 50.19 20.03 0.81
CA ALA E 354 50.41 20.94 1.93
C ALA E 354 51.25 20.29 3.01
N LEU E 355 50.98 19.01 3.31
CA LEU E 355 51.77 18.31 4.33
C LEU E 355 53.23 18.20 3.91
N ILE E 356 53.48 17.93 2.63
CA ILE E 356 54.87 17.86 2.16
C ILE E 356 55.52 19.23 2.22
N ARG E 357 54.82 20.27 1.74
CA ARG E 357 55.41 21.59 1.66
C ARG E 357 55.74 22.16 3.03
N THR E 358 54.84 21.99 3.99
CA THR E 358 55.08 22.55 5.32
C THR E 358 56.20 21.81 6.04
N CYS E 359 56.24 20.49 5.92
CA CYS E 359 57.20 19.69 6.67
C CYS E 359 58.51 19.51 5.91
N LEU E 360 58.46 18.90 4.73
CA LEU E 360 59.68 18.58 4.00
C LEU E 360 60.32 19.81 3.37
N LEU E 361 59.51 20.69 2.78
CA LEU E 361 60.04 21.82 2.05
C LEU E 361 60.28 23.05 2.92
N ASN E 362 59.85 23.02 4.19
CA ASN E 362 60.10 24.09 5.16
C ASN E 362 59.50 25.42 4.72
N GLU E 363 58.49 25.38 3.86
CA GLU E 363 57.87 26.60 3.36
C GLU E 363 57.11 27.33 4.45
N THR E 364 57.11 28.65 4.37
CA THR E 364 56.31 29.50 5.23
C THR E 364 55.68 30.60 4.39
N GLY E 365 54.52 31.10 4.85
CA GLY E 365 53.85 32.17 4.14
C GLY E 365 52.40 31.90 3.81
N ASP E 366 51.68 32.94 3.41
CA ASP E 366 50.27 32.78 3.06
C ASP E 366 50.09 31.99 1.78
N GLU E 367 50.94 32.24 0.77
CA GLU E 367 50.83 31.56 -0.50
C GLU E 367 52.06 30.69 -0.75
N PRO E 368 51.89 29.51 -1.36
CA PRO E 368 53.04 28.63 -1.59
C PRO E 368 53.99 29.19 -2.63
N PHE E 369 55.25 28.82 -2.50
CA PHE E 369 56.26 29.20 -3.48
C PHE E 369 56.12 28.37 -4.76
N GLN E 370 56.61 28.93 -5.86
CA GLN E 370 56.54 28.28 -7.16
C GLN E 370 57.91 27.75 -7.52
N TYR E 371 58.04 26.41 -7.56
CA TYR E 371 59.30 25.75 -7.90
C TYR E 371 59.41 25.61 -9.42
N LYS E 372 59.39 26.75 -10.09
CA LYS E 372 59.45 26.79 -11.54
C LYS E 372 60.83 26.41 -12.05
N ALA F 2 -4.08 11.00 -10.24
CA ALA F 2 -3.51 11.56 -9.02
C ALA F 2 -4.17 12.89 -8.68
N THR F 3 -4.17 13.22 -7.39
CA THR F 3 -4.70 14.48 -6.90
C THR F 3 -3.64 15.15 -6.05
N SER F 4 -3.79 16.46 -5.87
CA SER F 4 -2.79 17.23 -5.14
C SER F 4 -2.77 16.85 -3.67
N ALA F 5 -1.63 17.09 -3.03
CA ALA F 5 -1.48 16.76 -1.62
C ALA F 5 -2.37 17.61 -0.74
N SER F 6 -2.65 18.85 -1.15
CA SER F 6 -3.52 19.71 -0.36
C SER F 6 -4.94 19.19 -0.31
N SER F 7 -5.36 18.47 -1.35
CA SER F 7 -6.71 17.91 -1.35
C SER F 7 -6.87 16.79 -0.33
N HIS F 8 -5.77 16.19 0.13
CA HIS F 8 -5.85 15.13 1.13
C HIS F 8 -5.77 15.65 2.55
N LEU F 9 -5.74 16.97 2.74
CA LEU F 9 -5.89 17.53 4.07
C LEU F 9 -7.32 17.35 4.54
N ASN F 10 -7.51 17.27 5.85
CA ASN F 10 -8.83 17.08 6.42
C ASN F 10 -9.63 18.36 6.20
N LYS F 11 -10.61 18.30 5.30
CA LYS F 11 -11.41 19.46 4.97
C LYS F 11 -12.46 19.77 6.03
N GLY F 12 -12.79 18.81 6.89
CA GLY F 12 -13.68 19.09 8.01
C GLY F 12 -13.08 20.11 8.96
N ILE F 13 -11.76 20.06 9.16
CA ILE F 13 -11.06 21.06 9.96
C ILE F 13 -11.24 22.44 9.34
N LYS F 14 -11.06 22.52 8.02
CA LYS F 14 -11.26 23.76 7.30
C LYS F 14 -12.67 24.29 7.47
N GLN F 15 -13.67 23.40 7.44
CA GLN F 15 -15.05 23.85 7.56
C GLN F 15 -15.39 24.25 8.98
N VAL F 16 -14.72 23.65 9.96
CA VAL F 16 -14.87 24.09 11.34
C VAL F 16 -14.36 25.52 11.48
N TYR F 17 -13.22 25.83 10.86
CA TYR F 17 -12.66 27.18 10.96
C TYR F 17 -13.49 28.18 10.16
N MET F 18 -14.01 27.76 9.02
CA MET F 18 -14.84 28.64 8.20
C MET F 18 -16.14 29.03 8.88
N ALA F 19 -16.66 28.16 9.75
CA ALA F 19 -17.95 28.42 10.35
C ALA F 19 -17.87 29.41 11.50
N LEU F 20 -16.67 29.86 11.85
CA LEU F 20 -16.56 30.88 12.86
C LEU F 20 -17.25 32.15 12.40
N PRO F 21 -17.99 32.83 13.28
CA PRO F 21 -18.57 34.13 12.92
C PRO F 21 -17.48 35.11 12.53
N GLN F 22 -17.60 35.66 11.32
CA GLN F 22 -16.50 36.42 10.74
C GLN F 22 -16.29 37.74 11.47
N GLY F 23 -17.35 38.49 11.72
CA GLY F 23 -17.25 39.76 12.37
C GLY F 23 -17.53 40.91 11.43
N ASP F 24 -17.08 42.11 11.84
CA ASP F 24 -17.35 43.31 11.06
C ASP F 24 -16.45 43.42 9.84
N LYS F 25 -15.26 42.83 9.88
CA LYS F 25 -14.34 42.93 8.77
C LYS F 25 -14.80 42.07 7.60
N VAL F 26 -14.39 42.45 6.39
CA VAL F 26 -14.80 41.75 5.18
C VAL F 26 -13.58 41.50 4.30
N GLN F 27 -13.42 40.29 3.78
CA GLN F 27 -12.24 39.97 2.99
C GLN F 27 -12.52 40.09 1.49
N ALA F 28 -11.69 40.85 0.77
CA ALA F 28 -11.87 40.97 -0.67
C ALA F 28 -10.71 40.35 -1.43
N MET F 29 -11.00 39.42 -2.33
CA MET F 29 -9.94 38.75 -3.07
C MET F 29 -9.74 39.39 -4.43
N TYR F 30 -8.70 40.21 -4.56
CA TYR F 30 -8.41 40.82 -5.84
C TYR F 30 -7.92 39.81 -6.85
N ILE F 31 -8.47 39.81 -8.05
CA ILE F 31 -8.10 38.88 -9.11
C ILE F 31 -7.70 39.68 -10.34
N TRP F 32 -6.60 39.27 -10.98
CA TRP F 32 -6.14 39.93 -12.19
C TRP F 32 -5.54 38.90 -13.13
N ILE F 33 -5.40 39.30 -14.38
CA ILE F 33 -4.87 38.41 -15.41
C ILE F 33 -3.35 38.46 -15.39
N ASP F 34 -2.74 37.28 -15.44
CA ASP F 34 -1.29 37.13 -15.45
C ASP F 34 -0.69 37.81 -16.67
N GLY F 35 0.64 38.00 -16.63
CA GLY F 35 1.34 38.54 -17.78
C GLY F 35 1.33 37.62 -18.99
N THR F 36 1.11 36.33 -18.78
CA THR F 36 1.07 35.38 -19.89
C THR F 36 -0.17 35.55 -20.75
N GLY F 37 -1.18 36.27 -20.26
CA GLY F 37 -2.39 36.48 -21.02
C GLY F 37 -3.49 35.47 -20.78
N GLU F 38 -3.19 34.36 -20.11
CA GLU F 38 -4.19 33.33 -19.87
C GLU F 38 -4.21 32.82 -18.44
N GLY F 39 -3.25 33.21 -17.60
CA GLY F 39 -3.25 32.82 -16.20
C GLY F 39 -3.94 33.86 -15.34
N LEU F 40 -4.32 33.44 -14.14
CA LEU F 40 -5.01 34.29 -13.19
C LEU F 40 -4.25 34.32 -11.88
N ARG F 41 -4.13 35.51 -11.30
CA ARG F 41 -3.49 35.71 -10.02
C ARG F 41 -4.47 36.36 -9.07
N CYS F 42 -4.35 36.05 -7.79
CA CYS F 42 -5.28 36.56 -6.79
C CYS F 42 -4.57 36.78 -5.47
N LYS F 43 -5.08 37.72 -4.68
CA LYS F 43 -4.59 37.91 -3.31
C LYS F 43 -5.64 38.66 -2.53
N THR F 44 -5.88 38.25 -1.28
CA THR F 44 -6.96 38.82 -0.50
C THR F 44 -6.61 39.89 0.51
N ARG F 45 -7.34 41.00 0.54
CA ARG F 45 -7.12 42.01 1.57
C ARG F 45 -8.30 42.09 2.54
N THR F 46 -8.22 42.97 3.54
CA THR F 46 -9.30 43.15 4.51
C THR F 46 -9.88 44.55 4.39
N LEU F 47 -11.20 44.62 4.36
CA LEU F 47 -11.95 45.87 4.34
C LEU F 47 -12.66 46.06 5.66
N ASP F 48 -12.75 47.31 6.10
CA ASP F 48 -13.39 47.61 7.38
C ASP F 48 -14.90 47.40 7.31
N SER F 49 -15.48 47.53 6.11
CA SER F 49 -16.90 47.36 5.93
C SER F 49 -17.17 46.73 4.57
N GLU F 50 -18.36 46.19 4.42
CA GLU F 50 -18.75 45.60 3.14
C GLU F 50 -18.99 46.69 2.11
N PRO F 51 -18.32 46.66 0.96
CA PRO F 51 -18.53 47.69 -0.07
C PRO F 51 -19.84 47.46 -0.79
N LYS F 52 -20.66 48.51 -0.89
CA LYS F 52 -21.92 48.39 -1.61
C LYS F 52 -21.73 48.39 -3.11
N CYS F 53 -20.74 49.12 -3.60
CA CYS F 53 -20.47 49.22 -5.04
C CYS F 53 -18.99 49.02 -5.29
N ILE F 54 -18.64 48.88 -6.57
CA ILE F 54 -17.26 48.63 -6.95
C ILE F 54 -16.39 49.84 -6.65
N GLU F 55 -16.96 51.04 -6.65
CA GLU F 55 -16.18 52.25 -6.45
C GLU F 55 -15.60 52.36 -5.04
N GLU F 56 -16.20 51.69 -4.06
CA GLU F 56 -15.66 51.73 -2.72
C GLU F 56 -14.41 50.88 -2.57
N LEU F 57 -14.15 49.99 -3.52
CA LEU F 57 -12.93 49.18 -3.46
C LEU F 57 -11.73 50.05 -3.75
N PRO F 58 -10.73 50.08 -2.87
CA PRO F 58 -9.52 50.85 -3.14
C PRO F 58 -8.65 50.15 -4.17
N GLU F 59 -7.75 50.93 -4.78
CA GLU F 59 -6.75 50.35 -5.67
C GLU F 59 -5.68 49.65 -4.86
N TRP F 60 -4.99 48.71 -5.50
CA TRP F 60 -3.96 47.93 -4.83
C TRP F 60 -2.75 47.86 -5.74
N ASN F 61 -1.75 47.07 -5.35
CA ASN F 61 -0.54 46.92 -6.14
C ASN F 61 0.04 45.55 -5.88
N PHE F 62 0.87 45.09 -6.82
CA PHE F 62 1.54 43.80 -6.69
C PHE F 62 2.90 43.87 -7.38
N ASP F 63 3.70 42.84 -7.12
CA ASP F 63 5.04 42.73 -7.69
C ASP F 63 4.93 42.13 -9.08
N GLY F 64 5.11 42.96 -10.11
CA GLY F 64 4.98 42.49 -11.48
C GLY F 64 6.14 41.66 -11.97
N SER F 65 7.28 41.70 -11.27
CA SER F 65 8.41 40.85 -11.66
C SER F 65 8.09 39.39 -11.42
N SER F 66 7.25 39.10 -10.43
CA SER F 66 6.84 37.74 -10.14
C SER F 66 5.70 37.29 -11.04
N THR F 67 5.12 38.20 -11.81
CA THR F 67 3.96 37.90 -12.65
C THR F 67 4.26 38.02 -14.14
N PHE F 68 5.53 37.97 -14.54
CA PHE F 68 5.93 37.96 -15.94
C PHE F 68 5.49 39.20 -16.70
N GLN F 69 5.27 40.33 -16.01
CA GLN F 69 4.76 41.50 -16.73
C GLN F 69 5.37 42.80 -16.24
N SER F 70 6.60 42.78 -15.75
CA SER F 70 7.28 44.02 -15.40
C SER F 70 8.79 43.79 -15.38
N GLU F 71 9.52 44.88 -15.52
CA GLU F 71 10.97 44.85 -15.49
C GLU F 71 11.48 45.08 -14.07
N GLY F 72 12.79 44.86 -13.89
CA GLY F 72 13.36 44.86 -12.56
C GLY F 72 13.35 46.22 -11.87
N SER F 73 13.59 47.29 -12.63
CA SER F 73 13.76 48.60 -12.01
C SER F 73 12.47 49.07 -11.35
N ASN F 74 11.35 48.99 -12.06
CA ASN F 74 10.04 49.38 -11.52
C ASN F 74 9.11 48.19 -11.69
N SER F 75 9.14 47.29 -10.70
CA SER F 75 8.38 46.05 -10.80
C SER F 75 6.92 46.24 -10.41
N ASP F 76 6.64 47.20 -9.55
CA ASP F 76 5.28 47.37 -9.06
C ASP F 76 4.25 47.66 -10.12
N MET F 77 3.12 46.99 -10.05
CA MET F 77 2.05 47.27 -10.99
C MET F 77 0.88 47.67 -10.12
N TYR F 78 -0.16 48.16 -10.75
CA TYR F 78 -1.35 48.52 -10.04
C TYR F 78 -2.58 47.69 -10.34
N LEU F 79 -3.46 47.56 -9.38
CA LEU F 79 -4.73 46.88 -9.55
C LEU F 79 -5.86 47.88 -9.35
N VAL F 80 -6.59 48.16 -10.42
CA VAL F 80 -7.78 49.02 -10.38
C VAL F 80 -9.00 48.12 -10.46
N PRO F 81 -9.85 48.10 -9.44
CA PRO F 81 -11.03 47.22 -9.47
C PRO F 81 -11.93 47.52 -10.65
N ALA F 82 -12.41 46.46 -11.28
CA ALA F 82 -13.28 46.57 -12.45
C ALA F 82 -14.64 45.97 -12.21
N ALA F 83 -14.72 44.77 -11.65
CA ALA F 83 -15.99 44.09 -11.41
C ALA F 83 -16.00 43.48 -10.02
N MET F 84 -17.16 43.45 -9.39
CA MET F 84 -17.32 42.89 -8.06
C MET F 84 -18.36 41.79 -8.07
N PHE F 85 -18.05 40.70 -7.38
CA PHE F 85 -18.94 39.54 -7.29
C PHE F 85 -18.92 39.04 -5.86
N ARG F 86 -19.92 38.24 -5.50
CA ARG F 86 -19.98 37.67 -4.16
C ARG F 86 -18.92 36.57 -4.12
N ASP F 87 -18.38 36.29 -2.94
CA ASP F 87 -17.35 35.28 -2.83
C ASP F 87 -18.03 33.98 -2.47
N PRO F 88 -18.07 33.03 -3.41
CA PRO F 88 -18.67 31.73 -3.14
C PRO F 88 -17.89 30.98 -2.10
N PHE F 89 -16.58 31.03 -2.19
CA PHE F 89 -15.72 30.31 -1.26
C PHE F 89 -15.86 30.80 0.18
N ARG F 90 -15.96 32.10 0.37
CA ARG F 90 -16.13 32.65 1.71
C ARG F 90 -17.58 32.89 2.12
N LYS F 91 -18.53 32.69 1.22
CA LYS F 91 -19.97 32.78 1.55
C LYS F 91 -20.52 34.10 2.08
N ASP F 92 -19.94 35.24 1.68
CA ASP F 92 -20.46 36.57 2.06
C ASP F 92 -20.04 37.00 3.46
N PRO F 93 -19.88 38.31 3.70
CA PRO F 93 -20.06 39.50 2.89
C PRO F 93 -18.82 39.69 2.04
N ASN F 94 -17.92 38.74 2.10
CA ASN F 94 -16.67 38.80 1.37
C ASN F 94 -16.85 38.88 -0.13
N LYS F 95 -16.02 39.69 -0.79
CA LYS F 95 -16.17 39.90 -2.22
C LYS F 95 -15.03 39.55 -3.16
N LEU F 96 -15.32 38.95 -4.31
CA LEU F 96 -14.31 38.75 -5.35
C LEU F 96 -14.23 40.02 -6.18
N VAL F 97 -13.03 40.53 -6.37
CA VAL F 97 -12.82 41.78 -7.08
C VAL F 97 -11.92 41.51 -8.28
N PHE F 98 -12.48 41.51 -9.47
CA PHE F 98 -11.71 41.38 -10.69
C PHE F 98 -11.21 42.75 -11.11
N CYS F 99 -9.90 42.87 -11.30
CA CYS F 99 -9.29 44.16 -11.57
C CYS F 99 -8.40 44.25 -12.78
N GLU F 100 -8.28 45.45 -13.35
CA GLU F 100 -7.35 45.68 -14.45
C GLU F 100 -5.94 45.94 -13.95
N VAL F 101 -4.95 45.75 -14.80
CA VAL F 101 -3.57 45.97 -14.42
C VAL F 101 -2.97 47.17 -15.13
N PHE F 102 -2.19 47.96 -14.40
CA PHE F 102 -1.58 49.14 -15.00
C PHE F 102 -0.08 49.04 -14.85
N LYS F 103 0.67 49.87 -15.55
CA LYS F 103 2.11 49.86 -15.34
C LYS F 103 2.39 51.00 -14.40
N TYR F 104 3.66 51.28 -14.16
CA TYR F 104 4.05 52.35 -13.24
C TYR F 104 3.69 53.67 -13.86
N ASN F 105 3.39 53.64 -15.15
CA ASN F 105 3.06 54.85 -15.86
C ASN F 105 1.57 55.05 -15.85
N ARG F 106 0.84 54.18 -15.15
CA ARG F 106 -0.62 54.24 -15.13
C ARG F 106 -1.19 54.07 -16.53
N LYS F 107 -0.54 53.21 -17.32
CA LYS F 107 -1.00 52.95 -18.67
C LYS F 107 -1.27 51.46 -18.78
N PRO F 108 -2.32 51.07 -19.52
CA PRO F 108 -2.70 49.66 -19.60
C PRO F 108 -1.55 48.70 -19.86
N ALA F 109 -1.55 47.57 -19.16
CA ALA F 109 -0.48 46.59 -19.32
C ALA F 109 -0.65 45.81 -20.60
N GLU F 110 0.43 45.21 -21.05
CA GLU F 110 0.39 44.44 -22.29
C GLU F 110 -0.77 43.46 -22.28
N THR F 111 -1.11 42.93 -21.11
CA THR F 111 -2.16 41.94 -21.03
C THR F 111 -3.52 42.53 -20.62
N ASN F 112 -3.56 43.81 -20.31
CA ASN F 112 -4.83 44.44 -19.97
C ASN F 112 -5.52 44.81 -21.26
N LEU F 113 -6.29 43.87 -21.81
CA LEU F 113 -7.02 44.14 -23.03
C LEU F 113 -8.39 44.67 -22.70
N ARG F 114 -8.75 44.65 -21.42
CA ARG F 114 -10.05 45.17 -21.00
C ARG F 114 -10.18 46.65 -21.23
N HIS F 115 -9.11 47.41 -21.03
CA HIS F 115 -9.23 48.85 -21.10
C HIS F 115 -9.70 49.34 -22.46
N THR F 116 -9.17 48.77 -23.54
CA THR F 116 -9.59 49.16 -24.87
C THR F 116 -10.95 48.57 -25.18
N CYS F 117 -11.14 47.29 -24.86
CA CYS F 117 -12.41 46.62 -25.08
C CYS F 117 -13.56 47.39 -24.45
N LYS F 118 -13.35 47.92 -23.25
CA LYS F 118 -14.37 48.73 -22.61
C LYS F 118 -14.65 49.99 -23.40
N ARG F 119 -13.60 50.63 -23.93
CA ARG F 119 -13.81 51.80 -24.77
C ARG F 119 -14.64 51.45 -26.00
N ILE F 120 -14.32 50.32 -26.64
CA ILE F 120 -15.04 49.91 -27.85
C ILE F 120 -16.50 49.63 -27.52
N MET F 121 -16.76 48.94 -26.42
CA MET F 121 -18.14 48.65 -26.03
C MET F 121 -18.90 49.92 -25.68
N ASP F 122 -18.23 50.89 -25.07
CA ASP F 122 -18.88 52.16 -24.78
C ASP F 122 -19.21 52.92 -26.06
N MET F 123 -18.38 52.77 -27.09
CA MET F 123 -18.70 53.41 -28.37
C MET F 123 -19.98 52.85 -28.99
N VAL F 124 -20.17 51.54 -28.93
CA VAL F 124 -21.29 50.88 -29.58
C VAL F 124 -22.39 50.55 -28.57
N SER F 125 -22.42 51.29 -27.47
CA SER F 125 -23.38 51.00 -26.40
C SER F 125 -24.82 51.17 -26.86
N ASN F 126 -25.05 51.95 -27.91
CA ASN F 126 -26.41 52.14 -28.42
C ASN F 126 -26.94 50.86 -29.04
N GLN F 127 -26.08 50.12 -29.74
CA GLN F 127 -26.52 48.89 -30.39
C GLN F 127 -26.77 47.76 -29.40
N ARG F 128 -26.29 47.88 -28.17
CA ARG F 128 -26.47 46.89 -27.10
C ARG F 128 -26.06 45.49 -27.53
N PRO F 129 -24.77 45.23 -27.72
CA PRO F 129 -24.36 43.89 -28.17
C PRO F 129 -24.48 42.87 -27.04
N TRP F 130 -24.94 41.67 -27.40
CA TRP F 130 -25.05 40.56 -26.47
C TRP F 130 -24.13 39.43 -26.94
N PHE F 131 -23.34 38.91 -26.01
CA PHE F 131 -22.42 37.83 -26.35
C PHE F 131 -22.73 36.61 -25.52
N GLY F 132 -22.49 35.42 -26.05
CA GLY F 132 -22.64 34.22 -25.26
C GLY F 132 -21.42 33.36 -25.52
N MET F 133 -20.68 32.96 -24.49
CA MET F 133 -19.47 32.21 -24.73
C MET F 133 -19.49 30.86 -24.06
N GLU F 134 -19.13 29.82 -24.79
CA GLU F 134 -19.15 28.48 -24.23
C GLU F 134 -17.72 28.08 -23.98
N GLN F 135 -17.37 27.73 -22.75
CA GLN F 135 -15.99 27.42 -22.43
C GLN F 135 -15.81 25.95 -22.19
N GLU F 136 -14.87 25.34 -22.91
CA GLU F 136 -14.65 23.91 -22.76
C GLU F 136 -13.35 23.66 -22.04
N TYR F 137 -13.39 22.82 -21.01
CA TYR F 137 -12.18 22.53 -20.26
C TYR F 137 -11.98 21.06 -20.02
N THR F 138 -10.79 20.67 -19.59
CA THR F 138 -10.52 19.28 -19.25
C THR F 138 -10.04 19.21 -17.82
N LEU F 139 -10.56 18.26 -17.06
CA LEU F 139 -10.10 18.00 -15.70
C LEU F 139 -8.92 17.05 -15.75
N MET F 140 -7.80 17.48 -15.20
CA MET F 140 -6.55 16.74 -15.24
C MET F 140 -6.09 16.46 -13.82
N GLY F 141 -5.40 15.34 -13.64
CA GLY F 141 -4.73 15.07 -12.40
C GLY F 141 -3.46 15.89 -12.30
N THR F 142 -2.84 15.83 -11.13
CA THR F 142 -1.57 16.52 -10.97
C THR F 142 -0.44 15.80 -11.69
N ASP F 143 -0.69 14.61 -12.23
CA ASP F 143 0.28 13.88 -13.01
C ASP F 143 0.24 14.20 -14.49
N GLY F 144 -0.55 15.19 -14.90
CA GLY F 144 -0.58 15.61 -16.28
C GLY F 144 -1.47 14.81 -17.19
N HIS F 145 -2.26 13.90 -16.66
CA HIS F 145 -3.19 13.10 -17.43
C HIS F 145 -4.62 13.47 -17.06
N PRO F 146 -5.60 13.24 -17.94
CA PRO F 146 -6.98 13.59 -17.61
C PRO F 146 -7.47 12.85 -16.38
N PHE F 147 -8.30 13.52 -15.60
CA PHE F 147 -8.75 12.97 -14.33
C PHE F 147 -9.65 11.77 -14.56
N GLY F 148 -9.42 10.70 -13.80
CA GLY F 148 -10.18 9.48 -13.93
C GLY F 148 -9.74 8.57 -15.04
N TRP F 149 -8.84 9.02 -15.91
CA TRP F 149 -8.30 8.15 -16.94
C TRP F 149 -7.37 7.12 -16.30
N PRO F 150 -7.25 5.94 -16.97
CA PRO F 150 -6.35 4.93 -16.43
C PRO F 150 -4.92 5.35 -16.59
N SER F 151 -4.08 4.87 -15.70
CA SER F 151 -2.69 5.21 -15.79
C SER F 151 -2.20 4.58 -17.07
N ASN F 152 -1.45 5.34 -17.85
CA ASN F 152 -0.87 4.80 -19.07
C ASN F 152 -1.96 4.16 -19.90
N GLY F 153 -3.10 4.82 -19.99
CA GLY F 153 -4.20 4.19 -20.68
C GLY F 153 -5.29 5.07 -21.19
N PHE F 154 -6.10 4.53 -22.08
CA PHE F 154 -7.20 5.27 -22.62
C PHE F 154 -8.55 4.74 -22.08
N PRO F 155 -9.51 5.65 -21.77
CA PRO F 155 -10.76 5.16 -21.17
C PRO F 155 -11.57 4.26 -22.09
N GLY F 156 -11.58 4.52 -23.38
CA GLY F 156 -12.38 3.77 -24.31
C GLY F 156 -12.67 4.56 -25.56
N PRO F 157 -13.38 3.95 -26.51
CA PRO F 157 -13.73 4.67 -27.74
C PRO F 157 -14.70 5.80 -27.46
N GLN F 158 -14.64 6.82 -28.30
CA GLN F 158 -15.52 7.97 -28.15
C GLN F 158 -16.95 7.60 -28.47
N GLY F 159 -17.89 8.30 -27.84
CA GLY F 159 -19.30 8.07 -28.11
C GLY F 159 -20.23 7.90 -26.92
N PRO F 160 -19.80 7.21 -25.86
CA PRO F 160 -20.69 7.09 -24.69
C PRO F 160 -20.63 8.28 -23.75
N TYR F 161 -19.68 9.19 -23.92
CA TYR F 161 -19.36 10.14 -22.87
C TYR F 161 -20.03 11.50 -23.06
N TYR F 162 -20.38 11.88 -24.27
CA TYR F 162 -21.01 13.17 -24.50
C TYR F 162 -22.35 13.23 -23.78
N CYS F 163 -22.45 14.15 -22.81
CA CYS F 163 -23.63 14.28 -21.96
C CYS F 163 -23.95 12.99 -21.22
N GLY F 164 -22.93 12.18 -20.96
CA GLY F 164 -23.16 10.89 -20.34
C GLY F 164 -23.38 11.00 -18.85
N VAL F 165 -24.10 10.01 -18.32
CA VAL F 165 -24.35 9.88 -16.89
C VAL F 165 -23.95 8.48 -16.47
N GLY F 166 -23.19 8.38 -15.39
CA GLY F 166 -22.70 7.11 -14.91
C GLY F 166 -21.27 7.19 -14.46
N ALA F 167 -20.86 6.27 -13.59
CA ALA F 167 -19.49 6.30 -13.09
C ALA F 167 -18.48 6.08 -14.20
N ASP F 168 -18.88 5.34 -15.24
CA ASP F 168 -18.02 5.08 -16.38
C ASP F 168 -18.26 6.02 -17.55
N LYS F 169 -19.13 7.01 -17.39
CA LYS F 169 -19.48 7.92 -18.48
C LYS F 169 -19.03 9.35 -18.25
N ALA F 170 -19.09 9.85 -17.03
CA ALA F 170 -18.70 11.21 -16.72
C ALA F 170 -17.74 11.21 -15.55
N TYR F 171 -16.62 11.92 -15.68
CA TYR F 171 -15.59 11.97 -14.66
C TYR F 171 -15.58 13.35 -14.02
N GLY F 172 -15.53 13.39 -12.70
CA GLY F 172 -15.45 14.64 -11.98
C GLY F 172 -16.66 15.55 -12.11
N ARG F 173 -17.86 15.00 -12.00
CA ARG F 173 -19.05 15.84 -12.06
C ARG F 173 -19.22 16.67 -10.81
N ASP F 174 -18.60 16.27 -9.69
CA ASP F 174 -18.68 17.06 -8.47
C ASP F 174 -18.04 18.42 -8.67
N ILE F 175 -16.92 18.47 -9.39
CA ILE F 175 -16.30 19.74 -9.74
C ILE F 175 -17.28 20.60 -10.52
N VAL F 176 -18.01 19.98 -11.46
CA VAL F 176 -18.92 20.73 -12.32
C VAL F 176 -20.08 21.30 -11.51
N GLU F 177 -20.67 20.48 -10.63
CA GLU F 177 -21.78 20.94 -9.80
C GLU F 177 -21.33 22.03 -8.85
N ALA F 178 -20.16 21.87 -8.23
CA ALA F 178 -19.64 22.89 -7.33
C ALA F 178 -19.37 24.19 -8.07
N HIS F 179 -18.79 24.11 -9.26
CA HIS F 179 -18.49 25.30 -10.03
C HIS F 179 -19.77 26.00 -10.48
N TYR F 180 -20.77 25.23 -10.89
CA TYR F 180 -22.05 25.81 -11.29
C TYR F 180 -22.70 26.55 -10.13
N ARG F 181 -22.76 25.91 -8.95
CA ARG F 181 -23.38 26.55 -7.80
C ARG F 181 -22.58 27.77 -7.35
N ALA F 182 -21.25 27.69 -7.39
CA ALA F 182 -20.42 28.81 -7.00
C ALA F 182 -20.61 29.99 -7.94
N CYS F 183 -20.73 29.73 -9.25
CA CYS F 183 -20.96 30.80 -10.20
C CYS F 183 -22.36 31.39 -10.04
N LEU F 184 -23.35 30.57 -9.71
CA LEU F 184 -24.69 31.11 -9.48
C LEU F 184 -24.67 32.04 -8.28
N TYR F 185 -24.10 31.60 -7.17
CA TYR F 185 -24.05 32.41 -5.96
C TYR F 185 -23.28 33.70 -6.18
N ALA F 186 -22.18 33.63 -6.91
CA ALA F 186 -21.34 34.81 -7.12
C ALA F 186 -21.94 35.82 -8.08
N GLY F 187 -22.99 35.44 -8.77
CA GLY F 187 -23.63 36.34 -9.70
C GLY F 187 -23.19 36.18 -11.14
N ILE F 188 -22.40 35.17 -11.45
CA ILE F 188 -22.00 34.91 -12.83
C ILE F 188 -23.20 34.47 -13.63
N LYS F 189 -23.28 34.94 -14.88
CA LYS F 189 -24.39 34.61 -15.77
C LYS F 189 -24.07 33.30 -16.49
N ILE F 190 -24.10 32.21 -15.73
CA ILE F 190 -23.86 30.89 -16.29
C ILE F 190 -25.19 30.29 -16.71
N GLY F 191 -25.25 29.83 -17.95
CA GLY F 191 -26.49 29.37 -18.53
C GLY F 191 -26.65 27.87 -18.61
N GLY F 192 -25.59 27.12 -18.38
CA GLY F 192 -25.69 25.68 -18.36
C GLY F 192 -24.36 25.02 -18.59
N THR F 193 -24.34 23.70 -18.38
CA THR F 193 -23.15 22.87 -18.56
C THR F 193 -23.54 21.59 -19.26
N ASN F 194 -22.53 20.93 -19.84
CA ASN F 194 -22.71 19.58 -20.36
C ASN F 194 -21.36 18.88 -20.38
N ALA F 195 -21.41 17.55 -20.45
CA ALA F 195 -20.20 16.74 -20.53
C ALA F 195 -19.84 16.53 -21.99
N GLU F 196 -18.55 16.58 -22.29
CA GLU F 196 -18.08 16.57 -23.66
C GLU F 196 -17.76 15.15 -24.13
N VAL F 197 -17.27 15.02 -25.35
CA VAL F 197 -17.17 13.72 -26.02
C VAL F 197 -16.15 12.82 -25.34
N MET F 198 -15.14 13.38 -24.72
CA MET F 198 -14.21 12.53 -24.00
C MET F 198 -14.39 12.73 -22.50
N PRO F 199 -14.22 11.69 -21.69
CA PRO F 199 -14.49 11.83 -20.25
C PRO F 199 -13.50 12.77 -19.59
N ALA F 200 -13.94 13.40 -18.51
CA ALA F 200 -13.28 14.46 -17.76
C ALA F 200 -13.20 15.76 -18.54
N GLN F 201 -13.81 15.85 -19.71
CA GLN F 201 -13.91 17.09 -20.46
C GLN F 201 -15.33 17.63 -20.31
N TRP F 202 -15.44 18.90 -19.97
CA TRP F 202 -16.73 19.53 -19.72
C TRP F 202 -16.77 20.88 -20.40
N GLU F 203 -17.92 21.53 -20.28
CA GLU F 203 -18.14 22.83 -20.88
C GLU F 203 -19.18 23.58 -20.08
N PHE F 204 -18.95 24.86 -19.83
CA PHE F 204 -19.96 25.73 -19.26
C PHE F 204 -20.19 26.91 -20.19
N GLN F 205 -21.44 27.34 -20.30
CA GLN F 205 -21.80 28.48 -21.13
C GLN F 205 -22.05 29.69 -20.25
N ILE F 206 -21.53 30.84 -20.66
CA ILE F 206 -21.74 32.10 -19.97
C ILE F 206 -22.48 33.03 -20.92
N GLY F 207 -23.61 33.56 -20.48
CA GLY F 207 -24.34 34.51 -21.28
C GLY F 207 -25.84 34.38 -21.17
N PRO F 208 -26.57 35.33 -21.77
CA PRO F 208 -26.10 36.50 -22.51
C PRO F 208 -25.55 37.61 -21.62
N CYS F 209 -24.62 38.42 -22.12
CA CYS F 209 -24.03 39.52 -21.36
C CYS F 209 -24.05 40.79 -22.20
N GLU F 210 -24.19 41.93 -21.52
CA GLU F 210 -24.47 43.20 -22.18
C GLU F 210 -23.26 43.82 -22.86
N GLY F 211 -22.05 43.39 -22.52
CA GLY F 211 -20.87 44.11 -22.99
C GLY F 211 -19.59 43.55 -22.43
N ILE F 212 -18.79 44.40 -21.79
CA ILE F 212 -17.61 43.97 -21.05
C ILE F 212 -18.01 43.02 -19.92
N ASP F 213 -19.30 42.98 -19.62
CA ASP F 213 -19.83 41.95 -18.73
C ASP F 213 -19.46 40.56 -19.22
N MET F 214 -19.40 40.35 -20.54
CA MET F 214 -19.02 39.05 -21.06
C MET F 214 -17.60 38.68 -20.64
N GLY F 215 -16.64 39.58 -20.88
CA GLY F 215 -15.27 39.29 -20.49
C GLY F 215 -15.12 39.13 -18.99
N ASP F 216 -15.75 40.02 -18.22
CA ASP F 216 -15.67 39.94 -16.77
C ASP F 216 -16.23 38.62 -16.26
N HIS F 217 -17.42 38.24 -16.73
CA HIS F 217 -18.05 37.02 -16.25
C HIS F 217 -17.27 35.78 -16.67
N LEU F 218 -16.74 35.76 -17.89
CA LEU F 218 -16.00 34.58 -18.31
C LEU F 218 -14.69 34.45 -17.54
N TRP F 219 -13.99 35.56 -17.30
CA TRP F 219 -12.76 35.49 -16.53
C TRP F 219 -13.02 35.07 -15.09
N VAL F 220 -14.07 35.63 -14.47
CA VAL F 220 -14.36 35.24 -13.09
C VAL F 220 -14.86 33.80 -13.03
N ALA F 221 -15.57 33.33 -14.05
CA ALA F 221 -15.96 31.93 -14.10
C ALA F 221 -14.74 31.02 -14.21
N ARG F 222 -13.75 31.43 -15.01
CA ARG F 222 -12.50 30.68 -15.07
C ARG F 222 -11.81 30.65 -13.71
N PHE F 223 -11.79 31.79 -13.02
CA PHE F 223 -11.17 31.81 -11.70
C PHE F 223 -11.89 30.90 -10.72
N ILE F 224 -13.22 30.92 -10.75
CA ILE F 224 -14.01 30.07 -9.87
C ILE F 224 -13.75 28.60 -10.19
N LEU F 225 -13.63 28.28 -11.47
CA LEU F 225 -13.29 26.91 -11.85
C LEU F 225 -11.94 26.51 -11.28
N HIS F 226 -10.95 27.40 -11.38
CA HIS F 226 -9.63 27.08 -10.83
C HIS F 226 -9.67 26.90 -9.32
N ARG F 227 -10.40 27.76 -8.60
CA ARG F 227 -10.48 27.64 -7.15
C ARG F 227 -11.20 26.38 -6.73
N VAL F 228 -12.32 26.05 -7.38
CA VAL F 228 -13.05 24.83 -7.07
C VAL F 228 -12.18 23.61 -7.34
N CYS F 229 -11.50 23.58 -8.50
CA CYS F 229 -10.65 22.44 -8.82
C CYS F 229 -9.49 22.33 -7.84
N GLU F 230 -8.96 23.46 -7.38
CA GLU F 230 -7.92 23.44 -6.35
C GLU F 230 -8.45 22.86 -5.05
N ASP F 231 -9.70 23.18 -4.70
CA ASP F 231 -10.32 22.55 -3.54
C ASP F 231 -10.44 21.04 -3.73
N PHE F 232 -10.78 20.60 -4.94
CA PHE F 232 -10.87 19.17 -5.20
C PHE F 232 -9.53 18.53 -5.50
N GLY F 233 -8.49 19.32 -5.73
CA GLY F 233 -7.18 18.78 -6.02
C GLY F 233 -6.91 18.42 -7.45
N VAL F 234 -7.77 18.84 -8.38
CA VAL F 234 -7.57 18.59 -9.79
C VAL F 234 -7.26 19.91 -10.48
N ILE F 235 -6.92 19.83 -11.76
CA ILE F 235 -6.50 20.98 -12.55
C ILE F 235 -7.50 21.17 -13.67
N ALA F 236 -7.92 22.40 -13.89
CA ALA F 236 -8.78 22.74 -15.02
C ALA F 236 -7.88 23.28 -16.13
N THR F 237 -7.87 22.61 -17.27
CA THR F 237 -7.03 22.99 -18.40
C THR F 237 -7.91 23.50 -19.53
N PHE F 238 -7.61 24.72 -19.99
CA PHE F 238 -8.24 25.30 -21.15
C PHE F 238 -7.35 25.20 -22.39
N ASP F 239 -6.38 24.30 -22.38
CA ASP F 239 -5.54 24.12 -23.55
C ASP F 239 -6.35 23.51 -24.68
N PRO F 240 -6.26 24.05 -25.90
CA PRO F 240 -7.10 23.53 -26.99
C PRO F 240 -6.83 22.08 -27.34
N LYS F 241 -5.64 21.57 -27.02
CA LYS F 241 -5.23 20.21 -27.34
C LYS F 241 -4.68 19.57 -26.07
N PRO F 242 -5.55 19.18 -25.13
CA PRO F 242 -5.07 18.62 -23.86
C PRO F 242 -4.42 17.25 -24.04
N ILE F 243 -5.13 16.34 -24.69
CA ILE F 243 -4.67 14.97 -24.89
C ILE F 243 -4.42 14.78 -26.38
N PRO F 244 -3.24 14.33 -26.79
CA PRO F 244 -3.00 14.06 -28.22
C PRO F 244 -3.93 12.97 -28.74
N GLY F 245 -4.35 13.12 -30.00
CA GLY F 245 -5.24 12.16 -30.62
C GLY F 245 -5.99 12.79 -31.76
N ASN F 246 -7.10 12.13 -32.15
CA ASN F 246 -7.91 12.58 -33.26
C ASN F 246 -8.66 13.87 -32.96
N TRP F 247 -9.11 14.07 -31.73
CA TRP F 247 -9.83 15.28 -31.35
C TRP F 247 -8.94 16.51 -31.55
N ASN F 248 -9.50 17.55 -32.16
CA ASN F 248 -8.70 18.71 -32.57
C ASN F 248 -9.06 19.99 -31.84
N GLY F 249 -10.30 20.47 -31.95
CA GLY F 249 -10.59 21.83 -31.54
C GLY F 249 -10.66 22.06 -30.04
N ALA F 250 -11.74 21.56 -29.42
CA ALA F 250 -11.98 21.68 -27.97
C ALA F 250 -11.88 23.12 -27.55
N GLY F 251 -12.47 24.02 -28.34
CA GLY F 251 -12.36 25.45 -28.06
C GLY F 251 -13.65 26.24 -27.88
N CYS F 252 -13.55 27.45 -27.34
CA CYS F 252 -14.72 28.29 -27.07
C CYS F 252 -15.55 28.72 -28.27
N HIS F 253 -16.87 28.79 -28.09
CA HIS F 253 -17.74 29.25 -29.17
C HIS F 253 -18.42 30.54 -28.75
N THR F 254 -18.32 31.58 -29.57
CA THR F 254 -18.89 32.87 -29.19
C THR F 254 -20.15 33.18 -29.97
N ASN F 255 -21.22 33.51 -29.27
CA ASN F 255 -22.49 33.79 -29.94
C ASN F 255 -22.74 35.28 -29.92
N PHE F 256 -22.85 35.91 -31.08
CA PHE F 256 -22.99 37.35 -31.11
C PHE F 256 -24.31 37.89 -31.68
N SER F 257 -24.97 38.76 -30.93
CA SER F 257 -26.20 39.38 -31.39
C SER F 257 -26.16 40.87 -31.07
N THR F 258 -27.01 41.63 -31.75
CA THR F 258 -27.19 43.06 -31.51
C THR F 258 -28.67 43.33 -31.33
N LYS F 259 -29.00 44.60 -31.06
CA LYS F 259 -30.39 44.98 -30.90
C LYS F 259 -31.18 44.76 -32.19
N ALA F 260 -30.58 45.11 -33.33
CA ALA F 260 -31.26 44.91 -34.61
C ALA F 260 -31.47 43.43 -34.91
N MET F 261 -30.46 42.61 -34.63
CA MET F 261 -30.57 41.19 -34.95
C MET F 261 -31.58 40.49 -34.07
N ARG F 262 -31.82 41.01 -32.88
CA ARG F 262 -32.83 40.41 -32.00
C ARG F 262 -34.24 40.78 -32.42
N GLU F 263 -34.41 41.92 -33.11
CA GLU F 263 -35.72 42.34 -33.56
C GLU F 263 -36.06 41.66 -34.88
N GLU F 264 -37.25 41.96 -35.40
CA GLU F 264 -37.71 41.35 -36.64
C GLU F 264 -36.84 41.80 -37.82
N ASN F 265 -36.73 40.91 -38.81
CA ASN F 265 -35.88 41.11 -39.98
C ASN F 265 -34.42 41.29 -39.60
N GLY F 266 -34.00 40.69 -38.49
CA GLY F 266 -32.61 40.74 -38.09
C GLY F 266 -31.72 39.74 -38.79
N LEU F 267 -32.32 38.79 -39.52
CA LEU F 267 -31.52 37.78 -40.22
C LEU F 267 -30.63 38.41 -41.28
N LYS F 268 -31.11 39.47 -41.93
CA LYS F 268 -30.28 40.16 -42.90
C LYS F 268 -29.10 40.86 -42.22
N TYR F 269 -29.31 41.40 -41.02
CA TYR F 269 -28.20 41.97 -40.26
C TYR F 269 -27.20 40.89 -39.89
N ILE F 270 -27.68 39.71 -39.52
CA ILE F 270 -26.79 38.59 -39.22
C ILE F 270 -25.98 38.20 -40.45
N GLU F 271 -26.64 38.15 -41.61
CA GLU F 271 -25.94 37.84 -42.86
C GLU F 271 -24.88 38.88 -43.18
N GLU F 272 -25.20 40.16 -42.97
CA GLU F 272 -24.22 41.22 -43.19
C GLU F 272 -23.03 41.06 -42.26
N ALA F 273 -23.28 40.74 -40.99
CA ALA F 273 -22.18 40.54 -40.04
C ALA F 273 -21.32 39.36 -40.45
N ILE F 274 -21.94 38.27 -40.91
CA ILE F 274 -21.17 37.11 -41.35
C ILE F 274 -20.33 37.45 -42.58
N GLU F 275 -20.90 38.20 -43.51
CA GLU F 275 -20.14 38.60 -44.70
C GLU F 275 -18.96 39.50 -44.33
N LYS F 276 -19.17 40.40 -43.38
CA LYS F 276 -18.07 41.24 -42.90
C LYS F 276 -16.99 40.40 -42.23
N LEU F 277 -17.40 39.40 -41.44
CA LEU F 277 -16.43 38.54 -40.77
C LEU F 277 -15.66 37.68 -41.75
N SER F 278 -16.28 37.29 -42.86
CA SER F 278 -15.63 36.42 -43.83
C SER F 278 -14.36 37.04 -44.39
N LYS F 279 -14.31 38.36 -44.48
CA LYS F 279 -13.13 39.04 -44.99
C LYS F 279 -11.99 39.06 -43.96
N ARG F 280 -12.32 39.19 -42.68
CA ARG F 280 -11.33 39.36 -41.61
C ARG F 280 -11.02 38.06 -40.88
N HIS F 281 -10.98 36.94 -41.60
CA HIS F 281 -10.72 35.65 -40.96
C HIS F 281 -9.33 35.61 -40.33
N GLN F 282 -8.31 36.08 -41.04
CA GLN F 282 -6.95 36.03 -40.52
C GLN F 282 -6.77 36.92 -39.31
N TYR F 283 -7.40 38.11 -39.33
CA TYR F 283 -7.31 39.01 -38.19
C TYR F 283 -7.94 38.39 -36.95
N HIS F 284 -9.09 37.74 -37.10
CA HIS F 284 -9.74 37.11 -35.96
C HIS F 284 -8.96 35.89 -35.47
N ILE F 285 -8.36 35.14 -36.39
CA ILE F 285 -7.51 34.02 -35.99
C ILE F 285 -6.33 34.52 -35.17
N ARG F 286 -5.72 35.63 -35.60
CA ARG F 286 -4.63 36.22 -34.84
C ARG F 286 -5.09 36.72 -33.48
N ALA F 287 -6.26 37.37 -33.43
CA ALA F 287 -6.72 38.00 -32.19
C ALA F 287 -7.19 36.98 -31.16
N TYR F 288 -7.72 35.84 -31.61
CA TYR F 288 -8.29 34.88 -30.67
C TYR F 288 -7.21 34.18 -29.86
N ASP F 289 -6.06 33.93 -30.46
CA ASP F 289 -4.96 33.28 -29.75
C ASP F 289 -4.23 34.29 -28.88
N PRO F 290 -4.07 34.04 -27.58
CA PRO F 290 -3.33 34.98 -26.74
C PRO F 290 -1.88 35.16 -27.13
N LYS F 291 -1.24 34.13 -27.69
CA LYS F 291 0.14 34.21 -28.11
C LYS F 291 0.27 35.00 -29.40
N GLY F 320 -17.57 21.86 -38.96
CA GLY F 320 -18.10 22.14 -40.27
C GLY F 320 -17.80 23.55 -40.76
N ALA F 321 -18.48 24.52 -40.16
CA ALA F 321 -18.30 25.93 -40.53
C ALA F 321 -17.55 26.71 -39.45
N SER F 322 -16.52 27.45 -39.83
CA SER F 322 -15.81 28.26 -38.85
C SER F 322 -16.77 29.26 -38.24
N ILE F 323 -17.64 29.86 -39.05
CA ILE F 323 -18.66 30.77 -38.51
C ILE F 323 -19.98 30.10 -38.85
N ARG F 324 -20.87 29.93 -37.88
CA ARG F 324 -22.10 29.18 -38.13
C ARG F 324 -23.34 29.95 -37.70
N ILE F 325 -24.48 29.65 -38.32
CA ILE F 325 -25.73 30.30 -37.95
C ILE F 325 -26.68 29.26 -37.39
N PRO F 326 -27.32 29.57 -36.26
CA PRO F 326 -28.33 28.65 -35.72
C PRO F 326 -29.48 28.51 -36.68
N ARG F 327 -30.07 27.33 -36.77
CA ARG F 327 -31.13 27.11 -37.74
C ARG F 327 -32.44 27.58 -37.17
N THR F 328 -32.60 27.49 -35.86
CA THR F 328 -33.80 28.03 -35.21
C THR F 328 -33.90 29.53 -35.40
N VAL F 329 -32.76 30.22 -35.33
CA VAL F 329 -32.73 31.66 -35.60
C VAL F 329 -33.14 31.92 -37.05
N GLY F 330 -32.62 31.13 -37.98
CA GLY F 330 -33.00 31.30 -39.38
C GLY F 330 -34.48 31.06 -39.61
N GLN F 331 -35.05 30.06 -38.93
CA GLN F 331 -36.49 29.82 -39.03
C GLN F 331 -37.27 30.99 -38.45
N GLU F 332 -36.82 31.54 -37.32
CA GLU F 332 -37.48 32.70 -36.73
C GLU F 332 -37.03 34.02 -37.36
N LYS F 333 -36.03 33.98 -38.24
CA LYS F 333 -35.49 35.14 -38.96
C LYS F 333 -34.89 36.19 -38.05
N LYS F 334 -34.61 35.86 -36.79
CA LYS F 334 -34.00 36.81 -35.86
C LYS F 334 -33.26 36.03 -34.78
N GLY F 335 -32.19 36.62 -34.26
CA GLY F 335 -31.46 36.00 -33.18
C GLY F 335 -29.98 36.32 -33.13
N TYR F 336 -29.14 35.28 -33.18
CA TYR F 336 -27.70 35.46 -33.07
C TYR F 336 -26.96 34.59 -34.05
N PHE F 337 -25.63 34.59 -34.00
CA PHE F 337 -24.86 33.70 -34.86
C PHE F 337 -23.89 32.94 -33.95
N GLU F 338 -23.08 32.05 -34.50
CA GLU F 338 -22.07 31.36 -33.69
C GLU F 338 -20.71 31.42 -34.32
N ASP F 339 -19.68 31.75 -33.55
CA ASP F 339 -18.34 31.70 -34.09
C ASP F 339 -17.62 30.55 -33.42
N ARG F 340 -17.19 29.56 -34.20
CA ARG F 340 -16.53 28.38 -33.66
C ARG F 340 -15.02 28.52 -33.65
N ARG F 341 -14.52 29.61 -34.21
CA ARG F 341 -13.07 29.81 -34.32
C ARG F 341 -12.27 30.00 -33.01
N PRO F 342 -12.83 30.69 -31.98
CA PRO F 342 -11.95 30.88 -30.82
C PRO F 342 -11.61 29.58 -30.11
N SER F 343 -10.39 29.51 -29.59
CA SER F 343 -9.93 28.35 -28.84
C SER F 343 -10.41 28.43 -27.40
N ALA F 344 -10.05 27.43 -26.60
CA ALA F 344 -10.51 27.37 -25.23
C ALA F 344 -9.78 28.35 -24.33
N ASN F 345 -8.51 28.62 -24.61
CA ASN F 345 -7.72 29.55 -23.83
C ASN F 345 -7.82 30.99 -24.33
N CYS F 346 -8.86 31.31 -25.11
CA CYS F 346 -8.97 32.62 -25.73
C CYS F 346 -9.23 33.70 -24.67
N ASP F 347 -8.87 34.93 -25.02
CA ASP F 347 -9.16 36.08 -24.17
C ASP F 347 -10.49 36.67 -24.56
N PRO F 348 -11.50 36.65 -23.69
CA PRO F 348 -12.83 37.15 -24.08
C PRO F 348 -12.85 38.62 -24.46
N PHE F 349 -12.01 39.43 -23.83
CA PHE F 349 -11.95 40.85 -24.18
C PHE F 349 -11.53 41.04 -25.63
N ALA F 350 -10.47 40.36 -26.03
CA ALA F 350 -10.00 40.45 -27.42
C ALA F 350 -11.03 39.91 -28.39
N VAL F 351 -11.67 38.78 -28.05
CA VAL F 351 -12.65 38.16 -28.93
C VAL F 351 -13.83 39.10 -29.15
N THR F 352 -14.40 39.62 -28.06
CA THR F 352 -15.55 40.49 -28.18
C THR F 352 -15.20 41.81 -28.86
N GLU F 353 -14.02 42.36 -28.56
CA GLU F 353 -13.60 43.60 -29.21
C GLU F 353 -13.43 43.40 -30.71
N ALA F 354 -12.83 42.28 -31.13
CA ALA F 354 -12.68 42.00 -32.54
C ALA F 354 -14.04 41.80 -33.21
N LEU F 355 -14.96 41.09 -32.56
CA LEU F 355 -16.29 40.89 -33.13
C LEU F 355 -17.02 42.20 -33.31
N ILE F 356 -16.89 43.11 -32.33
CA ILE F 356 -17.54 44.41 -32.46
C ILE F 356 -16.88 45.23 -33.57
N ARG F 357 -15.55 45.25 -33.62
CA ARG F 357 -14.85 46.09 -34.58
C ARG F 357 -15.10 45.64 -36.02
N THR F 358 -15.08 44.33 -36.26
CA THR F 358 -15.28 43.85 -37.62
C THR F 358 -16.71 44.06 -38.09
N CYS F 359 -17.69 43.83 -37.21
CA CYS F 359 -19.09 43.89 -37.60
C CYS F 359 -19.67 45.29 -37.44
N LEU F 360 -19.65 45.82 -36.22
CA LEU F 360 -20.31 47.09 -35.95
C LEU F 360 -19.50 48.27 -36.49
N LEU F 361 -18.18 48.24 -36.32
CA LEU F 361 -17.36 49.38 -36.69
C LEU F 361 -16.88 49.34 -38.14
N ASN F 362 -17.14 48.23 -38.85
CA ASN F 362 -16.82 48.10 -40.27
C ASN F 362 -15.33 48.26 -40.56
N GLU F 363 -14.49 48.01 -39.57
CA GLU F 363 -13.06 48.16 -39.73
C GLU F 363 -12.49 47.10 -40.67
N THR F 364 -11.46 47.49 -41.42
CA THR F 364 -10.70 46.58 -42.26
C THR F 364 -9.22 46.89 -42.10
N GLY F 365 -8.39 45.88 -42.30
CA GLY F 365 -6.95 46.07 -42.22
C GLY F 365 -6.24 45.12 -41.29
N ASP F 366 -4.90 45.09 -41.37
CA ASP F 366 -4.12 44.20 -40.51
C ASP F 366 -4.15 44.65 -39.07
N GLU F 367 -4.06 45.96 -38.82
CA GLU F 367 -4.06 46.47 -37.46
C GLU F 367 -5.29 47.34 -37.21
N PRO F 368 -5.85 47.28 -36.00
CA PRO F 368 -7.06 48.06 -35.72
C PRO F 368 -6.78 49.56 -35.67
N PHE F 369 -7.81 50.33 -36.01
CA PHE F 369 -7.71 51.78 -35.92
C PHE F 369 -7.80 52.24 -34.47
N GLN F 370 -7.25 53.42 -34.21
CA GLN F 370 -7.22 54.00 -32.87
C GLN F 370 -8.25 55.12 -32.79
N TYR F 371 -9.30 54.89 -32.00
CA TYR F 371 -10.37 55.89 -31.82
C TYR F 371 -9.98 56.86 -30.70
N LYS F 372 -8.86 57.54 -30.92
CA LYS F 372 -8.34 58.48 -29.93
C LYS F 372 -9.20 59.74 -29.86
N ALA G 2 4.52 14.45 3.66
CA ALA G 2 4.02 13.72 4.80
C ALA G 2 3.30 14.65 5.77
N THR G 3 2.36 14.09 6.52
CA THR G 3 1.64 14.82 7.55
C THR G 3 1.74 14.07 8.86
N SER G 4 1.50 14.78 9.95
CA SER G 4 1.66 14.19 11.28
C SER G 4 0.60 13.11 11.52
N ALA G 5 0.93 12.19 12.43
CA ALA G 5 0.01 11.11 12.75
C ALA G 5 -1.25 11.61 13.42
N SER G 6 -1.15 12.71 14.18
CA SER G 6 -2.34 13.24 14.84
C SER G 6 -3.34 13.78 13.85
N SER G 7 -2.88 14.23 12.69
CA SER G 7 -3.80 14.73 11.67
C SER G 7 -4.64 13.62 11.05
N HIS G 8 -4.22 12.36 11.18
CA HIS G 8 -4.97 11.25 10.65
C HIS G 8 -5.96 10.67 11.65
N LEU G 9 -6.09 11.27 12.82
CA LEU G 9 -7.17 10.90 13.72
C LEU G 9 -8.49 11.39 13.17
N ASN G 10 -9.57 10.70 13.52
CA ASN G 10 -10.89 11.06 13.04
C ASN G 10 -11.28 12.38 13.69
N LYS G 11 -11.31 13.45 12.91
CA LYS G 11 -11.64 14.77 13.42
C LYS G 11 -13.13 14.96 13.66
N GLY G 12 -13.97 14.13 13.04
CA GLY G 12 -15.39 14.17 13.34
C GLY G 12 -15.69 13.83 14.79
N ILE G 13 -14.92 12.89 15.35
CA ILE G 13 -15.03 12.57 16.78
C ILE G 13 -14.71 13.80 17.61
N LYS G 14 -13.64 14.50 17.27
CA LYS G 14 -13.26 15.72 17.95
C LYS G 14 -14.36 16.75 17.87
N GLN G 15 -15.01 16.89 16.71
CA GLN G 15 -16.05 17.90 16.57
C GLN G 15 -17.32 17.49 17.30
N VAL G 16 -17.57 16.20 17.44
CA VAL G 16 -18.68 15.74 18.27
C VAL G 16 -18.44 16.14 19.72
N TYR G 17 -17.22 15.98 20.20
CA TYR G 17 -16.91 16.34 21.58
C TYR G 17 -16.91 17.85 21.79
N MET G 18 -16.43 18.59 20.80
CA MET G 18 -16.42 20.05 20.89
C MET G 18 -17.81 20.66 20.93
N ALA G 19 -18.79 19.99 20.33
CA ALA G 19 -20.11 20.57 20.24
C ALA G 19 -20.90 20.39 21.53
N LEU G 20 -20.34 19.72 22.52
CA LEU G 20 -21.01 19.64 23.80
C LEU G 20 -21.15 21.03 24.40
N PRO G 21 -22.31 21.33 25.00
CA PRO G 21 -22.46 22.61 25.72
C PRO G 21 -21.43 22.73 26.82
N GLN G 22 -20.65 23.79 26.77
CA GLN G 22 -19.48 23.90 27.64
C GLN G 22 -19.87 24.07 29.10
N GLY G 23 -20.79 24.98 29.38
CA GLY G 23 -21.20 25.25 30.74
C GLY G 23 -20.72 26.61 31.22
N ASP G 24 -20.72 26.75 32.55
CA ASP G 24 -20.36 28.03 33.15
C ASP G 24 -18.86 28.26 33.14
N LYS G 25 -18.06 27.19 33.16
CA LYS G 25 -16.62 27.34 33.20
C LYS G 25 -16.08 27.81 31.85
N VAL G 26 -14.92 28.47 31.89
CA VAL G 26 -14.32 29.02 30.67
C VAL G 26 -12.84 28.66 30.64
N GLN G 27 -12.35 28.20 29.50
CA GLN G 27 -10.95 27.78 29.42
C GLN G 27 -10.06 28.87 28.84
N ALA G 28 -8.98 29.21 29.53
CA ALA G 28 -8.05 30.21 29.02
C ALA G 28 -6.70 29.61 28.70
N MET G 29 -6.23 29.78 27.46
CA MET G 29 -4.96 29.20 27.07
C MET G 29 -3.85 30.22 27.16
N TYR G 30 -3.05 30.13 28.22
CA TYR G 30 -1.92 31.03 28.37
C TYR G 30 -0.84 30.77 27.35
N ILE G 31 -0.34 31.78 26.67
CA ILE G 31 0.68 31.66 25.64
C ILE G 31 1.85 32.57 26.01
N TRP G 32 3.06 32.05 25.88
CA TRP G 32 4.26 32.83 26.17
C TRP G 32 5.37 32.45 25.19
N ILE G 33 6.36 33.32 25.11
CA ILE G 33 7.48 33.10 24.20
C ILE G 33 8.50 32.19 24.87
N ASP G 34 8.99 31.20 24.12
CA ASP G 34 9.98 30.25 24.58
C ASP G 34 11.28 30.98 24.93
N GLY G 35 12.16 30.26 25.64
CA GLY G 35 13.47 30.81 25.95
C GLY G 35 14.35 30.99 24.73
N THR G 36 14.06 30.29 23.64
CA THR G 36 14.84 30.43 22.42
C THR G 36 14.61 31.76 21.72
N GLY G 37 13.56 32.49 22.09
CA GLY G 37 13.27 33.77 21.50
C GLY G 37 12.35 33.73 20.30
N GLU G 38 12.08 32.55 19.74
CA GLU G 38 11.23 32.44 18.57
C GLU G 38 10.18 31.34 18.68
N GLY G 39 10.23 30.50 19.71
CA GLY G 39 9.23 29.48 19.91
C GLY G 39 8.11 29.97 20.82
N LEU G 40 6.98 29.27 20.77
CA LEU G 40 5.81 29.62 21.55
C LEU G 40 5.38 28.41 22.38
N ARG G 41 5.04 28.68 23.63
CA ARG G 41 4.55 27.66 24.54
C ARG G 41 3.17 28.06 25.04
N CYS G 42 2.32 27.07 25.32
CA CYS G 42 0.96 27.34 25.73
C CYS G 42 0.50 26.28 26.70
N LYS G 43 -0.45 26.65 27.57
CA LYS G 43 -1.10 25.67 28.44
C LYS G 43 -2.39 26.26 28.95
N THR G 44 -3.46 25.46 28.96
CA THR G 44 -4.78 25.98 29.30
C THR G 44 -5.28 25.78 30.71
N ARG G 45 -5.81 26.82 31.35
CA ARG G 45 -6.42 26.65 32.66
C ARG G 45 -7.93 26.84 32.62
N THR G 46 -8.62 26.70 33.76
CA THR G 46 -10.06 26.89 33.84
C THR G 46 -10.39 28.08 34.72
N LEU G 47 -11.28 28.93 34.23
CA LEU G 47 -11.78 30.09 34.95
C LEU G 47 -13.24 29.84 35.32
N ASP G 48 -13.63 30.35 36.49
CA ASP G 48 -15.00 30.16 36.95
C ASP G 48 -15.98 30.98 36.14
N SER G 49 -15.51 32.10 35.57
CA SER G 49 -16.36 32.97 34.78
C SER G 49 -15.55 33.56 33.64
N GLU G 50 -16.26 34.07 32.65
CA GLU G 50 -15.59 34.71 31.51
C GLU G 50 -15.02 36.06 31.94
N PRO G 51 -13.73 36.30 31.74
CA PRO G 51 -13.14 37.58 32.13
C PRO G 51 -13.51 38.66 31.13
N LYS G 52 -14.01 39.79 31.64
CA LYS G 52 -14.36 40.89 30.75
C LYS G 52 -13.13 41.65 30.27
N CYS G 53 -12.09 41.74 31.10
CA CYS G 53 -10.89 42.46 30.75
C CYS G 53 -9.68 41.61 31.09
N ILE G 54 -8.51 42.06 30.63
CA ILE G 54 -7.27 41.32 30.85
C ILE G 54 -6.90 41.28 32.32
N GLU G 55 -7.31 42.30 33.09
CA GLU G 55 -6.93 42.38 34.49
C GLU G 55 -7.56 41.29 35.34
N GLU G 56 -8.67 40.71 34.91
CA GLU G 56 -9.28 39.63 35.67
C GLU G 56 -8.51 38.32 35.52
N LEU G 57 -7.64 38.22 34.53
CA LEU G 57 -6.84 37.01 34.37
C LEU G 57 -5.80 36.93 35.48
N PRO G 58 -5.76 35.85 36.25
CA PRO G 58 -4.73 35.70 37.28
C PRO G 58 -3.38 35.39 36.66
N GLU G 59 -2.33 35.62 37.44
CA GLU G 59 -0.99 35.21 37.04
C GLU G 59 -0.83 33.71 37.20
N TRP G 60 0.12 33.16 36.45
CA TRP G 60 0.35 31.72 36.48
C TRP G 60 1.85 31.47 36.56
N ASN G 61 2.25 30.22 36.46
CA ASN G 61 3.66 29.86 36.53
C ASN G 61 3.89 28.60 35.72
N PHE G 62 5.14 28.39 35.33
CA PHE G 62 5.51 27.20 34.58
C PHE G 62 6.95 26.82 34.92
N ASP G 63 7.33 25.62 34.49
CA ASP G 63 8.66 25.09 34.74
C ASP G 63 9.61 25.62 33.66
N GLY G 64 10.47 26.56 34.05
CA GLY G 64 11.38 27.16 33.09
C GLY G 64 12.54 26.30 32.68
N SER G 65 12.81 25.23 33.44
CA SER G 65 13.88 24.31 33.06
C SER G 65 13.49 23.54 31.79
N SER G 66 12.20 23.32 31.59
CA SER G 66 11.73 22.64 30.38
C SER G 66 11.59 23.60 29.21
N THR G 67 11.75 24.90 29.44
CA THR G 67 11.56 25.91 28.41
C THR G 67 12.84 26.66 28.07
N PHE G 68 14.01 26.10 28.39
CA PHE G 68 15.31 26.67 28.02
C PHE G 68 15.54 28.05 28.60
N GLN G 69 14.89 28.41 29.70
CA GLN G 69 15.04 29.78 30.19
C GLN G 69 15.09 29.86 31.71
N SER G 70 15.57 28.82 32.37
CA SER G 70 15.78 28.90 33.82
C SER G 70 16.80 27.85 34.24
N GLU G 71 17.41 28.10 35.40
CA GLU G 71 18.39 27.20 35.99
C GLU G 71 17.71 26.20 36.92
N GLY G 72 18.48 25.19 37.33
CA GLY G 72 17.90 24.07 38.06
C GLY G 72 17.38 24.44 39.44
N SER G 73 18.10 25.31 40.15
CA SER G 73 17.74 25.59 41.55
C SER G 73 16.37 26.24 41.66
N ASN G 74 16.11 27.28 40.87
CA ASN G 74 14.83 27.98 40.87
C ASN G 74 14.32 27.96 39.43
N SER G 75 13.63 26.88 39.06
CA SER G 75 13.19 26.70 37.69
C SER G 75 11.91 27.47 37.39
N ASP G 76 11.06 27.67 38.40
CA ASP G 76 9.77 28.30 38.18
C ASP G 76 9.84 29.69 37.60
N MET G 77 9.01 29.96 36.60
CA MET G 77 8.95 31.29 36.05
C MET G 77 7.52 31.71 36.24
N TYR G 78 7.26 32.98 35.99
CA TYR G 78 5.91 33.48 36.07
C TYR G 78 5.30 33.93 34.77
N LEU G 79 3.99 33.84 34.66
CA LEU G 79 3.24 34.32 33.50
C LEU G 79 2.32 35.43 33.96
N VAL G 80 2.58 36.64 33.49
CA VAL G 80 1.74 37.81 33.74
C VAL G 80 0.96 38.09 32.46
N PRO G 81 -0.37 38.00 32.48
CA PRO G 81 -1.15 38.24 31.26
C PRO G 81 -0.91 39.63 30.70
N ALA G 82 -0.77 39.69 29.38
CA ALA G 82 -0.52 40.95 28.68
C ALA G 82 -1.64 41.30 27.71
N ALA G 83 -2.09 40.36 26.89
CA ALA G 83 -3.13 40.60 25.92
C ALA G 83 -4.12 39.46 25.91
N MET G 84 -5.39 39.79 25.65
CA MET G 84 -6.46 38.81 25.63
C MET G 84 -7.16 38.83 24.28
N PHE G 85 -7.44 37.64 23.75
CA PHE G 85 -8.10 37.49 22.47
C PHE G 85 -9.13 36.37 22.59
N ARG G 86 -10.07 36.32 21.66
CA ARG G 86 -11.06 35.27 21.66
C ARG G 86 -10.37 33.99 21.19
N ASP G 87 -10.84 32.84 21.63
CA ASP G 87 -10.21 31.59 21.25
C ASP G 87 -10.92 31.08 20.01
N PRO G 88 -10.25 31.12 18.86
CA PRO G 88 -10.86 30.61 17.63
C PRO G 88 -11.08 29.11 17.72
N PHE G 89 -10.11 28.41 18.26
CA PHE G 89 -10.19 26.96 18.36
C PHE G 89 -11.32 26.48 19.25
N ARG G 90 -11.54 27.16 20.37
CA ARG G 90 -12.63 26.79 21.26
C ARG G 90 -13.94 27.55 21.03
N LYS G 91 -13.93 28.53 20.13
CA LYS G 91 -15.16 29.26 19.74
C LYS G 91 -15.93 30.02 20.82
N ASP G 92 -15.26 30.53 21.85
CA ASP G 92 -15.90 31.36 22.89
C ASP G 92 -16.64 30.54 23.94
N PRO G 93 -16.72 31.02 25.19
CA PRO G 93 -16.26 32.27 25.80
C PRO G 93 -14.80 32.12 26.14
N ASN G 94 -14.21 31.00 25.75
CA ASN G 94 -12.82 30.72 26.04
C ASN G 94 -11.85 31.73 25.46
N LYS G 95 -10.81 32.06 26.23
CA LYS G 95 -9.88 33.10 25.80
C LYS G 95 -8.40 32.77 25.62
N LEU G 96 -7.77 33.27 24.57
CA LEU G 96 -6.33 33.14 24.42
C LEU G 96 -5.68 34.28 25.19
N VAL G 97 -4.71 33.95 26.04
CA VAL G 97 -4.06 34.93 26.90
C VAL G 97 -2.58 34.92 26.59
N PHE G 98 -2.10 35.95 25.91
CA PHE G 98 -0.68 36.12 25.66
C PHE G 98 -0.05 36.83 26.85
N CYS G 99 0.99 36.21 27.41
CA CYS G 99 1.60 36.72 28.63
C CYS G 99 3.08 36.93 28.62
N GLU G 100 3.58 37.85 29.44
CA GLU G 100 5.01 38.05 29.61
C GLU G 100 5.61 37.06 30.59
N VAL G 101 6.91 36.86 30.51
CA VAL G 101 7.59 35.92 31.39
C VAL G 101 8.51 36.63 32.37
N PHE G 102 8.52 36.19 33.62
CA PHE G 102 9.35 36.83 34.62
C PHE G 102 10.28 35.79 35.21
N LYS G 103 11.30 36.19 35.95
CA LYS G 103 12.12 35.21 36.60
C LYS G 103 11.63 35.12 38.02
N TYR G 104 12.32 34.38 38.86
CA TYR G 104 11.92 34.21 40.25
C TYR G 104 12.11 35.51 40.97
N ASN G 105 12.85 36.42 40.34
CA ASN G 105 13.12 37.70 40.94
C ASN G 105 12.08 38.70 40.51
N ARG G 106 11.08 38.25 39.76
CA ARG G 106 10.06 39.15 39.21
C ARG G 106 10.69 40.20 38.32
N LYS G 107 11.71 39.79 37.56
CA LYS G 107 12.38 40.71 36.65
C LYS G 107 12.29 40.11 35.26
N PRO G 108 12.10 40.94 34.23
CA PRO G 108 11.92 40.44 32.87
C PRO G 108 12.90 39.36 32.45
N ALA G 109 12.41 38.33 31.77
CA ALA G 109 13.26 37.24 31.33
C ALA G 109 14.09 37.65 30.13
N GLU G 110 15.16 36.93 29.89
CA GLU G 110 16.03 37.23 28.77
C GLU G 110 15.24 37.39 27.48
N THR G 111 14.16 36.62 27.35
CA THR G 111 13.39 36.66 26.12
C THR G 111 12.16 37.57 26.22
N ASN G 112 11.89 38.13 27.39
CA ASN G 112 10.76 39.04 27.51
C ASN G 112 11.22 40.40 27.07
N LEU G 113 11.10 40.66 25.77
CA LEU G 113 11.48 41.95 25.24
C LEU G 113 10.29 42.87 25.24
N ARG G 114 9.12 42.34 25.55
CA ARG G 114 7.91 43.17 25.62
C ARG G 114 7.97 44.20 26.72
N HIS G 115 8.55 43.86 27.85
CA HIS G 115 8.52 44.78 28.98
C HIS G 115 9.17 46.11 28.69
N THR G 116 10.33 46.10 28.02
CA THR G 116 11.00 47.33 27.67
C THR G 116 10.29 48.00 26.51
N CYS G 117 9.94 47.23 25.49
CA CYS G 117 9.23 47.75 24.32
C CYS G 117 7.98 48.50 24.73
N LYS G 118 7.25 47.97 25.72
CA LYS G 118 6.07 48.66 26.22
C LYS G 118 6.44 49.98 26.86
N ARG G 119 7.54 50.01 27.61
CA ARG G 119 8.00 51.27 28.19
C ARG G 119 8.31 52.29 27.10
N ILE G 120 9.01 51.84 26.05
CA ILE G 120 9.40 52.73 24.96
C ILE G 120 8.16 53.28 24.25
N MET G 121 7.18 52.40 23.99
CA MET G 121 5.95 52.84 23.33
C MET G 121 5.18 53.82 24.21
N ASP G 122 5.18 53.60 25.52
CA ASP G 122 4.51 54.53 26.42
C ASP G 122 5.20 55.88 26.45
N MET G 123 6.53 55.90 26.25
CA MET G 123 7.23 57.18 26.19
C MET G 123 6.80 57.99 24.97
N VAL G 124 6.64 57.34 23.82
CA VAL G 124 6.34 58.03 22.57
C VAL G 124 4.87 57.91 22.23
N SER G 125 4.03 57.72 23.25
CA SER G 125 2.60 57.52 23.01
C SER G 125 1.94 58.74 22.38
N ASN G 126 2.54 59.92 22.56
CA ASN G 126 1.97 61.13 21.97
C ASN G 126 2.06 61.10 20.45
N GLN G 127 3.17 60.57 19.92
CA GLN G 127 3.36 60.53 18.48
C GLN G 127 2.47 59.49 17.81
N ARG G 128 1.91 58.55 18.57
CA ARG G 128 1.01 57.50 18.08
C ARG G 128 1.63 56.73 16.91
N PRO G 129 2.66 55.92 17.14
CA PRO G 129 3.27 55.18 16.03
C PRO G 129 2.38 54.04 15.56
N TRP G 130 2.34 53.87 14.24
CA TRP G 130 1.60 52.77 13.62
C TRP G 130 2.58 51.87 12.88
N PHE G 131 2.45 50.57 13.11
CA PHE G 131 3.34 49.61 12.46
C PHE G 131 2.54 48.64 11.64
N GLY G 132 3.10 48.14 10.54
CA GLY G 132 2.43 47.12 9.77
C GLY G 132 3.47 46.05 9.46
N MET G 133 3.24 44.80 9.82
CA MET G 133 4.25 43.79 9.59
C MET G 133 3.76 42.66 8.72
N GLU G 134 4.54 42.30 7.71
CA GLU G 134 4.13 41.24 6.81
C GLU G 134 4.95 40.03 7.14
N GLN G 135 4.30 38.92 7.46
CA GLN G 135 5.02 37.73 7.89
C GLN G 135 4.98 36.66 6.83
N GLU G 136 6.15 36.17 6.42
CA GLU G 136 6.21 35.16 5.38
C GLU G 136 6.59 33.83 5.98
N TYR G 137 5.82 32.80 5.65
CA TYR G 137 6.11 31.48 6.18
C TYR G 137 6.08 30.40 5.13
N THR G 138 6.59 29.22 5.45
CA THR G 138 6.55 28.10 4.53
C THR G 138 5.84 26.94 5.21
N LEU G 139 4.94 26.29 4.48
CA LEU G 139 4.28 25.10 4.97
C LEU G 139 5.13 23.88 4.64
N MET G 140 5.50 23.13 5.67
CA MET G 140 6.39 21.99 5.54
C MET G 140 5.69 20.74 6.03
N GLY G 141 6.04 19.61 5.44
CA GLY G 141 5.61 18.34 5.96
C GLY G 141 6.40 17.98 7.20
N THR G 142 5.97 16.90 7.84
CA THR G 142 6.72 16.42 8.99
C THR G 142 8.03 15.76 8.58
N ASP G 143 8.26 15.56 7.29
CA ASP G 143 9.50 15.02 6.77
C ASP G 143 10.55 16.08 6.47
N GLY G 144 10.29 17.33 6.82
CA GLY G 144 11.27 18.38 6.64
C GLY G 144 11.33 19.00 5.26
N HIS G 145 10.41 18.66 4.39
CA HIS G 145 10.32 19.23 3.05
C HIS G 145 9.07 20.08 2.92
N PRO G 146 9.04 21.04 1.99
CA PRO G 146 7.85 21.88 1.85
C PRO G 146 6.63 21.05 1.50
N PHE G 147 5.48 21.47 2.02
CA PHE G 147 4.25 20.70 1.85
C PHE G 147 3.81 20.72 0.39
N GLY G 148 3.43 19.54 -0.12
CA GLY G 148 3.01 19.40 -1.48
C GLY G 148 4.13 19.27 -2.49
N TRP G 149 5.38 19.49 -2.07
CA TRP G 149 6.50 19.26 -2.96
C TRP G 149 6.68 17.77 -3.19
N PRO G 150 7.27 17.43 -4.39
CA PRO G 150 7.51 16.02 -4.66
C PRO G 150 8.60 15.49 -3.79
N SER G 151 8.54 14.20 -3.51
CA SER G 151 9.56 13.60 -2.70
C SER G 151 10.83 13.70 -3.49
N ASN G 152 11.91 14.13 -2.86
CA ASN G 152 13.20 14.18 -3.52
C ASN G 152 13.04 14.96 -4.81
N GLY G 153 12.32 16.06 -4.77
CA GLY G 153 12.07 16.77 -6.00
C GLY G 153 11.68 18.21 -5.90
N PHE G 154 11.77 18.89 -7.01
CA PHE G 154 11.40 20.29 -7.05
C PHE G 154 10.09 20.49 -7.83
N PRO G 155 9.19 21.39 -7.36
CA PRO G 155 7.90 21.53 -8.05
C PRO G 155 8.02 22.05 -9.47
N GLY G 156 8.95 22.95 -9.73
CA GLY G 156 9.09 23.54 -11.04
C GLY G 156 9.78 24.87 -10.97
N PRO G 157 9.99 25.51 -12.12
CA PRO G 157 10.63 26.83 -12.13
C PRO G 157 9.74 27.87 -11.47
N GLN G 158 10.39 28.89 -10.91
CA GLN G 158 9.67 29.97 -10.25
C GLN G 158 8.91 30.80 -11.28
N GLY G 159 7.80 31.39 -10.85
CA GLY G 159 7.03 32.27 -11.70
C GLY G 159 5.54 32.05 -11.78
N PRO G 160 5.06 30.80 -11.78
CA PRO G 160 3.61 30.59 -11.80
C PRO G 160 2.95 30.67 -10.44
N TYR G 161 3.72 30.70 -9.36
CA TYR G 161 3.18 30.43 -8.03
C TYR G 161 2.83 31.69 -7.24
N TYR G 162 3.48 32.81 -7.53
CA TYR G 162 3.19 34.04 -6.79
C TYR G 162 1.74 34.45 -7.02
N CYS G 163 0.97 34.47 -5.94
CA CYS G 163 -0.46 34.76 -5.98
C CYS G 163 -1.20 33.82 -6.91
N GLY G 164 -0.69 32.61 -7.08
CA GLY G 164 -1.29 31.68 -7.99
C GLY G 164 -2.52 31.00 -7.44
N VAL G 165 -3.39 30.58 -8.36
CA VAL G 165 -4.59 29.84 -8.03
C VAL G 165 -4.61 28.58 -8.88
N GLY G 166 -4.88 27.45 -8.24
CA GLY G 166 -4.88 26.18 -8.92
C GLY G 166 -4.22 25.10 -8.10
N ALA G 167 -4.55 23.84 -8.38
CA ALA G 167 -3.98 22.73 -7.61
C ALA G 167 -2.47 22.65 -7.80
N ASP G 168 -1.99 23.09 -8.96
CA ASP G 168 -0.57 23.07 -9.26
C ASP G 168 0.10 24.41 -9.01
N LYS G 169 -0.62 25.40 -8.49
CA LYS G 169 -0.09 26.74 -8.29
C LYS G 169 0.06 27.13 -6.83
N ALA G 170 -0.88 26.74 -5.97
CA ALA G 170 -0.84 27.08 -4.55
C ALA G 170 -1.04 25.83 -3.73
N TYR G 171 -0.18 25.62 -2.74
CA TYR G 171 -0.21 24.44 -1.89
C TYR G 171 -0.67 24.84 -0.50
N GLY G 172 -1.61 24.07 0.05
CA GLY G 172 -2.08 24.30 1.40
C GLY G 172 -2.82 25.60 1.61
N ARG G 173 -3.73 25.95 0.70
CA ARG G 173 -4.51 27.17 0.89
C ARG G 173 -5.54 27.01 2.00
N ASP G 174 -5.92 25.77 2.32
CA ASP G 174 -6.86 25.55 3.42
C ASP G 174 -6.29 26.04 4.74
N ILE G 175 -5.00 25.80 4.97
CA ILE G 175 -4.33 26.34 6.14
C ILE G 175 -4.45 27.86 6.16
N VAL G 176 -4.28 28.50 5.01
CA VAL G 176 -4.28 29.95 4.93
C VAL G 176 -5.67 30.49 5.23
N GLU G 177 -6.70 29.89 4.64
CA GLU G 177 -8.07 30.33 4.88
C GLU G 177 -8.46 30.12 6.34
N ALA G 178 -8.10 28.97 6.90
CA ALA G 178 -8.41 28.71 8.30
C ALA G 178 -7.70 29.68 9.22
N HIS G 179 -6.43 29.98 8.94
CA HIS G 179 -5.67 30.91 9.76
C HIS G 179 -6.24 32.32 9.67
N TYR G 180 -6.62 32.73 8.45
CA TYR G 180 -7.21 34.05 8.28
C TYR G 180 -8.51 34.18 9.05
N ARG G 181 -9.40 33.18 8.94
CA ARG G 181 -10.67 33.24 9.66
C ARG G 181 -10.47 33.18 11.16
N ALA G 182 -9.52 32.36 11.61
CA ALA G 182 -9.24 32.26 13.04
C ALA G 182 -8.70 33.58 13.59
N CYS G 183 -7.83 34.25 12.83
CA CYS G 183 -7.31 35.54 13.28
C CYS G 183 -8.39 36.61 13.25
N LEU G 184 -9.31 36.56 12.30
CA LEU G 184 -10.40 37.52 12.29
C LEU G 184 -11.26 37.34 13.53
N TYR G 185 -11.67 36.12 13.80
CA TYR G 185 -12.52 35.84 14.95
C TYR G 185 -11.84 36.21 16.25
N ALA G 186 -10.56 35.94 16.37
CA ALA G 186 -9.83 36.20 17.62
C ALA G 186 -9.56 37.68 17.85
N GLY G 187 -9.79 38.50 16.84
CA GLY G 187 -9.55 39.91 16.98
C GLY G 187 -8.21 40.40 16.49
N ILE G 188 -7.43 39.53 15.85
CA ILE G 188 -6.15 39.94 15.29
C ILE G 188 -6.39 40.89 14.12
N LYS G 189 -5.55 41.92 14.01
CA LYS G 189 -5.66 42.91 12.96
C LYS G 189 -4.90 42.41 11.72
N ILE G 190 -5.46 41.39 11.10
CA ILE G 190 -4.88 40.83 9.88
C ILE G 190 -5.49 41.54 8.68
N GLY G 191 -4.62 42.04 7.80
CA GLY G 191 -5.05 42.86 6.70
C GLY G 191 -5.10 42.17 5.35
N GLY G 192 -4.52 40.99 5.25
CA GLY G 192 -4.59 40.24 4.02
C GLY G 192 -3.51 39.20 3.92
N THR G 193 -3.63 38.35 2.91
CA THR G 193 -2.68 37.28 2.65
C THR G 193 -2.42 37.21 1.15
N ASN G 194 -1.30 36.56 0.79
CA ASN G 194 -1.03 36.23 -0.60
C ASN G 194 -0.09 35.04 -0.64
N ALA G 195 -0.07 34.37 -1.79
CA ALA G 195 0.84 33.25 -2.01
C ALA G 195 2.15 33.75 -2.58
N GLU G 196 3.25 33.18 -2.12
CA GLU G 196 4.56 33.69 -2.46
C GLU G 196 5.13 32.97 -3.69
N VAL G 197 6.37 33.30 -4.05
CA VAL G 197 6.92 32.92 -5.34
C VAL G 197 7.15 31.41 -5.42
N MET G 198 7.39 30.75 -4.31
CA MET G 198 7.51 29.31 -4.37
C MET G 198 6.30 28.67 -3.71
N PRO G 199 5.84 27.52 -4.21
CA PRO G 199 4.60 26.93 -3.66
C PRO G 199 4.81 26.48 -2.23
N ALA G 200 3.71 26.47 -1.48
CA ALA G 200 3.62 26.23 -0.05
C ALA G 200 4.22 27.35 0.78
N GLN G 201 4.65 28.44 0.16
CA GLN G 201 5.11 29.62 0.87
C GLN G 201 4.02 30.68 0.80
N TRP G 202 3.69 31.26 1.94
CA TRP G 202 2.61 32.23 2.04
C TRP G 202 3.06 33.40 2.89
N GLU G 203 2.18 34.38 3.01
CA GLU G 203 2.46 35.58 3.78
C GLU G 203 1.15 36.16 4.27
N PHE G 204 1.13 36.59 5.53
CA PHE G 204 0.00 37.35 6.05
C PHE G 204 0.50 38.67 6.60
N GLN G 205 -0.27 39.73 6.41
CA GLN G 205 0.06 41.06 6.89
C GLN G 205 -0.76 41.36 8.13
N ILE G 206 -0.11 41.93 9.14
CA ILE G 206 -0.77 42.35 10.38
C ILE G 206 -0.59 43.85 10.49
N GLY G 207 -1.70 44.58 10.62
CA GLY G 207 -1.62 46.01 10.82
C GLY G 207 -2.74 46.77 10.14
N PRO G 208 -2.81 48.08 10.41
CA PRO G 208 -1.97 48.89 11.30
C PRO G 208 -2.25 48.64 12.79
N CYS G 209 -1.25 48.82 13.65
CA CYS G 209 -1.41 48.65 15.09
C CYS G 209 -0.82 49.84 15.82
N GLU G 210 -1.42 50.16 16.97
CA GLU G 210 -1.14 51.41 17.66
C GLU G 210 0.18 51.42 18.42
N GLY G 211 0.77 50.27 18.68
CA GLY G 211 1.91 50.23 19.58
C GLY G 211 2.39 48.83 19.84
N ILE G 212 2.48 48.45 21.12
CA ILE G 212 2.75 47.07 21.53
C ILE G 212 1.67 46.14 20.99
N ASP G 213 0.56 46.72 20.55
CA ASP G 213 -0.43 45.95 19.81
C ASP G 213 0.18 45.24 18.62
N MET G 214 1.18 45.85 17.98
CA MET G 214 1.83 45.19 16.85
C MET G 214 2.51 43.89 17.28
N GLY G 215 3.33 43.96 18.32
CA GLY G 215 4.00 42.75 18.78
C GLY G 215 3.02 41.71 19.29
N ASP G 216 2.01 42.14 20.05
CA ASP G 216 1.02 41.21 20.57
C ASP G 216 0.28 40.52 19.43
N HIS G 217 -0.20 41.29 18.46
CA HIS G 217 -0.97 40.72 17.36
C HIS G 217 -0.12 39.81 16.49
N LEU G 218 1.14 40.19 16.23
CA LEU G 218 1.96 39.32 15.39
C LEU G 218 2.30 38.02 16.11
N TRP G 219 2.60 38.08 17.40
CA TRP G 219 2.90 36.86 18.14
C TRP G 219 1.66 35.95 18.23
N VAL G 220 0.49 36.53 18.49
CA VAL G 220 -0.70 35.70 18.57
C VAL G 220 -1.08 35.16 17.19
N ALA G 221 -0.82 35.92 16.12
CA ALA G 221 -1.05 35.40 14.78
C ALA G 221 -0.11 34.24 14.48
N ARG G 222 1.14 34.32 14.92
CA ARG G 222 2.05 33.19 14.78
C ARG G 222 1.55 31.98 15.55
N PHE G 223 1.04 32.19 16.77
CA PHE G 223 0.51 31.07 17.55
C PHE G 223 -0.68 30.44 16.85
N ILE G 224 -1.58 31.27 16.31
CA ILE G 224 -2.76 30.75 15.62
C ILE G 224 -2.34 29.98 14.39
N LEU G 225 -1.32 30.46 13.68
CA LEU G 225 -0.79 29.72 12.54
C LEU G 225 -0.28 28.36 12.97
N HIS G 226 0.46 28.31 14.08
CA HIS G 226 0.99 27.03 14.55
C HIS G 226 -0.15 26.08 14.96
N ARG G 227 -1.17 26.59 15.64
CA ARG G 227 -2.28 25.73 16.06
C ARG G 227 -3.07 25.21 14.87
N VAL G 228 -3.36 26.09 13.90
CA VAL G 228 -4.07 25.67 12.70
C VAL G 228 -3.27 24.63 11.93
N CYS G 229 -1.97 24.87 11.76
CA CYS G 229 -1.13 23.92 11.04
C CYS G 229 -1.04 22.60 11.78
N GLU G 230 -1.02 22.63 13.11
CA GLU G 230 -1.05 21.41 13.90
C GLU G 230 -2.36 20.65 13.68
N ASP G 231 -3.47 21.37 13.58
CA ASP G 231 -4.74 20.73 13.24
C ASP G 231 -4.67 20.07 11.86
N PHE G 232 -4.03 20.73 10.91
CA PHE G 232 -3.89 20.14 9.58
C PHE G 232 -2.73 19.16 9.48
N GLY G 233 -1.86 19.11 10.47
CA GLY G 233 -0.74 18.19 10.46
C GLY G 233 0.48 18.65 9.71
N VAL G 234 0.56 19.93 9.38
CA VAL G 234 1.72 20.49 8.71
C VAL G 234 2.43 21.43 9.68
N ILE G 235 3.59 21.93 9.27
CA ILE G 235 4.44 22.76 10.09
C ILE G 235 4.57 24.12 9.43
N ALA G 236 4.41 25.18 10.20
CA ALA G 236 4.66 26.53 9.72
C ALA G 236 6.07 26.93 10.11
N THR G 237 6.91 27.21 9.12
CA THR G 237 8.29 27.56 9.36
C THR G 237 8.51 29.03 9.01
N PHE G 238 9.03 29.78 9.97
CA PHE G 238 9.45 31.16 9.76
C PHE G 238 10.95 31.29 9.57
N ASP G 239 11.62 30.20 9.22
CA ASP G 239 13.05 30.26 8.98
C ASP G 239 13.32 31.07 7.72
N PRO G 240 14.26 32.02 7.74
CA PRO G 240 14.48 32.86 6.55
C PRO G 240 14.92 32.09 5.33
N LYS G 241 15.53 30.92 5.51
CA LYS G 241 16.04 30.10 4.41
C LYS G 241 15.52 28.68 4.58
N PRO G 242 14.23 28.45 4.26
CA PRO G 242 13.66 27.12 4.47
C PRO G 242 14.24 26.07 3.53
N ILE G 243 14.24 26.37 2.24
CA ILE G 243 14.70 25.46 1.20
C ILE G 243 15.95 26.06 0.58
N PRO G 244 17.07 25.33 0.53
CA PRO G 244 18.27 25.87 -0.13
C PRO G 244 18.02 26.13 -1.60
N GLY G 245 18.64 27.18 -2.12
CA GLY G 245 18.49 27.53 -3.52
C GLY G 245 18.80 29.00 -3.73
N ASN G 246 18.32 29.51 -4.88
CA ASN G 246 18.56 30.90 -5.26
C ASN G 246 17.83 31.90 -4.37
N TRP G 247 16.61 31.56 -3.93
CA TRP G 247 15.84 32.44 -3.06
C TRP G 247 16.59 32.71 -1.76
N ASN G 248 16.62 33.98 -1.34
CA ASN G 248 17.47 34.37 -0.21
C ASN G 248 16.67 34.88 0.98
N GLY G 249 15.90 35.95 0.84
CA GLY G 249 15.39 36.64 2.00
C GLY G 249 14.25 35.94 2.73
N ALA G 250 13.06 35.96 2.11
CA ALA G 250 11.85 35.33 2.66
C ALA G 250 11.60 35.84 4.07
N GLY G 251 11.76 37.13 4.27
CA GLY G 251 11.61 37.71 5.61
C GLY G 251 10.59 38.82 5.81
N CYS G 252 10.26 39.10 7.06
CA CYS G 252 9.25 40.12 7.38
C CYS G 252 9.54 41.55 6.95
N HIS G 253 8.51 42.27 6.54
CA HIS G 253 8.69 43.68 6.17
C HIS G 253 7.90 44.56 7.12
N THR G 254 8.55 45.55 7.72
CA THR G 254 7.88 46.39 8.70
C THR G 254 7.57 47.76 8.15
N ASN G 255 6.32 48.20 8.25
CA ASN G 255 5.93 49.49 7.72
C ASN G 255 5.72 50.45 8.86
N PHE G 256 6.50 51.53 8.90
CA PHE G 256 6.40 52.44 10.04
C PHE G 256 5.91 53.86 9.74
N SER G 257 4.90 54.30 10.47
CA SER G 257 4.38 55.66 10.32
C SER G 257 4.17 56.26 11.69
N THR G 258 4.07 57.59 11.73
CA THR G 258 3.75 58.35 12.93
C THR G 258 2.60 59.29 12.62
N LYS G 259 2.17 60.03 13.65
CA LYS G 259 1.08 61.00 13.45
C LYS G 259 1.49 62.08 12.47
N ALA G 260 2.72 62.57 12.57
CA ALA G 260 3.19 63.61 11.65
C ALA G 260 3.28 63.09 10.23
N MET G 261 3.77 61.87 10.05
CA MET G 261 3.94 61.33 8.70
C MET G 261 2.61 61.04 8.03
N ARG G 262 1.57 60.78 8.83
CA ARG G 262 0.25 60.56 8.25
C ARG G 262 -0.42 61.86 7.82
N GLU G 263 -0.05 62.98 8.45
CA GLU G 263 -0.63 64.25 8.09
C GLU G 263 0.11 64.85 6.88
N GLU G 264 -0.34 66.03 6.46
CA GLU G 264 0.25 66.67 5.30
C GLU G 264 1.70 67.08 5.59
N ASN G 265 2.51 67.10 4.51
CA ASN G 265 3.93 67.38 4.58
C ASN G 265 4.66 66.38 5.47
N GLY G 266 4.15 65.16 5.56
CA GLY G 266 4.82 64.12 6.32
C GLY G 266 5.95 63.44 5.58
N LEU G 267 6.07 63.68 4.28
CA LEU G 267 7.14 63.05 3.50
C LEU G 267 8.51 63.47 3.99
N LYS G 268 8.65 64.72 4.43
CA LYS G 268 9.92 65.16 4.98
C LYS G 268 10.23 64.46 6.29
N TYR G 269 9.21 64.19 7.11
CA TYR G 269 9.42 63.40 8.32
C TYR G 269 9.85 61.99 7.97
N ILE G 270 9.26 61.41 6.93
CA ILE G 270 9.67 60.08 6.49
C ILE G 270 11.11 60.09 6.02
N GLU G 271 11.50 61.13 5.28
CA GLU G 271 12.89 61.25 4.82
C GLU G 271 13.85 61.39 6.01
N GLU G 272 13.46 62.16 7.02
CA GLU G 272 14.28 62.28 8.22
C GLU G 272 14.44 60.95 8.92
N ALA G 273 13.35 60.19 9.03
CA ALA G 273 13.40 58.88 9.66
C ALA G 273 14.31 57.93 8.88
N ILE G 274 14.23 57.97 7.55
CA ILE G 274 15.09 57.11 6.72
C ILE G 274 16.55 57.50 6.90
N GLU G 275 16.84 58.81 6.93
CA GLU G 275 18.22 59.25 7.13
C GLU G 275 18.75 58.84 8.50
N LYS G 276 17.91 58.90 9.53
CA LYS G 276 18.31 58.44 10.85
C LYS G 276 18.57 56.93 10.84
N LEU G 277 17.73 56.18 10.13
CA LEU G 277 17.91 54.73 10.07
C LEU G 277 19.17 54.35 9.29
N SER G 278 19.55 55.16 8.31
CA SER G 278 20.71 54.83 7.48
C SER G 278 21.98 54.74 8.30
N LYS G 279 22.07 55.49 9.39
CA LYS G 279 23.24 55.44 10.25
C LYS G 279 23.28 54.19 11.10
N ARG G 280 22.12 53.72 11.56
CA ARG G 280 22.03 52.60 12.52
C ARG G 280 21.73 51.28 11.83
N HIS G 281 22.29 51.05 10.64
CA HIS G 281 22.02 49.81 9.92
C HIS G 281 22.52 48.59 10.68
N GLN G 282 23.73 48.65 11.23
CA GLN G 282 24.29 47.50 11.92
C GLN G 282 23.52 47.19 13.20
N TYR G 283 23.09 48.23 13.93
CA TYR G 283 22.32 48.02 15.15
C TYR G 283 20.99 47.34 14.84
N HIS G 284 20.31 47.76 13.77
CA HIS G 284 19.04 47.14 13.41
C HIS G 284 19.24 45.72 12.90
N ILE G 285 20.32 45.47 12.16
CA ILE G 285 20.63 44.11 11.73
C ILE G 285 20.84 43.21 12.94
N ARG G 286 21.57 43.71 13.94
CA ARG G 286 21.76 42.94 15.17
C ARG G 286 20.44 42.71 15.91
N ALA G 287 19.60 43.74 15.99
CA ALA G 287 18.38 43.65 16.79
C ALA G 287 17.32 42.77 16.14
N TYR G 288 17.29 42.72 14.81
CA TYR G 288 16.23 41.99 14.13
C TYR G 288 16.39 40.48 14.29
N ASP G 289 17.62 40.00 14.33
CA ASP G 289 17.87 38.58 14.50
C ASP G 289 17.73 38.19 15.97
N PRO G 290 16.90 37.20 16.31
CA PRO G 290 16.79 36.79 17.72
C PRO G 290 18.07 36.25 18.30
N LYS G 291 18.92 35.62 17.49
CA LYS G 291 20.18 35.08 17.97
C LYS G 291 21.20 36.19 18.20
N GLY G 320 15.97 45.12 -3.60
CA GLY G 320 16.55 46.36 -4.08
C GLY G 320 17.10 47.23 -2.97
N ALA G 321 16.19 47.83 -2.20
CA ALA G 321 16.57 48.71 -1.10
C ALA G 321 16.29 48.08 0.26
N SER G 322 17.27 48.09 1.15
CA SER G 322 17.05 47.56 2.49
C SER G 322 15.93 48.34 3.16
N ILE G 323 15.91 49.65 3.00
CA ILE G 323 14.81 50.45 3.53
C ILE G 323 14.16 51.07 2.31
N ARG G 324 12.84 50.95 2.18
CA ARG G 324 12.19 51.42 0.96
C ARG G 324 11.01 52.34 1.26
N ILE G 325 10.69 53.22 0.32
CA ILE G 325 9.55 54.12 0.48
C ILE G 325 8.50 53.79 -0.56
N PRO G 326 7.23 53.70 -0.13
CA PRO G 326 6.15 53.48 -1.11
C PRO G 326 6.05 54.65 -2.06
N ARG G 327 5.72 54.39 -3.31
CA ARG G 327 5.71 55.48 -4.29
C ARG G 327 4.38 56.20 -4.22
N THR G 328 3.32 55.49 -3.86
CA THR G 328 2.02 56.13 -3.67
C THR G 328 2.08 57.13 -2.52
N VAL G 329 2.80 56.78 -1.46
CA VAL G 329 3.01 57.73 -0.35
C VAL G 329 3.76 58.95 -0.85
N GLY G 330 4.81 58.74 -1.65
CA GLY G 330 5.56 59.86 -2.18
C GLY G 330 4.72 60.75 -3.07
N GLN G 331 3.85 60.15 -3.88
CA GLN G 331 2.94 60.94 -4.70
C GLN G 331 1.95 61.72 -3.84
N GLU G 332 1.45 61.11 -2.76
CA GLU G 332 0.56 61.80 -1.84
C GLU G 332 1.30 62.61 -0.80
N LYS G 333 2.63 62.50 -0.75
CA LYS G 333 3.51 63.24 0.15
C LYS G 333 3.26 62.94 1.62
N LYS G 334 2.54 61.86 1.94
CA LYS G 334 2.28 61.49 3.32
C LYS G 334 2.01 59.99 3.38
N GLY G 335 2.37 59.38 4.51
CA GLY G 335 2.09 57.96 4.69
C GLY G 335 3.08 57.23 5.58
N TYR G 336 3.69 56.18 5.03
CA TYR G 336 4.60 55.35 5.82
C TYR G 336 5.84 54.99 5.03
N PHE G 337 6.71 54.15 5.59
CA PHE G 337 7.87 53.69 4.82
C PHE G 337 7.89 52.17 4.93
N GLU G 338 8.85 51.51 4.31
CA GLU G 338 8.96 50.06 4.47
C GLU G 338 10.36 49.64 4.83
N ASP G 339 10.51 48.75 5.80
CA ASP G 339 11.82 48.24 6.11
C ASP G 339 11.84 46.77 5.70
N ARG G 340 12.71 46.42 4.75
CA ARG G 340 12.78 45.06 4.24
C ARG G 340 13.81 44.23 4.98
N ARG G 341 14.56 44.86 5.88
CA ARG G 341 15.64 44.16 6.59
C ARG G 341 15.23 43.03 7.57
N PRO G 342 14.09 43.14 8.31
CA PRO G 342 13.84 42.06 9.26
C PRO G 342 13.58 40.72 8.58
N SER G 343 14.05 39.65 9.22
CA SER G 343 13.83 38.31 8.71
C SER G 343 12.45 37.80 9.13
N ALA G 344 12.14 36.57 8.74
CA ALA G 344 10.82 36.03 9.02
C ALA G 344 10.66 35.61 10.48
N ASN G 345 11.73 35.15 11.11
CA ASN G 345 11.69 34.75 12.51
C ASN G 345 11.99 35.90 13.46
N CYS G 346 11.83 37.15 13.02
CA CYS G 346 12.20 38.29 13.84
C CYS G 346 11.25 38.44 15.02
N ASP G 347 11.73 39.11 16.06
CA ASP G 347 10.90 39.42 17.22
C ASP G 347 10.26 40.78 17.02
N PRO G 348 8.93 40.87 16.93
CA PRO G 348 8.30 42.17 16.65
C PRO G 348 8.55 43.22 17.72
N PHE G 349 8.66 42.80 18.99
CA PHE G 349 8.94 43.75 20.05
C PHE G 349 10.28 44.44 19.83
N ALA G 350 11.32 43.66 19.54
CA ALA G 350 12.64 44.23 19.30
C ALA G 350 12.64 45.11 18.05
N VAL G 351 11.97 44.66 16.99
CA VAL G 351 11.94 45.43 15.74
C VAL G 351 11.28 46.78 15.95
N THR G 352 10.09 46.77 16.58
CA THR G 352 9.37 48.02 16.79
C THR G 352 10.09 48.93 17.77
N GLU G 353 10.69 48.36 18.82
CA GLU G 353 11.44 49.17 19.78
C GLU G 353 12.65 49.82 19.11
N ALA G 354 13.37 49.08 18.27
CA ALA G 354 14.50 49.65 17.56
C ALA G 354 14.06 50.74 16.60
N LEU G 355 12.95 50.52 15.88
CA LEU G 355 12.45 51.54 14.95
C LEU G 355 12.07 52.81 15.69
N ILE G 356 11.44 52.67 16.86
CA ILE G 356 11.09 53.86 17.64
C ILE G 356 12.33 54.56 18.16
N ARG G 357 13.27 53.79 18.70
CA ARG G 357 14.45 54.39 19.32
C ARG G 357 15.32 55.12 18.30
N THR G 358 15.53 54.53 17.13
CA THR G 358 16.38 55.17 16.13
C THR G 358 15.73 56.41 15.56
N CYS G 359 14.42 56.35 15.29
CA CYS G 359 13.74 57.45 14.63
C CYS G 359 13.21 58.49 15.62
N LEU G 360 12.33 58.06 16.53
CA LEU G 360 11.67 59.02 17.41
C LEU G 360 12.62 59.50 18.53
N LEU G 361 13.40 58.59 19.10
CA LEU G 361 14.22 58.93 20.25
C LEU G 361 15.60 59.46 19.85
N ASN G 362 15.96 59.42 18.57
CA ASN G 362 17.21 59.98 18.05
C ASN G 362 18.43 59.33 18.68
N GLU G 363 18.29 58.12 19.18
CA GLU G 363 19.40 57.43 19.84
C GLU G 363 20.48 57.05 18.83
N THR G 364 21.73 57.08 19.30
CA THR G 364 22.87 56.59 18.53
C THR G 364 23.77 55.79 19.46
N GLY G 365 24.50 54.85 18.88
CA GLY G 365 25.43 54.04 19.65
C GLY G 365 25.25 52.55 19.50
N ASP G 366 26.23 51.78 19.98
CA ASP G 366 26.15 50.32 19.88
C ASP G 366 25.08 49.75 20.79
N GLU G 367 24.95 50.28 22.01
CA GLU G 367 23.96 49.79 22.96
C GLU G 367 22.93 50.86 23.26
N PRO G 368 21.66 50.47 23.44
CA PRO G 368 20.62 51.47 23.70
C PRO G 368 20.77 52.09 25.08
N PHE G 369 20.29 53.34 25.18
CA PHE G 369 20.29 54.03 26.46
C PHE G 369 19.16 53.50 27.35
N GLN G 370 19.35 53.68 28.66
CA GLN G 370 18.40 53.20 29.66
C GLN G 370 17.61 54.40 30.20
N TYR G 371 16.32 54.45 29.89
CA TYR G 371 15.44 55.54 30.34
C TYR G 371 14.89 55.20 31.72
N LYS G 372 15.81 55.03 32.66
CA LYS G 372 15.45 54.68 34.03
C LYS G 372 14.79 55.84 34.75
N ALA H 2 0.33 3.19 15.24
CA ALA H 2 -0.84 2.41 14.85
C ALA H 2 -2.04 2.80 15.70
N THR H 3 -3.24 2.62 15.14
CA THR H 3 -4.48 2.88 15.83
C THR H 3 -5.35 1.64 15.75
N SER H 4 -6.32 1.55 16.65
CA SER H 4 -7.17 0.37 16.72
C SER H 4 -8.05 0.26 15.49
N ALA H 5 -8.49 -0.97 15.20
CA ALA H 5 -9.34 -1.20 14.04
C ALA H 5 -10.70 -0.56 14.19
N SER H 6 -11.20 -0.44 15.43
CA SER H 6 -12.50 0.17 15.64
C SER H 6 -12.47 1.66 15.32
N SER H 7 -11.32 2.30 15.43
CA SER H 7 -11.22 3.71 15.09
C SER H 7 -11.34 3.96 13.60
N HIS H 8 -11.13 2.93 12.78
CA HIS H 8 -11.25 3.08 11.33
C HIS H 8 -12.65 2.78 10.83
N LEU H 9 -13.60 2.51 11.72
CA LEU H 9 -14.99 2.43 11.32
C LEU H 9 -15.50 3.82 10.98
N ASN H 10 -16.49 3.87 10.09
CA ASN H 10 -17.07 5.16 9.67
C ASN H 10 -17.82 5.74 10.85
N LYS H 11 -17.27 6.80 11.44
CA LYS H 11 -17.89 7.43 12.60
C LYS H 11 -19.08 8.30 12.23
N GLY H 12 -19.21 8.70 10.97
CA GLY H 12 -20.40 9.40 10.54
C GLY H 12 -21.65 8.55 10.68
N ILE H 13 -21.53 7.25 10.42
CA ILE H 13 -22.63 6.32 10.65
C ILE H 13 -23.03 6.32 12.11
N LYS H 14 -22.04 6.27 12.99
CA LYS H 14 -22.29 6.32 14.43
C LYS H 14 -23.00 7.60 14.81
N GLN H 15 -22.61 8.73 14.22
CA GLN H 15 -23.23 10.00 14.59
C GLN H 15 -24.64 10.12 14.01
N VAL H 16 -24.89 9.47 12.88
CA VAL H 16 -26.26 9.40 12.36
C VAL H 16 -27.14 8.64 13.34
N TYR H 17 -26.65 7.54 13.88
CA TYR H 17 -27.44 6.76 14.84
C TYR H 17 -27.61 7.47 16.16
N MET H 18 -26.57 8.17 16.60
CA MET H 18 -26.64 8.93 17.86
C MET H 18 -27.63 10.07 17.80
N ALA H 19 -27.86 10.64 16.63
CA ALA H 19 -28.72 11.80 16.54
C ALA H 19 -30.19 11.43 16.56
N LEU H 20 -30.52 10.15 16.60
CA LEU H 20 -31.91 9.76 16.73
C LEU H 20 -32.46 10.28 18.06
N PRO H 21 -33.68 10.80 18.07
CA PRO H 21 -34.32 11.18 19.34
C PRO H 21 -34.41 9.99 20.26
N GLN H 22 -33.85 10.14 21.47
CA GLN H 22 -33.68 8.99 22.35
C GLN H 22 -35.01 8.49 22.88
N GLY H 23 -35.86 9.37 23.37
CA GLY H 23 -37.12 9.00 23.94
C GLY H 23 -37.16 9.17 25.44
N ASP H 24 -38.12 8.50 26.07
CA ASP H 24 -38.31 8.64 27.51
C ASP H 24 -37.28 7.86 28.31
N LYS H 25 -36.74 6.79 27.74
CA LYS H 25 -35.77 5.98 28.47
C LYS H 25 -34.43 6.69 28.57
N VAL H 26 -33.66 6.34 29.60
CA VAL H 26 -32.37 6.99 29.85
C VAL H 26 -31.32 5.92 30.15
N GLN H 27 -30.15 6.02 29.54
CA GLN H 27 -29.12 5.00 29.72
C GLN H 27 -28.11 5.40 30.78
N ALA H 28 -27.87 4.54 31.75
CA ALA H 28 -26.87 4.83 32.77
C ALA H 28 -25.70 3.87 32.71
N MET H 29 -24.48 4.40 32.58
CA MET H 29 -23.31 3.54 32.47
C MET H 29 -22.63 3.38 33.79
N TYR H 30 -22.85 2.24 34.44
CA TYR H 30 -22.19 1.98 35.71
C TYR H 30 -20.69 1.77 35.55
N ILE H 31 -19.87 2.44 36.34
CA ILE H 31 -18.41 2.34 36.27
C ILE H 31 -17.89 1.93 37.63
N TRP H 32 -16.95 0.99 37.64
CA TRP H 32 -16.35 0.55 38.89
C TRP H 32 -14.88 0.22 38.66
N ILE H 33 -14.14 0.15 39.75
CA ILE H 33 -12.71 -0.13 39.69
C ILE H 33 -12.48 -1.62 39.60
N ASP H 34 -11.60 -2.02 38.70
CA ASP H 34 -11.23 -3.41 38.48
C ASP H 34 -10.60 -4.00 39.74
N GLY H 35 -10.50 -5.33 39.77
CA GLY H 35 -9.83 -5.99 40.87
C GLY H 35 -8.34 -5.72 40.92
N THR H 36 -7.74 -5.30 39.81
CA THR H 36 -6.32 -4.99 39.79
C THR H 36 -5.99 -3.71 40.55
N GLY H 37 -6.99 -2.89 40.86
CA GLY H 37 -6.77 -1.67 41.58
C GLY H 37 -6.53 -0.44 40.73
N GLU H 38 -6.31 -0.61 39.43
CA GLU H 38 -6.04 0.51 38.55
C GLU H 38 -6.82 0.48 37.25
N GLY H 39 -7.53 -0.61 36.95
CA GLY H 39 -8.37 -0.69 35.78
C GLY H 39 -9.79 -0.28 36.08
N LEU H 40 -10.52 0.04 35.01
CA LEU H 40 -11.90 0.48 35.12
C LEU H 40 -12.79 -0.39 34.25
N ARG H 41 -13.94 -0.78 34.80
CA ARG H 41 -14.92 -1.57 34.08
C ARG H 41 -16.24 -0.81 34.06
N CYS H 42 -17.01 -1.01 33.00
CA CYS H 42 -18.25 -0.27 32.81
C CYS H 42 -19.27 -1.14 32.11
N LYS H 43 -20.55 -0.88 32.36
CA LYS H 43 -21.62 -1.53 31.60
C LYS H 43 -22.88 -0.71 31.76
N THR H 44 -23.62 -0.53 30.67
CA THR H 44 -24.78 0.37 30.68
C THR H 44 -26.14 -0.26 30.84
N ARG H 45 -26.98 0.26 31.73
CA ARG H 45 -28.36 -0.22 31.84
C ARG H 45 -29.37 0.82 31.37
N THR H 46 -30.66 0.49 31.41
CA THR H 46 -31.71 1.41 31.00
C THR H 46 -32.58 1.77 32.19
N LEU H 47 -32.86 3.06 32.35
CA LEU H 47 -33.73 3.58 33.38
C LEU H 47 -35.01 4.11 32.73
N ASP H 48 -36.13 3.95 33.43
CA ASP H 48 -37.40 4.39 32.89
C ASP H 48 -37.49 5.91 32.88
N SER H 49 -36.77 6.58 33.77
CA SER H 49 -36.79 8.03 33.85
C SER H 49 -35.41 8.53 34.24
N GLU H 50 -35.18 9.82 34.01
CA GLU H 50 -33.90 10.42 34.39
C GLU H 50 -33.84 10.57 35.90
N PRO H 51 -32.80 10.03 36.55
CA PRO H 51 -32.69 10.17 38.01
C PRO H 51 -32.23 11.57 38.39
N LYS H 52 -32.95 12.20 39.31
CA LYS H 52 -32.56 13.54 39.76
C LYS H 52 -31.37 13.49 40.70
N CYS H 53 -31.26 12.45 41.52
CA CYS H 53 -30.18 12.32 42.48
C CYS H 53 -29.59 10.92 42.38
N ILE H 54 -28.46 10.73 43.07
CA ILE H 54 -27.76 9.46 43.02
C ILE H 54 -28.57 8.37 43.71
N GLU H 55 -29.43 8.74 44.66
CA GLU H 55 -30.17 7.75 45.43
C GLU H 55 -31.21 7.02 44.58
N GLU H 56 -31.66 7.62 43.48
CA GLU H 56 -32.62 6.95 42.61
C GLU H 56 -31.97 5.85 41.78
N LEU H 57 -30.65 5.83 41.68
CA LEU H 57 -29.97 4.78 40.94
C LEU H 57 -30.07 3.47 41.71
N PRO H 58 -30.58 2.40 41.12
CA PRO H 58 -30.62 1.11 41.80
C PRO H 58 -29.24 0.48 41.85
N GLU H 59 -29.09 -0.47 42.77
CA GLU H 59 -27.88 -1.26 42.83
C GLU H 59 -27.87 -2.28 41.71
N TRP H 60 -26.66 -2.73 41.34
CA TRP H 60 -26.50 -3.67 40.25
C TRP H 60 -25.54 -4.76 40.69
N ASN H 61 -25.18 -5.65 39.77
CA ASN H 61 -24.25 -6.72 40.07
C ASN H 61 -23.49 -7.09 38.81
N PHE H 62 -22.34 -7.74 39.00
CA PHE H 62 -21.54 -8.18 37.88
C PHE H 62 -20.79 -9.46 38.27
N ASP H 63 -20.21 -10.11 37.27
CA ASP H 63 -19.46 -11.34 37.46
C ASP H 63 -18.05 -10.99 37.88
N GLY H 64 -17.73 -11.20 39.16
CA GLY H 64 -16.42 -10.86 39.67
C GLY H 64 -15.32 -11.82 39.27
N SER H 65 -15.67 -13.01 38.78
CA SER H 65 -14.64 -13.93 38.29
C SER H 65 -13.99 -13.40 37.04
N SER H 66 -14.73 -12.63 36.24
CA SER H 66 -14.18 -12.02 35.04
C SER H 66 -13.43 -10.74 35.33
N THR H 67 -13.49 -10.24 36.57
CA THR H 67 -12.89 -8.98 36.95
C THR H 67 -11.76 -9.13 37.96
N PHE H 68 -11.19 -10.33 38.09
CA PHE H 68 -10.03 -10.59 38.95
C PHE H 68 -10.30 -10.29 40.42
N GLN H 69 -11.56 -10.33 40.87
CA GLN H 69 -11.82 -9.95 42.25
C GLN H 69 -12.88 -10.81 42.91
N SER H 70 -13.03 -12.07 42.49
CA SER H 70 -13.93 -12.98 43.18
C SER H 70 -13.53 -14.42 42.89
N GLU H 71 -13.95 -15.31 43.77
CA GLU H 71 -13.70 -16.73 43.64
C GLU H 71 -14.83 -17.42 42.88
N GLY H 72 -14.59 -18.67 42.51
CA GLY H 72 -15.51 -19.36 41.62
C GLY H 72 -16.87 -19.65 42.23
N SER H 73 -16.90 -20.01 43.52
CA SER H 73 -18.15 -20.44 44.13
C SER H 73 -19.19 -19.33 44.16
N ASN H 74 -18.80 -18.14 44.62
CA ASN H 74 -19.69 -16.98 44.68
C ASN H 74 -19.00 -15.85 43.91
N SER H 75 -19.19 -15.82 42.59
CA SER H 75 -18.50 -14.86 41.75
C SER H 75 -19.18 -13.50 41.76
N ASP H 76 -20.49 -13.47 41.97
CA ASP H 76 -21.22 -12.21 41.87
C ASP H 76 -20.78 -11.16 42.84
N MET H 77 -20.62 -9.93 42.36
CA MET H 77 -20.27 -8.84 43.24
C MET H 77 -21.40 -7.85 43.07
N TYR H 78 -21.40 -6.85 43.93
CA TYR H 78 -22.40 -5.81 43.83
C TYR H 78 -21.88 -4.44 43.46
N LEU H 79 -22.70 -3.64 42.81
CA LEU H 79 -22.38 -2.26 42.48
C LEU H 79 -23.36 -1.35 43.20
N VAL H 80 -22.85 -0.57 44.14
CA VAL H 80 -23.62 0.44 44.86
C VAL H 80 -23.24 1.80 44.30
N PRO H 81 -24.17 2.54 43.69
CA PRO H 81 -23.81 3.84 43.11
C PRO H 81 -23.25 4.79 44.16
N ALA H 82 -22.21 5.51 43.77
CA ALA H 82 -21.54 6.45 44.65
C ALA H 82 -21.61 7.88 44.14
N ALA H 83 -21.31 8.09 42.86
CA ALA H 83 -21.32 9.42 42.27
C ALA H 83 -22.00 9.39 40.92
N MET H 84 -22.68 10.48 40.56
CA MET H 84 -23.39 10.59 39.31
C MET H 84 -22.89 11.80 38.53
N PHE H 85 -22.69 11.61 37.23
CA PHE H 85 -22.21 12.67 36.35
C PHE H 85 -23.00 12.60 35.05
N ARG H 86 -22.97 13.68 34.28
CA ARG H 86 -23.65 13.68 32.99
C ARG H 86 -22.82 12.83 32.04
N ASP H 87 -23.45 12.23 31.05
CA ASP H 87 -22.73 11.38 30.13
C ASP H 87 -22.32 12.23 28.95
N PRO H 88 -21.02 12.51 28.82
CA PRO H 88 -20.54 13.29 27.68
C PRO H 88 -20.74 12.56 26.39
N PHE H 89 -20.47 11.27 26.40
CA PHE H 89 -20.57 10.46 25.19
C PHE H 89 -22.00 10.36 24.66
N ARG H 90 -22.97 10.22 25.57
CA ARG H 90 -24.36 10.17 25.14
C ARG H 90 -25.10 11.51 25.17
N LYS H 91 -24.45 12.57 25.65
CA LYS H 91 -25.02 13.92 25.61
C LYS H 91 -26.34 14.18 26.34
N ASP H 92 -26.63 13.47 27.41
CA ASP H 92 -27.84 13.72 28.24
C ASP H 92 -29.10 13.10 27.64
N PRO H 93 -30.06 12.69 28.48
CA PRO H 93 -30.21 12.75 29.94
C PRO H 93 -29.45 11.59 30.54
N ASN H 94 -28.73 10.85 29.70
CA ASN H 94 -27.98 9.70 30.14
C ASN H 94 -26.92 10.01 31.16
N LYS H 95 -26.75 9.12 32.14
CA LYS H 95 -25.82 9.39 33.23
C LYS H 95 -24.67 8.42 33.48
N LEU H 96 -23.48 8.92 33.77
CA LEU H 96 -22.37 8.08 34.19
C LEU H 96 -22.49 7.86 35.69
N VAL H 97 -22.44 6.61 36.13
CA VAL H 97 -22.63 6.27 37.54
C VAL H 97 -21.38 5.55 38.01
N PHE H 98 -20.57 6.23 38.82
CA PHE H 98 -19.41 5.61 39.43
C PHE H 98 -19.85 4.94 40.73
N CYS H 99 -19.53 3.65 40.84
CA CYS H 99 -20.00 2.87 41.98
C CYS H 99 -18.97 2.10 42.75
N GLU H 100 -19.25 1.84 44.02
CA GLU H 100 -18.37 0.99 44.84
C GLU H 100 -18.67 -0.48 44.63
N VAL H 101 -17.70 -1.33 44.96
CA VAL H 101 -17.88 -2.76 44.79
C VAL H 101 -17.95 -3.49 46.12
N PHE H 102 -18.86 -4.45 46.23
CA PHE H 102 -19.02 -5.19 47.47
C PHE H 102 -18.80 -6.67 47.20
N LYS H 103 -18.63 -7.47 48.23
CA LYS H 103 -18.52 -8.89 47.99
C LYS H 103 -19.89 -9.46 48.26
N TYR H 104 -20.02 -10.77 48.23
CA TYR H 104 -21.30 -11.43 48.46
C TYR H 104 -21.69 -11.24 49.88
N ASN H 105 -20.75 -10.81 50.70
CA ASN H 105 -21.01 -10.61 52.11
C ASN H 105 -21.42 -9.18 52.35
N ARG H 106 -21.56 -8.39 51.29
CA ARG H 106 -21.87 -6.97 51.41
C ARG H 106 -20.80 -6.25 52.21
N LYS H 107 -19.55 -6.66 52.01
CA LYS H 107 -18.44 -6.04 52.69
C LYS H 107 -17.49 -5.51 51.63
N PRO H 108 -16.88 -4.34 51.87
CA PRO H 108 -16.01 -3.71 50.86
C PRO H 108 -15.02 -4.66 50.21
N ALA H 109 -14.85 -4.54 48.90
CA ALA H 109 -13.94 -5.41 48.17
C ALA H 109 -12.51 -4.99 48.40
N GLU H 110 -11.58 -5.89 48.14
CA GLU H 110 -10.18 -5.60 48.32
C GLU H 110 -9.80 -4.30 47.65
N THR H 111 -10.43 -4.00 46.53
CA THR H 111 -10.07 -2.80 45.78
C THR H 111 -11.00 -1.61 46.07
N ASN H 112 -12.03 -1.82 46.87
CA ASN H 112 -12.91 -0.71 47.22
C ASN H 112 -12.29 0.04 48.36
N LEU H 113 -11.42 0.99 48.04
CA LEU H 113 -10.78 1.79 49.08
C LEU H 113 -11.62 3.01 49.37
N ARG H 114 -12.64 3.23 48.56
CA ARG H 114 -13.54 4.38 48.78
C ARG H 114 -14.30 4.28 50.07
N HIS H 115 -14.72 3.09 50.45
CA HIS H 115 -15.57 2.97 51.63
C HIS H 115 -14.91 3.49 52.90
N THR H 116 -13.64 3.17 53.11
CA THR H 116 -12.93 3.66 54.27
C THR H 116 -12.58 5.12 54.11
N CYS H 117 -12.08 5.48 52.94
CA CYS H 117 -11.72 6.87 52.65
C CYS H 117 -12.89 7.81 52.92
N LYS H 118 -14.10 7.38 52.55
CA LYS H 118 -15.28 8.18 52.83
C LYS H 118 -15.50 8.33 54.33
N ARG H 119 -15.30 7.24 55.07
CA ARG H 119 -15.41 7.34 56.53
C ARG H 119 -14.41 8.34 57.10
N ILE H 120 -13.16 8.27 56.62
CA ILE H 120 -12.11 9.17 57.11
C ILE H 120 -12.46 10.62 56.78
N MET H 121 -12.93 10.87 55.56
CA MET H 121 -13.30 12.24 55.19
C MET H 121 -14.49 12.73 56.00
N ASP H 122 -15.44 11.85 56.32
CA ASP H 122 -16.56 12.25 57.16
C ASP H 122 -16.11 12.57 58.57
N MET H 123 -15.06 11.89 59.06
CA MET H 123 -14.54 12.23 60.38
C MET H 123 -13.95 13.63 60.43
N VAL H 124 -13.23 14.03 59.38
CA VAL H 124 -12.53 15.31 59.37
C VAL H 124 -13.30 16.34 58.55
N SER H 125 -14.62 16.13 58.42
CA SER H 125 -15.43 17.02 57.59
C SER H 125 -15.43 18.46 58.11
N ASN H 126 -15.17 18.65 59.40
CA ASN H 126 -15.14 20.00 59.95
C ASN H 126 -13.96 20.80 59.40
N GLN H 127 -12.82 20.16 59.21
CA GLN H 127 -11.64 20.85 58.70
C GLN H 127 -11.75 21.20 57.22
N ARG H 128 -12.69 20.57 56.49
CA ARG H 128 -12.94 20.81 55.08
C ARG H 128 -11.67 20.69 54.25
N PRO H 129 -11.12 19.49 54.07
CA PRO H 129 -9.89 19.35 53.30
C PRO H 129 -10.14 19.53 51.81
N TRP H 130 -9.21 20.21 51.15
CA TRP H 130 -9.26 20.41 49.71
C TRP H 130 -8.05 19.75 49.07
N PHE H 131 -8.28 18.97 48.03
CA PHE H 131 -7.19 18.29 47.35
C PHE H 131 -7.14 18.71 45.90
N GLY H 132 -5.96 18.73 45.31
CA GLY H 132 -5.85 19.00 43.88
C GLY H 132 -4.89 17.97 43.31
N MET H 133 -5.30 17.21 42.31
CA MET H 133 -4.43 16.17 41.79
C MET H 133 -4.13 16.35 40.32
N GLU H 134 -2.85 16.26 39.96
CA GLU H 134 -2.47 16.44 38.58
C GLU H 134 -2.14 15.07 38.02
N GLN H 135 -2.81 14.67 36.96
CA GLN H 135 -2.61 13.34 36.42
C GLN H 135 -1.86 13.37 35.11
N GLU H 136 -0.75 12.65 35.03
CA GLU H 136 0.05 12.64 33.82
C GLU H 136 -0.11 11.33 33.09
N TYR H 137 -0.39 11.41 31.79
CA TYR H 137 -0.57 10.21 31.01
C TYR H 137 0.19 10.24 29.71
N THR H 138 0.32 9.08 29.06
CA THR H 138 0.97 9.02 27.75
C THR H 138 0.00 8.41 26.76
N LEU H 139 -0.10 9.01 25.58
CA LEU H 139 -0.90 8.46 24.50
C LEU H 139 -0.06 7.46 23.72
N MET H 140 -0.54 6.25 23.62
CA MET H 140 0.18 5.15 22.99
C MET H 140 -0.65 4.60 21.84
N GLY H 141 0.03 4.10 20.83
CA GLY H 141 -0.64 3.35 19.79
C GLY H 141 -0.98 1.97 20.26
N THR H 142 -1.73 1.25 19.43
CA THR H 142 -2.04 -0.12 19.78
C THR H 142 -0.85 -1.04 19.60
N ASP H 143 0.26 -0.55 19.06
CA ASP H 143 1.49 -1.30 18.90
C ASP H 143 2.42 -1.15 20.10
N GLY H 144 1.97 -0.51 21.18
CA GLY H 144 2.77 -0.41 22.38
C GLY H 144 3.80 0.69 22.41
N HIS H 145 3.80 1.56 21.42
CA HIS H 145 4.72 2.69 21.35
C HIS H 145 3.94 3.99 21.50
N PRO H 146 4.58 5.07 21.94
CA PRO H 146 3.86 6.34 22.10
C PRO H 146 3.28 6.82 20.78
N PHE H 147 2.11 7.44 20.86
CA PHE H 147 1.40 7.85 19.65
C PHE H 147 2.15 8.96 18.94
N GLY H 148 2.26 8.83 17.62
CA GLY H 148 2.97 9.80 16.82
C GLY H 148 4.47 9.63 16.79
N TRP H 149 5.03 8.76 17.63
CA TRP H 149 6.45 8.47 17.57
C TRP H 149 6.75 7.68 16.31
N PRO H 150 8.02 7.83 15.81
CA PRO H 150 8.39 7.05 14.64
C PRO H 150 8.53 5.60 14.97
N SER H 151 8.28 4.76 13.97
CA SER H 151 8.41 3.35 14.20
C SER H 151 9.86 3.10 14.50
N ASN H 152 10.14 2.32 15.53
CA ASN H 152 11.51 1.97 15.84
C ASN H 152 12.33 3.23 15.96
N GLY H 153 11.79 4.25 16.58
CA GLY H 153 12.50 5.51 16.61
C GLY H 153 12.16 6.48 17.69
N PHE H 154 13.02 7.45 17.89
CA PHE H 154 12.78 8.46 18.87
C PHE H 154 12.44 9.81 18.22
N PRO H 155 11.47 10.57 18.78
CA PRO H 155 11.08 11.82 18.11
C PRO H 155 12.18 12.85 18.05
N GLY H 156 13.01 12.95 19.09
CA GLY H 156 14.04 13.95 19.13
C GLY H 156 14.46 14.23 20.56
N PRO H 157 15.44 15.12 20.74
CA PRO H 157 15.87 15.47 22.09
C PRO H 157 14.77 16.21 22.85
N GLN H 158 14.80 16.06 24.17
CA GLN H 158 13.83 16.71 25.03
C GLN H 158 14.04 18.22 25.03
N GLY H 159 12.95 18.96 25.23
CA GLY H 159 13.03 20.40 25.33
C GLY H 159 12.06 21.23 24.50
N PRO H 160 11.75 20.82 23.27
CA PRO H 160 10.76 21.58 22.50
C PRO H 160 9.33 21.24 22.81
N TYR H 161 9.07 20.17 23.55
CA TYR H 161 7.74 19.59 23.60
C TYR H 161 6.91 20.03 24.81
N TYR H 162 7.56 20.43 25.90
CA TYR H 162 6.81 20.86 27.07
C TYR H 162 5.98 22.08 26.75
N CYS H 163 4.66 21.94 26.85
CA CYS H 163 3.70 22.98 26.50
C CYS H 163 3.88 23.44 25.07
N GLY H 164 4.35 22.55 24.21
CA GLY H 164 4.63 22.93 22.84
C GLY H 164 3.38 22.99 21.98
N VAL H 165 3.45 23.80 20.94
CA VAL H 165 2.39 23.93 19.95
C VAL H 165 3.00 23.71 18.57
N GLY H 166 2.36 22.89 17.76
CA GLY H 166 2.87 22.58 16.44
C GLY H 166 2.74 21.11 16.13
N ALA H 167 2.72 20.77 14.83
CA ALA H 167 2.57 19.37 14.44
C ALA H 167 3.75 18.53 14.91
N ASP H 168 4.93 19.15 15.04
CA ASP H 168 6.12 18.46 15.49
C ASP H 168 6.39 18.66 16.98
N LYS H 169 5.50 19.33 17.70
CA LYS H 169 5.71 19.64 19.11
C LYS H 169 4.74 18.93 20.04
N ALA H 170 3.48 18.79 19.66
CA ALA H 170 2.48 18.14 20.49
C ALA H 170 1.75 17.09 19.67
N TYR H 171 1.63 15.88 20.23
CA TYR H 171 1.01 14.76 19.55
C TYR H 171 -0.33 14.45 20.21
N GLY H 172 -1.36 14.27 19.40
CA GLY H 172 -2.67 13.90 19.91
C GLY H 172 -3.35 14.94 20.76
N ARG H 173 -3.32 16.20 20.35
CA ARG H 173 -4.00 17.24 21.11
C ARG H 173 -5.51 17.14 20.97
N ASP H 174 -6.00 16.49 19.92
CA ASP H 174 -7.43 16.31 19.76
C ASP H 174 -8.00 15.47 20.90
N ILE H 175 -7.28 14.44 21.30
CA ILE H 175 -7.67 13.65 22.47
C ILE H 175 -7.78 14.56 23.69
N VAL H 176 -6.83 15.47 23.86
CA VAL H 176 -6.80 16.32 25.04
C VAL H 176 -7.97 17.28 25.05
N GLU H 177 -8.24 17.91 23.90
CA GLU H 177 -9.37 18.83 23.79
C GLU H 177 -10.69 18.11 24.01
N ALA H 178 -10.85 16.93 23.41
CA ALA H 178 -12.07 16.16 23.58
C ALA H 178 -12.26 15.75 25.03
N HIS H 179 -11.19 15.31 25.69
CA HIS H 179 -11.27 14.90 27.08
C HIS H 179 -11.60 16.08 27.99
N TYR H 180 -10.99 17.23 27.73
CA TYR H 180 -11.28 18.42 28.52
C TYR H 180 -12.74 18.82 28.39
N ARG H 181 -13.26 18.86 27.16
CA ARG H 181 -14.65 19.25 26.96
C ARG H 181 -15.60 18.23 27.56
N ALA H 182 -15.27 16.94 27.43
CA ALA H 182 -16.11 15.90 28.00
C ALA H 182 -16.16 15.98 29.52
N CYS H 183 -15.01 16.27 30.14
CA CYS H 183 -14.99 16.42 31.59
C CYS H 183 -15.72 17.67 32.04
N LEU H 184 -15.66 18.74 31.27
CA LEU H 184 -16.42 19.94 31.62
C LEU H 184 -17.90 19.64 31.58
N TYR H 185 -18.37 19.05 30.50
CA TYR H 185 -19.79 18.75 30.36
C TYR H 185 -20.28 17.80 31.44
N ALA H 186 -19.47 16.80 31.77
CA ALA H 186 -19.88 15.80 32.76
C ALA H 186 -19.88 16.32 34.18
N GLY H 187 -19.31 17.49 34.40
CA GLY H 187 -19.25 18.05 35.73
C GLY H 187 -17.99 17.79 36.49
N ILE H 188 -16.97 17.21 35.84
CA ILE H 188 -15.69 17.00 36.50
C ILE H 188 -15.01 18.34 36.75
N LYS H 189 -14.37 18.46 37.91
CA LYS H 189 -13.68 19.69 38.30
C LYS H 189 -12.26 19.68 37.72
N ILE H 190 -12.19 19.80 36.41
CA ILE H 190 -10.91 19.85 35.71
C ILE H 190 -10.45 21.30 35.61
N GLY H 191 -9.23 21.56 36.05
CA GLY H 191 -8.74 22.91 36.14
C GLY H 191 -7.78 23.33 35.05
N GLY H 192 -7.30 22.39 34.25
CA GLY H 192 -6.44 22.73 33.14
C GLY H 192 -5.62 21.56 32.68
N THR H 193 -4.97 21.74 31.54
CA THR H 193 -4.10 20.74 30.93
C THR H 193 -2.84 21.39 30.42
N ASN H 194 -1.81 20.58 30.20
CA ASN H 194 -0.61 21.03 29.51
C ASN H 194 0.08 19.83 28.89
N ALA H 195 0.94 20.11 27.91
CA ALA H 195 1.73 19.07 27.27
C ALA H 195 3.04 18.90 28.00
N GLU H 196 3.48 17.65 28.14
CA GLU H 196 4.62 17.34 28.97
C GLU H 196 5.91 17.31 28.15
N VAL H 197 7.02 16.96 28.80
CA VAL H 197 8.34 17.15 28.21
C VAL H 197 8.57 16.24 27.01
N MET H 198 7.93 15.09 26.99
CA MET H 198 8.07 14.25 25.81
C MET H 198 6.77 14.23 25.03
N PRO H 199 6.82 14.16 23.70
CA PRO H 199 5.58 14.27 22.92
C PRO H 199 4.68 13.06 23.17
N ALA H 200 3.38 13.29 22.98
CA ALA H 200 2.28 12.38 23.28
C ALA H 200 2.09 12.16 24.78
N GLN H 201 2.82 12.87 25.62
CA GLN H 201 2.62 12.84 27.07
C GLN H 201 1.91 14.13 27.48
N TRP H 202 0.84 13.97 28.25
CA TRP H 202 0.02 15.11 28.66
C TRP H 202 -0.29 14.99 30.14
N GLU H 203 -0.99 16.00 30.64
CA GLU H 203 -1.37 16.05 32.05
C GLU H 203 -2.64 16.87 32.17
N PHE H 204 -3.57 16.40 33.00
CA PHE H 204 -4.73 17.20 33.37
C PHE H 204 -4.80 17.30 34.88
N GLN H 205 -5.20 18.47 35.37
CA GLN H 205 -5.32 18.72 36.79
C GLN H 205 -6.80 18.68 37.18
N ILE H 206 -7.09 18.02 38.30
CA ILE H 206 -8.43 17.93 38.85
C ILE H 206 -8.41 18.60 40.21
N GLY H 207 -9.28 19.59 40.41
CA GLY H 207 -9.39 20.22 41.70
C GLY H 207 -9.67 21.70 41.63
N PRO H 208 -9.93 22.32 42.80
CA PRO H 208 -9.99 21.73 44.14
C PRO H 208 -11.26 20.91 44.38
N CYS H 209 -11.20 19.92 45.27
CA CYS H 209 -12.35 19.09 45.59
C CYS H 209 -12.50 18.97 47.10
N GLU H 210 -13.74 18.85 47.56
CA GLU H 210 -14.07 18.98 48.97
C GLU H 210 -13.71 17.75 49.80
N GLY H 211 -13.48 16.60 49.18
CA GLY H 211 -13.35 15.38 49.95
C GLY H 211 -13.19 14.16 49.08
N ILE H 212 -14.05 13.16 49.27
CA ILE H 212 -14.14 12.00 48.39
C ILE H 212 -14.49 12.44 46.98
N ASP H 213 -14.95 13.69 46.84
CA ASP H 213 -15.09 14.29 45.52
C ASP H 213 -13.79 14.21 44.73
N MET H 214 -12.65 14.31 45.41
CA MET H 214 -11.37 14.21 44.70
C MET H 214 -11.20 12.84 44.05
N GLY H 215 -11.39 11.77 44.84
CA GLY H 215 -11.27 10.44 44.28
C GLY H 215 -12.29 10.17 43.19
N ASP H 216 -13.54 10.57 43.44
CA ASP H 216 -14.59 10.36 42.44
C ASP H 216 -14.27 11.06 41.14
N HIS H 217 -13.90 12.34 41.22
CA HIS H 217 -13.64 13.12 40.03
C HIS H 217 -12.41 12.61 39.29
N LEU H 218 -11.36 12.22 40.01
CA LEU H 218 -10.18 11.72 39.30
C LEU H 218 -10.45 10.39 38.64
N TRP H 219 -11.18 9.50 39.30
CA TRP H 219 -11.50 8.22 38.67
C TRP H 219 -12.40 8.41 37.46
N VAL H 220 -13.41 9.27 37.55
CA VAL H 220 -14.28 9.49 36.41
C VAL H 220 -13.53 10.20 35.29
N ALA H 221 -12.59 11.09 35.62
CA ALA H 221 -11.77 11.71 34.61
C ALA H 221 -10.90 10.68 33.89
N ARG H 222 -10.36 9.72 34.64
CA ARG H 222 -9.62 8.63 34.02
C ARG H 222 -10.50 7.81 33.10
N PHE H 223 -11.74 7.53 33.52
CA PHE H 223 -12.66 6.78 32.67
C PHE H 223 -12.97 7.56 31.39
N ILE H 224 -13.21 8.87 31.51
CA ILE H 224 -13.51 9.68 30.35
C ILE H 224 -12.31 9.72 29.41
N LEU H 225 -11.10 9.77 29.96
CA LEU H 225 -9.91 9.71 29.12
C LEU H 225 -9.86 8.39 28.37
N HIS H 226 -10.14 7.28 29.05
CA HIS H 226 -10.13 5.98 28.37
C HIS H 226 -11.19 5.90 27.27
N ARG H 227 -12.40 6.41 27.53
CA ARG H 227 -13.46 6.36 26.53
C ARG H 227 -13.13 7.23 25.33
N VAL H 228 -12.63 8.45 25.57
CA VAL H 228 -12.25 9.34 24.48
C VAL H 228 -11.13 8.72 23.65
N CYS H 229 -10.12 8.17 24.32
CA CYS H 229 -9.01 7.56 23.60
C CYS H 229 -9.46 6.35 22.81
N GLU H 230 -10.42 5.59 23.35
CA GLU H 230 -11.00 4.48 22.61
C GLU H 230 -11.74 4.97 21.37
N ASP H 231 -12.44 6.09 21.48
CA ASP H 231 -13.05 6.70 20.30
C ASP H 231 -12.00 7.08 19.26
N PHE H 232 -10.88 7.62 19.71
CA PHE H 232 -9.81 7.97 18.78
C PHE H 232 -8.93 6.79 18.40
N GLY H 233 -9.05 5.66 19.08
CA GLY H 233 -8.27 4.48 18.76
C GLY H 233 -6.89 4.44 19.37
N VAL H 234 -6.60 5.30 20.34
CA VAL H 234 -5.32 5.29 21.03
C VAL H 234 -5.55 4.83 22.47
N ILE H 235 -4.45 4.64 23.18
CA ILE H 235 -4.48 4.11 24.55
C ILE H 235 -3.92 5.19 25.47
N ALA H 236 -4.59 5.42 26.59
CA ALA H 236 -4.08 6.29 27.63
C ALA H 236 -3.40 5.44 28.68
N THR H 237 -2.11 5.67 28.88
CA THR H 237 -1.33 4.89 29.84
C THR H 237 -0.95 5.77 31.01
N PHE H 238 -1.29 5.32 32.22
CA PHE H 238 -0.86 5.96 33.45
C PHE H 238 0.31 5.24 34.10
N ASP H 239 1.04 4.43 33.33
CA ASP H 239 2.20 3.74 33.87
C ASP H 239 3.29 4.77 34.18
N PRO H 240 3.91 4.71 35.36
CA PRO H 240 4.91 5.73 35.71
C PRO H 240 6.12 5.74 34.79
N LYS H 241 6.40 4.63 34.12
CA LYS H 241 7.56 4.49 33.24
C LYS H 241 7.09 3.93 31.91
N PRO H 242 6.44 4.75 31.07
CA PRO H 242 5.91 4.23 29.81
C PRO H 242 7.00 3.85 28.82
N ILE H 243 7.93 4.77 28.59
CA ILE H 243 9.02 4.58 27.62
C ILE H 243 10.32 4.51 28.40
N PRO H 244 11.13 3.47 28.24
CA PRO H 244 12.44 3.43 28.91
C PRO H 244 13.34 4.58 28.48
N GLY H 245 14.12 5.08 29.42
CA GLY H 245 15.03 6.17 29.12
C GLY H 245 15.38 6.93 30.39
N ASN H 246 15.88 8.16 30.19
CA ASN H 246 16.31 9.00 31.30
C ASN H 246 15.15 9.47 32.16
N TRP H 247 14.00 9.77 31.56
CA TRP H 247 12.82 10.22 32.30
C TRP H 247 12.39 9.17 33.32
N ASN H 248 12.10 9.60 34.54
CA ASN H 248 11.87 8.67 35.64
C ASN H 248 10.44 8.74 36.20
N GLY H 249 10.01 9.88 36.71
CA GLY H 249 8.79 9.89 37.51
C GLY H 249 7.50 9.78 36.75
N ALA H 250 7.13 10.86 36.05
CA ALA H 250 5.92 10.92 35.23
C ALA H 250 4.71 10.54 36.08
N GLY H 251 4.65 11.05 37.31
CA GLY H 251 3.58 10.68 38.22
C GLY H 251 2.73 11.78 38.81
N CYS H 252 1.58 11.43 39.38
CA CYS H 252 0.65 12.42 39.93
C CYS H 252 1.16 13.27 41.08
N HIS H 253 0.72 14.53 41.11
CA HIS H 253 1.12 15.42 42.21
C HIS H 253 -0.13 15.83 42.99
N THR H 254 -0.13 15.64 44.30
CA THR H 254 -1.31 15.94 45.09
C THR H 254 -1.13 17.21 45.91
N ASN H 255 -2.07 18.14 45.79
CA ASN H 255 -1.96 19.39 46.51
C ASN H 255 -2.95 19.39 47.66
N PHE H 256 -2.45 19.51 48.89
CA PHE H 256 -3.36 19.41 50.03
C PHE H 256 -3.49 20.66 50.90
N SER H 257 -4.72 21.10 51.14
CA SER H 257 -4.97 22.25 51.99
C SER H 257 -6.13 21.92 52.93
N THR H 258 -6.23 22.69 54.01
CA THR H 258 -7.32 22.60 54.96
C THR H 258 -7.91 24.00 55.16
N LYS H 259 -8.95 24.08 55.99
CA LYS H 259 -9.57 25.37 56.27
C LYS H 259 -8.58 26.30 56.97
N ALA H 260 -7.82 25.77 57.93
CA ALA H 260 -6.84 26.59 58.63
C ALA H 260 -5.74 27.08 57.71
N MET H 261 -5.26 26.21 56.81
CA MET H 261 -4.15 26.57 55.94
C MET H 261 -4.59 27.61 54.90
N ARG H 262 -5.88 27.63 54.56
CA ARG H 262 -6.36 28.63 53.61
C ARG H 262 -6.52 29.99 54.26
N GLU H 263 -6.73 30.03 55.58
CA GLU H 263 -6.88 31.30 56.27
C GLU H 263 -5.51 31.88 56.62
N GLU H 264 -5.52 33.05 57.26
CA GLU H 264 -4.28 33.72 57.61
C GLU H 264 -3.49 32.91 58.63
N ASN H 265 -2.17 33.05 58.58
CA ASN H 265 -1.22 32.31 59.42
C ASN H 265 -1.36 30.80 59.21
N GLY H 266 -1.78 30.39 58.03
CA GLY H 266 -1.85 28.97 57.71
C GLY H 266 -0.53 28.34 57.33
N LEU H 267 0.50 29.15 57.09
CA LEU H 267 1.80 28.62 56.71
C LEU H 267 2.38 27.75 57.81
N LYS H 268 2.14 28.10 59.07
CA LYS H 268 2.63 27.26 60.16
C LYS H 268 1.89 25.92 60.19
N TYR H 269 0.59 25.92 59.86
CA TYR H 269 -0.13 24.66 59.74
C TYR H 269 0.43 23.81 58.61
N ILE H 270 0.79 24.45 57.49
CA ILE H 270 1.40 23.73 56.38
C ILE H 270 2.74 23.13 56.81
N GLU H 271 3.53 23.90 57.55
CA GLU H 271 4.81 23.40 58.05
C GLU H 271 4.62 22.22 58.99
N GLU H 272 3.61 22.30 59.87
CA GLU H 272 3.30 21.18 60.75
C GLU H 272 2.91 19.94 59.97
N ALA H 273 2.09 20.11 58.93
CA ALA H 273 1.69 18.98 58.11
C ALA H 273 2.88 18.36 57.38
N ILE H 274 3.79 19.20 56.88
CA ILE H 274 4.99 18.69 56.22
C ILE H 274 5.87 17.92 57.20
N GLU H 275 6.02 18.45 58.42
CA GLU H 275 6.84 17.77 59.42
C GLU H 275 6.22 16.43 59.80
N LYS H 276 4.88 16.38 59.90
CA LYS H 276 4.21 15.11 60.18
C LYS H 276 4.40 14.13 59.02
N LEU H 277 4.34 14.62 57.78
CA LEU H 277 4.53 13.75 56.63
C LEU H 277 5.96 13.23 56.54
N SER H 278 6.93 14.03 56.99
CA SER H 278 8.34 13.62 56.88
C SER H 278 8.62 12.33 57.64
N LYS H 279 7.87 12.07 58.71
CA LYS H 279 8.07 10.84 59.47
C LYS H 279 7.47 9.63 58.76
N ARG H 280 6.35 9.80 58.07
CA ARG H 280 5.61 8.69 57.46
C ARG H 280 5.91 8.53 55.98
N HIS H 281 7.16 8.75 55.56
CA HIS H 281 7.51 8.64 54.14
C HIS H 281 7.30 7.23 53.62
N GLN H 282 7.74 6.22 54.38
CA GLN H 282 7.63 4.84 53.91
C GLN H 282 6.19 4.40 53.81
N TYR H 283 5.36 4.81 54.78
CA TYR H 283 3.94 4.46 54.75
C TYR H 283 3.25 5.05 53.52
N HIS H 284 3.56 6.31 53.20
CA HIS H 284 2.95 6.93 52.03
C HIS H 284 3.47 6.32 50.74
N ILE H 285 4.75 5.96 50.69
CA ILE H 285 5.28 5.28 49.52
C ILE H 285 4.57 3.95 49.31
N ARG H 286 4.34 3.21 50.40
CA ARG H 286 3.58 1.96 50.29
C ARG H 286 2.15 2.20 49.85
N ALA H 287 1.50 3.23 50.39
CA ALA H 287 0.08 3.45 50.13
C ALA H 287 -0.17 3.98 48.72
N TYR H 288 0.78 4.74 48.16
CA TYR H 288 0.54 5.37 46.87
C TYR H 288 0.54 4.34 45.73
N ASP H 289 1.37 3.31 45.85
CA ASP H 289 1.43 2.27 44.83
C ASP H 289 0.28 1.29 45.01
N PRO H 290 -0.53 1.05 43.98
CA PRO H 290 -1.63 0.08 44.12
C PRO H 290 -1.17 -1.33 44.41
N LYS H 291 0.00 -1.72 43.92
CA LYS H 291 0.54 -3.06 44.16
C LYS H 291 1.06 -3.17 45.59
N GLY H 320 13.19 17.47 42.70
CA GLY H 320 13.92 18.08 43.80
C GLY H 320 13.49 17.60 45.17
N ALA H 321 12.30 18.04 45.58
CA ALA H 321 11.75 17.66 46.88
C ALA H 321 10.59 16.70 46.76
N SER H 322 10.62 15.60 47.50
CA SER H 322 9.49 14.67 47.47
C SER H 322 8.22 15.38 47.91
N ILE H 323 8.33 16.21 48.94
CA ILE H 323 7.18 17.02 49.35
C ILE H 323 7.61 18.45 49.14
N ARG H 324 6.80 19.25 48.46
CA ARG H 324 7.22 20.61 48.13
C ARG H 324 6.19 21.66 48.54
N ILE H 325 6.64 22.88 48.78
CA ILE H 325 5.73 23.96 49.12
C ILE H 325 5.76 25.01 48.03
N PRO H 326 4.59 25.48 47.59
CA PRO H 326 4.55 26.56 46.61
C PRO H 326 5.16 27.82 47.19
N ARG H 327 5.84 28.61 46.37
CA ARG H 327 6.53 29.77 46.89
C ARG H 327 5.57 30.93 46.98
N THR H 328 4.58 30.96 46.09
CA THR H 328 3.54 31.99 46.17
C THR H 328 2.74 31.84 47.46
N VAL H 329 2.47 30.61 47.87
CA VAL H 329 1.80 30.36 49.15
C VAL H 329 2.67 30.87 50.29
N GLY H 330 3.97 30.58 50.25
CA GLY H 330 4.87 31.07 51.29
C GLY H 330 4.92 32.58 51.35
N GLN H 331 4.91 33.24 50.19
CA GLN H 331 4.87 34.70 50.16
C GLN H 331 3.56 35.22 50.75
N GLU H 332 2.44 34.57 50.43
CA GLU H 332 1.16 34.96 50.99
C GLU H 332 0.91 34.35 52.36
N LYS H 333 1.79 33.47 52.83
CA LYS H 333 1.73 32.82 54.14
C LYS H 333 0.50 31.97 54.33
N LYS H 334 -0.21 31.62 53.26
CA LYS H 334 -1.40 30.77 53.36
C LYS H 334 -1.61 30.07 52.03
N GLY H 335 -2.19 28.86 52.09
CA GLY H 335 -2.49 28.14 50.88
C GLY H 335 -2.46 26.63 50.99
N TYR H 336 -1.63 26.00 50.16
CA TYR H 336 -1.56 24.53 50.13
C TYR H 336 -0.13 24.06 50.04
N PHE H 337 0.07 22.74 49.91
CA PHE H 337 1.44 22.23 49.72
C PHE H 337 1.38 21.31 48.50
N GLU H 338 2.49 20.72 48.10
CA GLU H 338 2.47 19.77 46.99
C GLU H 338 3.18 18.48 47.35
N ASP H 339 2.57 17.35 47.04
CA ASP H 339 3.28 16.10 47.26
C ASP H 339 3.59 15.50 45.90
N ARG H 340 4.88 15.34 45.61
CA ARG H 340 5.31 14.84 44.31
C ARG H 340 5.49 13.33 44.31
N ARG H 341 5.34 12.71 45.47
CA ARG H 341 5.58 11.27 45.59
C ARG H 341 4.61 10.32 44.86
N PRO H 342 3.28 10.65 44.77
CA PRO H 342 2.43 9.64 44.12
C PRO H 342 2.76 9.45 42.65
N SER H 343 2.62 8.21 42.19
CA SER H 343 2.85 7.88 40.78
C SER H 343 1.60 8.20 39.97
N ALA H 344 1.68 7.92 38.66
CA ALA H 344 0.57 8.26 37.78
C ALA H 344 -0.59 7.28 37.92
N ASN H 345 -0.31 6.01 38.22
CA ASN H 345 -1.34 5.01 38.39
C ASN H 345 -1.84 4.92 39.82
N CYS H 346 -1.64 5.96 40.62
CA CYS H 346 -2.00 5.90 42.03
C CYS H 346 -3.51 5.88 42.22
N ASP H 347 -3.93 5.35 43.36
CA ASP H 347 -5.34 5.36 43.72
C ASP H 347 -5.66 6.60 44.53
N PRO H 348 -6.50 7.51 44.02
CA PRO H 348 -6.75 8.76 44.74
C PRO H 348 -7.36 8.58 46.12
N PHE H 349 -8.19 7.55 46.29
CA PHE H 349 -8.79 7.30 47.60
C PHE H 349 -7.72 7.00 48.63
N ALA H 350 -6.78 6.11 48.30
CA ALA H 350 -5.71 5.78 49.21
C ALA H 350 -4.81 6.99 49.48
N VAL H 351 -4.50 7.76 48.43
CA VAL H 351 -3.62 8.91 48.58
C VAL H 351 -4.24 9.93 49.53
N THR H 352 -5.50 10.29 49.28
CA THR H 352 -6.16 11.29 50.10
C THR H 352 -6.39 10.80 51.52
N GLU H 353 -6.73 9.51 51.68
CA GLU H 353 -6.91 8.96 53.02
C GLU H 353 -5.61 8.98 53.80
N ALA H 354 -4.51 8.62 53.16
CA ALA H 354 -3.21 8.66 53.83
C ALA H 354 -2.82 10.09 54.20
N LEU H 355 -3.07 11.04 53.29
CA LEU H 355 -2.75 12.44 53.59
C LEU H 355 -3.55 12.95 54.77
N ILE H 356 -4.83 12.58 54.84
CA ILE H 356 -5.65 13.00 55.97
C ILE H 356 -5.18 12.34 57.26
N ARG H 357 -4.91 11.04 57.21
CA ARG H 357 -4.56 10.30 58.42
C ARG H 357 -3.23 10.77 59.00
N THR H 358 -2.23 11.00 58.14
CA THR H 358 -0.93 11.41 58.65
C THR H 358 -0.97 12.83 59.20
N CYS H 359 -1.68 13.73 58.53
CA CYS H 359 -1.68 15.14 58.93
C CYS H 359 -2.77 15.45 59.94
N LEU H 360 -4.03 15.23 59.57
CA LEU H 360 -5.13 15.63 60.43
C LEU H 360 -5.29 14.69 61.62
N LEU H 361 -5.17 13.38 61.40
CA LEU H 361 -5.43 12.42 62.46
C LEU H 361 -4.20 12.11 63.31
N ASN H 362 -3.03 12.62 62.94
CA ASN H 362 -1.80 12.48 63.72
C ASN H 362 -1.40 11.02 63.92
N GLU H 363 -1.86 10.13 63.03
CA GLU H 363 -1.56 8.71 63.16
C GLU H 363 -0.08 8.43 62.90
N THR H 364 0.43 7.43 63.61
CA THR H 364 1.78 6.92 63.38
C THR H 364 1.74 5.40 63.43
N GLY H 365 2.67 4.77 62.71
CA GLY H 365 2.76 3.33 62.72
C GLY H 365 2.75 2.70 61.34
N ASP H 366 3.09 1.40 61.29
CA ASP H 366 3.13 0.70 60.02
C ASP H 366 1.72 0.50 59.44
N GLU H 367 0.75 0.17 60.28
CA GLU H 367 -0.61 -0.06 59.83
C GLU H 367 -1.56 0.98 60.40
N PRO H 368 -2.55 1.42 59.64
CA PRO H 368 -3.47 2.45 60.14
C PRO H 368 -4.37 1.91 61.24
N PHE H 369 -4.79 2.83 62.12
CA PHE H 369 -5.73 2.48 63.18
C PHE H 369 -7.14 2.34 62.62
N GLN H 370 -7.96 1.58 63.33
CA GLN H 370 -9.33 1.32 62.91
C GLN H 370 -10.28 2.13 63.80
N TYR H 371 -10.94 3.12 63.20
CA TYR H 371 -11.88 3.99 63.92
C TYR H 371 -13.26 3.33 63.93
N LYS H 372 -13.32 2.14 64.52
CA LYS H 372 -14.55 1.37 64.59
C LYS H 372 -15.53 1.99 65.57
N ALA I 2 -10.86 -7.23 8.52
CA ALA I 2 -11.38 -6.73 7.26
C ALA I 2 -12.82 -6.28 7.41
N THR I 3 -13.23 -5.34 6.56
CA THR I 3 -14.60 -4.85 6.54
C THR I 3 -15.12 -4.96 5.11
N SER I 4 -16.45 -4.96 4.98
CA SER I 4 -17.07 -5.14 3.68
C SER I 4 -16.79 -3.95 2.77
N ALA I 5 -16.85 -4.21 1.45
CA ALA I 5 -16.60 -3.16 0.47
C ALA I 5 -17.66 -2.07 0.52
N SER I 6 -18.90 -2.42 0.88
CA SER I 6 -19.96 -1.43 0.95
C SER I 6 -19.71 -0.42 2.06
N SER I 7 -19.01 -0.83 3.11
CA SER I 7 -18.70 0.08 4.20
C SER I 7 -17.71 1.15 3.79
N HIS I 8 -16.96 0.93 2.72
CA HIS I 8 -15.99 1.92 2.25
C HIS I 8 -16.58 2.89 1.24
N LEU I 9 -17.88 2.79 0.95
CA LEU I 9 -18.54 3.81 0.18
C LEU I 9 -18.67 5.09 1.00
N ASN I 10 -18.69 6.22 0.31
CA ASN I 10 -18.81 7.51 0.98
C ASN I 10 -20.19 7.61 1.61
N LYS I 11 -20.25 7.53 2.93
CA LYS I 11 -21.52 7.59 3.64
C LYS I 11 -22.07 8.99 3.74
N GLY I 12 -21.25 10.02 3.55
CA GLY I 12 -21.77 11.37 3.49
C GLY I 12 -22.72 11.57 2.32
N ILE I 13 -22.44 10.93 1.19
CA ILE I 13 -23.35 10.94 0.05
C ILE I 13 -24.69 10.34 0.45
N LYS I 14 -24.65 9.20 1.14
CA LYS I 14 -25.87 8.56 1.61
C LYS I 14 -26.65 9.47 2.54
N GLN I 15 -25.95 10.20 3.41
CA GLN I 15 -26.67 11.07 4.35
C GLN I 15 -27.21 12.32 3.66
N VAL I 16 -26.56 12.76 2.59
CA VAL I 16 -27.13 13.84 1.79
C VAL I 16 -28.43 13.39 1.16
N TYR I 17 -28.48 12.17 0.65
CA TYR I 17 -29.71 11.67 0.03
C TYR I 17 -30.79 11.39 1.06
N MET I 18 -30.40 10.91 2.23
CA MET I 18 -31.36 10.64 3.30
C MET I 18 -32.02 11.91 3.83
N ALA I 19 -31.33 13.02 3.75
CA ALA I 19 -31.87 14.24 4.35
C ALA I 19 -32.89 14.91 3.45
N LEU I 20 -33.14 14.37 2.27
CA LEU I 20 -34.18 14.92 1.43
C LEU I 20 -35.54 14.77 2.13
N PRO I 21 -36.38 15.79 2.07
CA PRO I 21 -37.75 15.65 2.61
C PRO I 21 -38.48 14.51 1.92
N GLN I 22 -38.96 13.56 2.73
CA GLN I 22 -39.47 12.31 2.18
C GLN I 22 -40.76 12.53 1.41
N GLY I 23 -41.71 13.25 2.00
CA GLY I 23 -42.99 13.47 1.38
C GLY I 23 -44.11 12.72 2.08
N ASP I 24 -45.22 12.56 1.35
CA ASP I 24 -46.40 11.94 1.94
C ASP I 24 -46.26 10.42 2.01
N LYS I 25 -45.47 9.82 1.13
CA LYS I 25 -45.32 8.38 1.12
C LYS I 25 -44.48 7.90 2.30
N VAL I 26 -44.69 6.65 2.71
CA VAL I 26 -44.00 6.09 3.87
C VAL I 26 -43.48 4.70 3.51
N GLN I 27 -42.23 4.40 3.85
CA GLN I 27 -41.66 3.12 3.49
C GLN I 27 -41.73 2.12 4.63
N ALA I 28 -42.26 0.93 4.38
CA ALA I 28 -42.32 -0.09 5.41
C ALA I 28 -41.44 -1.29 5.06
N MET I 29 -40.52 -1.64 5.95
CA MET I 29 -39.63 -2.76 5.66
C MET I 29 -40.12 -4.04 6.31
N TYR I 30 -40.74 -4.91 5.52
CA TYR I 30 -41.19 -6.17 6.05
C TYR I 30 -40.04 -7.09 6.41
N ILE I 31 -40.06 -7.67 7.61
CA ILE I 31 -39.01 -8.55 8.09
C ILE I 31 -39.63 -9.89 8.48
N TRP I 32 -39.00 -10.98 8.08
CA TRP I 32 -39.47 -12.31 8.43
C TRP I 32 -38.29 -13.24 8.67
N ILE I 33 -38.57 -14.36 9.32
CA ILE I 33 -37.54 -15.32 9.66
C ILE I 33 -37.31 -16.24 8.46
N ASP I 34 -36.03 -16.46 8.15
CA ASP I 34 -35.62 -17.34 7.06
C ASP I 34 -36.10 -18.76 7.30
N GLY I 35 -36.04 -19.58 6.24
CA GLY I 35 -36.37 -20.99 6.39
C GLY I 35 -35.39 -21.76 7.24
N THR I 36 -34.17 -21.24 7.41
CA THR I 36 -33.17 -21.91 8.24
C THR I 36 -33.51 -21.84 9.72
N GLY I 37 -34.42 -20.97 10.11
CA GLY I 37 -34.81 -20.83 11.51
C GLY I 37 -34.04 -19.81 12.30
N GLU I 38 -32.94 -19.29 11.76
CA GLU I 38 -32.12 -18.32 12.46
C GLU I 38 -31.72 -17.12 11.63
N GLY I 39 -31.99 -17.12 10.33
CA GLY I 39 -31.71 -16.00 9.47
C GLY I 39 -32.91 -15.07 9.35
N LEU I 40 -32.65 -13.85 8.92
CA LEU I 40 -33.68 -12.83 8.76
C LEU I 40 -33.64 -12.29 7.35
N ARG I 41 -34.83 -12.13 6.77
CA ARG I 41 -34.98 -11.56 5.44
C ARG I 41 -35.87 -10.33 5.53
N CYS I 42 -35.63 -9.37 4.65
CA CYS I 42 -36.36 -8.12 4.68
C CYS I 42 -36.55 -7.58 3.28
N LYS I 43 -37.62 -6.80 3.07
CA LYS I 43 -37.79 -6.09 1.81
C LYS I 43 -38.79 -4.96 2.03
N THR I 44 -38.50 -3.80 1.48
CA THR I 44 -39.32 -2.61 1.76
C THR I 44 -40.37 -2.24 0.73
N ARG I 45 -41.60 -1.95 1.17
CA ARG I 45 -42.62 -1.46 0.25
C ARG I 45 -42.98 0.00 0.52
N THR I 46 -43.90 0.57 -0.26
CA THR I 46 -44.32 1.95 -0.07
C THR I 46 -45.80 1.98 0.31
N LEU I 47 -46.11 2.76 1.34
CA LEU I 47 -47.46 2.99 1.80
C LEU I 47 -47.87 4.43 1.48
N ASP I 48 -49.15 4.61 1.15
CA ASP I 48 -49.63 5.93 0.81
C ASP I 48 -49.70 6.84 2.03
N SER I 49 -49.86 6.25 3.21
CA SER I 49 -49.95 7.02 4.44
C SER I 49 -49.28 6.24 5.56
N GLU I 50 -48.98 6.94 6.64
CA GLU I 50 -48.37 6.30 7.80
C GLU I 50 -49.43 5.48 8.53
N PRO I 51 -49.18 4.18 8.74
CA PRO I 51 -50.16 3.35 9.45
C PRO I 51 -50.13 3.63 10.94
N LYS I 52 -51.30 3.88 11.53
CA LYS I 52 -51.38 4.13 12.96
C LYS I 52 -51.23 2.85 13.77
N CYS I 53 -51.74 1.74 13.24
CA CYS I 53 -51.70 0.46 13.94
C CYS I 53 -51.21 -0.62 12.98
N ILE I 54 -50.93 -1.79 13.55
CA ILE I 54 -50.40 -2.89 12.76
C ILE I 54 -51.44 -3.40 11.76
N GLU I 55 -52.73 -3.24 12.09
CA GLU I 55 -53.79 -3.78 11.25
C GLU I 55 -53.89 -3.07 9.90
N GLU I 56 -53.41 -1.83 9.81
CA GLU I 56 -53.43 -1.13 8.53
C GLU I 56 -52.38 -1.65 7.56
N LEU I 57 -51.39 -2.39 8.06
CA LEU I 57 -50.38 -2.96 7.17
C LEU I 57 -50.98 -4.08 6.34
N PRO I 58 -50.90 -4.01 5.01
CA PRO I 58 -51.41 -5.10 4.19
C PRO I 58 -50.49 -6.31 4.24
N GLU I 59 -51.04 -7.45 3.85
CA GLU I 59 -50.24 -8.65 3.71
C GLU I 59 -49.41 -8.58 2.44
N TRP I 60 -48.32 -9.33 2.42
CA TRP I 60 -47.42 -9.33 1.29
C TRP I 60 -47.06 -10.77 0.94
N ASN I 61 -46.13 -10.94 0.00
CA ASN I 61 -45.70 -12.27 -0.40
C ASN I 61 -44.26 -12.21 -0.88
N PHE I 62 -43.60 -13.35 -0.87
CA PHE I 62 -42.23 -13.44 -1.34
C PHE I 62 -42.00 -14.82 -1.94
N ASP I 63 -40.85 -14.96 -2.62
CA ASP I 63 -40.47 -16.20 -3.28
C ASP I 63 -39.80 -17.10 -2.26
N GLY I 64 -40.52 -18.15 -1.83
CA GLY I 64 -39.98 -19.04 -0.81
C GLY I 64 -38.92 -20.00 -1.30
N SER I 65 -38.80 -20.16 -2.63
CA SER I 65 -37.74 -21.01 -3.15
C SER I 65 -36.38 -20.39 -2.92
N SER I 66 -36.32 -19.05 -2.87
CA SER I 66 -35.07 -18.36 -2.60
C SER I 66 -34.78 -18.27 -1.11
N THR I 67 -35.73 -18.66 -0.27
CA THR I 67 -35.59 -18.55 1.18
C THR I 67 -35.56 -19.89 1.89
N PHE I 68 -35.25 -20.98 1.17
CA PHE I 68 -35.07 -22.31 1.75
C PHE I 68 -36.32 -22.82 2.44
N GLN I 69 -37.51 -22.36 2.06
CA GLN I 69 -38.69 -22.78 2.79
C GLN I 69 -39.91 -23.00 1.89
N SER I 70 -39.69 -23.36 0.63
CA SER I 70 -40.81 -23.72 -0.23
C SER I 70 -40.30 -24.59 -1.38
N GLU I 71 -41.23 -25.35 -1.95
CA GLU I 71 -40.94 -26.22 -3.09
C GLU I 71 -41.16 -25.47 -4.41
N GLY I 72 -40.71 -26.10 -5.50
CA GLY I 72 -40.70 -25.42 -6.78
C GLY I 72 -42.08 -25.11 -7.34
N SER I 73 -43.03 -26.03 -7.17
CA SER I 73 -44.33 -25.87 -7.81
C SER I 73 -45.08 -24.65 -7.29
N ASN I 74 -45.15 -24.49 -5.97
CA ASN I 74 -45.81 -23.35 -5.35
C ASN I 74 -44.80 -22.70 -4.41
N SER I 75 -43.98 -21.81 -4.98
CA SER I 75 -42.90 -21.20 -4.20
C SER I 75 -43.37 -20.04 -3.34
N ASP I 76 -44.42 -19.36 -3.77
CA ASP I 76 -44.88 -18.17 -3.06
C ASP I 76 -45.28 -18.41 -1.63
N MET I 77 -44.84 -17.55 -0.73
CA MET I 77 -45.25 -17.66 0.65
C MET I 77 -45.90 -16.34 0.94
N TYR I 78 -46.54 -16.27 2.11
CA TYR I 78 -47.17 -15.04 2.53
C TYR I 78 -46.55 -14.38 3.74
N LEU I 79 -46.65 -13.07 3.83
CA LEU I 79 -46.20 -12.30 4.98
C LEU I 79 -47.41 -11.63 5.61
N VAL I 80 -47.74 -12.04 6.82
CA VAL I 80 -48.80 -11.44 7.62
C VAL I 80 -48.14 -10.59 8.69
N PRO I 81 -48.35 -9.28 8.70
CA PRO I 81 -47.71 -8.43 9.72
C PRO I 81 -48.09 -8.84 11.13
N ALA I 82 -47.09 -8.86 12.00
CA ALA I 82 -47.27 -9.24 13.40
C ALA I 82 -46.96 -8.11 14.36
N ALA I 83 -45.83 -7.43 14.17
CA ALA I 83 -45.42 -6.35 15.06
C ALA I 83 -44.90 -5.18 14.25
N MET I 84 -45.14 -3.97 14.75
CA MET I 84 -44.71 -2.75 14.08
C MET I 84 -43.81 -1.93 15.00
N PHE I 85 -42.74 -1.40 14.43
CA PHE I 85 -41.78 -0.60 15.17
C PHE I 85 -41.37 0.58 14.31
N ARG I 86 -40.80 1.60 14.93
CA ARG I 86 -40.34 2.76 14.17
C ARG I 86 -39.07 2.33 13.44
N ASP I 87 -38.78 2.95 12.31
CA ASP I 87 -37.60 2.58 11.55
C ASP I 87 -36.47 3.49 11.98
N PRO I 88 -35.48 2.94 12.69
CA PRO I 88 -34.34 3.74 13.12
C PRO I 88 -33.53 4.20 11.94
N PHE I 89 -33.34 3.31 10.97
CA PHE I 89 -32.52 3.62 9.80
C PHE I 89 -33.13 4.73 8.95
N ARG I 90 -34.45 4.71 8.77
CA ARG I 90 -35.10 5.76 8.00
C ARG I 90 -35.63 6.93 8.83
N LYS I 91 -35.55 6.85 10.15
CA LYS I 91 -35.92 7.98 11.03
C LYS I 91 -37.36 8.50 10.99
N ASP I 92 -38.34 7.64 10.68
CA ASP I 92 -39.76 8.04 10.71
C ASP I 92 -40.19 8.79 9.45
N PRO I 93 -41.46 8.65 9.05
CA PRO I 93 -42.62 7.94 9.58
C PRO I 93 -42.52 6.49 9.15
N ASN I 94 -41.41 6.15 8.51
CA ASN I 94 -41.21 4.79 8.01
C ASN I 94 -41.22 3.74 9.09
N LYS I 95 -41.81 2.59 8.79
CA LYS I 95 -41.96 1.55 9.80
C LYS I 95 -41.34 0.17 9.56
N LEU I 96 -40.73 -0.44 10.57
CA LEU I 96 -40.27 -1.81 10.47
C LEU I 96 -41.45 -2.71 10.80
N VAL I 97 -41.72 -3.70 9.95
CA VAL I 97 -42.86 -4.58 10.12
C VAL I 97 -42.34 -6.01 10.21
N PHE I 98 -42.37 -6.58 11.41
CA PHE I 98 -42.01 -7.98 11.60
C PHE I 98 -43.25 -8.83 11.35
N CYS I 99 -43.11 -9.80 10.44
CA CYS I 99 -44.24 -10.60 10.03
C CYS I 99 -44.09 -12.10 10.10
N GLU I 100 -45.19 -12.81 10.26
CA GLU I 100 -45.18 -14.27 10.21
C GLU I 100 -45.22 -14.79 8.78
N VAL I 101 -44.79 -16.03 8.59
CA VAL I 101 -44.77 -16.62 7.27
C VAL I 101 -45.78 -17.74 7.13
N PHE I 102 -46.47 -17.80 6.00
CA PHE I 102 -47.48 -18.82 5.79
C PHE I 102 -47.12 -19.62 4.55
N LYS I 103 -47.75 -20.76 4.34
CA LYS I 103 -47.49 -21.48 3.11
C LYS I 103 -48.62 -21.12 2.18
N TYR I 104 -48.67 -21.76 1.02
CA TYR I 104 -49.71 -21.48 0.04
C TYR I 104 -51.03 -21.96 0.58
N ASN I 105 -50.97 -22.76 1.62
CA ASN I 105 -52.18 -23.31 2.21
C ASN I 105 -52.64 -22.40 3.32
N ARG I 106 -51.98 -21.28 3.52
CA ARG I 106 -52.29 -20.37 4.63
C ARG I 106 -52.14 -21.08 5.96
N LYS I 107 -51.13 -21.93 6.06
CA LYS I 107 -50.87 -22.65 7.29
C LYS I 107 -49.44 -22.32 7.72
N PRO I 108 -49.21 -22.17 9.02
CA PRO I 108 -47.89 -21.78 9.52
C PRO I 108 -46.72 -22.51 8.90
N ALA I 109 -45.66 -21.79 8.56
CA ALA I 109 -44.49 -22.40 7.94
C ALA I 109 -43.68 -23.16 8.95
N GLU I 110 -42.85 -24.07 8.49
CA GLU I 110 -42.02 -24.86 9.37
C GLU I 110 -41.27 -23.98 10.35
N THR I 111 -40.90 -22.78 9.93
CA THR I 111 -40.12 -21.91 10.78
C THR I 111 -40.98 -20.85 11.51
N ASN I 112 -42.27 -20.81 11.22
CA ASN I 112 -43.13 -19.86 11.91
C ASN I 112 -43.54 -20.49 13.22
N LEU I 113 -42.73 -20.30 14.25
CA LEU I 113 -43.04 -20.83 15.56
C LEU I 113 -43.83 -19.82 16.34
N ARG I 114 -43.96 -18.62 15.82
CA ARG I 114 -44.74 -17.58 16.48
C ARG I 114 -46.21 -17.91 16.58
N HIS I 115 -46.77 -18.54 15.56
CA HIS I 115 -48.20 -18.78 15.55
C HIS I 115 -48.67 -19.61 16.73
N THR I 116 -47.95 -20.68 17.06
CA THR I 116 -48.31 -21.50 18.19
C THR I 116 -47.96 -20.80 19.49
N CYS I 117 -46.76 -20.24 19.56
CA CYS I 117 -46.32 -19.51 20.75
C CYS I 117 -47.32 -18.45 21.15
N LYS I 118 -47.90 -17.74 20.17
CA LYS I 118 -48.92 -16.75 20.46
C LYS I 118 -50.15 -17.40 21.05
N ARG I 119 -50.56 -18.56 20.51
CA ARG I 119 -51.69 -19.28 21.10
C ARG I 119 -51.41 -19.65 22.55
N ILE I 120 -50.21 -20.15 22.82
CA ILE I 120 -49.85 -20.57 24.17
C ILE I 120 -49.87 -19.37 25.12
N MET I 121 -49.31 -18.25 24.68
CA MET I 121 -49.30 -17.04 25.52
C MET I 121 -50.71 -16.53 25.77
N ASP I 122 -51.59 -16.63 24.76
CA ASP I 122 -52.98 -16.22 24.94
C ASP I 122 -53.70 -17.13 25.94
N MET I 123 -53.32 -18.42 25.98
CA MET I 123 -53.93 -19.32 26.96
C MET I 123 -53.56 -18.90 28.39
N VAL I 124 -52.32 -18.52 28.62
CA VAL I 124 -51.84 -18.22 29.97
C VAL I 124 -51.77 -16.72 30.20
N SER I 125 -52.59 -15.96 29.45
CA SER I 125 -52.55 -14.50 29.55
C SER I 125 -52.95 -14.01 30.93
N ASN I 126 -53.69 -14.81 31.69
CA ASN I 126 -54.09 -14.39 33.03
C ASN I 126 -52.89 -14.33 33.97
N GLN I 127 -51.95 -15.27 33.82
CA GLN I 127 -50.79 -15.30 34.69
C GLN I 127 -49.80 -14.19 34.38
N ARG I 128 -49.91 -13.56 33.20
CA ARG I 128 -49.04 -12.46 32.77
C ARG I 128 -47.56 -12.81 32.87
N PRO I 129 -47.06 -13.70 32.03
CA PRO I 129 -45.64 -14.07 32.13
C PRO I 129 -44.73 -12.96 31.62
N TRP I 130 -43.62 -12.75 32.31
CA TRP I 130 -42.61 -11.79 31.92
C TRP I 130 -41.31 -12.52 31.62
N PHE I 131 -40.71 -12.20 30.48
CA PHE I 131 -39.46 -12.85 30.10
C PHE I 131 -38.37 -11.81 29.93
N GLY I 132 -37.13 -12.17 30.20
CA GLY I 132 -36.02 -11.26 29.94
C GLY I 132 -34.94 -12.08 29.25
N MET I 133 -34.49 -11.68 28.08
CA MET I 133 -33.51 -12.47 27.38
C MET I 133 -32.24 -11.72 27.09
N GLU I 134 -31.10 -12.32 27.40
CA GLU I 134 -29.83 -11.66 27.19
C GLU I 134 -29.19 -12.28 25.98
N GLN I 135 -28.87 -11.49 24.97
CA GLN I 135 -28.34 -12.04 23.73
C GLN I 135 -26.87 -11.72 23.58
N GLU I 136 -26.04 -12.74 23.39
CA GLU I 136 -24.62 -12.53 23.27
C GLU I 136 -24.18 -12.73 21.83
N TYR I 137 -23.44 -11.78 21.30
CA TYR I 137 -22.98 -11.89 19.93
C TYR I 137 -21.51 -11.58 19.77
N THR I 138 -20.95 -11.92 18.62
CA THR I 138 -19.55 -11.60 18.34
C THR I 138 -19.49 -10.77 17.06
N LEU I 139 -18.70 -9.71 17.08
CA LEU I 139 -18.46 -8.90 15.90
C LEU I 139 -17.31 -9.51 15.12
N MET I 140 -17.56 -9.84 13.87
CA MET I 140 -16.60 -10.52 13.01
C MET I 140 -16.34 -9.67 11.78
N GLY I 141 -15.12 -9.77 11.26
CA GLY I 141 -14.82 -9.17 9.98
C GLY I 141 -15.40 -10.01 8.86
N THR I 142 -15.31 -9.48 7.65
CA THR I 142 -15.76 -10.25 6.51
C THR I 142 -14.80 -11.39 6.16
N ASP I 143 -13.65 -11.45 6.82
CA ASP I 143 -12.68 -12.52 6.64
C ASP I 143 -12.91 -13.70 7.59
N GLY I 144 -14.00 -13.68 8.35
CA GLY I 144 -14.33 -14.81 9.21
C GLY I 144 -13.65 -14.83 10.55
N HIS I 145 -12.93 -13.77 10.90
CA HIS I 145 -12.27 -13.67 12.19
C HIS I 145 -12.92 -12.55 13.01
N PRO I 146 -12.80 -12.60 14.34
CA PRO I 146 -13.43 -11.56 15.15
C PRO I 146 -12.88 -10.18 14.83
N PHE I 147 -13.74 -9.18 14.90
CA PHE I 147 -13.36 -7.84 14.50
C PHE I 147 -12.34 -7.26 15.46
N GLY I 148 -11.31 -6.63 14.90
CA GLY I 148 -10.24 -6.06 15.69
C GLY I 148 -9.19 -7.03 16.15
N TRP I 149 -9.41 -8.34 15.97
CA TRP I 149 -8.38 -9.31 16.28
C TRP I 149 -7.25 -9.22 15.27
N PRO I 150 -6.01 -9.61 15.72
CA PRO I 150 -4.91 -9.58 14.80
C PRO I 150 -5.04 -10.65 13.76
N SER I 151 -4.48 -10.40 12.59
CA SER I 151 -4.55 -11.39 11.55
C SER I 151 -3.76 -12.57 12.05
N ASN I 152 -4.31 -13.77 11.89
CA ASN I 152 -3.59 -14.97 12.29
C ASN I 152 -3.11 -14.83 13.71
N GLY I 153 -3.95 -14.29 14.57
CA GLY I 153 -3.50 -14.04 15.92
C GLY I 153 -4.53 -13.92 16.99
N PHE I 154 -4.08 -14.01 18.23
CA PHE I 154 -4.98 -13.88 19.35
C PHE I 154 -4.75 -12.55 20.08
N PRO I 155 -5.84 -11.87 20.53
CA PRO I 155 -5.62 -10.55 21.16
C PRO I 155 -4.83 -10.61 22.45
N GLY I 156 -5.01 -11.65 23.25
CA GLY I 156 -4.35 -11.75 24.53
C GLY I 156 -5.09 -12.66 25.47
N PRO I 157 -4.56 -12.86 26.67
CA PRO I 157 -5.25 -13.70 27.65
C PRO I 157 -6.56 -13.08 28.11
N GLN I 158 -7.49 -13.93 28.49
CA GLN I 158 -8.79 -13.48 28.95
C GLN I 158 -8.66 -12.77 30.30
N GLY I 159 -9.57 -11.83 30.54
CA GLY I 159 -9.58 -11.14 31.81
C GLY I 159 -9.67 -9.62 31.79
N PRO I 160 -8.98 -8.95 30.86
CA PRO I 160 -9.10 -7.48 30.81
C PRO I 160 -10.33 -6.99 30.05
N TYR I 161 -11.03 -7.86 29.34
CA TYR I 161 -11.98 -7.41 28.33
C TYR I 161 -13.42 -7.37 28.82
N TYR I 162 -13.77 -8.16 29.82
CA TYR I 162 -15.14 -8.15 30.32
C TYR I 162 -15.49 -6.78 30.88
N CYS I 163 -16.48 -6.13 30.26
CA CYS I 163 -16.88 -4.78 30.61
C CYS I 163 -15.73 -3.80 30.52
N GLY I 164 -14.77 -4.08 29.65
CA GLY I 164 -13.59 -3.25 29.56
C GLY I 164 -13.82 -1.98 28.78
N VAL I 165 -13.03 -0.97 29.09
CA VAL I 165 -13.04 0.31 28.39
C VAL I 165 -11.62 0.62 27.95
N GLY I 166 -11.46 1.01 26.69
CA GLY I 166 -10.15 1.29 26.15
C GLY I 166 -10.00 0.74 24.75
N ALA I 167 -9.08 1.31 23.98
CA ALA I 167 -8.89 0.85 22.61
C ALA I 167 -8.40 -0.59 22.57
N ASP I 168 -7.70 -1.02 23.60
CA ASP I 168 -7.20 -2.38 23.69
C ASP I 168 -8.09 -3.30 24.52
N LYS I 169 -9.23 -2.80 24.99
CA LYS I 169 -10.11 -3.57 25.86
C LYS I 169 -11.45 -3.92 25.23
N ALA I 170 -12.03 -3.02 24.44
CA ALA I 170 -13.32 -3.26 23.81
C ALA I 170 -13.21 -2.94 22.34
N TYR I 171 -13.69 -3.85 21.50
CA TYR I 171 -13.62 -3.70 20.05
C TYR I 171 -15.02 -3.46 19.49
N GLY I 172 -15.13 -2.47 18.62
CA GLY I 172 -16.40 -2.18 17.97
C GLY I 172 -17.50 -1.69 18.88
N ARG I 173 -17.19 -0.77 19.80
CA ARG I 173 -18.22 -0.22 20.67
C ARG I 173 -19.16 0.70 19.91
N ASP I 174 -18.73 1.24 18.78
CA ASP I 174 -19.60 2.10 17.99
C ASP I 174 -20.81 1.33 17.48
N ILE I 175 -20.60 0.08 17.07
CA ILE I 175 -21.71 -0.79 16.69
C ILE I 175 -22.68 -0.93 17.86
N VAL I 176 -22.14 -1.10 19.06
CA VAL I 176 -22.98 -1.32 20.24
C VAL I 176 -23.81 -0.08 20.55
N GLU I 177 -23.17 1.09 20.54
CA GLU I 177 -23.88 2.33 20.81
C GLU I 177 -24.95 2.60 19.75
N ALA I 178 -24.60 2.39 18.48
CA ALA I 178 -25.56 2.59 17.41
C ALA I 178 -26.74 1.64 17.53
N HIS I 179 -26.48 0.38 17.85
CA HIS I 179 -27.54 -0.60 18.00
C HIS I 179 -28.44 -0.27 19.18
N TYR I 180 -27.83 0.15 20.30
CA TYR I 180 -28.61 0.54 21.47
C TYR I 180 -29.52 1.71 21.16
N ARG I 181 -28.99 2.76 20.52
CA ARG I 181 -29.82 3.92 20.20
C ARG I 181 -30.88 3.57 19.18
N ALA I 182 -30.56 2.74 18.19
CA ALA I 182 -31.55 2.34 17.20
C ALA I 182 -32.67 1.53 17.82
N CYS I 183 -32.35 0.64 18.77
CA CYS I 183 -33.38 -0.13 19.45
C CYS I 183 -34.22 0.76 20.36
N LEU I 184 -33.63 1.75 20.99
CA LEU I 184 -34.42 2.68 21.81
C LEU I 184 -35.41 3.42 20.95
N TYR I 185 -34.94 4.00 19.84
CA TYR I 185 -35.80 4.75 18.96
C TYR I 185 -36.92 3.91 18.39
N ALA I 186 -36.60 2.68 18.01
CA ALA I 186 -37.59 1.80 17.38
C ALA I 186 -38.62 1.27 18.35
N GLY I 187 -38.40 1.45 19.63
CA GLY I 187 -39.33 0.97 20.62
C GLY I 187 -39.00 -0.38 21.21
N ILE I 188 -37.84 -0.94 20.90
CA ILE I 188 -37.42 -2.20 21.49
C ILE I 188 -37.16 -2.01 22.97
N LYS I 189 -37.55 -3.01 23.77
CA LYS I 189 -37.37 -2.95 25.22
C LYS I 189 -35.98 -3.48 25.57
N ILE I 190 -34.97 -2.70 25.21
CA ILE I 190 -33.59 -3.05 25.51
C ILE I 190 -33.22 -2.46 26.87
N GLY I 191 -32.69 -3.30 27.74
CA GLY I 191 -32.43 -2.90 29.11
C GLY I 191 -30.99 -2.61 29.43
N GLY I 192 -30.07 -2.96 28.55
CA GLY I 192 -28.68 -2.65 28.76
C GLY I 192 -27.77 -3.53 27.95
N THR I 193 -26.49 -3.15 27.94
CA THR I 193 -25.45 -3.89 27.23
C THR I 193 -24.21 -3.98 28.10
N ASN I 194 -23.33 -4.93 27.75
CA ASN I 194 -22.02 -5.00 28.35
C ASN I 194 -21.08 -5.73 27.41
N ALA I 195 -19.78 -5.52 27.61
CA ALA I 195 -18.76 -6.20 26.84
C ALA I 195 -18.39 -7.51 27.50
N GLU I 196 -18.18 -8.54 26.69
CA GLU I 196 -17.99 -9.89 27.21
C GLU I 196 -16.51 -10.19 27.40
N VAL I 197 -16.21 -11.43 27.80
CA VAL I 197 -14.87 -11.78 28.29
C VAL I 197 -13.85 -11.74 27.17
N MET I 198 -14.26 -11.97 25.94
CA MET I 198 -13.30 -11.84 24.85
C MET I 198 -13.63 -10.62 24.02
N PRO I 199 -12.62 -9.91 23.48
CA PRO I 199 -12.91 -8.67 22.77
C PRO I 199 -13.70 -8.94 21.49
N ALA I 200 -14.46 -7.93 21.08
CA ALA I 200 -15.43 -7.94 19.99
C ALA I 200 -16.65 -8.80 20.30
N GLN I 201 -16.77 -9.35 21.50
CA GLN I 201 -17.95 -10.07 21.93
C GLN I 201 -18.75 -9.17 22.87
N TRP I 202 -20.04 -9.06 22.60
CA TRP I 202 -20.91 -8.17 23.37
C TRP I 202 -22.20 -8.90 23.69
N GLU I 203 -23.06 -8.21 24.43
CA GLU I 203 -24.33 -8.76 24.86
C GLU I 203 -25.31 -7.62 25.07
N PHE I 204 -26.54 -7.80 24.61
CA PHE I 204 -27.61 -6.87 24.94
C PHE I 204 -28.75 -7.65 25.58
N GLN I 205 -29.40 -7.03 26.57
CA GLN I 205 -30.53 -7.64 27.25
C GLN I 205 -31.82 -7.01 26.76
N ILE I 206 -32.83 -7.84 26.51
CA ILE I 206 -34.15 -7.39 26.10
C ILE I 206 -35.13 -7.83 27.17
N GLY I 207 -35.88 -6.88 27.72
CA GLY I 207 -36.90 -7.21 28.68
C GLY I 207 -37.06 -6.18 29.78
N PRO I 208 -38.08 -6.35 30.63
CA PRO I 208 -39.09 -7.41 30.62
C PRO I 208 -40.14 -7.24 29.51
N CYS I 209 -40.73 -8.34 29.05
CA CYS I 209 -41.75 -8.30 28.00
C CYS I 209 -42.94 -9.15 28.42
N GLU I 210 -44.13 -8.73 27.98
CA GLU I 210 -45.38 -9.27 28.49
C GLU I 210 -45.72 -10.65 27.92
N GLY I 211 -45.10 -11.06 26.83
CA GLY I 211 -45.56 -12.26 26.15
C GLY I 211 -44.81 -12.53 24.87
N ILE I 212 -45.53 -12.68 23.76
CA ILE I 212 -44.95 -12.76 22.44
C ILE I 212 -44.17 -11.49 22.12
N ASP I 213 -44.39 -10.45 22.93
CA ASP I 213 -43.53 -9.27 22.87
C ASP I 213 -42.07 -9.64 23.04
N MET I 214 -41.77 -10.66 23.84
CA MET I 214 -40.39 -11.07 24.01
C MET I 214 -39.79 -11.56 22.69
N GLY I 215 -40.47 -12.49 22.02
CA GLY I 215 -39.96 -12.98 20.76
C GLY I 215 -39.89 -11.90 19.70
N ASP I 216 -40.92 -11.06 19.62
CA ASP I 216 -40.93 -9.97 18.64
C ASP I 216 -39.77 -9.02 18.87
N HIS I 217 -39.58 -8.59 20.12
CA HIS I 217 -38.53 -7.62 20.42
C HIS I 217 -37.16 -8.22 20.22
N LEU I 218 -36.95 -9.48 20.60
CA LEU I 218 -35.63 -10.06 20.40
C LEU I 218 -35.31 -10.25 18.92
N TRP I 219 -36.29 -10.69 18.14
CA TRP I 219 -36.05 -10.84 16.70
C TRP I 219 -35.78 -9.49 16.03
N VAL I 220 -36.55 -8.47 16.38
CA VAL I 220 -36.32 -7.16 15.78
C VAL I 220 -35.01 -6.57 16.26
N ALA I 221 -34.61 -6.84 17.50
CA ALA I 221 -33.30 -6.39 17.97
C ALA I 221 -32.18 -7.08 17.20
N ARG I 222 -32.35 -8.38 16.90
CA ARG I 222 -31.38 -9.07 16.07
C ARG I 222 -31.30 -8.45 14.67
N PHE I 223 -32.46 -8.11 14.10
CA PHE I 223 -32.48 -7.48 12.79
C PHE I 223 -31.77 -6.13 12.81
N ILE I 224 -32.03 -5.34 13.85
CA ILE I 224 -31.40 -4.03 13.97
C ILE I 224 -29.90 -4.19 14.13
N LEU I 225 -29.47 -5.20 14.88
CA LEU I 225 -28.04 -5.47 15.00
C LEU I 225 -27.44 -5.79 13.64
N HIS I 226 -28.12 -6.62 12.86
CA HIS I 226 -27.61 -6.96 11.53
C HIS I 226 -27.53 -5.74 10.62
N ARG I 227 -28.56 -4.89 10.65
CA ARG I 227 -28.56 -3.70 9.79
C ARG I 227 -27.47 -2.72 10.20
N VAL I 228 -27.32 -2.48 11.51
CA VAL I 228 -26.28 -1.59 11.99
C VAL I 228 -24.90 -2.13 11.62
N CYS I 229 -24.68 -3.42 11.83
CA CYS I 229 -23.38 -4.01 11.50
C CYS I 229 -23.11 -3.95 10.00
N GLU I 230 -24.16 -4.11 9.19
CA GLU I 230 -24.02 -3.95 7.75
C GLU I 230 -23.62 -2.53 7.39
N ASP I 231 -24.20 -1.54 8.09
CA ASP I 231 -23.77 -0.16 7.90
C ASP I 231 -22.30 0.02 8.25
N PHE I 232 -21.85 -0.62 9.33
CA PHE I 232 -20.45 -0.54 9.71
C PHE I 232 -19.56 -1.49 8.93
N GLY I 233 -20.12 -2.44 8.20
CA GLY I 233 -19.34 -3.37 7.43
C GLY I 233 -18.83 -4.58 8.18
N VAL I 234 -19.34 -4.84 9.38
CA VAL I 234 -18.96 -6.00 10.15
C VAL I 234 -20.16 -6.95 10.21
N ILE I 235 -19.93 -8.13 10.77
CA ILE I 235 -20.93 -9.19 10.84
C ILE I 235 -21.22 -9.47 12.30
N ALA I 236 -22.50 -9.58 12.64
CA ALA I 236 -22.91 -10.00 13.97
C ALA I 236 -23.20 -11.48 13.93
N THR I 237 -22.46 -12.25 14.72
CA THR I 237 -22.62 -13.70 14.75
C THR I 237 -23.20 -14.12 16.09
N PHE I 238 -24.31 -14.86 16.03
CA PHE I 238 -24.92 -15.48 17.20
C PHE I 238 -24.57 -16.95 17.31
N ASP I 239 -23.51 -17.39 16.65
CA ASP I 239 -23.10 -18.78 16.75
C ASP I 239 -22.58 -19.04 18.16
N PRO I 240 -23.01 -20.13 18.81
CA PRO I 240 -22.58 -20.37 20.20
C PRO I 240 -21.09 -20.56 20.35
N LYS I 241 -20.39 -20.97 19.29
CA LYS I 241 -18.95 -21.23 19.32
C LYS I 241 -18.31 -20.49 18.16
N PRO I 242 -18.15 -19.16 18.26
CA PRO I 242 -17.60 -18.39 17.14
C PRO I 242 -16.13 -18.70 16.90
N ILE I 243 -15.32 -18.61 17.95
CA ILE I 243 -13.87 -18.81 17.86
C ILE I 243 -13.54 -20.08 18.65
N PRO I 244 -12.86 -21.05 18.04
CA PRO I 244 -12.45 -22.25 18.80
C PRO I 244 -11.52 -21.90 19.94
N GLY I 245 -11.67 -22.64 21.04
CA GLY I 245 -10.84 -22.40 22.22
C GLY I 245 -11.53 -22.93 23.46
N ASN I 246 -11.05 -22.43 24.61
CA ASN I 246 -11.57 -22.86 25.90
C ASN I 246 -13.00 -22.39 26.16
N TRP I 247 -13.35 -21.20 25.70
CA TRP I 247 -14.70 -20.67 25.88
C TRP I 247 -15.72 -21.58 25.21
N ASN I 248 -16.81 -21.87 25.92
CA ASN I 248 -17.77 -22.87 25.45
C ASN I 248 -19.14 -22.30 25.14
N GLY I 249 -19.84 -21.71 26.11
CA GLY I 249 -21.25 -21.43 25.93
C GLY I 249 -21.59 -20.28 25.01
N ALA I 250 -21.34 -19.06 25.49
CA ALA I 250 -21.59 -17.82 24.75
C ALA I 250 -23.02 -17.80 24.25
N GLY I 251 -23.96 -18.19 25.12
CA GLY I 251 -25.36 -18.28 24.72
C GLY I 251 -26.39 -17.48 25.51
N CYS I 252 -27.59 -17.33 24.96
CA CYS I 252 -28.64 -16.54 25.62
C CYS I 252 -29.14 -17.03 26.97
N HIS I 253 -29.46 -16.09 27.85
CA HIS I 253 -30.00 -16.46 29.16
C HIS I 253 -31.41 -15.93 29.29
N THR I 254 -32.36 -16.80 29.63
CA THR I 254 -33.76 -16.37 29.69
C THR I 254 -34.24 -16.26 31.12
N ASN I 255 -34.80 -15.11 31.47
CA ASN I 255 -35.27 -14.89 32.83
C ASN I 255 -36.78 -14.97 32.87
N PHE I 256 -37.33 -15.90 33.62
CA PHE I 256 -38.78 -16.08 33.61
C PHE I 256 -39.51 -15.80 34.92
N SER I 257 -40.54 -14.97 34.87
CA SER I 257 -41.34 -14.67 36.04
C SER I 257 -42.81 -14.70 35.65
N THR I 258 -43.67 -14.83 36.66
CA THR I 258 -45.12 -14.77 36.49
C THR I 258 -45.67 -13.76 37.50
N LYS I 259 -47.00 -13.57 37.45
CA LYS I 259 -47.64 -12.64 38.39
C LYS I 259 -47.48 -13.12 39.82
N ALA I 260 -47.64 -14.43 40.05
CA ALA I 260 -47.48 -14.96 41.40
C ALA I 260 -46.05 -14.82 41.91
N MET I 261 -45.07 -15.08 41.04
CA MET I 261 -43.67 -15.02 41.46
C MET I 261 -43.23 -13.60 41.76
N ARG I 262 -43.87 -12.62 41.12
CA ARG I 262 -43.54 -11.23 41.40
C ARG I 262 -44.13 -10.75 42.72
N GLU I 263 -45.23 -11.36 43.16
CA GLU I 263 -45.85 -10.97 44.42
C GLU I 263 -45.15 -11.67 45.59
N GLU I 264 -45.63 -11.38 46.79
CA GLU I 264 -45.04 -11.97 47.99
C GLU I 264 -45.24 -13.48 48.02
N ASN I 265 -44.28 -14.15 48.67
CA ASN I 265 -44.24 -15.61 48.74
C ASN I 265 -44.18 -16.26 47.36
N GLY I 266 -43.58 -15.56 46.39
CA GLY I 266 -43.40 -16.11 45.06
C GLY I 266 -42.21 -17.03 44.93
N LEU I 267 -41.34 -17.06 45.94
CA LEU I 267 -40.16 -17.91 45.88
C LEU I 267 -40.54 -19.39 45.80
N LYS I 268 -41.63 -19.77 46.48
CA LYS I 268 -42.08 -21.16 46.38
C LYS I 268 -42.60 -21.47 44.98
N TYR I 269 -43.24 -20.51 44.33
CA TYR I 269 -43.65 -20.71 42.94
C TYR I 269 -42.44 -20.86 42.04
N ILE I 270 -41.39 -20.07 42.30
CA ILE I 270 -40.15 -20.20 41.53
C ILE I 270 -39.54 -21.58 41.74
N GLU I 271 -39.54 -22.06 42.98
CA GLU I 271 -39.01 -23.40 43.27
C GLU I 271 -39.82 -24.47 42.56
N GLU I 272 -41.15 -24.33 42.54
CA GLU I 272 -41.99 -25.28 41.82
C GLU I 272 -41.68 -25.28 40.34
N ALA I 273 -41.50 -24.09 39.76
CA ALA I 273 -41.17 -24.00 38.34
C ALA I 273 -39.82 -24.65 38.05
N ILE I 274 -38.83 -24.44 38.92
CA ILE I 274 -37.52 -25.05 38.73
C ILE I 274 -37.62 -26.57 38.83
N GLU I 275 -38.40 -27.07 39.79
CA GLU I 275 -38.56 -28.52 39.91
C GLU I 275 -39.25 -29.11 38.69
N LYS I 276 -40.25 -28.40 38.15
CA LYS I 276 -40.90 -28.85 36.92
C LYS I 276 -39.92 -28.86 35.75
N LEU I 277 -39.07 -27.83 35.67
CA LEU I 277 -38.10 -27.75 34.58
C LEU I 277 -37.04 -28.85 34.70
N SER I 278 -36.70 -29.25 35.93
CA SER I 278 -35.66 -30.25 36.12
C SER I 278 -36.00 -31.57 35.45
N LYS I 279 -37.28 -31.89 35.33
CA LYS I 279 -37.69 -33.13 34.67
C LYS I 279 -37.58 -33.03 33.16
N ARG I 280 -37.84 -31.86 32.57
CA ARG I 280 -37.90 -31.69 31.13
C ARG I 280 -36.62 -31.10 30.56
N HIS I 281 -35.46 -31.49 31.10
CA HIS I 281 -34.20 -30.94 30.61
C HIS I 281 -33.95 -31.30 29.16
N GLN I 282 -34.18 -32.56 28.78
CA GLN I 282 -33.90 -32.98 27.41
C GLN I 282 -34.83 -32.30 26.42
N TYR I 283 -36.10 -32.13 26.78
CA TYR I 283 -37.05 -31.46 25.91
C TYR I 283 -36.64 -30.02 25.66
N HIS I 284 -36.21 -29.31 26.71
CA HIS I 284 -35.78 -27.93 26.55
C HIS I 284 -34.48 -27.83 25.76
N ILE I 285 -33.56 -28.78 25.96
CA ILE I 285 -32.34 -28.81 25.17
C ILE I 285 -32.67 -28.99 23.70
N ARG I 286 -33.61 -29.88 23.39
CA ARG I 286 -34.04 -30.07 22.01
C ARG I 286 -34.71 -28.81 21.45
N ALA I 287 -35.56 -28.17 22.25
CA ALA I 287 -36.35 -27.04 21.76
C ALA I 287 -35.50 -25.78 21.56
N TYR I 288 -34.45 -25.61 22.37
CA TYR I 288 -33.68 -24.38 22.31
C TYR I 288 -32.85 -24.29 21.04
N ASP I 289 -32.35 -25.43 20.56
CA ASP I 289 -31.57 -25.45 19.33
C ASP I 289 -32.48 -25.40 18.12
N PRO I 290 -32.28 -24.46 17.19
CA PRO I 290 -33.13 -24.41 16.00
C PRO I 290 -33.01 -25.65 15.12
N LYS I 291 -31.85 -26.29 15.09
CA LYS I 291 -31.65 -27.48 14.28
C LYS I 291 -32.32 -28.69 14.93
N GLY I 320 -22.07 -22.87 35.98
CA GLY I 320 -22.35 -23.60 37.20
C GLY I 320 -23.63 -24.39 37.13
N ALA I 321 -24.76 -23.68 37.17
CA ALA I 321 -26.08 -24.31 37.13
C ALA I 321 -26.78 -24.07 35.79
N SER I 322 -27.30 -25.12 35.17
CA SER I 322 -28.03 -24.95 33.93
C SER I 322 -29.23 -24.05 34.17
N ILE I 323 -29.92 -24.23 35.29
CA ILE I 323 -31.03 -23.34 35.65
C ILE I 323 -30.59 -22.68 36.94
N ARG I 324 -30.66 -21.36 37.01
CA ARG I 324 -30.13 -20.67 38.19
C ARG I 324 -31.14 -19.71 38.80
N ILE I 325 -31.02 -19.43 40.09
CA ILE I 325 -31.91 -18.49 40.75
C ILE I 325 -31.10 -17.30 41.23
N PRO I 326 -31.60 -16.08 40.98
CA PRO I 326 -30.92 -14.89 41.49
C PRO I 326 -30.94 -14.89 43.00
N ARG I 327 -29.87 -14.39 43.62
CA ARG I 327 -29.79 -14.46 45.08
C ARG I 327 -30.53 -13.30 45.68
N THR I 328 -30.57 -12.17 44.97
CA THR I 328 -31.34 -11.02 45.43
C THR I 328 -32.83 -11.37 45.48
N VAL I 329 -33.30 -12.13 44.48
CA VAL I 329 -34.68 -12.60 44.50
C VAL I 329 -34.93 -13.49 45.70
N GLY I 330 -33.99 -14.40 45.97
CA GLY I 330 -34.13 -15.27 47.13
C GLY I 330 -34.15 -14.51 48.44
N GLN I 331 -33.32 -13.47 48.54
CA GLN I 331 -33.35 -12.63 49.73
C GLN I 331 -34.67 -11.88 49.85
N GLU I 332 -35.20 -11.39 48.73
CA GLU I 332 -36.50 -10.72 48.74
C GLU I 332 -37.67 -11.70 48.66
N LYS I 333 -37.39 -12.99 48.45
CA LYS I 333 -38.38 -14.07 48.39
C LYS I 333 -39.36 -13.92 47.24
N LYS I 334 -39.07 -13.06 46.26
CA LYS I 334 -39.94 -12.88 45.11
C LYS I 334 -39.12 -12.37 43.94
N GLY I 335 -39.55 -12.74 42.73
CA GLY I 335 -38.87 -12.25 41.54
C GLY I 335 -38.92 -13.17 40.35
N TYR I 336 -37.74 -13.55 39.84
CA TYR I 336 -37.67 -14.38 38.64
C TYR I 336 -36.61 -15.45 38.79
N PHE I 337 -36.36 -16.22 37.73
CA PHE I 337 -35.28 -17.20 37.79
C PHE I 337 -34.42 -16.98 36.54
N GLU I 338 -33.37 -17.75 36.36
CA GLU I 338 -32.57 -17.63 35.14
C GLU I 338 -32.34 -18.97 34.49
N ASP I 339 -32.51 -19.06 33.18
CA ASP I 339 -32.18 -20.30 32.50
C ASP I 339 -30.97 -20.03 31.63
N ARG I 340 -29.87 -20.73 31.90
CA ARG I 340 -28.62 -20.51 31.18
C ARG I 340 -28.49 -21.46 29.99
N ARG I 341 -29.43 -22.39 29.85
CA ARG I 341 -29.34 -23.40 28.80
C ARG I 341 -29.47 -22.91 27.33
N PRO I 342 -30.31 -21.89 27.04
CA PRO I 342 -30.42 -21.56 25.60
C PRO I 342 -29.13 -21.02 25.03
N SER I 343 -28.88 -21.35 23.76
CA SER I 343 -27.71 -20.87 23.06
C SER I 343 -27.97 -19.47 22.51
N ALA I 344 -26.97 -18.91 21.82
CA ALA I 344 -27.09 -17.55 21.31
C ALA I 344 -27.97 -17.48 20.08
N ASN I 345 -27.98 -18.52 19.26
CA ASN I 345 -28.81 -18.56 18.06
C ASN I 345 -30.20 -19.13 18.32
N CYS I 346 -30.65 -19.14 19.57
CA CYS I 346 -31.93 -19.77 19.90
C CYS I 346 -33.10 -18.98 19.34
N ASP I 347 -34.22 -19.68 19.16
CA ASP I 347 -35.44 -19.03 18.72
C ASP I 347 -36.25 -18.62 19.94
N PRO I 348 -36.48 -17.31 20.16
CA PRO I 348 -37.18 -16.89 21.38
C PRO I 348 -38.61 -17.42 21.48
N PHE I 349 -39.29 -17.58 20.36
CA PHE I 349 -40.64 -18.12 20.39
C PHE I 349 -40.65 -19.53 20.98
N ALA I 350 -39.77 -20.39 20.48
CA ALA I 350 -39.68 -21.75 20.99
C ALA I 350 -39.27 -21.77 22.46
N VAL I 351 -38.30 -20.93 22.84
CA VAL I 351 -37.82 -20.91 24.22
C VAL I 351 -38.94 -20.51 25.16
N THR I 352 -39.63 -19.41 24.85
CA THR I 352 -40.69 -18.93 25.73
C THR I 352 -41.87 -19.89 25.76
N GLU I 353 -42.21 -20.48 24.61
CA GLU I 353 -43.30 -21.45 24.58
C GLU I 353 -42.98 -22.68 25.42
N ALA I 354 -41.74 -23.17 25.33
CA ALA I 354 -41.34 -24.31 26.15
C ALA I 354 -41.36 -23.97 27.64
N LEU I 355 -40.87 -22.77 27.99
CA LEU I 355 -40.88 -22.36 29.40
C LEU I 355 -42.29 -22.26 29.93
N ILE I 356 -43.23 -21.75 29.13
CA ILE I 356 -44.62 -21.67 29.57
C ILE I 356 -45.22 -23.06 29.69
N ARG I 357 -44.99 -23.92 28.70
CA ARG I 357 -45.62 -25.23 28.69
C ARG I 357 -45.13 -26.11 29.83
N THR I 358 -43.82 -26.09 30.11
CA THR I 358 -43.30 -26.94 31.18
C THR I 358 -43.74 -26.45 32.55
N CYS I 359 -43.74 -25.12 32.76
CA CYS I 359 -44.03 -24.58 34.08
C CYS I 359 -45.53 -24.33 34.27
N LEU I 360 -46.13 -23.49 33.43
CA LEU I 360 -47.52 -23.10 33.65
C LEU I 360 -48.49 -24.21 33.25
N LEU I 361 -48.23 -24.88 32.12
CA LEU I 361 -49.16 -25.86 31.61
C LEU I 361 -48.94 -27.26 32.18
N ASN I 362 -47.85 -27.48 32.94
CA ASN I 362 -47.58 -28.75 33.61
C ASN I 362 -47.44 -29.91 32.63
N GLU I 363 -47.10 -29.61 31.38
CA GLU I 363 -46.98 -30.64 30.37
C GLU I 363 -45.77 -31.55 30.64
N THR I 364 -45.92 -32.82 30.29
CA THR I 364 -44.82 -33.78 30.32
C THR I 364 -44.87 -34.62 29.05
N GLY I 365 -43.71 -35.11 28.64
CA GLY I 365 -43.63 -35.97 27.48
C GLY I 365 -42.64 -35.53 26.44
N ASP I 366 -42.35 -36.42 25.47
CA ASP I 366 -41.39 -36.09 24.42
C ASP I 366 -41.94 -35.03 23.48
N GLU I 367 -43.22 -35.12 23.12
CA GLU I 367 -43.82 -34.15 22.20
C GLU I 367 -44.91 -33.35 22.89
N PRO I 368 -45.03 -32.06 22.57
CA PRO I 368 -46.05 -31.23 23.24
C PRO I 368 -47.47 -31.62 22.85
N PHE I 369 -48.40 -31.38 23.77
CA PHE I 369 -49.80 -31.61 23.49
C PHE I 369 -50.36 -30.52 22.59
N GLN I 370 -51.44 -30.85 21.89
CA GLN I 370 -52.08 -29.94 20.95
C GLN I 370 -53.38 -29.43 21.59
N TYR I 371 -53.40 -28.14 21.91
CA TYR I 371 -54.58 -27.50 22.51
C TYR I 371 -55.54 -27.04 21.42
N LYS I 372 -55.99 -28.02 20.62
CA LYS I 372 -56.88 -27.74 19.51
C LYS I 372 -58.28 -27.36 20.00
N ALA J 2 -13.58 -2.39 -7.23
CA ALA J 2 -13.03 -1.07 -7.50
C ALA J 2 -14.14 -0.04 -7.66
N THR J 3 -13.82 1.21 -7.36
CA THR J 3 -14.74 2.32 -7.52
C THR J 3 -14.06 3.39 -8.35
N SER J 4 -14.88 4.26 -8.94
CA SER J 4 -14.36 5.29 -9.84
C SER J 4 -13.52 6.30 -9.08
N ALA J 5 -12.62 6.95 -9.81
CA ALA J 5 -11.74 7.95 -9.20
C ALA J 5 -12.51 9.16 -8.72
N SER J 6 -13.61 9.50 -9.37
CA SER J 6 -14.40 10.65 -8.94
C SER J 6 -15.05 10.42 -7.59
N SER J 7 -15.33 9.16 -7.26
CA SER J 7 -15.92 8.86 -5.95
C SER J 7 -14.94 9.08 -4.81
N HIS J 8 -13.65 9.13 -5.09
CA HIS J 8 -12.66 9.38 -4.06
C HIS J 8 -12.34 10.85 -3.87
N LEU J 9 -13.02 11.74 -4.59
CA LEU J 9 -12.92 13.15 -4.29
C LEU J 9 -13.62 13.45 -2.98
N ASN J 10 -13.15 14.50 -2.30
CA ASN J 10 -13.73 14.89 -1.02
C ASN J 10 -15.12 15.42 -1.27
N LYS J 11 -16.13 14.65 -0.86
CA LYS J 11 -17.52 15.03 -1.07
C LYS J 11 -17.99 16.09 -0.08
N GLY J 12 -17.29 16.27 1.04
CA GLY J 12 -17.62 17.36 1.93
C GLY J 12 -17.43 18.72 1.27
N ILE J 13 -16.41 18.83 0.42
CA ILE J 13 -16.22 20.06 -0.37
C ILE J 13 -17.41 20.30 -1.27
N LYS J 14 -17.87 19.25 -1.94
CA LYS J 14 -19.05 19.34 -2.79
C LYS J 14 -20.27 19.79 -2.00
N GLN J 15 -20.44 19.27 -0.78
CA GLN J 15 -21.61 19.63 0.01
C GLN J 15 -21.50 21.05 0.56
N VAL J 16 -20.27 21.52 0.80
CA VAL J 16 -20.09 22.92 1.16
C VAL J 16 -20.53 23.83 0.02
N TYR J 17 -20.19 23.47 -1.21
CA TYR J 17 -20.57 24.29 -2.36
C TYR J 17 -22.07 24.19 -2.64
N MET J 18 -22.64 23.02 -2.45
CA MET J 18 -24.07 22.83 -2.66
C MET J 18 -24.92 23.61 -1.68
N ALA J 19 -24.41 23.86 -0.49
CA ALA J 19 -25.22 24.52 0.53
C ALA J 19 -25.28 26.02 0.34
N LEU J 20 -24.58 26.55 -0.66
CA LEU J 20 -24.71 27.97 -0.95
C LEU J 20 -26.13 28.29 -1.37
N PRO J 21 -26.70 29.40 -0.88
CA PRO J 21 -28.02 29.84 -1.35
C PRO J 21 -28.01 30.04 -2.86
N GLN J 22 -28.92 29.34 -3.54
CA GLN J 22 -28.86 29.26 -4.99
C GLN J 22 -29.20 30.60 -5.63
N GLY J 23 -30.27 31.23 -5.19
CA GLY J 23 -30.71 32.48 -5.77
C GLY J 23 -31.98 32.34 -6.58
N ASP J 24 -32.22 33.34 -7.44
CA ASP J 24 -33.45 33.36 -8.22
C ASP J 24 -33.39 32.39 -9.40
N LYS J 25 -32.20 32.09 -9.91
CA LYS J 25 -32.08 31.21 -11.06
C LYS J 25 -32.35 29.77 -10.66
N VAL J 26 -32.79 28.97 -11.64
CA VAL J 26 -33.14 27.56 -11.38
C VAL J 26 -32.52 26.69 -12.46
N GLN J 27 -31.89 25.59 -12.07
CA GLN J 27 -31.22 24.73 -13.04
C GLN J 27 -32.09 23.56 -13.48
N ALA J 28 -32.26 23.38 -14.78
CA ALA J 28 -33.04 22.25 -15.26
C ALA J 28 -32.18 21.26 -16.04
N MET J 29 -32.18 20.00 -15.62
CA MET J 29 -31.35 19.00 -16.30
C MET J 29 -32.15 18.22 -17.31
N TYR J 30 -31.99 18.56 -18.59
CA TYR J 30 -32.68 17.83 -19.64
C TYR J 30 -32.14 16.42 -19.80
N ILE J 31 -33.01 15.42 -19.84
CA ILE J 31 -32.63 14.03 -19.96
C ILE J 31 -33.33 13.44 -21.17
N TRP J 32 -32.59 12.68 -21.98
CA TRP J 32 -33.16 12.03 -23.15
C TRP J 32 -32.51 10.67 -23.35
N ILE J 33 -33.16 9.84 -24.15
CA ILE J 33 -32.69 8.49 -24.41
C ILE J 33 -31.66 8.53 -25.53
N ASP J 34 -30.55 7.82 -25.31
CA ASP J 34 -29.47 7.72 -26.28
C ASP J 34 -29.96 7.07 -27.57
N GLY J 35 -29.15 7.20 -28.62
CA GLY J 35 -29.46 6.53 -29.87
C GLY J 35 -29.40 5.03 -29.79
N THR J 36 -28.69 4.49 -28.80
CA THR J 36 -28.60 3.04 -28.65
C THR J 36 -29.91 2.42 -28.16
N GLY J 37 -30.83 3.23 -27.67
CA GLY J 37 -32.10 2.74 -27.19
C GLY J 37 -32.16 2.38 -25.73
N GLU J 38 -31.01 2.32 -25.05
CA GLU J 38 -30.98 1.95 -23.64
C GLU J 38 -30.10 2.87 -22.80
N GLY J 39 -29.35 3.77 -23.40
CA GLY J 39 -28.54 4.72 -22.66
C GLY J 39 -29.29 6.03 -22.43
N LEU J 40 -28.81 6.79 -21.46
CA LEU J 40 -29.41 8.07 -21.10
C LEU J 40 -28.37 9.16 -21.17
N ARG J 41 -28.77 10.30 -21.72
CA ARG J 41 -27.91 11.47 -21.83
C ARG J 41 -28.60 12.64 -21.13
N CYS J 42 -27.81 13.54 -20.55
CA CYS J 42 -28.35 14.65 -19.79
C CYS J 42 -27.46 15.86 -19.95
N LYS J 43 -28.05 17.05 -19.81
CA LYS J 43 -27.27 18.29 -19.77
C LYS J 43 -28.12 19.37 -19.15
N THR J 44 -27.53 20.16 -18.27
CA THR J 44 -28.31 21.16 -17.51
C THR J 44 -28.29 22.58 -18.01
N ARG J 45 -29.45 23.23 -18.11
CA ARG J 45 -29.49 24.65 -18.46
C ARG J 45 -29.95 25.52 -17.30
N THR J 46 -30.02 26.83 -17.48
CA THR J 46 -30.47 27.74 -16.45
C THR J 46 -31.76 28.41 -16.87
N LEU J 47 -32.72 28.46 -15.96
CA LEU J 47 -33.99 29.13 -16.16
C LEU J 47 -34.06 30.35 -15.25
N ASP J 48 -34.70 31.40 -15.73
CA ASP J 48 -34.80 32.64 -14.96
C ASP J 48 -35.73 32.47 -13.77
N SER J 49 -36.70 31.56 -13.88
CA SER J 49 -37.65 31.33 -12.82
C SER J 49 -38.01 29.84 -12.78
N GLU J 50 -38.58 29.43 -11.65
CA GLU J 50 -39.01 28.05 -11.51
C GLU J 50 -40.25 27.80 -12.36
N PRO J 51 -40.23 26.82 -13.26
CA PRO J 51 -41.41 26.53 -14.09
C PRO J 51 -42.47 25.80 -13.27
N LYS J 52 -43.71 26.31 -13.32
CA LYS J 52 -44.80 25.67 -12.60
C LYS J 52 -45.27 24.41 -13.31
N CYS J 53 -45.23 24.40 -14.64
CA CYS J 53 -45.70 23.27 -15.43
C CYS J 53 -44.65 22.92 -16.48
N ILE J 54 -44.86 21.78 -17.13
CA ILE J 54 -43.91 21.31 -18.14
C ILE J 54 -43.90 22.23 -19.35
N GLU J 55 -45.03 22.90 -19.62
CA GLU J 55 -45.13 23.73 -20.82
C GLU J 55 -44.24 24.95 -20.77
N GLU J 56 -43.85 25.40 -19.58
CA GLU J 56 -42.95 26.54 -19.49
C GLU J 56 -41.51 26.18 -19.85
N LEU J 57 -41.18 24.90 -19.89
CA LEU J 57 -39.84 24.49 -20.28
C LEU J 57 -39.64 24.71 -21.77
N PRO J 58 -38.63 25.46 -22.17
CA PRO J 58 -38.37 25.64 -23.60
C PRO J 58 -37.75 24.39 -24.21
N GLU J 59 -37.85 24.30 -25.53
CA GLU J 59 -37.19 23.24 -26.26
C GLU J 59 -35.69 23.52 -26.33
N TRP J 60 -34.92 22.45 -26.53
CA TRP J 60 -33.47 22.57 -26.57
C TRP J 60 -32.96 21.76 -27.76
N ASN J 61 -31.65 21.64 -27.88
CA ASN J 61 -31.05 20.89 -28.96
C ASN J 61 -29.70 20.33 -28.50
N PHE J 62 -29.25 19.30 -29.20
CA PHE J 62 -27.97 18.68 -28.88
C PHE J 62 -27.34 18.13 -30.16
N ASP J 63 -26.07 17.76 -30.06
CA ASP J 63 -25.31 17.23 -31.19
C ASP J 63 -25.59 15.73 -31.28
N GLY J 64 -26.39 15.33 -32.27
CA GLY J 64 -26.75 13.94 -32.43
C GLY J 64 -25.65 13.05 -32.98
N SER J 65 -24.60 13.65 -33.56
CA SER J 65 -23.48 12.86 -34.04
C SER J 65 -22.72 12.25 -32.87
N SER J 66 -22.73 12.92 -31.72
CA SER J 66 -22.07 12.40 -30.53
C SER J 66 -22.95 11.42 -29.78
N THR J 67 -24.22 11.27 -30.17
CA THR J 67 -25.17 10.43 -29.47
C THR J 67 -25.65 9.25 -30.32
N PHE J 68 -24.91 8.88 -31.37
CA PHE J 68 -25.19 7.70 -32.18
C PHE J 68 -26.56 7.77 -32.87
N GLN J 69 -27.10 8.96 -33.10
CA GLN J 69 -28.44 9.01 -33.66
C GLN J 69 -28.62 10.14 -34.67
N SER J 70 -27.55 10.54 -35.36
CA SER J 70 -27.68 11.50 -36.45
C SER J 70 -26.50 11.37 -37.39
N GLU J 71 -26.70 11.85 -38.61
CA GLU J 71 -25.68 11.85 -39.65
C GLU J 71 -24.89 13.15 -39.61
N GLY J 72 -23.79 13.17 -40.37
CA GLY J 72 -22.84 14.28 -40.27
C GLY J 72 -23.39 15.61 -40.78
N SER J 73 -24.17 15.56 -41.87
CA SER J 73 -24.60 16.80 -42.51
C SER J 73 -25.50 17.63 -41.60
N ASN J 74 -26.51 17.00 -41.00
CA ASN J 74 -27.43 17.67 -40.09
C ASN J 74 -27.41 16.88 -38.78
N SER J 75 -26.45 17.21 -37.91
CA SER J 75 -26.27 16.45 -36.69
C SER J 75 -27.23 16.88 -35.59
N ASP J 76 -27.66 18.13 -35.61
CA ASP J 76 -28.49 18.66 -34.54
C ASP J 76 -29.81 17.94 -34.36
N MET J 77 -30.16 17.63 -33.12
CA MET J 77 -31.44 17.03 -32.87
C MET J 77 -32.12 17.98 -31.93
N TYR J 78 -33.40 17.72 -31.70
CA TYR J 78 -34.15 18.53 -30.77
C TYR J 78 -34.61 17.83 -29.51
N LEU J 79 -34.76 18.58 -28.43
CA LEU J 79 -35.30 18.06 -27.18
C LEU J 79 -36.59 18.79 -26.87
N VAL J 80 -37.69 18.07 -26.90
CA VAL J 80 -39.00 18.58 -26.53
C VAL J 80 -39.34 18.03 -25.15
N PRO J 81 -39.50 18.88 -24.13
CA PRO J 81 -39.80 18.38 -22.78
C PRO J 81 -41.07 17.57 -22.76
N ALA J 82 -41.02 16.45 -22.02
CA ALA J 82 -42.16 15.55 -21.90
C ALA J 82 -42.65 15.43 -20.47
N ALA J 83 -41.75 15.23 -19.52
CA ALA J 83 -42.12 15.08 -18.11
C ALA J 83 -41.18 15.89 -17.24
N MET J 84 -41.72 16.40 -16.13
CA MET J 84 -40.95 17.21 -15.20
C MET J 84 -41.01 16.60 -13.81
N PHE J 85 -39.86 16.57 -13.14
CA PHE J 85 -39.75 16.01 -11.80
C PHE J 85 -38.85 16.91 -10.98
N ARG J 86 -38.92 16.79 -9.66
CA ARG J 86 -38.06 17.58 -8.79
C ARG J 86 -36.65 17.00 -8.90
N ASP J 87 -35.64 17.82 -8.70
CA ASP J 87 -34.28 17.35 -8.81
C ASP J 87 -33.82 16.92 -7.44
N PRO J 88 -33.66 15.62 -7.22
CA PRO J 88 -33.18 15.14 -5.93
C PRO J 88 -31.77 15.58 -5.67
N PHE J 89 -30.93 15.52 -6.68
CA PHE J 89 -29.54 15.89 -6.54
C PHE J 89 -29.33 17.36 -6.18
N ARG J 90 -30.11 18.24 -6.80
CA ARG J 90 -30.01 19.65 -6.48
C ARG J 90 -30.99 20.15 -5.41
N LYS J 91 -31.89 19.29 -4.95
CA LYS J 91 -32.80 19.63 -3.83
C LYS J 91 -33.76 20.81 -4.01
N ASP J 92 -34.21 21.10 -5.22
CA ASP J 92 -35.20 22.16 -5.47
C ASP J 92 -34.60 23.56 -5.49
N PRO J 93 -35.18 24.49 -6.27
CA PRO J 93 -36.36 24.47 -7.14
C PRO J 93 -35.96 23.85 -8.46
N ASN J 94 -34.73 23.37 -8.54
CA ASN J 94 -34.22 22.78 -9.76
C ASN J 94 -35.00 21.59 -10.25
N LYS J 95 -35.17 21.48 -11.56
CA LYS J 95 -36.00 20.40 -12.11
C LYS J 95 -35.38 19.42 -13.09
N LEU J 96 -35.69 18.13 -12.97
CA LEU J 96 -35.29 17.14 -13.97
C LEU J 96 -36.34 17.16 -15.06
N VAL J 97 -35.89 17.27 -16.31
CA VAL J 97 -36.79 17.36 -17.45
C VAL J 97 -36.48 16.21 -18.40
N PHE J 98 -37.38 15.22 -18.43
CA PHE J 98 -37.25 14.13 -19.38
C PHE J 98 -37.92 14.54 -20.69
N CYS J 99 -37.16 14.44 -21.78
CA CYS J 99 -37.62 14.91 -23.07
C CYS J 99 -37.56 13.95 -24.22
N GLU J 100 -38.42 14.14 -25.21
CA GLU J 100 -38.37 13.34 -26.43
C GLU J 100 -37.35 13.90 -27.42
N VAL J 101 -36.90 13.08 -28.35
CA VAL J 101 -35.93 13.50 -29.34
C VAL J 101 -36.51 13.56 -30.72
N PHE J 102 -36.17 14.59 -31.48
CA PHE J 102 -36.70 14.76 -32.82
C PHE J 102 -35.55 14.81 -33.80
N LYS J 103 -35.80 14.67 -35.09
CA LYS J 103 -34.73 14.83 -36.04
C LYS J 103 -34.84 16.25 -36.55
N TYR J 104 -34.02 16.59 -37.54
CA TYR J 104 -34.03 17.93 -38.10
C TYR J 104 -35.32 18.15 -38.83
N ASN J 105 -36.03 17.07 -39.09
CA ASN J 105 -37.28 17.15 -39.81
C ASN J 105 -38.42 17.30 -38.84
N ARG J 106 -38.11 17.40 -37.55
CA ARG J 106 -39.15 17.45 -36.52
C ARG J 106 -40.00 16.21 -36.53
N LYS J 107 -39.38 15.06 -36.79
CA LYS J 107 -40.08 13.80 -36.82
C LYS J 107 -39.41 12.88 -35.81
N PRO J 108 -40.19 12.07 -35.10
CA PRO J 108 -39.65 11.21 -34.05
C PRO J 108 -38.40 10.46 -34.41
N ALA J 109 -37.42 10.41 -33.51
CA ALA J 109 -36.17 9.73 -33.78
C ALA J 109 -36.34 8.24 -33.69
N GLU J 110 -35.41 7.51 -34.29
CA GLU J 110 -35.49 6.06 -34.28
C GLU J 110 -35.69 5.53 -32.87
N THR J 111 -35.13 6.22 -31.89
CA THR J 111 -35.23 5.75 -30.52
C THR J 111 -36.35 6.43 -29.72
N ASN J 112 -37.03 7.40 -30.31
CA ASN J 112 -38.13 8.03 -29.62
C ASN J 112 -39.36 7.18 -29.82
N LEU J 113 -39.55 6.21 -28.94
CA LEU J 113 -40.70 5.34 -29.02
C LEU J 113 -41.84 5.92 -28.21
N ARG J 114 -41.55 6.98 -27.45
CA ARG J 114 -42.58 7.63 -26.66
C ARG J 114 -43.66 8.27 -27.49
N HIS J 115 -43.29 8.85 -28.63
CA HIS J 115 -44.27 9.58 -29.41
C HIS J 115 -45.44 8.72 -29.87
N THR J 116 -45.17 7.50 -30.32
CA THR J 116 -46.24 6.61 -30.73
C THR J 116 -46.94 6.05 -29.53
N CYS J 117 -46.18 5.60 -28.53
CA CYS J 117 -46.74 5.05 -27.31
C CYS J 117 -47.73 6.02 -26.68
N LYS J 118 -47.42 7.31 -26.69
CA LYS J 118 -48.34 8.31 -26.17
C LYS J 118 -49.62 8.35 -26.99
N ARG J 119 -49.50 8.26 -28.32
CA ARG J 119 -50.70 8.20 -29.16
C ARG J 119 -51.55 6.99 -28.81
N ILE J 120 -50.92 5.83 -28.65
CA ILE J 120 -51.65 4.61 -28.33
C ILE J 120 -52.36 4.73 -27.00
N MET J 121 -51.67 5.28 -25.99
CA MET J 121 -52.29 5.46 -24.67
C MET J 121 -53.43 6.44 -24.73
N ASP J 122 -53.31 7.49 -25.55
CA ASP J 122 -54.40 8.44 -25.70
C ASP J 122 -55.60 7.80 -26.38
N MET J 123 -55.37 6.84 -27.28
CA MET J 123 -56.49 6.14 -27.90
C MET J 123 -57.28 5.33 -26.88
N VAL J 124 -56.59 4.65 -25.96
CA VAL J 124 -57.25 3.76 -25.01
C VAL J 124 -57.38 4.42 -23.65
N SER J 125 -57.41 5.76 -23.64
CA SER J 125 -57.46 6.48 -22.37
C SER J 125 -58.74 6.20 -21.60
N ASN J 126 -59.80 5.78 -22.28
CA ASN J 126 -61.05 5.47 -21.59
C ASN J 126 -60.90 4.24 -20.71
N GLN J 127 -60.15 3.24 -21.16
CA GLN J 127 -59.98 2.02 -20.39
C GLN J 127 -59.07 2.22 -19.17
N ARG J 128 -58.30 3.32 -19.13
CA ARG J 128 -57.41 3.66 -18.03
C ARG J 128 -56.46 2.52 -17.68
N PRO J 129 -55.50 2.20 -18.53
CA PRO J 129 -54.59 1.09 -18.22
C PRO J 129 -53.60 1.46 -17.13
N TRP J 130 -53.34 0.50 -16.24
CA TRP J 130 -52.37 0.66 -15.17
C TRP J 130 -51.26 -0.36 -15.36
N PHE J 131 -50.01 0.10 -15.28
CA PHE J 131 -48.87 -0.77 -15.45
C PHE J 131 -48.01 -0.75 -14.21
N GLY J 132 -47.35 -1.86 -13.91
CA GLY J 132 -46.41 -1.87 -12.79
C GLY J 132 -45.16 -2.57 -13.30
N MET J 133 -44.00 -1.94 -13.21
CA MET J 133 -42.80 -2.58 -13.74
C MET J 133 -41.73 -2.75 -12.70
N GLU J 134 -41.17 -3.95 -12.62
CA GLU J 134 -40.15 -4.22 -11.63
C GLU J 134 -38.82 -4.26 -12.35
N GLN J 135 -37.87 -3.42 -11.94
CA GLN J 135 -36.61 -3.33 -12.64
C GLN J 135 -35.49 -3.95 -11.84
N GLU J 136 -34.77 -4.90 -12.42
CA GLU J 136 -33.71 -5.57 -11.71
C GLU J 136 -32.36 -5.12 -12.24
N TYR J 137 -31.47 -4.73 -11.35
CA TYR J 137 -30.16 -4.28 -11.76
C TYR J 137 -29.04 -4.89 -10.97
N THR J 138 -27.81 -4.76 -11.45
CA THR J 138 -26.66 -5.25 -10.71
C THR J 138 -25.69 -4.10 -10.49
N LEU J 139 -25.18 -4.00 -9.27
CA LEU J 139 -24.16 -3.01 -8.95
C LEU J 139 -22.79 -3.59 -9.28
N MET J 140 -22.05 -2.89 -10.13
CA MET J 140 -20.76 -3.35 -10.62
C MET J 140 -19.70 -2.33 -10.27
N GLY J 141 -18.48 -2.82 -10.05
CA GLY J 141 -17.36 -1.94 -9.92
C GLY J 141 -16.93 -1.41 -11.27
N THR J 142 -15.99 -0.47 -11.24
CA THR J 142 -15.47 0.03 -12.50
C THR J 142 -14.55 -0.97 -13.18
N ASP J 143 -14.23 -2.08 -12.52
CA ASP J 143 -13.43 -3.14 -13.08
C ASP J 143 -14.26 -4.20 -13.80
N GLY J 144 -15.57 -3.99 -13.95
CA GLY J 144 -16.40 -4.90 -14.69
C GLY J 144 -16.90 -6.10 -13.93
N HIS J 145 -16.69 -6.15 -12.63
CA HIS J 145 -17.16 -7.22 -11.78
C HIS J 145 -18.22 -6.70 -10.82
N PRO J 146 -19.11 -7.55 -10.31
CA PRO J 146 -20.14 -7.07 -9.38
C PRO J 146 -19.53 -6.45 -8.14
N PHE J 147 -20.18 -5.42 -7.64
CA PHE J 147 -19.65 -4.67 -6.51
C PHE J 147 -19.64 -5.52 -5.25
N GLY J 148 -18.53 -5.48 -4.52
CA GLY J 148 -18.38 -6.25 -3.31
C GLY J 148 -17.97 -7.69 -3.52
N TRP J 149 -17.98 -8.18 -4.77
CA TRP J 149 -17.50 -9.51 -5.04
C TRP J 149 -15.99 -9.55 -4.88
N PRO J 150 -15.47 -10.78 -4.54
CA PRO J 150 -14.02 -10.89 -4.41
C PRO J 150 -13.35 -10.81 -5.74
N SER J 151 -12.12 -10.33 -5.74
CA SER J 151 -11.40 -10.24 -6.98
C SER J 151 -11.21 -11.65 -7.46
N ASN J 152 -11.48 -11.90 -8.73
CA ASN J 152 -11.24 -13.21 -9.30
C ASN J 152 -11.95 -14.24 -8.45
N GLY J 153 -13.16 -13.94 -8.03
CA GLY J 153 -13.83 -14.86 -7.13
C GLY J 153 -15.31 -14.78 -7.04
N PHE J 154 -15.90 -15.82 -6.47
CA PHE J 154 -17.33 -15.85 -6.31
C PHE J 154 -17.72 -15.68 -4.83
N PRO J 155 -18.80 -14.92 -4.53
CA PRO J 155 -19.12 -14.67 -3.12
C PRO J 155 -19.52 -15.93 -2.36
N GLY J 156 -20.21 -16.85 -3.00
CA GLY J 156 -20.67 -18.04 -2.32
C GLY J 156 -21.86 -18.64 -3.04
N PRO J 157 -22.37 -19.76 -2.53
CA PRO J 157 -23.55 -20.38 -3.15
C PRO J 157 -24.78 -19.51 -2.99
N GLN J 158 -25.69 -19.65 -3.94
CA GLN J 158 -26.93 -18.88 -3.92
C GLN J 158 -27.82 -19.34 -2.78
N GLY J 159 -28.63 -18.42 -2.26
CA GLY J 159 -29.57 -18.75 -1.22
C GLY J 159 -29.63 -17.85 0.00
N PRO J 160 -28.49 -17.36 0.49
CA PRO J 160 -28.55 -16.44 1.65
C PRO J 160 -28.85 -15.01 1.27
N TYR J 161 -28.80 -14.64 -0.01
CA TYR J 161 -28.73 -13.24 -0.40
C TYR J 161 -30.08 -12.64 -0.76
N TYR J 162 -31.04 -13.44 -1.19
CA TYR J 162 -32.35 -12.91 -1.56
C TYR J 162 -33.01 -12.26 -0.35
N CYS J 163 -33.23 -10.95 -0.45
CA CYS J 163 -33.78 -10.15 0.65
C CYS J 163 -32.93 -10.26 1.90
N GLY J 164 -31.63 -10.49 1.74
CA GLY J 164 -30.77 -10.68 2.87
C GLY J 164 -30.37 -9.39 3.54
N VAL J 165 -30.06 -9.49 4.83
CA VAL J 165 -29.57 -8.37 5.62
C VAL J 165 -28.28 -8.80 6.29
N GLY J 166 -27.27 -7.95 6.21
CA GLY J 166 -25.98 -8.26 6.78
C GLY J 166 -24.85 -7.86 5.85
N ALA J 167 -23.65 -7.65 6.41
CA ALA J 167 -22.52 -7.23 5.59
C ALA J 167 -22.15 -8.29 4.57
N ASP J 168 -22.41 -9.55 4.89
CA ASP J 168 -22.12 -10.66 3.99
C ASP J 168 -23.33 -11.11 3.19
N LYS J 169 -24.45 -10.42 3.31
CA LYS J 169 -25.69 -10.82 2.64
C LYS J 169 -26.14 -9.84 1.56
N ALA J 170 -25.99 -8.54 1.78
CA ALA J 170 -26.41 -7.54 0.81
C ALA J 170 -25.28 -6.57 0.57
N TYR J 171 -24.99 -6.30 -0.70
CA TYR J 171 -23.88 -5.43 -1.09
C TYR J 171 -24.45 -4.14 -1.66
N GLY J 172 -23.91 -3.01 -1.22
CA GLY J 172 -24.31 -1.72 -1.74
C GLY J 172 -25.73 -1.32 -1.43
N ARG J 173 -26.18 -1.52 -0.20
CA ARG J 173 -27.53 -1.10 0.16
C ARG J 173 -27.64 0.42 0.28
N ASP J 174 -26.52 1.11 0.48
CA ASP J 174 -26.55 2.56 0.53
C ASP J 174 -27.02 3.15 -0.79
N ILE J 175 -26.56 2.57 -1.90
CA ILE J 175 -27.04 2.98 -3.22
C ILE J 175 -28.55 2.81 -3.30
N VAL J 176 -29.07 1.70 -2.75
CA VAL J 176 -30.49 1.41 -2.85
C VAL J 176 -31.29 2.40 -2.03
N GLU J 177 -30.86 2.67 -0.81
CA GLU J 177 -31.55 3.63 0.05
C GLU J 177 -31.52 5.03 -0.56
N ALA J 178 -30.36 5.45 -1.07
CA ALA J 178 -30.25 6.75 -1.70
C ALA J 178 -31.14 6.86 -2.92
N HIS J 179 -31.17 5.81 -3.75
CA HIS J 179 -32.00 5.83 -4.95
C HIS J 179 -33.48 5.87 -4.59
N TYR J 180 -33.88 5.09 -3.57
CA TYR J 180 -35.27 5.10 -3.14
C TYR J 180 -35.68 6.48 -2.65
N ARG J 181 -34.86 7.11 -1.79
CA ARG J 181 -35.21 8.42 -1.28
C ARG J 181 -35.21 9.47 -2.39
N ALA J 182 -34.26 9.38 -3.32
CA ALA J 182 -34.21 10.32 -4.43
C ALA J 182 -35.43 10.19 -5.32
N CYS J 183 -35.88 8.96 -5.58
CA CYS J 183 -37.08 8.77 -6.38
C CYS J 183 -38.32 9.23 -5.65
N LEU J 184 -38.38 9.06 -4.34
CA LEU J 184 -39.53 9.58 -3.59
C LEU J 184 -39.60 11.08 -3.70
N TYR J 185 -38.49 11.75 -3.44
CA TYR J 185 -38.44 13.21 -3.48
C TYR J 185 -38.78 13.73 -4.86
N ALA J 186 -38.28 13.08 -5.90
CA ALA J 186 -38.49 13.55 -7.26
C ALA J 186 -39.90 13.32 -7.78
N GLY J 187 -40.68 12.54 -7.05
CA GLY J 187 -42.03 12.27 -7.46
C GLY J 187 -42.23 10.98 -8.23
N ILE J 188 -41.19 10.15 -8.33
CA ILE J 188 -41.32 8.86 -9.00
C ILE J 188 -42.22 7.96 -8.17
N LYS J 189 -43.06 7.18 -8.85
CA LYS J 189 -43.99 6.27 -8.19
C LYS J 189 -43.28 4.93 -7.94
N ILE J 190 -42.34 4.97 -7.01
CA ILE J 190 -41.60 3.77 -6.63
C ILE J 190 -42.33 3.10 -5.48
N GLY J 191 -42.59 1.81 -5.63
CA GLY J 191 -43.41 1.09 -4.69
C GLY J 191 -42.66 0.19 -3.73
N GLY J 192 -41.38 -0.04 -3.98
CA GLY J 192 -40.58 -0.83 -3.07
C GLY J 192 -39.35 -1.39 -3.74
N THR J 193 -38.47 -1.95 -2.92
CA THR J 193 -37.23 -2.57 -3.37
C THR J 193 -37.01 -3.87 -2.62
N ASN J 194 -36.15 -4.72 -3.18
CA ASN J 194 -35.68 -5.89 -2.47
C ASN J 194 -34.34 -6.31 -3.05
N ALA J 195 -33.59 -7.10 -2.27
CA ALA J 195 -32.32 -7.64 -2.71
C ALA J 195 -32.54 -8.98 -3.40
N GLU J 196 -31.79 -9.20 -4.48
CA GLU J 196 -32.03 -10.36 -5.33
C GLU J 196 -31.15 -11.54 -4.91
N VAL J 197 -31.22 -12.62 -5.67
CA VAL J 197 -30.65 -13.90 -5.24
C VAL J 197 -29.13 -13.84 -5.20
N MET J 198 -28.52 -13.02 -6.02
CA MET J 198 -27.08 -12.90 -5.94
C MET J 198 -26.70 -11.55 -5.36
N PRO J 199 -25.63 -11.45 -4.57
CA PRO J 199 -25.33 -10.17 -3.92
C PRO J 199 -24.94 -9.12 -4.93
N ALA J 200 -25.18 -7.86 -4.57
CA ALA J 200 -25.05 -6.66 -5.38
C ALA J 200 -26.10 -6.58 -6.48
N GLN J 201 -27.05 -7.51 -6.52
CA GLN J 201 -28.17 -7.44 -7.45
C GLN J 201 -29.41 -7.00 -6.67
N TRP J 202 -30.11 -6.02 -7.20
CA TRP J 202 -31.27 -5.44 -6.53
C TRP J 202 -32.38 -5.27 -7.54
N GLU J 203 -33.52 -4.79 -7.04
CA GLU J 203 -34.70 -4.57 -7.86
C GLU J 203 -35.54 -3.48 -7.22
N PHE J 204 -36.05 -2.57 -8.05
CA PHE J 204 -37.04 -1.60 -7.59
C PHE J 204 -38.27 -1.72 -8.46
N GLN J 205 -39.44 -1.56 -7.85
CA GLN J 205 -40.71 -1.61 -8.55
C GLN J 205 -41.25 -0.20 -8.73
N ILE J 206 -41.75 0.08 -9.93
CA ILE J 206 -42.36 1.37 -10.25
C ILE J 206 -43.82 1.09 -10.60
N GLY J 207 -44.74 1.75 -9.91
CA GLY J 207 -46.14 1.62 -10.24
C GLY J 207 -47.05 1.66 -9.04
N PRO J 208 -48.36 1.69 -9.27
CA PRO J 208 -49.05 1.72 -10.58
C PRO J 208 -48.97 3.07 -11.28
N CYS J 209 -49.01 3.09 -12.61
CA CYS J 209 -48.97 4.32 -13.38
C CYS J 209 -50.09 4.33 -14.41
N GLU J 210 -50.58 5.54 -14.72
CA GLU J 210 -51.81 5.69 -15.49
C GLU J 210 -51.63 5.45 -16.99
N GLY J 211 -50.40 5.48 -17.50
CA GLY J 211 -50.21 5.49 -18.94
C GLY J 211 -48.76 5.63 -19.33
N ILE J 212 -48.46 6.62 -20.17
CA ILE J 212 -47.08 6.99 -20.50
C ILE J 212 -46.34 7.40 -19.24
N ASP J 213 -47.08 7.65 -18.15
CA ASP J 213 -46.46 7.83 -16.85
C ASP J 213 -45.57 6.65 -16.49
N MET J 214 -45.94 5.44 -16.92
CA MET J 214 -45.10 4.27 -16.64
C MET J 214 -43.74 4.41 -17.29
N GLY J 215 -43.71 4.69 -18.59
CA GLY J 215 -42.44 4.85 -19.27
C GLY J 215 -41.63 6.01 -18.74
N ASP J 216 -42.29 7.14 -18.50
CA ASP J 216 -41.60 8.31 -17.96
C ASP J 216 -40.97 8.00 -16.61
N HIS J 217 -41.75 7.42 -15.70
CA HIS J 217 -41.27 7.15 -14.36
C HIS J 217 -40.16 6.10 -14.36
N LEU J 218 -40.28 5.07 -15.20
CA LEU J 218 -39.22 4.05 -15.21
C LEU J 218 -37.94 4.62 -15.80
N TRP J 219 -38.03 5.43 -16.86
CA TRP J 219 -36.82 6.02 -17.43
C TRP J 219 -36.17 6.99 -16.45
N VAL J 220 -36.96 7.81 -15.77
CA VAL J 220 -36.37 8.75 -14.81
C VAL J 220 -35.82 8.02 -13.60
N ALA J 221 -36.45 6.91 -13.21
CA ALA J 221 -35.89 6.10 -12.13
C ALA J 221 -34.56 5.49 -12.54
N ARG J 222 -34.44 5.04 -13.79
CA ARG J 222 -33.16 4.56 -14.28
C ARG J 222 -32.11 5.66 -14.26
N PHE J 223 -32.49 6.88 -14.67
CA PHE J 223 -31.55 7.99 -14.64
C PHE J 223 -31.10 8.30 -13.21
N ILE J 224 -32.04 8.29 -12.27
CA ILE J 224 -31.71 8.57 -10.88
C ILE J 224 -30.79 7.49 -10.34
N LEU J 225 -31.02 6.24 -10.73
CA LEU J 225 -30.12 5.16 -10.32
C LEU J 225 -28.72 5.41 -10.86
N HIS J 226 -28.62 5.81 -12.12
CA HIS J 226 -27.29 6.08 -12.70
C HIS J 226 -26.59 7.23 -11.99
N ARG J 227 -27.33 8.31 -11.69
CA ARG J 227 -26.72 9.46 -11.03
C ARG J 227 -26.29 9.11 -9.61
N VAL J 228 -27.13 8.40 -8.86
CA VAL J 228 -26.76 7.99 -7.51
C VAL J 228 -25.55 7.08 -7.53
N CYS J 229 -25.53 6.10 -8.44
CA CYS J 229 -24.40 5.18 -8.53
C CYS J 229 -23.13 5.93 -8.93
N GLU J 230 -23.25 6.94 -9.80
CA GLU J 230 -22.12 7.76 -10.15
C GLU J 230 -21.60 8.52 -8.94
N ASP J 231 -22.50 9.01 -8.09
CA ASP J 231 -22.09 9.63 -6.84
C ASP J 231 -21.33 8.65 -5.96
N PHE J 232 -21.80 7.40 -5.90
CA PHE J 232 -21.11 6.39 -5.12
C PHE J 232 -19.93 5.77 -5.84
N GLY J 233 -19.78 6.01 -7.13
CA GLY J 233 -18.66 5.47 -7.88
C GLY J 233 -18.85 4.06 -8.40
N VAL J 234 -20.07 3.54 -8.37
CA VAL J 234 -20.36 2.21 -8.90
C VAL J 234 -21.21 2.37 -10.15
N ILE J 235 -21.46 1.26 -10.83
CA ILE J 235 -22.18 1.23 -12.09
C ILE J 235 -23.44 0.41 -11.90
N ALA J 236 -24.56 0.92 -12.38
CA ALA J 236 -25.80 0.17 -12.39
C ALA J 236 -25.97 -0.46 -13.77
N THR J 237 -26.02 -1.79 -13.81
CA THR J 237 -26.13 -2.51 -15.06
C THR J 237 -27.51 -3.16 -15.15
N PHE J 238 -28.21 -2.87 -16.24
CA PHE J 238 -29.47 -3.52 -16.56
C PHE J 238 -29.31 -4.61 -17.61
N ASP J 239 -28.10 -5.11 -17.79
CA ASP J 239 -27.87 -6.18 -18.74
C ASP J 239 -28.53 -7.46 -18.22
N PRO J 240 -29.29 -8.18 -19.05
CA PRO J 240 -30.00 -9.36 -18.56
C PRO J 240 -29.08 -10.46 -18.05
N LYS J 241 -27.84 -10.49 -18.50
CA LYS J 241 -26.86 -11.51 -18.12
C LYS J 241 -25.58 -10.82 -17.68
N PRO J 242 -25.56 -10.24 -16.47
CA PRO J 242 -24.38 -9.50 -16.03
C PRO J 242 -23.19 -10.41 -15.78
N ILE J 243 -23.39 -11.46 -14.98
CA ILE J 243 -22.33 -12.39 -14.59
C ILE J 243 -22.66 -13.74 -15.22
N PRO J 244 -21.74 -14.34 -15.97
CA PRO J 244 -21.99 -15.68 -16.52
C PRO J 244 -22.20 -16.71 -15.43
N GLY J 245 -23.09 -17.66 -15.69
CA GLY J 245 -23.36 -18.70 -14.71
C GLY J 245 -24.74 -19.31 -14.96
N ASN J 246 -25.25 -19.98 -13.92
CA ASN J 246 -26.54 -20.64 -14.01
C ASN J 246 -27.71 -19.68 -14.11
N TRP J 247 -27.63 -18.54 -13.42
CA TRP J 247 -28.70 -17.54 -13.47
C TRP J 247 -28.91 -17.04 -14.89
N ASN J 248 -30.17 -16.96 -15.32
CA ASN J 248 -30.47 -16.67 -16.71
C ASN J 248 -31.21 -15.35 -16.91
N GLY J 249 -32.39 -15.17 -16.34
CA GLY J 249 -33.24 -14.06 -16.75
C GLY J 249 -32.81 -12.69 -16.28
N ALA J 250 -33.01 -12.44 -14.97
CA ALA J 250 -32.64 -11.18 -14.33
C ALA J 250 -33.27 -10.01 -15.08
N GLY J 251 -34.54 -10.16 -15.46
CA GLY J 251 -35.22 -9.15 -16.25
C GLY J 251 -36.50 -8.55 -15.71
N CYS J 252 -36.94 -7.43 -16.27
CA CYS J 252 -38.14 -6.73 -15.80
C CYS J 252 -39.45 -7.48 -15.90
N HIS J 253 -40.33 -7.28 -14.92
CA HIS J 253 -41.64 -7.92 -14.96
C HIS J 253 -42.72 -6.85 -15.05
N THR J 254 -43.61 -6.95 -16.03
CA THR J 254 -44.61 -5.92 -16.22
C THR J 254 -45.99 -6.39 -15.78
N ASN J 255 -46.64 -5.61 -14.92
CA ASN J 255 -47.95 -6.00 -14.42
C ASN J 255 -49.01 -5.15 -15.08
N PHE J 256 -49.93 -5.78 -15.82
CA PHE J 256 -50.92 -5.00 -16.55
C PHE J 256 -52.38 -5.16 -16.13
N SER J 257 -53.05 -4.05 -15.86
CA SER J 257 -54.47 -4.08 -15.50
C SER J 257 -55.19 -2.99 -16.27
N THR J 258 -56.52 -3.12 -16.36
CA THR J 258 -57.39 -2.14 -16.95
C THR J 258 -58.51 -1.81 -15.97
N LYS J 259 -59.38 -0.88 -16.35
CA LYS J 259 -60.51 -0.53 -15.50
C LYS J 259 -61.44 -1.71 -15.30
N ALA J 260 -61.71 -2.48 -16.36
CA ALA J 260 -62.58 -3.64 -16.24
C ALA J 260 -61.96 -4.72 -15.35
N MET J 261 -60.65 -4.95 -15.48
CA MET J 261 -59.99 -6.01 -14.72
C MET J 261 -59.92 -5.65 -13.24
N ARG J 262 -59.91 -4.35 -12.92
CA ARG J 262 -59.89 -3.95 -11.52
C ARG J 262 -61.26 -4.09 -10.87
N GLU J 263 -62.32 -4.02 -11.66
CA GLU J 263 -63.66 -4.15 -11.12
C GLU J 263 -64.03 -5.63 -10.98
N GLU J 264 -65.24 -5.88 -10.48
CA GLU J 264 -65.70 -7.25 -10.26
C GLU J 264 -65.84 -7.99 -11.60
N ASN J 265 -65.65 -9.31 -11.54
CA ASN J 265 -65.66 -10.19 -12.71
C ASN J 265 -64.60 -9.78 -13.73
N GLY J 266 -63.51 -9.18 -13.27
CA GLY J 266 -62.41 -8.85 -14.15
C GLY J 266 -61.48 -10.00 -14.49
N LEU J 267 -61.62 -11.12 -13.79
CA LEU J 267 -60.75 -12.26 -14.03
C LEU J 267 -60.95 -12.80 -15.44
N LYS J 268 -62.18 -12.75 -15.95
CA LYS J 268 -62.41 -13.20 -17.32
C LYS J 268 -61.75 -12.25 -18.33
N TYR J 269 -61.74 -10.95 -18.03
CA TYR J 269 -61.00 -10.01 -18.88
C TYR J 269 -59.50 -10.31 -18.85
N ILE J 270 -58.97 -10.65 -17.68
CA ILE J 270 -57.57 -11.02 -17.57
C ILE J 270 -57.28 -12.27 -18.39
N GLU J 271 -58.19 -13.26 -18.32
CA GLU J 271 -58.02 -14.48 -19.11
C GLU J 271 -58.05 -14.19 -20.60
N GLU J 272 -58.96 -13.29 -21.03
CA GLU J 272 -59.01 -12.89 -22.43
C GLU J 272 -57.71 -12.23 -22.86
N ALA J 273 -57.17 -11.35 -22.01
CA ALA J 273 -55.92 -10.68 -22.33
C ALA J 273 -54.77 -11.68 -22.44
N ILE J 274 -54.73 -12.66 -21.53
CA ILE J 274 -53.68 -13.68 -21.58
C ILE J 274 -53.80 -14.51 -22.85
N GLU J 275 -55.04 -14.88 -23.23
CA GLU J 275 -55.23 -15.65 -24.45
C GLU J 275 -54.82 -14.85 -25.68
N LYS J 276 -55.11 -13.55 -25.69
CA LYS J 276 -54.66 -12.71 -26.80
C LYS J 276 -53.14 -12.63 -26.85
N LEU J 277 -52.49 -12.52 -25.68
CA LEU J 277 -51.05 -12.44 -25.62
C LEU J 277 -50.39 -13.74 -26.06
N SER J 278 -51.05 -14.88 -25.80
CA SER J 278 -50.47 -16.17 -26.13
C SER J 278 -50.19 -16.31 -27.63
N LYS J 279 -50.99 -15.65 -28.45
CA LYS J 279 -50.78 -15.70 -29.90
C LYS J 279 -49.60 -14.85 -30.35
N ARG J 280 -49.37 -13.70 -29.70
CA ARG J 280 -48.37 -12.73 -30.11
C ARG J 280 -47.08 -12.85 -29.33
N HIS J 281 -46.66 -14.07 -28.98
CA HIS J 281 -45.45 -14.25 -28.18
C HIS J 281 -44.22 -13.76 -28.92
N GLN J 282 -44.10 -14.10 -30.21
CA GLN J 282 -42.91 -13.72 -30.97
C GLN J 282 -42.83 -12.21 -31.15
N TYR J 283 -43.97 -11.56 -31.39
CA TYR J 283 -43.99 -10.11 -31.55
C TYR J 283 -43.54 -9.42 -30.26
N HIS J 284 -44.01 -9.90 -29.11
CA HIS J 284 -43.62 -9.28 -27.85
C HIS J 284 -42.16 -9.56 -27.53
N ILE J 285 -41.67 -10.75 -27.87
CA ILE J 285 -40.25 -11.04 -27.69
C ILE J 285 -39.39 -10.09 -28.53
N ARG J 286 -39.81 -9.85 -29.77
CA ARG J 286 -39.11 -8.90 -30.63
C ARG J 286 -39.18 -7.48 -30.06
N ALA J 287 -40.35 -7.08 -29.57
CA ALA J 287 -40.54 -5.69 -29.14
C ALA J 287 -39.83 -5.40 -27.82
N TYR J 288 -39.69 -6.40 -26.94
CA TYR J 288 -39.13 -6.14 -25.62
C TYR J 288 -37.63 -5.86 -25.70
N ASP J 289 -36.94 -6.51 -26.62
CA ASP J 289 -35.50 -6.29 -26.78
C ASP J 289 -35.26 -5.01 -27.56
N PRO J 290 -34.45 -4.07 -27.04
CA PRO J 290 -34.17 -2.85 -27.80
C PRO J 290 -33.44 -3.10 -29.11
N LYS J 291 -32.62 -4.13 -29.17
CA LYS J 291 -31.88 -4.45 -30.39
C LYS J 291 -32.80 -5.09 -31.43
N GLY J 320 -41.07 -20.16 -14.50
CA GLY J 320 -42.15 -21.10 -14.77
C GLY J 320 -42.98 -20.73 -15.98
N ALA J 321 -43.79 -19.68 -15.83
CA ALA J 321 -44.66 -19.21 -16.90
C ALA J 321 -44.17 -17.88 -17.49
N SER J 322 -44.06 -17.80 -18.81
CA SER J 322 -43.67 -16.54 -19.44
C SER J 322 -44.68 -15.46 -19.08
N ILE J 323 -45.97 -15.80 -19.10
CA ILE J 323 -46.99 -14.85 -18.67
C ILE J 323 -47.63 -15.50 -17.47
N ARG J 324 -47.74 -14.77 -16.35
CA ARG J 324 -48.25 -15.37 -15.13
C ARG J 324 -49.40 -14.58 -14.51
N ILE J 325 -50.25 -15.25 -13.74
CA ILE J 325 -51.34 -14.58 -13.08
C ILE J 325 -51.16 -14.68 -11.57
N PRO J 326 -51.32 -13.56 -10.86
CA PRO J 326 -51.23 -13.60 -9.40
C PRO J 326 -52.34 -14.47 -8.84
N ARG J 327 -52.07 -15.19 -7.75
CA ARG J 327 -53.07 -16.12 -7.24
C ARG J 327 -54.03 -15.37 -6.34
N THR J 328 -53.55 -14.32 -5.69
CA THR J 328 -54.42 -13.48 -4.87
C THR J 328 -55.47 -12.80 -5.75
N VAL J 329 -55.08 -12.37 -6.94
CA VAL J 329 -56.03 -11.80 -7.90
C VAL J 329 -57.06 -12.85 -8.29
N GLY J 330 -56.61 -14.08 -8.56
CA GLY J 330 -57.54 -15.14 -8.91
C GLY J 330 -58.51 -15.45 -7.79
N GLN J 331 -58.02 -15.45 -6.55
CA GLN J 331 -58.92 -15.64 -5.40
C GLN J 331 -59.92 -14.50 -5.28
N GLU J 332 -59.48 -13.26 -5.51
CA GLU J 332 -60.38 -12.12 -5.48
C GLU J 332 -61.11 -11.92 -6.80
N LYS J 333 -60.77 -12.68 -7.83
CA LYS J 333 -61.38 -12.65 -9.16
C LYS J 333 -61.23 -11.31 -9.86
N LYS J 334 -60.32 -10.45 -9.41
CA LYS J 334 -60.10 -9.17 -10.04
C LYS J 334 -58.69 -8.69 -9.72
N GLY J 335 -58.10 -7.94 -10.65
CA GLY J 335 -56.78 -7.39 -10.42
C GLY J 335 -55.93 -7.19 -11.65
N TYR J 336 -54.75 -7.81 -11.67
CA TYR J 336 -53.82 -7.63 -12.79
C TYR J 336 -53.19 -8.94 -13.19
N PHE J 337 -52.25 -8.90 -14.14
CA PHE J 337 -51.53 -10.12 -14.49
C PHE J 337 -50.05 -9.81 -14.43
N GLU J 338 -49.17 -10.76 -14.71
CA GLU J 338 -47.74 -10.47 -14.73
C GLU J 338 -47.09 -10.98 -16.01
N ASP J 339 -46.27 -10.16 -16.63
CA ASP J 339 -45.53 -10.66 -17.79
C ASP J 339 -44.08 -10.73 -17.40
N ARG J 340 -43.50 -11.93 -17.44
CA ARG J 340 -42.12 -12.15 -17.02
C ARG J 340 -41.17 -12.07 -18.20
N ARG J 341 -41.70 -11.94 -19.40
CA ARG J 341 -40.87 -11.94 -20.61
C ARG J 341 -39.89 -10.75 -20.81
N PRO J 342 -40.27 -9.50 -20.41
CA PRO J 342 -39.31 -8.43 -20.71
C PRO J 342 -38.00 -8.58 -19.95
N SER J 343 -36.91 -8.19 -20.61
CA SER J 343 -35.60 -8.21 -19.98
C SER J 343 -35.39 -6.96 -19.14
N ALA J 344 -34.21 -6.86 -18.52
CA ALA J 344 -33.94 -5.75 -17.63
C ALA J 344 -33.66 -4.46 -18.40
N ASN J 345 -33.06 -4.55 -19.58
CA ASN J 345 -32.76 -3.39 -20.39
C ASN J 345 -33.89 -3.03 -21.35
N CYS J 346 -35.12 -3.48 -21.07
CA CYS J 346 -36.23 -3.26 -21.97
C CYS J 346 -36.63 -1.79 -22.01
N ASP J 347 -37.26 -1.40 -23.11
CA ASP J 347 -37.79 -0.05 -23.24
C ASP J 347 -39.24 -0.03 -22.77
N PRO J 348 -39.56 0.69 -21.69
CA PRO J 348 -40.94 0.65 -21.16
C PRO J 348 -41.98 1.15 -22.14
N PHE J 349 -41.64 2.12 -22.99
CA PHE J 349 -42.60 2.61 -23.96
C PHE J 349 -43.01 1.51 -24.93
N ALA J 350 -42.03 0.77 -25.46
CA ALA J 350 -42.34 -0.33 -26.37
C ALA J 350 -43.12 -1.43 -25.67
N VAL J 351 -42.73 -1.76 -24.44
CA VAL J 351 -43.40 -2.84 -23.70
C VAL J 351 -44.87 -2.49 -23.47
N THR J 352 -45.12 -1.28 -22.96
CA THR J 352 -46.49 -0.88 -22.66
C THR J 352 -47.32 -0.72 -23.93
N GLU J 353 -46.71 -0.19 -25.00
CA GLU J 353 -47.42 -0.05 -26.26
C GLU J 353 -47.81 -1.41 -26.82
N ALA J 354 -46.89 -2.37 -26.77
CA ALA J 354 -47.19 -3.71 -27.25
C ALA J 354 -48.28 -4.37 -26.41
N LEU J 355 -48.22 -4.20 -25.08
CA LEU J 355 -49.24 -4.78 -24.22
C LEU J 355 -50.61 -4.18 -24.51
N ILE J 356 -50.68 -2.88 -24.76
CA ILE J 356 -51.96 -2.26 -25.09
C ILE J 356 -52.44 -2.74 -26.45
N ARG J 357 -51.56 -2.78 -27.45
CA ARG J 357 -51.97 -3.13 -28.81
C ARG J 357 -52.46 -4.56 -28.89
N THR J 358 -51.75 -5.50 -28.25
CA THR J 358 -52.16 -6.90 -28.34
C THR J 358 -53.46 -7.15 -27.60
N CYS J 359 -53.63 -6.54 -26.42
CA CYS J 359 -54.80 -6.81 -25.59
C CYS J 359 -55.97 -5.90 -25.92
N LEU J 360 -55.78 -4.58 -25.77
CA LEU J 360 -56.89 -3.66 -25.94
C LEU J 360 -57.25 -3.46 -27.41
N LEU J 361 -56.26 -3.34 -28.28
CA LEU J 361 -56.52 -3.03 -29.67
C LEU J 361 -56.77 -4.26 -30.54
N ASN J 362 -56.57 -5.46 -29.98
CA ASN J 362 -56.86 -6.73 -30.67
C ASN J 362 -56.04 -6.90 -31.95
N GLU J 363 -54.91 -6.21 -32.05
CA GLU J 363 -54.08 -6.27 -33.23
C GLU J 363 -53.43 -7.64 -33.39
N THR J 364 -53.27 -8.06 -34.64
CA THR J 364 -52.53 -9.28 -34.98
C THR J 364 -51.63 -8.98 -36.18
N GLY J 365 -50.53 -9.72 -36.27
CA GLY J 365 -49.63 -9.56 -37.40
C GLY J 365 -48.19 -9.32 -37.01
N ASP J 366 -47.28 -9.42 -37.99
CA ASP J 366 -45.86 -9.21 -37.72
C ASP J 366 -45.56 -7.74 -37.41
N GLU J 367 -46.18 -6.82 -38.15
CA GLU J 367 -45.94 -5.40 -37.94
C GLU J 367 -47.21 -4.70 -37.44
N PRO J 368 -47.06 -3.73 -36.55
CA PRO J 368 -48.25 -3.05 -36.01
C PRO J 368 -48.94 -2.19 -37.06
N PHE J 369 -50.25 -2.02 -36.89
CA PHE J 369 -51.02 -1.15 -37.76
C PHE J 369 -50.76 0.31 -37.43
N GLN J 370 -50.99 1.17 -38.40
CA GLN J 370 -50.76 2.62 -38.26
C GLN J 370 -52.11 3.31 -38.13
N TYR J 371 -52.38 3.86 -36.94
CA TYR J 371 -53.64 4.56 -36.67
C TYR J 371 -53.50 6.03 -37.09
N LYS J 372 -53.23 6.21 -38.37
CA LYS J 372 -53.03 7.55 -38.92
C LYS J 372 -54.35 8.31 -39.00
MN MN K . 28.97 16.02 -30.42
MN MN L . -2.05 -16.70 -41.68
MN MN M . -8.35 -43.94 -4.54
MN MN N . 18.79 -28.05 29.69
MN MN O . 41.86 9.01 13.70
MN MN P . -21.25 25.38 -30.43
MN MN Q . 7.21 44.36 1.04
MN MN R . 3.81 19.64 40.25
MN MN S . -26.76 -14.62 33.04
MN MN T . -42.25 -11.08 -10.65
#